data_3UFX
#
_entry.id   3UFX
#
_cell.length_a   261.700
_cell.length_b   126.800
_cell.length_c   110.600
_cell.angle_alpha   90.000
_cell.angle_beta   112.760
_cell.angle_gamma   90.000
#
_symmetry.space_group_name_H-M   'C 1 2 1'
#
loop_
_entity.id
_entity.type
_entity.pdbx_description
1 polymer 'succinyl-CoA synthetase alpha subunit'
2 polymer 'Succinyl-CoA synthetase beta subunit'
3 non-polymer "GUANOSINE-5'-DIPHOSPHATE"
4 non-polymer 'MANGANESE (II) ION'
5 water water
#
loop_
_entity_poly.entity_id
_entity_poly.type
_entity_poly.pdbx_seq_one_letter_code
_entity_poly.pdbx_strand_id
1 'polypeptide(L)'
;MILVNKETRVLVQGITGREGQFHTKQMLSYGTKIVAGVTPGKGGMEVLGVPVYDTVKEAVAHHEVDASIIFVPAPAAADA
ALEAAHAGIPLIVLITEGIPTLDMVRAVEEIKALGSRLIGGNCPGIISAEETKIGIMPGHVFKRGRVGIISRSGTLTYEA
AAALSQAGLGTTTTVGIGGDPVIGTTFKDLLPLFNEDPETEAVVLIGEIGGSDEEEAAAWVKDHMKKPVVGFIGGRSAPK
GKRMGHAGAIIMGNVGTPESKLRAFAEAGIPVADTIDEIVELVKKALGWNSRPGIL
;
A,D,F,H
2 'polypeptide(L)'
;MNLHEYQAKEILARYGVPVPPGKVAYTPEEAKRIAEEFGKRVVIKAQVHVGGRGKAGGVKLADTPQEAYEKAQAILGMNI
KGLTVKKVLVAEAVDIAKEYYAGLILDRAKKRVVLMLSKEGGVDIEEVAAERPEAIHKFWIDPHKGFRPFEAREMVKRAG
LEGNLNKLAQVLVALYRAYEGVDASIAEINPLVVTTDGGIVAADAKIVLDDNALFRHPDLAELREVEAEHPLEVEASNYG
FAYVKLDGNIGIIGNGAGLVMYTLDLVNRVGGKPANFLDIGGGAKADVVYNALKVVLKDPDVKGVFINIFGGITRADEVA
KGVIRALEEGLLTKPVVMRVAGTAEEEAKKLLEGKPVYMYPTSIEAAKVTVAMKGGAAWLEFAPGDLPMVHSQYNLL
;
B,E,G,I
#
# COMPACT_ATOMS: atom_id res chain seq x y z
N MET A 1 -57.72 -8.06 -11.97
CA MET A 1 -56.30 -7.81 -12.11
C MET A 1 -55.89 -6.65 -11.24
N ILE A 2 -54.58 -6.51 -10.99
CA ILE A 2 -54.03 -5.33 -10.35
C ILE A 2 -52.76 -4.89 -11.07
N LEU A 3 -52.47 -3.59 -10.99
CA LEU A 3 -51.20 -3.01 -11.43
C LEU A 3 -50.99 -2.92 -12.94
N VAL A 4 -51.21 -4.02 -13.65
CA VAL A 4 -50.96 -4.06 -15.09
C VAL A 4 -52.08 -4.81 -15.82
N ASN A 5 -52.35 -4.41 -17.05
CA ASN A 5 -53.28 -5.13 -17.91
C ASN A 5 -52.86 -4.96 -19.36
N LYS A 6 -53.72 -5.29 -20.32
CA LYS A 6 -53.30 -5.30 -21.73
C LYS A 6 -52.91 -3.92 -22.26
N GLU A 7 -53.33 -2.88 -21.56
CA GLU A 7 -53.05 -1.51 -21.99
C GLU A 7 -51.71 -0.99 -21.47
N THR A 8 -51.07 -1.76 -20.58
CA THR A 8 -49.80 -1.36 -19.98
C THR A 8 -48.73 -1.30 -21.06
N ARG A 9 -48.09 -0.16 -21.21
CA ARG A 9 -47.06 0.00 -22.21
C ARG A 9 -45.69 -0.13 -21.56
N VAL A 10 -44.88 -1.04 -22.07
CA VAL A 10 -43.69 -1.47 -21.36
C VAL A 10 -42.35 -1.07 -21.98
N LEU A 11 -41.44 -0.57 -21.15
CA LEU A 11 -40.09 -0.30 -21.57
C LEU A 11 -39.18 -1.42 -21.04
N VAL A 12 -38.25 -1.88 -21.86
CA VAL A 12 -37.30 -2.90 -21.40
C VAL A 12 -35.90 -2.33 -21.24
N GLN A 13 -35.39 -2.24 -20.01
CA GLN A 13 -34.01 -1.82 -19.82
C GLN A 13 -33.11 -3.04 -19.86
N GLY A 14 -32.02 -2.98 -20.61
CA GLY A 14 -31.16 -4.13 -20.83
C GLY A 14 -31.63 -4.99 -21.99
N ILE A 15 -32.33 -4.37 -22.94
CA ILE A 15 -32.99 -5.11 -24.00
C ILE A 15 -32.02 -5.83 -24.93
N THR A 16 -30.80 -5.30 -25.06
CA THR A 16 -29.84 -5.85 -26.02
C THR A 16 -29.07 -7.03 -25.42
N GLY A 17 -29.12 -7.15 -24.10
CA GLY A 17 -28.52 -8.28 -23.41
C GLY A 17 -29.16 -9.63 -23.75
N ARG A 18 -28.49 -10.70 -23.32
CA ARG A 18 -28.89 -12.05 -23.69
C ARG A 18 -30.28 -12.29 -23.17
N GLU A 19 -30.43 -12.10 -21.87
CA GLU A 19 -31.69 -12.26 -21.15
C GLU A 19 -32.77 -11.30 -21.63
N GLY A 20 -32.42 -10.03 -21.72
CA GLY A 20 -33.36 -9.04 -22.23
C GLY A 20 -33.91 -9.41 -23.60
N GLN A 21 -33.01 -9.88 -24.48
CA GLN A 21 -33.42 -10.22 -25.85
C GLN A 21 -34.36 -11.38 -25.81
N PHE A 22 -34.00 -12.38 -25.03
CA PHE A 22 -34.76 -13.61 -24.97
C PHE A 22 -36.18 -13.35 -24.46
N HIS A 23 -36.28 -12.65 -23.32
CA HIS A 23 -37.58 -12.41 -22.72
C HIS A 23 -38.39 -11.32 -23.41
N THR A 24 -37.73 -10.39 -24.09
CA THR A 24 -38.48 -9.44 -24.91
C THR A 24 -39.24 -10.22 -25.97
N LYS A 25 -38.58 -11.18 -26.63
CA LYS A 25 -39.26 -12.00 -27.64
C LYS A 25 -40.47 -12.73 -27.03
N GLN A 26 -40.25 -13.39 -25.89
CA GLN A 26 -41.34 -14.09 -25.21
C GLN A 26 -42.52 -13.17 -24.86
N MET A 27 -42.21 -12.02 -24.30
CA MET A 27 -43.25 -11.06 -23.96
C MET A 27 -44.00 -10.61 -25.21
N LEU A 28 -43.28 -10.34 -26.29
CA LEU A 28 -43.94 -9.93 -27.54
C LEU A 28 -44.91 -11.01 -28.03
N SER A 29 -44.49 -12.28 -27.93
CA SER A 29 -45.37 -13.37 -28.34
C SER A 29 -46.64 -13.41 -27.49
N TYR A 30 -46.49 -13.05 -26.23
CA TYR A 30 -47.61 -13.17 -25.30
C TYR A 30 -48.62 -12.08 -25.57
N GLY A 31 -48.17 -10.99 -26.19
CA GLY A 31 -49.05 -9.85 -26.40
C GLY A 31 -48.68 -8.62 -25.61
N THR A 32 -47.64 -8.70 -24.78
CA THR A 32 -47.22 -7.56 -23.98
C THR A 32 -46.89 -6.41 -24.94
N LYS A 33 -47.27 -5.20 -24.57
CA LYS A 33 -46.94 -4.03 -25.36
C LYS A 33 -45.56 -3.45 -25.05
N ILE A 34 -44.53 -4.04 -25.63
CA ILE A 34 -43.17 -3.51 -25.50
C ILE A 34 -43.04 -2.39 -26.53
N VAL A 35 -42.86 -1.16 -26.07
CA VAL A 35 -42.83 -0.02 -26.98
C VAL A 35 -41.43 0.55 -27.18
N ALA A 36 -40.50 0.21 -26.29
CA ALA A 36 -39.17 0.80 -26.35
C ALA A 36 -38.19 0.04 -25.49
N GLY A 37 -36.91 0.27 -25.76
CA GLY A 37 -35.83 -0.37 -25.02
C GLY A 37 -34.74 0.62 -24.64
N VAL A 38 -33.97 0.30 -23.60
CA VAL A 38 -32.87 1.14 -23.17
C VAL A 38 -31.60 0.33 -22.92
N THR A 39 -30.50 0.73 -23.53
CA THR A 39 -29.19 0.19 -23.19
C THR A 39 -28.13 1.26 -23.49
N PRO A 40 -27.48 1.79 -22.44
CA PRO A 40 -26.48 2.84 -22.70
C PRO A 40 -25.41 2.30 -23.62
N GLY A 41 -25.16 3.02 -24.71
CA GLY A 41 -24.17 2.58 -25.68
C GLY A 41 -24.80 2.02 -26.94
N LYS A 42 -26.09 1.71 -26.88
CA LYS A 42 -26.76 1.07 -28.02
C LYS A 42 -27.96 1.86 -28.50
N GLY A 43 -28.06 3.12 -28.08
CA GLY A 43 -29.12 3.97 -28.56
C GLY A 43 -29.06 4.07 -30.08
N GLY A 44 -30.21 4.00 -30.74
CA GLY A 44 -30.25 4.08 -32.19
C GLY A 44 -30.30 2.71 -32.83
N MET A 45 -29.94 1.68 -32.06
CA MET A 45 -30.16 0.28 -32.46
C MET A 45 -31.65 -0.10 -32.47
N GLU A 46 -31.93 -1.35 -32.78
CA GLU A 46 -33.30 -1.88 -32.77
C GLU A 46 -33.21 -3.34 -32.38
N VAL A 47 -34.18 -3.81 -31.60
CA VAL A 47 -34.18 -5.20 -31.15
C VAL A 47 -35.59 -5.74 -31.32
N LEU A 48 -35.74 -6.78 -32.14
CA LEU A 48 -37.05 -7.39 -32.37
C LEU A 48 -38.11 -6.33 -32.71
N GLY A 49 -37.71 -5.34 -33.50
CA GLY A 49 -38.61 -4.29 -33.93
C GLY A 49 -38.79 -3.16 -32.92
N VAL A 50 -38.14 -3.27 -31.76
CA VAL A 50 -38.29 -2.28 -30.69
C VAL A 50 -37.14 -1.28 -30.74
N PRO A 51 -37.45 0.02 -30.79
CA PRO A 51 -36.36 0.99 -30.86
C PRO A 51 -35.59 1.05 -29.53
N VAL A 52 -34.28 1.23 -29.60
CA VAL A 52 -33.44 1.26 -28.40
C VAL A 52 -32.85 2.65 -28.17
N TYR A 53 -32.87 3.11 -26.92
CA TYR A 53 -32.36 4.45 -26.56
C TYR A 53 -31.22 4.29 -25.55
N ASP A 54 -30.41 5.33 -25.38
CA ASP A 54 -29.29 5.33 -24.42
C ASP A 54 -29.78 5.50 -22.99
N THR A 55 -30.84 6.28 -22.82
CA THR A 55 -31.34 6.58 -21.50
C THR A 55 -32.85 6.46 -21.44
N VAL A 56 -33.37 6.22 -20.24
CA VAL A 56 -34.82 6.10 -20.06
C VAL A 56 -35.52 7.39 -20.46
N LYS A 57 -34.93 8.53 -20.10
CA LYS A 57 -35.52 9.82 -20.45
C LYS A 57 -35.69 10.03 -21.95
N GLU A 58 -34.72 9.61 -22.77
CA GLU A 58 -34.91 9.69 -24.21
C GLU A 58 -36.05 8.77 -24.60
N ALA A 59 -36.07 7.57 -24.04
CA ALA A 59 -37.11 6.64 -24.40
C ALA A 59 -38.48 7.25 -24.12
N VAL A 60 -38.73 7.70 -22.88
CA VAL A 60 -40.06 8.25 -22.60
C VAL A 60 -40.34 9.59 -23.32
N ALA A 61 -39.31 10.18 -23.93
CA ALA A 61 -39.58 11.39 -24.72
C ALA A 61 -40.22 11.06 -26.05
N HIS A 62 -40.10 9.81 -26.48
CA HIS A 62 -40.65 9.39 -27.76
C HIS A 62 -41.75 8.37 -27.59
N HIS A 63 -41.89 7.79 -26.39
CA HIS A 63 -42.93 6.80 -26.14
C HIS A 63 -43.57 6.94 -24.77
N GLU A 64 -44.89 6.81 -24.70
CA GLU A 64 -45.57 6.76 -23.42
C GLU A 64 -45.31 5.40 -22.80
N VAL A 65 -44.96 5.39 -21.51
CA VAL A 65 -44.53 4.18 -20.85
C VAL A 65 -45.18 4.14 -19.48
N ASP A 66 -45.81 3.02 -19.15
CA ASP A 66 -46.42 2.81 -17.84
C ASP A 66 -45.61 1.92 -16.91
N ALA A 67 -44.65 1.18 -17.47
CA ALA A 67 -43.85 0.26 -16.67
C ALA A 67 -42.54 -0.08 -17.35
N SER A 68 -41.53 -0.37 -16.54
CA SER A 68 -40.21 -0.71 -17.05
C SER A 68 -39.79 -2.03 -16.44
N ILE A 69 -39.21 -2.91 -17.24
CA ILE A 69 -38.70 -4.17 -16.73
C ILE A 69 -37.19 -4.18 -16.97
N ILE A 70 -36.43 -4.54 -15.93
CA ILE A 70 -34.99 -4.34 -15.93
C ILE A 70 -34.22 -5.65 -15.98
N PHE A 71 -33.42 -5.82 -17.04
CA PHE A 71 -32.55 -6.99 -17.22
C PHE A 71 -31.06 -6.67 -17.14
N VAL A 72 -30.74 -5.49 -16.64
CA VAL A 72 -29.37 -5.03 -16.52
C VAL A 72 -28.57 -5.87 -15.51
N PRO A 73 -27.30 -6.17 -15.82
CA PRO A 73 -26.44 -6.97 -14.93
C PRO A 73 -26.33 -6.42 -13.49
N ALA A 74 -26.12 -7.31 -12.53
CA ALA A 74 -26.20 -6.94 -11.11
C ALA A 74 -25.40 -5.70 -10.70
N PRO A 75 -24.18 -5.55 -11.23
CA PRO A 75 -23.43 -4.37 -10.76
C PRO A 75 -24.07 -3.04 -11.14
N ALA A 76 -24.94 -3.05 -12.15
CA ALA A 76 -25.50 -1.81 -12.65
C ALA A 76 -27.00 -1.72 -12.47
N ALA A 77 -27.61 -2.76 -11.92
CA ALA A 77 -29.07 -2.87 -11.89
C ALA A 77 -29.80 -1.86 -10.95
N ALA A 78 -29.26 -1.63 -9.76
CA ALA A 78 -29.82 -0.65 -8.84
C ALA A 78 -29.83 0.74 -9.47
N ASP A 79 -28.71 1.10 -10.08
CA ASP A 79 -28.61 2.36 -10.81
C ASP A 79 -29.67 2.43 -11.93
N ALA A 80 -29.94 1.31 -12.58
CA ALA A 80 -30.97 1.33 -13.63
C ALA A 80 -32.35 1.59 -13.05
N ALA A 81 -32.65 0.95 -11.92
CA ALA A 81 -33.92 1.20 -11.24
C ALA A 81 -34.06 2.68 -10.83
N LEU A 82 -32.99 3.24 -10.27
CA LEU A 82 -33.00 4.66 -9.94
C LEU A 82 -33.31 5.54 -11.17
N GLU A 83 -32.67 5.24 -12.29
CA GLU A 83 -32.87 6.00 -13.53
C GLU A 83 -34.33 5.97 -13.95
N ALA A 84 -34.95 4.80 -13.86
CA ALA A 84 -36.35 4.66 -14.23
C ALA A 84 -37.23 5.50 -13.31
N ALA A 85 -37.02 5.37 -12.00
CA ALA A 85 -37.84 6.13 -11.05
C ALA A 85 -37.65 7.63 -11.28
N HIS A 86 -36.42 8.07 -11.56
CA HIS A 86 -36.16 9.49 -11.79
C HIS A 86 -36.73 9.98 -13.12
N ALA A 87 -37.07 9.05 -14.03
CA ALA A 87 -37.70 9.41 -15.29
C ALA A 87 -39.22 9.43 -15.14
N GLY A 88 -39.71 9.11 -13.94
CA GLY A 88 -41.13 9.22 -13.63
C GLY A 88 -41.93 7.96 -13.93
N ILE A 89 -41.25 6.85 -14.21
CA ILE A 89 -41.96 5.61 -14.51
C ILE A 89 -42.60 5.03 -13.24
N PRO A 90 -43.93 4.79 -13.27
CA PRO A 90 -44.68 4.46 -12.05
C PRO A 90 -44.45 3.04 -11.54
N LEU A 91 -44.20 2.11 -12.45
CA LEU A 91 -44.00 0.72 -12.05
C LEU A 91 -42.69 0.20 -12.64
N ILE A 92 -41.83 -0.31 -11.77
CA ILE A 92 -40.50 -0.78 -12.15
C ILE A 92 -40.33 -2.23 -11.70
N VAL A 93 -40.06 -3.11 -12.66
CA VAL A 93 -39.89 -4.52 -12.33
C VAL A 93 -38.42 -4.93 -12.48
N LEU A 94 -37.79 -5.22 -11.34
CA LEU A 94 -36.36 -5.49 -11.31
C LEU A 94 -36.13 -6.99 -11.24
N ILE A 95 -35.72 -7.58 -12.35
CA ILE A 95 -35.55 -9.03 -12.47
C ILE A 95 -34.22 -9.51 -11.90
N THR A 96 -33.19 -8.72 -12.12
CA THR A 96 -31.81 -9.16 -11.94
C THR A 96 -31.49 -9.73 -10.57
N GLU A 97 -30.83 -10.88 -10.56
CA GLU A 97 -30.37 -11.52 -9.34
C GLU A 97 -28.93 -11.11 -9.04
N GLY A 98 -28.55 -11.09 -7.75
CA GLY A 98 -27.17 -10.82 -7.37
C GLY A 98 -26.82 -9.37 -7.09
N ILE A 99 -27.82 -8.51 -6.91
CA ILE A 99 -27.55 -7.12 -6.59
C ILE A 99 -27.11 -6.98 -5.14
N PRO A 100 -26.02 -6.22 -4.89
CA PRO A 100 -25.54 -6.04 -3.51
C PRO A 100 -26.64 -5.51 -2.57
N THR A 101 -26.86 -6.17 -1.45
CA THR A 101 -27.86 -5.75 -0.50
C THR A 101 -27.87 -4.26 -0.23
N LEU A 102 -26.69 -3.68 -0.03
CA LEU A 102 -26.60 -2.28 0.35
C LEU A 102 -26.99 -1.34 -0.79
N ASP A 103 -26.79 -1.80 -2.04
CA ASP A 103 -27.30 -1.08 -3.22
C ASP A 103 -28.80 -0.94 -3.12
N MET A 104 -29.47 -2.02 -2.70
CA MET A 104 -30.93 -2.02 -2.60
C MET A 104 -31.44 -1.25 -1.38
N VAL A 105 -30.72 -1.33 -0.25
CA VAL A 105 -31.09 -0.54 0.93
C VAL A 105 -31.16 0.95 0.61
N ARG A 106 -30.20 1.40 -0.16
CA ARG A 106 -30.15 2.77 -0.67
C ARG A 106 -31.26 3.04 -1.71
N ALA A 107 -31.31 2.22 -2.76
CA ALA A 107 -32.22 2.46 -3.89
C ALA A 107 -33.69 2.36 -3.52
N VAL A 108 -34.05 1.35 -2.72
CA VAL A 108 -35.44 1.18 -2.33
C VAL A 108 -35.96 2.43 -1.65
N GLU A 109 -35.17 2.98 -0.73
CA GLU A 109 -35.53 4.20 -0.02
C GLU A 109 -35.80 5.36 -1.00
N GLU A 110 -34.91 5.55 -1.97
CA GLU A 110 -34.99 6.68 -2.90
C GLU A 110 -36.15 6.55 -3.89
N ILE A 111 -36.29 5.37 -4.48
CA ILE A 111 -37.35 5.06 -5.43
C ILE A 111 -38.75 5.24 -4.80
N LYS A 112 -38.92 4.77 -3.57
CA LYS A 112 -40.21 4.89 -2.88
C LYS A 112 -40.54 6.35 -2.63
N ALA A 113 -39.57 7.11 -2.15
CA ALA A 113 -39.79 8.53 -1.90
C ALA A 113 -40.16 9.29 -3.16
N LEU A 114 -39.85 8.72 -4.32
CA LEU A 114 -40.13 9.37 -5.60
C LEU A 114 -41.51 9.06 -6.12
N GLY A 115 -42.14 8.03 -5.56
CA GLY A 115 -43.51 7.72 -5.93
C GLY A 115 -43.64 6.53 -6.88
N SER A 116 -42.52 5.91 -7.24
CA SER A 116 -42.59 4.72 -8.09
C SER A 116 -42.74 3.45 -7.25
N ARG A 117 -43.45 2.47 -7.79
CA ARG A 117 -43.50 1.18 -7.13
C ARG A 117 -42.42 0.29 -7.72
N LEU A 118 -41.58 -0.28 -6.87
CA LEU A 118 -40.54 -1.19 -7.32
C LEU A 118 -40.90 -2.63 -6.96
N ILE A 119 -40.90 -3.52 -7.95
CA ILE A 119 -41.02 -4.95 -7.68
C ILE A 119 -39.67 -5.65 -7.93
N GLY A 120 -39.14 -6.37 -6.94
CA GLY A 120 -37.81 -6.98 -7.09
C GLY A 120 -36.85 -6.41 -6.06
N GLY A 121 -35.55 -6.70 -6.19
CA GLY A 121 -35.00 -7.47 -7.28
C GLY A 121 -35.04 -8.98 -7.10
N ASN A 122 -34.30 -9.69 -7.94
CA ASN A 122 -34.26 -11.16 -7.88
C ASN A 122 -35.67 -11.73 -7.90
N CYS A 123 -36.42 -11.36 -8.93
CA CYS A 123 -37.82 -11.76 -9.05
C CYS A 123 -38.22 -12.09 -10.49
N PRO A 124 -39.25 -12.95 -10.66
CA PRO A 124 -39.71 -13.34 -12.00
C PRO A 124 -40.66 -12.31 -12.63
N GLY A 125 -41.06 -11.29 -11.89
CA GLY A 125 -41.90 -10.26 -12.46
C GLY A 125 -43.40 -10.32 -12.15
N ILE A 126 -44.21 -9.78 -13.03
CA ILE A 126 -45.65 -9.73 -12.79
C ILE A 126 -46.44 -10.11 -14.04
N ILE A 127 -47.48 -10.92 -13.85
CA ILE A 127 -48.33 -11.30 -14.98
C ILE A 127 -49.81 -11.18 -14.61
N SER A 128 -50.58 -10.60 -15.53
CA SER A 128 -52.04 -10.53 -15.40
C SER A 128 -52.62 -11.44 -16.46
N ALA A 129 -53.16 -12.57 -16.02
CA ALA A 129 -53.50 -13.68 -16.91
C ALA A 129 -54.27 -13.21 -18.14
N GLU A 130 -53.73 -13.55 -19.31
CA GLU A 130 -54.36 -13.29 -20.62
C GLU A 130 -54.51 -11.80 -20.92
N GLU A 131 -53.72 -10.99 -20.23
CA GLU A 131 -53.76 -9.55 -20.44
C GLU A 131 -52.36 -9.05 -20.78
N THR A 132 -51.39 -9.34 -19.92
CA THR A 132 -50.03 -8.88 -20.18
C THR A 132 -48.98 -9.59 -19.32
N LYS A 133 -47.82 -9.82 -19.89
CA LYS A 133 -46.77 -10.51 -19.20
C LYS A 133 -45.58 -9.60 -19.07
N ILE A 134 -45.22 -9.23 -17.85
CA ILE A 134 -44.06 -8.37 -17.65
C ILE A 134 -43.07 -9.10 -16.73
N GLY A 135 -42.29 -10.01 -17.32
CA GLY A 135 -41.43 -10.88 -16.54
C GLY A 135 -40.94 -12.07 -17.33
N ILE A 136 -40.48 -13.10 -16.62
CA ILE A 136 -39.80 -14.22 -17.23
C ILE A 136 -40.58 -15.50 -17.03
N MET A 137 -41.80 -15.38 -16.53
CA MET A 137 -42.59 -16.56 -16.23
C MET A 137 -43.19 -17.14 -17.50
N PRO A 138 -43.38 -18.48 -17.54
CA PRO A 138 -44.04 -19.13 -18.67
C PRO A 138 -45.54 -18.79 -18.68
N GLY A 139 -46.01 -18.15 -19.74
CA GLY A 139 -47.39 -17.70 -19.82
C GLY A 139 -48.45 -18.78 -19.82
N HIS A 140 -48.08 -19.97 -20.30
CA HIS A 140 -49.04 -21.08 -20.46
C HIS A 140 -49.60 -21.64 -19.14
N VAL A 141 -48.95 -21.39 -18.01
CA VAL A 141 -49.45 -21.95 -16.76
C VAL A 141 -50.43 -21.02 -16.06
N PHE A 142 -50.68 -19.85 -16.64
CA PHE A 142 -51.57 -18.87 -16.01
C PHE A 142 -52.90 -18.69 -16.78
N LYS A 143 -53.82 -19.64 -16.62
CA LYS A 143 -55.15 -19.47 -17.18
C LYS A 143 -55.87 -18.39 -16.38
N ARG A 144 -56.60 -17.52 -17.09
CA ARG A 144 -57.36 -16.46 -16.42
C ARG A 144 -58.52 -17.00 -15.59
N GLY A 145 -58.62 -16.54 -14.34
CA GLY A 145 -59.57 -17.05 -13.39
C GLY A 145 -59.79 -16.17 -12.17
N ARG A 146 -59.72 -16.77 -10.98
CA ARG A 146 -60.28 -16.15 -9.80
C ARG A 146 -59.27 -15.90 -8.68
N VAL A 147 -58.06 -16.43 -8.83
CA VAL A 147 -57.10 -16.40 -7.71
C VAL A 147 -55.88 -15.49 -7.95
N GLY A 148 -55.61 -14.59 -7.00
CA GLY A 148 -54.40 -13.79 -7.02
C GLY A 148 -53.26 -14.44 -6.27
N ILE A 149 -52.03 -14.26 -6.75
CA ILE A 149 -50.86 -14.90 -6.15
C ILE A 149 -49.74 -13.91 -5.88
N ILE A 150 -49.10 -14.05 -4.72
CA ILE A 150 -47.93 -13.26 -4.35
C ILE A 150 -46.86 -14.23 -3.86
N SER A 151 -45.70 -14.24 -4.51
CA SER A 151 -44.70 -15.25 -4.16
C SER A 151 -43.26 -14.72 -4.01
N ARG A 152 -42.52 -15.35 -3.10
CA ARG A 152 -41.12 -15.02 -2.95
C ARG A 152 -40.26 -15.91 -3.84
N SER A 153 -40.89 -16.84 -4.54
CA SER A 153 -40.15 -17.68 -5.47
C SER A 153 -40.73 -17.70 -6.90
N GLY A 154 -40.02 -18.37 -7.80
CA GLY A 154 -40.35 -18.39 -9.21
C GLY A 154 -40.97 -19.71 -9.62
N THR A 155 -40.15 -20.69 -9.96
CA THR A 155 -40.67 -21.98 -10.44
C THR A 155 -41.75 -22.53 -9.52
N LEU A 156 -41.57 -22.41 -8.22
CA LEU A 156 -42.61 -22.92 -7.29
C LEU A 156 -43.94 -22.24 -7.58
N THR A 157 -43.89 -20.94 -7.86
CA THR A 157 -45.07 -20.18 -8.19
C THR A 157 -45.74 -20.70 -9.44
N TYR A 158 -44.94 -21.04 -10.45
CA TYR A 158 -45.48 -21.50 -11.72
C TYR A 158 -46.21 -22.81 -11.51
N GLU A 159 -45.69 -23.63 -10.60
CA GLU A 159 -46.31 -24.93 -10.35
C GLU A 159 -47.67 -24.74 -9.67
N ALA A 160 -47.75 -23.82 -8.73
CA ALA A 160 -49.01 -23.52 -8.06
C ALA A 160 -50.04 -23.01 -9.05
N ALA A 161 -49.63 -22.10 -9.93
CA ALA A 161 -50.52 -21.54 -10.93
C ALA A 161 -51.00 -22.61 -11.92
N ALA A 162 -50.10 -23.51 -12.28
CA ALA A 162 -50.48 -24.58 -13.20
C ALA A 162 -51.55 -25.45 -12.55
N ALA A 163 -51.39 -25.71 -11.26
CA ALA A 163 -52.32 -26.53 -10.50
C ALA A 163 -53.66 -25.83 -10.34
N LEU A 164 -53.61 -24.54 -10.03
CA LEU A 164 -54.81 -23.74 -9.90
C LEU A 164 -55.56 -23.65 -11.24
N SER A 165 -54.79 -23.69 -12.32
CA SER A 165 -55.37 -23.58 -13.64
C SER A 165 -56.02 -24.89 -14.11
N GLN A 166 -55.35 -26.03 -13.89
CA GLN A 166 -55.93 -27.35 -14.16
C GLN A 166 -57.13 -27.70 -13.29
N ALA A 167 -57.27 -27.03 -12.14
CA ALA A 167 -58.42 -27.24 -11.26
C ALA A 167 -59.60 -26.31 -11.60
N GLY A 168 -59.47 -25.56 -12.69
CA GLY A 168 -60.52 -24.65 -13.11
C GLY A 168 -60.65 -23.38 -12.27
N LEU A 169 -59.77 -23.20 -11.30
CA LEU A 169 -59.81 -21.98 -10.48
C LEU A 169 -59.24 -20.78 -11.21
N GLY A 170 -58.07 -20.96 -11.81
CA GLY A 170 -57.45 -19.89 -12.62
C GLY A 170 -56.83 -18.80 -11.76
N THR A 171 -56.24 -17.80 -12.41
CA THR A 171 -55.50 -16.79 -11.69
C THR A 171 -55.81 -15.41 -12.20
N THR A 172 -55.60 -14.41 -11.38
CA THR A 172 -55.78 -13.02 -11.82
C THR A 172 -54.42 -12.42 -12.12
N THR A 173 -53.87 -11.71 -11.15
CA THR A 173 -52.51 -11.21 -11.25
C THR A 173 -51.61 -12.01 -10.34
N THR A 174 -50.48 -12.47 -10.88
CA THR A 174 -49.46 -13.13 -10.07
C THR A 174 -48.25 -12.23 -9.97
N VAL A 175 -47.76 -12.02 -8.75
CA VAL A 175 -46.59 -11.16 -8.58
C VAL A 175 -45.48 -11.88 -7.87
N GLY A 176 -44.34 -12.04 -8.56
CA GLY A 176 -43.16 -12.58 -7.91
C GLY A 176 -42.40 -11.42 -7.28
N ILE A 177 -42.41 -11.32 -5.96
CA ILE A 177 -41.84 -10.13 -5.31
C ILE A 177 -40.36 -10.26 -5.03
N GLY A 178 -39.79 -11.44 -5.27
CA GLY A 178 -38.35 -11.60 -5.27
C GLY A 178 -37.76 -12.40 -4.12
N GLY A 179 -36.54 -12.91 -4.34
CA GLY A 179 -35.86 -13.72 -3.34
C GLY A 179 -34.80 -12.99 -2.54
N ASP A 180 -34.79 -11.67 -2.62
CA ASP A 180 -33.81 -10.87 -1.88
C ASP A 180 -34.27 -10.51 -0.46
N PRO A 181 -33.32 -10.07 0.38
CA PRO A 181 -33.65 -9.67 1.74
C PRO A 181 -34.24 -8.26 1.79
N VAL A 182 -33.83 -7.42 0.84
CA VAL A 182 -34.40 -6.08 0.75
C VAL A 182 -35.06 -5.93 -0.60
N ILE A 183 -36.39 -5.82 -0.59
CA ILE A 183 -37.16 -5.73 -1.82
C ILE A 183 -38.08 -4.51 -1.84
N GLY A 184 -38.59 -4.18 -3.03
CA GLY A 184 -39.36 -2.97 -3.23
C GLY A 184 -40.81 -3.10 -2.79
N THR A 185 -41.34 -4.30 -2.93
CA THR A 185 -42.74 -4.56 -2.66
C THR A 185 -42.90 -5.85 -1.86
N THR A 186 -43.61 -5.77 -0.74
CA THR A 186 -43.85 -6.93 0.14
C THR A 186 -45.28 -7.45 -0.02
N PHE A 187 -45.59 -8.56 0.65
CA PHE A 187 -46.95 -9.09 0.65
C PHE A 187 -47.96 -8.02 1.11
N LYS A 188 -47.62 -7.35 2.21
CA LYS A 188 -48.55 -6.39 2.82
C LYS A 188 -48.80 -5.18 1.90
N ASP A 189 -47.86 -4.88 1.00
CA ASP A 189 -48.05 -3.79 0.05
C ASP A 189 -49.09 -4.16 -1.01
N LEU A 190 -49.09 -5.42 -1.43
CA LEU A 190 -50.00 -5.84 -2.51
C LEU A 190 -51.38 -6.30 -2.02
N LEU A 191 -51.46 -6.76 -0.78
CA LEU A 191 -52.73 -7.28 -0.24
C LEU A 191 -53.92 -6.30 -0.36
N PRO A 192 -53.74 -5.03 0.04
CA PRO A 192 -54.82 -4.06 -0.17
C PRO A 192 -55.26 -3.97 -1.64
N LEU A 193 -54.33 -4.11 -2.58
CA LEU A 193 -54.68 -4.01 -3.99
C LEU A 193 -55.57 -5.17 -4.40
N PHE A 194 -55.17 -6.38 -4.01
CA PHE A 194 -55.98 -7.57 -4.28
C PHE A 194 -57.33 -7.49 -3.57
N ASN A 195 -57.31 -7.00 -2.33
CA ASN A 195 -58.53 -6.88 -1.53
C ASN A 195 -59.60 -6.10 -2.27
N GLU A 196 -59.19 -5.07 -3.00
CA GLU A 196 -60.12 -4.18 -3.68
C GLU A 196 -60.36 -4.52 -5.14
N ASP A 197 -59.82 -5.65 -5.60
CA ASP A 197 -60.05 -6.11 -6.98
C ASP A 197 -61.14 -7.17 -7.00
N PRO A 198 -62.33 -6.79 -7.47
CA PRO A 198 -63.46 -7.74 -7.45
C PRO A 198 -63.21 -9.02 -8.25
N GLU A 199 -62.35 -8.98 -9.27
CA GLU A 199 -62.04 -10.20 -10.05
C GLU A 199 -61.20 -11.21 -9.26
N THR A 200 -60.60 -10.75 -8.17
CA THR A 200 -59.81 -11.63 -7.29
C THR A 200 -60.63 -12.08 -6.09
N GLU A 201 -60.98 -13.37 -6.05
CA GLU A 201 -61.84 -13.91 -4.99
C GLU A 201 -61.04 -14.56 -3.86
N ALA A 202 -59.79 -14.89 -4.16
CA ALA A 202 -58.92 -15.51 -3.18
C ALA A 202 -57.47 -15.13 -3.46
N VAL A 203 -56.64 -15.09 -2.42
CA VAL A 203 -55.23 -14.81 -2.59
C VAL A 203 -54.36 -15.88 -1.95
N VAL A 204 -53.40 -16.39 -2.71
CA VAL A 204 -52.42 -17.35 -2.21
C VAL A 204 -51.09 -16.65 -1.93
N LEU A 205 -50.57 -16.80 -0.71
CA LEU A 205 -49.27 -16.23 -0.31
C LEU A 205 -48.25 -17.34 -0.25
N ILE A 206 -47.31 -17.35 -1.20
CA ILE A 206 -46.25 -18.33 -1.20
C ILE A 206 -45.01 -17.69 -0.60
N GLY A 207 -44.66 -18.08 0.62
CA GLY A 207 -43.53 -17.47 1.31
C GLY A 207 -42.47 -18.52 1.62
N GLU A 208 -41.52 -18.13 2.47
CA GLU A 208 -40.43 -19.02 2.83
C GLU A 208 -39.72 -18.45 4.06
N ILE A 209 -38.69 -19.14 4.54
CA ILE A 209 -37.93 -18.66 5.67
C ILE A 209 -37.31 -17.28 5.44
N GLY A 210 -37.00 -16.59 6.53
CA GLY A 210 -36.29 -15.32 6.44
C GLY A 210 -37.14 -14.07 6.64
N GLY A 211 -36.65 -13.15 7.46
CA GLY A 211 -37.35 -11.90 7.73
C GLY A 211 -38.72 -12.11 8.32
N SER A 212 -39.58 -11.12 8.22
CA SER A 212 -40.91 -11.29 8.78
C SER A 212 -42.04 -10.66 7.98
N ASP A 213 -41.89 -10.66 6.65
CA ASP A 213 -42.93 -10.11 5.80
C ASP A 213 -44.20 -10.95 5.91
N GLU A 214 -44.05 -12.27 5.96
CA GLU A 214 -45.20 -13.16 6.12
C GLU A 214 -46.01 -12.84 7.40
N GLU A 215 -45.32 -12.64 8.52
CA GLU A 215 -46.00 -12.37 9.79
C GLU A 215 -46.74 -11.04 9.71
N GLU A 216 -46.10 -10.06 9.07
CA GLU A 216 -46.71 -8.73 8.92
C GLU A 216 -47.89 -8.79 7.98
N ALA A 217 -47.81 -9.64 6.97
CA ALA A 217 -48.91 -9.80 6.03
C ALA A 217 -50.07 -10.45 6.76
N ALA A 218 -49.77 -11.46 7.57
CA ALA A 218 -50.79 -12.18 8.30
C ALA A 218 -51.56 -11.25 9.22
N ALA A 219 -50.83 -10.41 9.95
CA ALA A 219 -51.46 -9.45 10.84
C ALA A 219 -52.41 -8.52 10.07
N TRP A 220 -52.00 -8.11 8.88
CA TRP A 220 -52.84 -7.22 8.09
C TRP A 220 -54.08 -7.94 7.59
N VAL A 221 -53.91 -9.19 7.17
CA VAL A 221 -55.04 -9.96 6.66
C VAL A 221 -56.12 -10.12 7.74
N LYS A 222 -55.66 -10.50 8.94
CA LYS A 222 -56.54 -10.67 10.08
C LYS A 222 -57.46 -9.46 10.24
N ASP A 223 -56.89 -8.26 10.12
CA ASP A 223 -57.63 -7.04 10.40
C ASP A 223 -58.39 -6.41 9.22
N HIS A 224 -57.94 -6.68 7.99
CA HIS A 224 -58.50 -5.90 6.88
C HIS A 224 -59.03 -6.68 5.68
N MET A 225 -58.69 -7.96 5.58
CA MET A 225 -59.02 -8.69 4.36
C MET A 225 -60.49 -9.07 4.32
N LYS A 226 -61.12 -8.86 3.16
CA LYS A 226 -62.53 -9.20 3.02
C LYS A 226 -62.72 -10.39 2.06
N LYS A 227 -61.69 -11.21 1.92
CA LYS A 227 -61.75 -12.40 1.09
C LYS A 227 -60.71 -13.45 1.54
N PRO A 228 -60.90 -14.71 1.14
CA PRO A 228 -60.05 -15.79 1.67
C PRO A 228 -58.60 -15.66 1.23
N VAL A 229 -57.69 -16.04 2.12
CA VAL A 229 -56.26 -16.04 1.86
C VAL A 229 -55.69 -17.39 2.29
N VAL A 230 -54.87 -17.98 1.44
CA VAL A 230 -54.24 -19.26 1.73
C VAL A 230 -52.71 -19.15 1.67
N GLY A 231 -52.02 -19.72 2.64
CA GLY A 231 -50.58 -19.57 2.75
C GLY A 231 -49.82 -20.82 2.40
N PHE A 232 -48.51 -20.66 2.25
CA PHE A 232 -47.59 -21.75 1.96
C PHE A 232 -46.22 -21.26 2.35
N ILE A 233 -45.44 -22.12 3.01
CA ILE A 233 -44.10 -21.73 3.46
C ILE A 233 -43.03 -22.73 3.01
N GLY A 234 -42.15 -22.29 2.13
CA GLY A 234 -41.00 -23.10 1.75
C GLY A 234 -39.87 -23.02 2.77
N GLY A 235 -39.15 -24.13 2.94
CA GLY A 235 -38.03 -24.18 3.85
C GLY A 235 -38.36 -24.55 5.29
N ARG A 236 -39.47 -25.26 5.51
CA ARG A 236 -39.89 -25.61 6.86
C ARG A 236 -38.88 -26.49 7.63
N SER A 237 -38.07 -27.23 6.88
CA SER A 237 -37.07 -28.12 7.46
C SER A 237 -35.65 -27.57 7.35
N ALA A 238 -35.54 -26.32 6.93
CA ALA A 238 -34.24 -25.72 6.68
C ALA A 238 -33.42 -25.52 7.95
N PRO A 239 -32.08 -25.62 7.84
CA PRO A 239 -31.19 -25.34 8.97
C PRO A 239 -31.10 -23.84 9.25
N LYS A 240 -30.54 -23.46 10.39
CA LYS A 240 -30.37 -22.05 10.74
C LYS A 240 -29.07 -21.49 10.21
N GLY A 241 -29.06 -20.19 9.93
CA GLY A 241 -27.83 -19.49 9.55
C GLY A 241 -27.25 -19.85 8.19
N LYS A 242 -28.06 -20.44 7.33
CA LYS A 242 -27.60 -20.78 5.99
C LYS A 242 -28.53 -20.24 4.91
N ARG A 243 -27.95 -19.54 3.94
CA ARG A 243 -28.73 -19.09 2.80
C ARG A 243 -29.12 -20.29 1.94
N MET A 244 -30.42 -20.45 1.75
CA MET A 244 -30.94 -21.51 0.89
C MET A 244 -31.20 -20.98 -0.53
N GLY A 245 -30.13 -20.75 -1.29
CA GLY A 245 -30.28 -20.25 -2.66
C GLY A 245 -30.61 -18.78 -2.72
N HIS A 246 -31.88 -18.42 -2.51
CA HIS A 246 -32.28 -17.02 -2.35
C HIS A 246 -31.48 -16.29 -1.29
N ALA A 247 -30.96 -15.11 -1.62
CA ALA A 247 -30.23 -14.32 -0.64
C ALA A 247 -31.05 -14.07 0.62
N GLY A 248 -32.37 -14.03 0.48
CA GLY A 248 -33.23 -13.74 1.62
C GLY A 248 -33.73 -14.94 2.39
N ALA A 249 -33.43 -16.14 1.89
CA ALA A 249 -33.93 -17.35 2.51
C ALA A 249 -32.95 -17.85 3.56
N ILE A 250 -32.89 -17.16 4.69
CA ILE A 250 -31.97 -17.52 5.73
C ILE A 250 -32.57 -17.20 7.09
N ILE A 251 -32.43 -18.13 8.02
CA ILE A 251 -32.92 -17.93 9.39
C ILE A 251 -31.81 -17.36 10.26
N MET A 252 -32.01 -16.16 10.79
CA MET A 252 -30.99 -15.54 11.62
C MET A 252 -31.35 -15.60 13.09
N GLY A 253 -31.06 -16.75 13.70
CA GLY A 253 -31.32 -16.97 15.11
C GLY A 253 -32.80 -17.02 15.43
N ASN A 254 -33.33 -15.87 15.84
CA ASN A 254 -34.71 -15.78 16.27
C ASN A 254 -35.62 -15.30 15.15
N VAL A 255 -35.01 -14.66 14.15
CA VAL A 255 -35.73 -14.02 13.06
C VAL A 255 -35.88 -14.94 11.86
N GLY A 256 -37.07 -14.95 11.28
CA GLY A 256 -37.27 -15.65 10.02
C GLY A 256 -37.51 -17.15 10.09
N THR A 257 -37.83 -17.64 11.30
CA THR A 257 -38.10 -19.07 11.47
C THR A 257 -39.42 -19.47 10.81
N PRO A 258 -39.50 -20.71 10.29
CA PRO A 258 -40.74 -21.24 9.70
C PRO A 258 -41.85 -21.35 10.74
N GLU A 259 -41.49 -21.74 11.95
CA GLU A 259 -42.44 -21.87 13.05
C GLU A 259 -43.18 -20.57 13.29
N SER A 260 -42.43 -19.47 13.33
CA SER A 260 -43.00 -18.15 13.57
C SER A 260 -44.01 -17.79 12.49
N LYS A 261 -43.71 -18.21 11.26
CA LYS A 261 -44.58 -17.93 10.13
C LYS A 261 -45.86 -18.77 10.14
N LEU A 262 -45.74 -20.06 10.46
CA LEU A 262 -46.92 -20.91 10.63
C LEU A 262 -47.82 -20.42 11.79
N ARG A 263 -47.20 -20.01 12.89
CA ARG A 263 -47.93 -19.54 14.05
C ARG A 263 -48.74 -18.28 13.71
N ALA A 264 -48.11 -17.34 13.01
CA ALA A 264 -48.76 -16.09 12.66
C ALA A 264 -49.90 -16.29 11.65
N PHE A 265 -49.74 -17.25 10.74
CA PHE A 265 -50.83 -17.53 9.82
C PHE A 265 -52.02 -18.08 10.60
N ALA A 266 -51.73 -19.04 11.46
CA ALA A 266 -52.73 -19.70 12.27
C ALA A 266 -53.58 -18.67 13.01
N GLU A 267 -52.91 -17.74 13.71
CA GLU A 267 -53.56 -16.71 14.52
C GLU A 267 -54.40 -15.75 13.67
N ALA A 268 -54.10 -15.69 12.39
CA ALA A 268 -54.83 -14.81 11.49
C ALA A 268 -55.94 -15.56 10.75
N GLY A 269 -56.06 -16.85 11.03
CA GLY A 269 -57.09 -17.64 10.38
C GLY A 269 -56.78 -17.84 8.92
N ILE A 270 -55.48 -17.88 8.62
CA ILE A 270 -54.99 -18.19 7.30
C ILE A 270 -54.53 -19.65 7.28
N PRO A 271 -55.25 -20.51 6.54
CA PRO A 271 -54.91 -21.92 6.41
C PRO A 271 -53.59 -22.10 5.65
N VAL A 272 -52.75 -23.03 6.09
CA VAL A 272 -51.46 -23.26 5.44
C VAL A 272 -51.40 -24.60 4.71
N ALA A 273 -51.28 -24.55 3.39
CA ALA A 273 -51.13 -25.75 2.58
C ALA A 273 -49.76 -26.37 2.80
N ASP A 274 -49.68 -27.69 2.86
CA ASP A 274 -48.39 -28.37 3.03
C ASP A 274 -47.82 -28.80 1.67
N THR A 275 -48.68 -28.83 0.66
CA THR A 275 -48.27 -29.24 -0.68
C THR A 275 -48.96 -28.37 -1.72
N ILE A 276 -48.48 -28.43 -2.96
CA ILE A 276 -49.11 -27.70 -4.04
C ILE A 276 -50.60 -28.02 -4.14
N ASP A 277 -50.94 -29.31 -4.12
CA ASP A 277 -52.34 -29.74 -4.23
C ASP A 277 -53.21 -29.18 -3.10
N GLU A 278 -52.65 -29.13 -1.90
CA GLU A 278 -53.39 -28.59 -0.77
C GLU A 278 -53.71 -27.10 -0.99
N ILE A 279 -52.86 -26.39 -1.72
CA ILE A 279 -53.17 -25.00 -2.09
C ILE A 279 -54.50 -24.95 -2.84
N VAL A 280 -54.60 -25.79 -3.88
CA VAL A 280 -55.83 -25.87 -4.66
C VAL A 280 -57.00 -26.29 -3.77
N GLU A 281 -56.78 -27.29 -2.93
CA GLU A 281 -57.85 -27.79 -2.05
C GLU A 281 -58.36 -26.74 -1.07
N LEU A 282 -57.46 -25.99 -0.45
CA LEU A 282 -57.86 -24.99 0.54
C LEU A 282 -58.58 -23.81 -0.12
N VAL A 283 -58.20 -23.49 -1.36
CA VAL A 283 -58.84 -22.39 -2.08
C VAL A 283 -60.24 -22.78 -2.55
N LYS A 284 -60.39 -24.02 -3.00
CA LYS A 284 -61.70 -24.55 -3.37
C LYS A 284 -62.64 -24.47 -2.17
N LYS A 285 -62.17 -24.97 -1.03
CA LYS A 285 -62.97 -24.99 0.17
C LYS A 285 -63.44 -23.59 0.54
N ALA A 286 -62.53 -22.63 0.54
CA ALA A 286 -62.85 -21.28 1.00
C ALA A 286 -63.82 -20.56 0.07
N LEU A 287 -63.92 -21.02 -1.17
CA LEU A 287 -64.73 -20.37 -2.17
C LEU A 287 -66.13 -20.97 -2.31
N GLY A 288 -66.54 -21.75 -1.32
CA GLY A 288 -67.86 -22.39 -1.34
C GLY A 288 -68.04 -23.21 -2.60
N MET B 1 -20.23 -15.14 2.65
CA MET B 1 -18.86 -15.63 2.86
C MET B 1 -18.33 -15.33 4.26
N ASN B 2 -17.94 -16.36 4.99
CA ASN B 2 -17.36 -16.19 6.31
C ASN B 2 -15.89 -15.79 6.27
N LEU B 3 -15.49 -14.93 7.19
CA LEU B 3 -14.08 -14.59 7.34
C LEU B 3 -13.63 -15.10 8.69
N HIS B 4 -12.34 -15.39 8.81
CA HIS B 4 -11.80 -15.74 10.13
C HIS B 4 -11.63 -14.50 10.99
N GLU B 5 -11.54 -14.70 12.30
CA GLU B 5 -11.26 -13.60 13.22
C GLU B 5 -10.10 -12.73 12.73
N TYR B 6 -9.00 -13.35 12.29
CA TYR B 6 -7.83 -12.55 11.92
C TYR B 6 -8.07 -11.72 10.69
N GLN B 7 -8.93 -12.21 9.80
CA GLN B 7 -9.27 -11.46 8.59
C GLN B 7 -10.22 -10.30 8.93
N ALA B 8 -11.19 -10.57 9.81
CA ALA B 8 -12.10 -9.53 10.29
C ALA B 8 -11.30 -8.44 10.97
N LYS B 9 -10.36 -8.83 11.83
CA LYS B 9 -9.49 -7.86 12.51
C LYS B 9 -8.69 -7.01 11.53
N GLU B 10 -8.16 -7.61 10.47
CA GLU B 10 -7.38 -6.84 9.50
C GLU B 10 -8.24 -5.74 8.91
N ILE B 11 -9.48 -6.10 8.53
CA ILE B 11 -10.43 -5.13 8.01
C ILE B 11 -10.74 -4.04 9.05
N LEU B 12 -11.10 -4.45 10.27
CA LEU B 12 -11.41 -3.46 11.31
C LEU B 12 -10.23 -2.53 11.59
N ALA B 13 -9.02 -3.09 11.65
CA ALA B 13 -7.83 -2.27 11.89
C ALA B 13 -7.66 -1.23 10.81
N ARG B 14 -7.91 -1.64 9.57
CA ARG B 14 -7.75 -0.79 8.41
C ARG B 14 -8.69 0.41 8.49
N TYR B 15 -9.82 0.23 9.16
CA TYR B 15 -10.79 1.32 9.30
C TYR B 15 -10.65 2.06 10.63
N GLY B 16 -9.60 1.75 11.38
CA GLY B 16 -9.29 2.51 12.59
C GLY B 16 -9.76 1.93 13.92
N VAL B 17 -10.34 0.73 13.88
CA VAL B 17 -10.68 0.03 15.11
C VAL B 17 -9.41 -0.49 15.81
N PRO B 18 -9.25 -0.19 17.10
CA PRO B 18 -8.05 -0.72 17.78
C PRO B 18 -8.13 -2.23 17.91
N VAL B 19 -7.02 -2.90 17.64
CA VAL B 19 -6.97 -4.36 17.64
C VAL B 19 -5.65 -4.83 18.27
N PRO B 20 -5.69 -5.88 19.10
CA PRO B 20 -4.44 -6.39 19.67
C PRO B 20 -3.56 -6.91 18.57
N PRO B 21 -2.25 -6.62 18.65
CA PRO B 21 -1.38 -7.16 17.60
C PRO B 21 -1.41 -8.68 17.63
N GLY B 22 -1.41 -9.29 16.45
CA GLY B 22 -1.54 -10.73 16.31
C GLY B 22 -1.02 -11.19 14.96
N LYS B 23 -0.79 -12.49 14.85
CA LYS B 23 -0.27 -13.10 13.62
C LYS B 23 -0.72 -14.54 13.59
N VAL B 24 -1.00 -15.04 12.40
CA VAL B 24 -1.50 -16.39 12.23
C VAL B 24 -0.35 -17.39 12.27
N ALA B 25 -0.60 -18.54 12.86
CA ALA B 25 0.39 -19.60 12.94
C ALA B 25 -0.17 -20.91 12.40
N TYR B 26 0.63 -21.60 11.59
CA TYR B 26 0.22 -22.92 11.05
C TYR B 26 0.88 -24.09 11.78
N THR B 27 1.87 -23.78 12.61
CA THR B 27 2.60 -24.78 13.38
C THR B 27 2.99 -24.27 14.76
N PRO B 28 3.19 -25.20 15.72
CA PRO B 28 3.63 -24.81 17.06
C PRO B 28 4.91 -23.98 16.98
N GLU B 29 5.80 -24.32 16.05
CA GLU B 29 7.02 -23.55 15.85
C GLU B 29 6.74 -22.09 15.53
N GLU B 30 5.76 -21.86 14.66
CA GLU B 30 5.45 -20.49 14.28
C GLU B 30 4.79 -19.74 15.43
N ALA B 31 3.89 -20.41 16.13
CA ALA B 31 3.34 -19.89 17.38
C ALA B 31 4.44 -19.45 18.37
N LYS B 32 5.43 -20.31 18.59
CA LYS B 32 6.52 -19.98 19.52
C LYS B 32 7.33 -18.77 19.04
N ARG B 33 7.71 -18.77 17.77
CA ARG B 33 8.48 -17.67 17.21
C ARG B 33 7.72 -16.36 17.43
N ILE B 34 6.41 -16.41 17.17
CA ILE B 34 5.54 -15.24 17.36
C ILE B 34 5.49 -14.78 18.81
N ALA B 35 5.23 -15.71 19.73
CA ALA B 35 5.32 -15.40 21.16
C ALA B 35 6.64 -14.69 21.55
N GLU B 36 7.77 -15.23 21.07
CA GLU B 36 9.09 -14.63 21.27
C GLU B 36 9.18 -13.19 20.77
N GLU B 37 8.67 -12.94 19.56
CA GLU B 37 8.68 -11.60 18.96
C GLU B 37 7.82 -10.61 19.75
N PHE B 38 6.71 -11.07 20.30
CA PHE B 38 5.87 -10.16 21.10
C PHE B 38 6.48 -9.93 22.47
N GLY B 39 7.09 -10.98 23.03
CA GLY B 39 7.75 -10.89 24.33
C GLY B 39 6.81 -10.55 25.48
N LYS B 40 5.56 -10.99 25.37
CA LYS B 40 4.62 -10.88 26.49
C LYS B 40 3.59 -11.99 26.41
N ARG B 41 2.68 -12.00 27.37
CA ARG B 41 1.59 -12.97 27.42
C ARG B 41 0.74 -12.90 26.15
N VAL B 42 0.48 -14.06 25.54
CA VAL B 42 -0.35 -14.12 24.34
C VAL B 42 -1.56 -15.04 24.50
N VAL B 43 -2.46 -14.99 23.53
CA VAL B 43 -3.60 -15.89 23.49
C VAL B 43 -3.42 -16.72 22.22
N ILE B 44 -3.74 -18.00 22.29
CA ILE B 44 -3.74 -18.84 21.10
C ILE B 44 -5.19 -19.12 20.74
N LYS B 45 -5.64 -18.65 19.59
CA LYS B 45 -7.05 -18.77 19.21
C LYS B 45 -7.27 -19.58 17.92
N ALA B 46 -8.03 -20.66 18.04
CA ALA B 46 -8.43 -21.44 16.86
C ALA B 46 -9.11 -20.55 15.82
N GLN B 47 -8.67 -20.65 14.58
CA GLN B 47 -9.37 -19.98 13.52
C GLN B 47 -10.28 -20.95 12.78
N VAL B 48 -11.55 -20.99 13.18
CA VAL B 48 -12.57 -21.79 12.51
C VAL B 48 -13.85 -20.98 12.38
N HIS B 49 -14.68 -21.32 11.40
CA HIS B 49 -15.90 -20.57 11.15
C HIS B 49 -17.09 -21.00 12.00
N VAL B 50 -16.91 -21.03 13.33
CA VAL B 50 -18.04 -21.12 14.26
C VAL B 50 -17.74 -20.25 15.46
N GLY B 51 -18.75 -20.10 16.31
CA GLY B 51 -18.57 -19.36 17.55
C GLY B 51 -18.46 -20.35 18.69
N GLY B 52 -18.24 -19.85 19.91
CA GLY B 52 -18.09 -20.71 21.06
C GLY B 52 -16.75 -21.42 21.08
N ARG B 53 -15.78 -20.86 20.37
CA ARG B 53 -14.45 -21.43 20.34
C ARG B 53 -13.90 -21.55 21.75
N GLY B 54 -14.22 -20.57 22.59
CA GLY B 54 -13.77 -20.52 23.97
C GLY B 54 -14.26 -21.67 24.83
N LYS B 55 -15.57 -21.86 24.87
CA LYS B 55 -16.17 -22.96 25.63
C LYS B 55 -15.66 -24.31 25.12
N ALA B 56 -15.36 -24.38 23.83
CA ALA B 56 -14.93 -25.62 23.19
C ALA B 56 -13.42 -25.88 23.39
N GLY B 57 -12.73 -24.91 23.99
CA GLY B 57 -11.33 -25.08 24.31
C GLY B 57 -10.35 -24.69 23.21
N GLY B 58 -10.78 -23.80 22.32
CA GLY B 58 -9.91 -23.36 21.24
C GLY B 58 -9.30 -22.00 21.50
N VAL B 59 -9.41 -21.51 22.73
CA VAL B 59 -8.84 -20.22 23.08
C VAL B 59 -8.10 -20.37 24.40
N LYS B 60 -6.78 -20.37 24.33
CA LYS B 60 -5.94 -20.63 25.49
C LYS B 60 -4.90 -19.53 25.66
N LEU B 61 -4.73 -19.11 26.91
CA LEU B 61 -3.69 -18.17 27.29
C LEU B 61 -2.32 -18.87 27.33
N ALA B 62 -1.26 -18.10 27.08
CA ALA B 62 0.10 -18.62 27.16
C ALA B 62 1.07 -17.52 27.62
N ASP B 63 1.71 -17.73 28.77
CA ASP B 63 2.58 -16.70 29.35
C ASP B 63 3.98 -16.70 28.75
N THR B 64 4.38 -17.81 28.16
CA THR B 64 5.74 -17.94 27.67
C THR B 64 5.77 -18.56 26.29
N PRO B 65 6.86 -18.34 25.55
CA PRO B 65 7.01 -18.97 24.23
C PRO B 65 6.83 -20.48 24.26
N GLN B 66 7.36 -21.15 25.28
CA GLN B 66 7.18 -22.60 25.37
C GLN B 66 5.71 -23.01 25.55
N GLU B 67 4.95 -22.26 26.35
CA GLU B 67 3.51 -22.50 26.48
C GLU B 67 2.77 -22.19 25.17
N ALA B 68 3.17 -21.13 24.50
CA ALA B 68 2.55 -20.81 23.21
C ALA B 68 2.71 -22.00 22.27
N TYR B 69 3.91 -22.58 22.26
CA TYR B 69 4.17 -23.81 21.51
C TYR B 69 3.26 -24.94 21.92
N GLU B 70 3.16 -25.18 23.23
CA GLU B 70 2.38 -26.31 23.73
C GLU B 70 0.91 -26.14 23.35
N LYS B 71 0.36 -24.95 23.63
CA LYS B 71 -1.05 -24.66 23.39
C LYS B 71 -1.39 -24.66 21.90
N ALA B 72 -0.53 -24.10 21.08
CA ALA B 72 -0.73 -24.24 19.64
C ALA B 72 -0.84 -25.72 19.28
N GLN B 73 0.06 -26.52 19.84
CA GLN B 73 0.06 -27.96 19.61
C GLN B 73 -1.26 -28.62 20.02
N ALA B 74 -1.88 -28.14 21.09
CA ALA B 74 -3.10 -28.74 21.61
C ALA B 74 -4.35 -28.33 20.83
N ILE B 75 -4.24 -27.24 20.08
CA ILE B 75 -5.37 -26.61 19.40
C ILE B 75 -5.33 -26.92 17.91
N LEU B 76 -4.17 -26.75 17.30
CA LEU B 76 -4.02 -27.15 15.91
C LEU B 76 -4.52 -28.58 15.73
N GLY B 77 -5.45 -28.78 14.81
CA GLY B 77 -5.95 -30.10 14.53
C GLY B 77 -7.07 -30.55 15.45
N MET B 78 -7.41 -29.73 16.45
CA MET B 78 -8.53 -30.10 17.32
C MET B 78 -9.84 -29.92 16.60
N ASN B 79 -10.88 -30.57 17.12
CA ASN B 79 -12.20 -30.44 16.53
C ASN B 79 -13.07 -29.52 17.36
N ILE B 80 -13.59 -28.47 16.72
CA ILE B 80 -14.53 -27.59 17.39
C ILE B 80 -15.90 -27.69 16.72
N LYS B 81 -16.83 -28.37 17.38
CA LYS B 81 -18.16 -28.61 16.83
C LYS B 81 -18.19 -28.85 15.31
N GLY B 82 -17.46 -29.85 14.85
CA GLY B 82 -17.52 -30.26 13.46
C GLY B 82 -16.33 -29.82 12.61
N LEU B 83 -15.72 -28.70 12.97
CA LEU B 83 -14.66 -28.15 12.16
C LEU B 83 -13.28 -28.51 12.69
N THR B 84 -12.32 -28.68 11.77
CA THR B 84 -10.94 -28.97 12.13
C THR B 84 -10.10 -27.69 12.10
N VAL B 85 -9.38 -27.42 13.18
CA VAL B 85 -8.57 -26.23 13.26
C VAL B 85 -7.29 -26.38 12.44
N LYS B 86 -7.12 -25.53 11.44
CA LYS B 86 -5.96 -25.63 10.56
C LYS B 86 -5.00 -24.46 10.73
N LYS B 87 -5.36 -23.52 11.59
CA LYS B 87 -4.51 -22.39 11.91
C LYS B 87 -4.96 -21.78 13.22
N VAL B 88 -4.04 -21.06 13.88
CA VAL B 88 -4.39 -20.30 15.07
C VAL B 88 -3.90 -18.87 14.97
N LEU B 89 -4.62 -17.97 15.64
CA LEU B 89 -4.12 -16.61 15.78
C LEU B 89 -3.33 -16.54 17.08
N VAL B 90 -2.13 -15.99 17.01
CA VAL B 90 -1.36 -15.74 18.23
C VAL B 90 -1.41 -14.25 18.48
N ALA B 91 -2.15 -13.83 19.51
CA ALA B 91 -2.33 -12.40 19.80
C ALA B 91 -1.85 -11.99 21.19
N GLU B 92 -1.36 -10.77 21.31
CA GLU B 92 -1.07 -10.22 22.62
C GLU B 92 -2.33 -10.26 23.47
N ALA B 93 -2.19 -10.74 24.70
CA ALA B 93 -3.32 -10.82 25.61
C ALA B 93 -3.61 -9.43 26.14
N VAL B 94 -4.89 -9.07 26.26
CA VAL B 94 -5.23 -7.79 26.83
C VAL B 94 -5.73 -8.06 28.23
N ASP B 95 -5.44 -7.12 29.14
CA ASP B 95 -6.00 -7.20 30.49
C ASP B 95 -7.37 -6.56 30.51
N ILE B 96 -8.40 -7.37 30.74
CA ILE B 96 -9.77 -6.93 30.56
C ILE B 96 -10.44 -6.38 31.83
N ALA B 97 -11.00 -5.17 31.74
CA ALA B 97 -11.79 -4.60 32.84
C ALA B 97 -13.28 -4.72 32.53
N LYS B 98 -13.64 -4.50 31.27
CA LYS B 98 -15.04 -4.51 30.84
C LYS B 98 -15.23 -5.22 29.49
N GLU B 99 -16.32 -5.98 29.36
CA GLU B 99 -16.65 -6.67 28.12
C GLU B 99 -18.01 -6.21 27.60
N TYR B 100 -18.00 -5.54 26.46
CA TYR B 100 -19.24 -5.01 25.89
C TYR B 100 -19.54 -5.67 24.55
N TYR B 101 -20.78 -5.53 24.08
CA TYR B 101 -21.17 -6.07 22.79
C TYR B 101 -21.56 -4.98 21.79
N ALA B 102 -20.95 -5.00 20.60
CA ALA B 102 -21.35 -4.11 19.51
C ALA B 102 -21.48 -4.90 18.22
N GLY B 103 -22.64 -4.80 17.59
CA GLY B 103 -22.89 -5.55 16.37
C GLY B 103 -23.79 -4.88 15.35
N LEU B 104 -23.48 -5.10 14.07
CA LEU B 104 -24.29 -4.58 12.97
C LEU B 104 -24.86 -5.70 12.13
N ILE B 105 -26.17 -5.67 11.92
CA ILE B 105 -26.80 -6.59 11.00
C ILE B 105 -27.91 -5.83 10.25
N LEU B 106 -28.42 -6.46 9.20
CA LEU B 106 -29.55 -5.91 8.45
C LEU B 106 -30.83 -6.24 9.21
N ASP B 107 -31.63 -5.22 9.46
CA ASP B 107 -32.94 -5.40 10.04
C ASP B 107 -33.91 -5.38 8.87
N ARG B 108 -34.42 -6.55 8.50
CA ARG B 108 -35.21 -6.66 7.28
C ARG B 108 -36.60 -6.03 7.38
N ALA B 109 -37.10 -5.87 8.60
CA ALA B 109 -38.39 -5.24 8.82
C ALA B 109 -38.33 -3.73 8.57
N LYS B 110 -37.20 -3.10 8.85
CA LYS B 110 -37.07 -1.67 8.63
C LYS B 110 -36.31 -1.38 7.34
N LYS B 111 -35.77 -2.43 6.75
CA LYS B 111 -34.94 -2.28 5.56
C LYS B 111 -33.77 -1.36 5.84
N ARG B 112 -33.20 -1.45 7.05
CA ARG B 112 -32.04 -0.64 7.39
C ARG B 112 -31.06 -1.46 8.20
N VAL B 113 -29.80 -1.02 8.18
CA VAL B 113 -28.76 -1.62 9.03
C VAL B 113 -28.99 -1.17 10.48
N VAL B 114 -28.89 -2.09 11.41
CA VAL B 114 -29.13 -1.74 12.81
C VAL B 114 -27.90 -2.03 13.63
N LEU B 115 -27.51 -1.04 14.44
CA LEU B 115 -26.47 -1.23 15.44
C LEU B 115 -27.12 -1.78 16.72
N MET B 116 -26.54 -2.85 17.25
CA MET B 116 -26.98 -3.45 18.50
C MET B 116 -25.85 -3.33 19.51
N LEU B 117 -26.15 -2.74 20.66
CA LEU B 117 -25.11 -2.42 21.63
C LEU B 117 -25.60 -2.88 23.00
N SER B 118 -24.70 -3.45 23.79
CA SER B 118 -25.09 -3.95 25.08
C SER B 118 -23.91 -4.04 26.05
N LYS B 119 -24.19 -3.81 27.34
CA LYS B 119 -23.24 -3.92 28.45
C LYS B 119 -22.78 -5.35 28.62
N GLU B 120 -23.64 -6.29 28.22
CA GLU B 120 -23.40 -7.69 28.48
C GLU B 120 -22.61 -8.33 27.37
N GLY B 121 -21.30 -8.05 27.34
CA GLY B 121 -20.44 -8.61 26.33
C GLY B 121 -19.81 -9.93 26.74
N GLY B 122 -19.15 -10.59 25.79
CA GLY B 122 -18.44 -11.83 26.07
C GLY B 122 -19.37 -13.02 26.14
N VAL B 123 -20.64 -12.78 25.81
CA VAL B 123 -21.72 -13.76 25.91
C VAL B 123 -22.50 -13.86 24.61
N ASP B 124 -22.96 -15.07 24.29
CA ASP B 124 -23.78 -15.31 23.11
C ASP B 124 -24.97 -14.33 23.04
N ILE B 125 -24.89 -13.36 22.13
CA ILE B 125 -25.90 -12.29 22.05
C ILE B 125 -27.32 -12.84 21.85
N GLU B 126 -27.43 -13.91 21.07
CA GLU B 126 -28.72 -14.54 20.83
C GLU B 126 -29.39 -14.92 22.15
N GLU B 127 -28.60 -15.42 23.10
CA GLU B 127 -29.11 -15.70 24.43
C GLU B 127 -29.77 -14.45 24.97
N VAL B 128 -28.94 -13.44 25.22
CA VAL B 128 -29.37 -12.12 25.71
C VAL B 128 -30.71 -11.68 25.13
N ALA B 129 -30.79 -11.61 23.80
CA ALA B 129 -31.96 -11.05 23.14
C ALA B 129 -33.20 -11.86 23.48
N ALA B 130 -33.01 -13.16 23.68
CA ALA B 130 -34.12 -14.04 24.05
C ALA B 130 -34.47 -13.88 25.53
N GLU B 131 -33.44 -13.98 26.39
CA GLU B 131 -33.62 -13.83 27.84
C GLU B 131 -34.17 -12.46 28.20
N ARG B 132 -33.32 -11.43 28.15
CA ARG B 132 -33.70 -10.07 28.50
C ARG B 132 -33.43 -9.08 27.37
N PRO B 133 -34.39 -8.94 26.45
CA PRO B 133 -34.18 -8.11 25.27
C PRO B 133 -33.88 -6.68 25.65
N GLU B 134 -34.31 -6.25 26.84
CA GLU B 134 -34.11 -4.87 27.27
C GLU B 134 -32.63 -4.49 27.46
N ALA B 135 -31.73 -5.47 27.53
CA ALA B 135 -30.32 -5.16 27.72
C ALA B 135 -29.62 -4.87 26.41
N ILE B 136 -30.40 -4.89 25.33
CA ILE B 136 -29.87 -4.62 23.99
C ILE B 136 -30.45 -3.33 23.38
N HIS B 137 -29.58 -2.38 23.07
CA HIS B 137 -30.04 -1.10 22.53
C HIS B 137 -29.77 -0.96 21.04
N LYS B 138 -30.72 -0.37 20.35
CA LYS B 138 -30.68 -0.40 18.91
C LYS B 138 -30.77 0.99 18.27
N PHE B 139 -30.01 1.16 17.19
CA PHE B 139 -30.04 2.36 16.38
C PHE B 139 -30.09 1.97 14.89
N TRP B 140 -31.10 2.45 14.18
CA TRP B 140 -31.26 2.11 12.77
C TRP B 140 -30.61 3.19 11.92
N ILE B 141 -29.64 2.78 11.10
CA ILE B 141 -28.74 3.71 10.45
C ILE B 141 -29.28 4.25 9.12
N ASP B 142 -29.10 5.55 8.90
CA ASP B 142 -29.55 6.17 7.67
C ASP B 142 -28.69 5.71 6.50
N PRO B 143 -29.30 5.09 5.50
CA PRO B 143 -28.52 4.45 4.44
C PRO B 143 -27.72 5.41 3.59
N HIS B 144 -28.04 6.70 3.64
CA HIS B 144 -27.28 7.67 2.85
C HIS B 144 -26.36 8.52 3.72
N LYS B 145 -26.85 8.96 4.89
CA LYS B 145 -26.03 9.77 5.81
C LYS B 145 -24.96 8.95 6.53
N GLY B 146 -25.24 7.68 6.79
CA GLY B 146 -24.33 6.90 7.61
C GLY B 146 -24.50 7.08 9.12
N PHE B 147 -23.49 6.64 9.86
CA PHE B 147 -23.55 6.63 11.31
C PHE B 147 -22.52 7.63 11.82
N ARG B 148 -23.00 8.71 12.44
CA ARG B 148 -22.14 9.84 12.83
C ARG B 148 -21.71 9.80 14.31
N PRO B 149 -20.54 10.39 14.62
CA PRO B 149 -20.09 10.36 16.01
C PRO B 149 -21.18 10.72 17.04
N PHE B 150 -22.01 11.73 16.78
CA PHE B 150 -22.99 12.15 17.80
C PHE B 150 -24.03 11.06 18.04
N GLU B 151 -24.35 10.33 17.00
CA GLU B 151 -25.27 9.21 17.12
C GLU B 151 -24.58 8.09 17.91
N ALA B 152 -23.30 7.87 17.63
CA ALA B 152 -22.54 6.86 18.35
C ALA B 152 -22.46 7.21 19.84
N ARG B 153 -22.12 8.47 20.17
CA ARG B 153 -22.07 8.87 21.59
C ARG B 153 -23.41 8.65 22.28
N GLU B 154 -24.52 9.07 21.66
CA GLU B 154 -25.83 8.84 22.28
C GLU B 154 -26.07 7.36 22.55
N MET B 155 -25.62 6.51 21.64
CA MET B 155 -25.81 5.08 21.83
C MET B 155 -24.96 4.57 22.99
N VAL B 156 -23.72 5.02 23.08
CA VAL B 156 -22.88 4.68 24.22
C VAL B 156 -23.57 5.03 25.53
N LYS B 157 -24.08 6.26 25.68
CA LYS B 157 -24.76 6.66 26.93
C LYS B 157 -26.03 5.86 27.13
N ARG B 158 -26.75 5.60 26.05
CA ARG B 158 -28.00 4.88 26.18
C ARG B 158 -27.78 3.50 26.76
N ALA B 159 -26.69 2.87 26.36
CA ALA B 159 -26.38 1.50 26.76
C ALA B 159 -25.64 1.45 28.09
N GLY B 160 -25.24 2.61 28.60
CA GLY B 160 -24.55 2.69 29.89
C GLY B 160 -23.14 2.14 29.89
N LEU B 161 -22.46 2.19 28.76
CA LEU B 161 -21.08 1.74 28.72
C LEU B 161 -20.17 2.68 29.52
N GLU B 162 -19.34 2.12 30.39
CA GLU B 162 -18.35 2.91 31.10
C GLU B 162 -17.04 2.86 30.33
N GLY B 163 -16.27 3.93 30.38
CA GLY B 163 -15.05 4.03 29.60
C GLY B 163 -15.03 5.36 28.87
N ASN B 164 -13.93 5.66 28.20
CA ASN B 164 -13.81 6.90 27.45
C ASN B 164 -14.93 7.00 26.40
N LEU B 165 -15.81 7.98 26.56
CA LEU B 165 -16.98 8.10 25.71
C LEU B 165 -16.61 8.36 24.22
N ASN B 166 -15.69 9.28 23.99
CA ASN B 166 -15.25 9.58 22.62
C ASN B 166 -14.59 8.41 21.90
N LYS B 167 -13.75 7.67 22.61
CA LYS B 167 -13.07 6.51 22.00
C LYS B 167 -14.05 5.36 21.75
N LEU B 168 -14.99 5.15 22.66
CA LEU B 168 -16.03 4.15 22.42
C LEU B 168 -16.83 4.54 21.18
N ALA B 169 -17.24 5.81 21.08
CA ALA B 169 -18.03 6.21 19.94
C ALA B 169 -17.25 6.04 18.65
N GLN B 170 -15.98 6.40 18.66
CA GLN B 170 -15.16 6.31 17.44
C GLN B 170 -15.07 4.87 16.92
N VAL B 171 -14.96 3.90 17.82
CA VAL B 171 -14.93 2.51 17.42
C VAL B 171 -16.23 2.18 16.71
N LEU B 172 -17.35 2.59 17.28
CA LEU B 172 -18.64 2.31 16.69
C LEU B 172 -18.76 2.93 15.30
N VAL B 173 -18.24 4.14 15.14
CA VAL B 173 -18.32 4.82 13.86
C VAL B 173 -17.45 4.07 12.84
N ALA B 174 -16.25 3.67 13.25
CA ALA B 174 -15.35 2.96 12.36
C ALA B 174 -15.92 1.58 12.00
N LEU B 175 -16.57 0.95 12.97
CA LEU B 175 -17.16 -0.37 12.75
C LEU B 175 -18.14 -0.28 11.56
N TYR B 176 -18.97 0.75 11.55
CA TYR B 176 -19.94 0.92 10.46
C TYR B 176 -19.29 1.28 9.12
N ARG B 177 -18.33 2.19 9.12
CA ARG B 177 -17.60 2.47 7.91
C ARG B 177 -16.97 1.18 7.33
N ALA B 178 -16.42 0.33 8.19
CA ALA B 178 -15.90 -0.98 7.77
C ALA B 178 -17.01 -1.87 7.13
N TYR B 179 -18.15 -1.96 7.82
CA TYR B 179 -19.32 -2.68 7.35
C TYR B 179 -19.70 -2.28 5.91
N GLU B 180 -19.80 -0.99 5.67
CA GLU B 180 -20.19 -0.52 4.36
C GLU B 180 -19.01 -0.70 3.43
N GLY B 181 -17.82 -0.49 3.95
CA GLY B 181 -16.63 -0.50 3.12
C GLY B 181 -16.32 -1.84 2.48
N VAL B 182 -16.73 -2.93 3.11
CA VAL B 182 -16.49 -4.26 2.52
C VAL B 182 -17.80 -4.98 2.21
N ASP B 183 -18.91 -4.24 2.23
CA ASP B 183 -20.21 -4.85 2.00
C ASP B 183 -20.41 -6.04 2.90
N ALA B 184 -20.21 -5.83 4.18
CA ALA B 184 -20.48 -6.85 5.16
C ALA B 184 -21.99 -7.05 5.25
N SER B 185 -22.42 -8.26 5.55
CA SER B 185 -23.80 -8.47 5.96
C SER B 185 -23.86 -8.51 7.49
N ILE B 186 -22.73 -8.88 8.11
CA ILE B 186 -22.61 -8.88 9.56
C ILE B 186 -21.22 -8.43 10.02
N ALA B 187 -21.17 -7.53 11.01
CA ALA B 187 -19.91 -7.15 11.64
C ALA B 187 -20.16 -6.96 13.13
N GLU B 188 -19.54 -7.80 13.96
CA GLU B 188 -19.65 -7.64 15.40
C GLU B 188 -18.31 -7.67 16.15
N ILE B 189 -18.23 -6.89 17.21
CA ILE B 189 -17.06 -6.92 18.08
C ILE B 189 -17.56 -7.47 19.40
N ASN B 190 -17.18 -8.70 19.70
CA ASN B 190 -17.61 -9.35 20.92
C ASN B 190 -16.52 -10.22 21.52
N PRO B 191 -15.87 -9.76 22.60
CA PRO B 191 -16.22 -8.53 23.34
C PRO B 191 -15.48 -7.30 22.87
N LEU B 192 -16.21 -6.18 22.79
CA LEU B 192 -15.58 -4.87 22.76
C LEU B 192 -15.12 -4.64 24.20
N VAL B 193 -13.83 -4.36 24.37
CA VAL B 193 -13.20 -4.41 25.69
C VAL B 193 -12.63 -3.07 26.14
N VAL B 194 -12.82 -2.75 27.41
CA VAL B 194 -12.11 -1.65 28.06
C VAL B 194 -11.03 -2.30 28.91
N THR B 195 -9.76 -2.04 28.61
CA THR B 195 -8.64 -2.63 29.35
C THR B 195 -8.48 -1.99 30.72
N THR B 196 -7.71 -2.63 31.59
CA THR B 196 -7.50 -2.12 32.94
C THR B 196 -6.79 -0.79 32.92
N ASP B 197 -6.20 -0.44 31.78
CA ASP B 197 -5.53 0.84 31.59
C ASP B 197 -6.50 1.87 31.01
N GLY B 198 -7.75 1.47 30.81
CA GLY B 198 -8.76 2.33 30.22
C GLY B 198 -8.81 2.31 28.70
N GLY B 199 -7.92 1.54 28.08
CA GLY B 199 -7.88 1.43 26.63
C GLY B 199 -9.09 0.73 26.03
N ILE B 200 -9.44 1.12 24.80
CA ILE B 200 -10.53 0.46 24.10
C ILE B 200 -9.96 -0.42 23.00
N VAL B 201 -10.41 -1.68 22.97
CA VAL B 201 -9.86 -2.65 22.03
C VAL B 201 -10.90 -3.67 21.58
N ALA B 202 -10.81 -4.07 20.32
CA ALA B 202 -11.65 -5.15 19.81
C ALA B 202 -10.95 -6.47 20.05
N ALA B 203 -11.34 -7.15 21.12
CA ALA B 203 -10.62 -8.36 21.52
C ALA B 203 -10.97 -9.53 20.60
N ASP B 204 -12.18 -9.50 20.07
CA ASP B 204 -12.61 -10.48 19.07
C ASP B 204 -13.39 -9.74 18.00
N ALA B 205 -13.45 -10.32 16.80
CA ALA B 205 -14.25 -9.73 15.74
C ALA B 205 -14.83 -10.78 14.80
N LYS B 206 -16.03 -10.53 14.31
CA LYS B 206 -16.68 -11.42 13.36
C LYS B 206 -17.18 -10.59 12.19
N ILE B 207 -16.89 -11.03 10.98
CA ILE B 207 -17.42 -10.40 9.78
C ILE B 207 -17.92 -11.45 8.81
N VAL B 208 -19.12 -11.23 8.27
CA VAL B 208 -19.63 -12.05 7.17
C VAL B 208 -19.88 -11.13 5.99
N LEU B 209 -19.35 -11.48 4.83
CA LEU B 209 -19.42 -10.63 3.67
C LEU B 209 -20.63 -10.98 2.84
N ASP B 210 -21.18 -9.96 2.17
CA ASP B 210 -22.27 -10.15 1.21
C ASP B 210 -21.69 -10.74 -0.07
N ASP B 211 -22.07 -11.98 -0.38
CA ASP B 211 -21.58 -12.65 -1.60
C ASP B 211 -21.90 -11.90 -2.89
N ASN B 212 -23.02 -11.19 -2.90
CA ASN B 212 -23.46 -10.45 -4.09
C ASN B 212 -22.54 -9.28 -4.40
N ALA B 213 -21.70 -8.91 -3.44
CA ALA B 213 -20.83 -7.76 -3.66
C ALA B 213 -19.36 -8.13 -3.80
N LEU B 214 -19.05 -9.42 -3.78
CA LEU B 214 -17.66 -9.85 -3.95
C LEU B 214 -17.02 -9.26 -5.21
N PHE B 215 -17.79 -9.14 -6.30
CA PHE B 215 -17.29 -8.58 -7.54
C PHE B 215 -16.63 -7.21 -7.40
N ARG B 216 -16.94 -6.47 -6.33
CA ARG B 216 -16.30 -5.17 -6.13
C ARG B 216 -15.32 -5.16 -4.93
N HIS B 217 -14.96 -6.35 -4.47
CA HIS B 217 -13.89 -6.51 -3.50
C HIS B 217 -12.95 -7.66 -3.89
N PRO B 218 -12.11 -7.43 -4.92
CA PRO B 218 -11.23 -8.48 -5.49
C PRO B 218 -10.36 -9.11 -4.42
N ASP B 219 -9.67 -8.25 -3.67
CA ASP B 219 -9.04 -8.61 -2.41
C ASP B 219 -9.72 -9.81 -1.73
N LEU B 220 -11.01 -9.70 -1.50
CA LEU B 220 -11.75 -10.66 -0.68
C LEU B 220 -12.38 -11.78 -1.51
N ALA B 221 -12.73 -11.46 -2.75
CA ALA B 221 -13.23 -12.50 -3.65
C ALA B 221 -12.25 -13.68 -3.72
N GLU B 222 -10.96 -13.37 -3.69
CA GLU B 222 -9.90 -14.38 -3.67
C GLU B 222 -10.07 -15.49 -2.62
N LEU B 223 -10.56 -15.09 -1.44
CA LEU B 223 -10.70 -16.00 -0.29
C LEU B 223 -11.90 -16.94 -0.40
N ARG B 224 -12.74 -16.73 -1.41
CA ARG B 224 -13.97 -17.49 -1.62
C ARG B 224 -13.77 -18.99 -1.45
N GLU B 225 -12.83 -19.55 -2.22
CA GLU B 225 -12.57 -20.99 -2.22
C GLU B 225 -12.17 -21.52 -0.87
N VAL B 226 -11.23 -20.85 -0.22
CA VAL B 226 -10.73 -21.33 1.07
C VAL B 226 -11.75 -21.16 2.20
N GLU B 227 -12.59 -20.13 2.11
CA GLU B 227 -13.55 -19.88 3.18
C GLU B 227 -14.85 -20.66 3.03
N ALA B 228 -14.99 -21.38 1.92
CA ALA B 228 -16.21 -22.15 1.67
C ALA B 228 -16.44 -23.25 2.71
N GLU B 229 -17.66 -23.31 3.23
CA GLU B 229 -18.03 -24.34 4.18
C GLU B 229 -17.88 -25.74 3.56
N HIS B 230 -17.88 -25.80 2.23
CA HIS B 230 -17.75 -27.07 1.51
C HIS B 230 -17.19 -26.82 0.10
N PRO B 231 -16.27 -27.69 -0.35
CA PRO B 231 -15.62 -27.49 -1.65
C PRO B 231 -16.59 -27.54 -2.84
N LEU B 232 -17.73 -28.21 -2.70
CA LEU B 232 -18.72 -28.25 -3.76
C LEU B 232 -19.45 -26.91 -3.96
N GLU B 233 -19.42 -26.03 -2.97
CA GLU B 233 -20.03 -24.72 -3.13
C GLU B 233 -19.37 -23.97 -4.27
N VAL B 234 -18.06 -24.13 -4.40
CA VAL B 234 -17.29 -23.43 -5.41
C VAL B 234 -17.59 -23.96 -6.81
N GLU B 235 -17.48 -25.28 -6.96
CA GLU B 235 -17.79 -25.91 -8.25
C GLU B 235 -19.16 -25.48 -8.74
N ALA B 236 -20.16 -25.61 -7.87
CA ALA B 236 -21.53 -25.28 -8.23
C ALA B 236 -21.66 -23.82 -8.68
N SER B 237 -20.89 -22.94 -8.06
CA SER B 237 -20.88 -21.52 -8.43
C SER B 237 -20.38 -21.29 -9.86
N ASN B 238 -19.49 -22.16 -10.31
CA ASN B 238 -18.93 -22.09 -11.65
C ASN B 238 -20.02 -22.14 -12.72
N TYR B 239 -21.06 -22.91 -12.42
CA TYR B 239 -22.14 -23.13 -13.36
C TYR B 239 -23.28 -22.18 -13.06
N GLY B 240 -23.11 -21.39 -12.00
CA GLY B 240 -24.17 -20.50 -11.56
C GLY B 240 -25.20 -21.18 -10.67
N PHE B 241 -24.82 -22.33 -10.10
CA PHE B 241 -25.68 -23.09 -9.20
C PHE B 241 -25.43 -22.64 -7.77
N ALA B 242 -26.44 -22.75 -6.91
CA ALA B 242 -26.24 -22.57 -5.48
C ALA B 242 -26.30 -23.93 -4.77
N TYR B 243 -25.23 -24.29 -4.09
CA TYR B 243 -25.11 -25.56 -3.40
C TYR B 243 -25.01 -25.32 -1.90
N VAL B 244 -25.63 -26.19 -1.11
CA VAL B 244 -25.49 -26.19 0.34
C VAL B 244 -25.33 -27.62 0.83
N LYS B 245 -24.29 -27.86 1.61
CA LYS B 245 -24.05 -29.20 2.16
C LYS B 245 -24.95 -29.42 3.36
N LEU B 246 -25.72 -30.50 3.33
CA LEU B 246 -26.55 -30.92 4.47
C LEU B 246 -26.09 -32.30 4.91
N ASP B 247 -26.44 -32.72 6.13
CA ASP B 247 -26.12 -34.10 6.53
C ASP B 247 -27.25 -35.06 6.23
N GLY B 248 -26.98 -35.97 5.30
CA GLY B 248 -27.96 -36.90 4.79
C GLY B 248 -27.36 -37.61 3.59
N ASN B 249 -28.13 -38.47 2.94
CA ASN B 249 -27.59 -39.29 1.87
C ASN B 249 -28.35 -39.24 0.54
N ILE B 250 -29.48 -38.53 0.51
CA ILE B 250 -30.22 -38.32 -0.73
C ILE B 250 -29.75 -37.03 -1.40
N GLY B 251 -29.18 -37.15 -2.60
CA GLY B 251 -28.77 -35.99 -3.37
C GLY B 251 -29.97 -35.28 -3.97
N ILE B 252 -29.96 -33.96 -3.96
CA ILE B 252 -31.09 -33.19 -4.45
C ILE B 252 -30.70 -32.21 -5.57
N ILE B 253 -31.46 -32.22 -6.66
CA ILE B 253 -31.26 -31.27 -7.76
C ILE B 253 -32.59 -30.70 -8.20
N GLY B 254 -32.72 -29.39 -8.17
CA GLY B 254 -33.95 -28.73 -8.59
C GLY B 254 -33.71 -27.41 -9.32
N ASN B 255 -34.72 -26.94 -10.02
CA ASN B 255 -34.63 -25.65 -10.70
C ASN B 255 -35.48 -24.54 -10.05
N GLY B 256 -34.88 -23.84 -9.09
CA GLY B 256 -35.56 -22.78 -8.38
C GLY B 256 -35.43 -22.99 -6.88
N ALA B 257 -34.90 -22.00 -6.18
CA ALA B 257 -34.65 -22.14 -4.74
C ALA B 257 -35.91 -22.54 -3.98
N GLY B 258 -37.03 -21.94 -4.34
CA GLY B 258 -38.29 -22.25 -3.69
C GLY B 258 -38.68 -23.70 -3.90
N LEU B 259 -38.57 -24.17 -5.15
CA LEU B 259 -38.89 -25.55 -5.47
C LEU B 259 -37.95 -26.52 -4.76
N VAL B 260 -36.69 -26.15 -4.62
CA VAL B 260 -35.73 -27.05 -3.99
C VAL B 260 -35.99 -27.16 -2.48
N MET B 261 -36.33 -26.03 -1.84
CA MET B 261 -36.77 -26.06 -0.44
C MET B 261 -37.99 -26.95 -0.24
N TYR B 262 -38.97 -26.82 -1.13
CA TYR B 262 -40.15 -27.67 -1.10
C TYR B 262 -39.72 -29.13 -1.20
N THR B 263 -38.82 -29.43 -2.14
CA THR B 263 -38.31 -30.80 -2.31
C THR B 263 -37.67 -31.34 -1.04
N LEU B 264 -36.79 -30.54 -0.44
CA LEU B 264 -36.20 -30.90 0.85
C LEU B 264 -37.27 -31.14 1.92
N ASP B 265 -38.30 -30.32 1.93
CA ASP B 265 -39.36 -30.49 2.90
C ASP B 265 -40.12 -31.79 2.66
N LEU B 266 -40.41 -32.12 1.40
CA LEU B 266 -41.09 -33.37 1.05
C LEU B 266 -40.26 -34.56 1.54
N VAL B 267 -39.00 -34.61 1.12
CA VAL B 267 -38.12 -35.71 1.49
C VAL B 267 -38.10 -35.89 3.00
N ASN B 268 -37.79 -34.83 3.72
CA ASN B 268 -37.74 -34.88 5.20
C ASN B 268 -39.04 -35.39 5.81
N ARG B 269 -40.18 -34.93 5.30
CA ARG B 269 -41.47 -35.33 5.86
C ARG B 269 -41.70 -36.84 5.78
N VAL B 270 -41.24 -37.47 4.69
CA VAL B 270 -41.51 -38.89 4.45
C VAL B 270 -40.38 -39.79 4.92
N GLY B 271 -39.57 -39.29 5.86
CA GLY B 271 -38.55 -40.09 6.51
C GLY B 271 -37.15 -39.95 5.93
N GLY B 272 -37.05 -39.32 4.76
CA GLY B 272 -35.78 -39.16 4.10
C GLY B 272 -34.85 -38.20 4.80
N LYS B 273 -33.63 -38.09 4.30
CA LYS B 273 -32.64 -37.20 4.89
C LYS B 273 -31.69 -36.69 3.81
N PRO B 274 -31.97 -35.47 3.27
CA PRO B 274 -31.26 -34.90 2.12
C PRO B 274 -29.79 -34.62 2.39
N ALA B 275 -28.96 -34.86 1.38
CA ALA B 275 -27.51 -34.66 1.49
C ALA B 275 -27.13 -33.23 1.12
N ASN B 276 -28.01 -32.56 0.36
CA ASN B 276 -27.70 -31.23 -0.11
C ASN B 276 -28.90 -30.45 -0.65
N PHE B 277 -28.69 -29.15 -0.72
CA PHE B 277 -29.50 -28.23 -1.48
C PHE B 277 -28.73 -27.92 -2.77
N LEU B 278 -29.39 -28.05 -3.92
CA LEU B 278 -28.81 -27.58 -5.19
C LEU B 278 -29.87 -26.96 -6.11
N ASP B 279 -29.80 -25.65 -6.26
CA ASP B 279 -30.63 -24.90 -7.22
C ASP B 279 -29.84 -24.65 -8.51
N ILE B 280 -30.27 -25.25 -9.62
CA ILE B 280 -29.55 -25.11 -10.89
C ILE B 280 -29.95 -23.86 -11.65
N GLY B 281 -30.83 -23.05 -11.06
CA GLY B 281 -31.28 -21.84 -11.73
C GLY B 281 -32.61 -22.01 -12.44
N GLY B 282 -33.04 -20.97 -13.15
CA GLY B 282 -34.34 -20.97 -13.79
C GLY B 282 -34.52 -22.05 -14.83
N GLY B 283 -33.57 -22.16 -15.75
CA GLY B 283 -33.67 -23.08 -16.87
C GLY B 283 -33.07 -24.45 -16.57
N ALA B 284 -33.46 -25.43 -17.36
CA ALA B 284 -32.99 -26.81 -17.14
C ALA B 284 -32.74 -27.59 -18.44
N LYS B 285 -31.80 -27.11 -19.24
CA LYS B 285 -31.39 -27.84 -20.45
C LYS B 285 -30.40 -28.97 -20.14
N ALA B 286 -30.06 -29.77 -21.16
CA ALA B 286 -29.23 -30.95 -20.97
C ALA B 286 -27.90 -30.68 -20.25
N ASP B 287 -27.14 -29.71 -20.75
CA ASP B 287 -25.85 -29.38 -20.14
C ASP B 287 -25.97 -29.06 -18.65
N VAL B 288 -26.94 -28.22 -18.31
CA VAL B 288 -27.17 -27.83 -16.93
C VAL B 288 -27.39 -29.04 -16.02
N VAL B 289 -28.31 -29.91 -16.39
CA VAL B 289 -28.57 -31.10 -15.59
C VAL B 289 -27.34 -31.99 -15.49
N TYR B 290 -26.58 -32.12 -16.57
CA TYR B 290 -25.37 -32.93 -16.57
C TYR B 290 -24.35 -32.41 -15.56
N ASN B 291 -24.13 -31.10 -15.58
CA ASN B 291 -23.19 -30.48 -14.67
C ASN B 291 -23.67 -30.62 -13.23
N ALA B 292 -24.96 -30.39 -13.00
CA ALA B 292 -25.55 -30.56 -11.68
C ALA B 292 -25.32 -31.96 -11.14
N LEU B 293 -25.54 -32.98 -11.98
CA LEU B 293 -25.25 -34.35 -11.60
C LEU B 293 -23.79 -34.49 -11.25
N LYS B 294 -22.94 -33.92 -12.10
CA LYS B 294 -21.49 -34.00 -11.90
C LYS B 294 -21.11 -33.51 -10.50
N VAL B 295 -21.60 -32.33 -10.15
CA VAL B 295 -21.32 -31.72 -8.86
C VAL B 295 -21.83 -32.53 -7.66
N VAL B 296 -23.09 -32.97 -7.74
CA VAL B 296 -23.73 -33.69 -6.66
C VAL B 296 -23.07 -35.05 -6.39
N LEU B 297 -22.63 -35.70 -7.45
CA LEU B 297 -22.04 -37.03 -7.32
C LEU B 297 -20.62 -37.03 -6.75
N LYS B 298 -19.96 -35.88 -6.74
CA LYS B 298 -18.65 -35.75 -6.11
C LYS B 298 -18.76 -35.81 -4.59
N ASP B 299 -19.98 -35.98 -4.09
CA ASP B 299 -20.20 -36.08 -2.64
C ASP B 299 -20.37 -37.53 -2.21
N PRO B 300 -19.35 -38.07 -1.53
CA PRO B 300 -19.33 -39.44 -1.02
C PRO B 300 -20.61 -39.85 -0.29
N ASP B 301 -21.20 -38.95 0.47
CA ASP B 301 -22.39 -39.28 1.25
C ASP B 301 -23.62 -39.60 0.42
N VAL B 302 -23.60 -39.23 -0.86
CA VAL B 302 -24.77 -39.41 -1.73
C VAL B 302 -25.03 -40.87 -2.11
N LYS B 303 -26.20 -41.36 -1.72
CA LYS B 303 -26.58 -42.74 -1.99
C LYS B 303 -27.39 -42.83 -3.28
N GLY B 304 -28.09 -41.75 -3.59
CA GLY B 304 -28.90 -41.67 -4.79
C GLY B 304 -29.29 -40.22 -5.04
N VAL B 305 -29.93 -39.94 -6.16
CA VAL B 305 -30.24 -38.57 -6.51
C VAL B 305 -31.70 -38.38 -6.91
N PHE B 306 -32.33 -37.39 -6.27
CA PHE B 306 -33.72 -37.04 -6.56
C PHE B 306 -33.66 -35.74 -7.37
N ILE B 307 -34.03 -35.81 -8.64
CA ILE B 307 -34.10 -34.63 -9.49
C ILE B 307 -35.56 -34.16 -9.58
N ASN B 308 -35.84 -32.94 -9.16
CA ASN B 308 -37.20 -32.43 -9.20
C ASN B 308 -37.26 -31.12 -9.95
N ILE B 309 -37.79 -31.18 -11.16
CA ILE B 309 -37.75 -30.04 -12.10
C ILE B 309 -39.14 -29.70 -12.61
N PHE B 310 -39.43 -28.43 -12.70
CA PHE B 310 -40.67 -27.99 -13.31
C PHE B 310 -40.29 -27.08 -14.46
N GLY B 311 -40.30 -27.60 -15.68
CA GLY B 311 -39.80 -26.89 -16.84
C GLY B 311 -40.82 -26.00 -17.52
N GLY B 312 -42.07 -26.43 -17.52
CA GLY B 312 -43.12 -25.71 -18.23
C GLY B 312 -42.89 -25.66 -19.74
N ILE B 313 -42.16 -24.63 -20.17
CA ILE B 313 -41.78 -24.49 -21.59
C ILE B 313 -40.68 -25.47 -21.98
N THR B 314 -39.67 -25.57 -21.11
CA THR B 314 -38.53 -26.46 -21.34
C THR B 314 -38.97 -27.92 -21.46
N ARG B 315 -38.45 -28.59 -22.49
CA ARG B 315 -38.76 -30.00 -22.75
C ARG B 315 -38.30 -30.89 -21.61
N ALA B 316 -39.02 -31.99 -21.41
CA ALA B 316 -38.63 -32.93 -20.37
C ALA B 316 -37.46 -33.79 -20.84
N ASP B 317 -37.39 -34.03 -22.15
CA ASP B 317 -36.31 -34.84 -22.71
C ASP B 317 -34.96 -34.17 -22.50
N GLU B 318 -34.99 -32.85 -22.29
CA GLU B 318 -33.78 -32.10 -22.02
C GLU B 318 -33.12 -32.63 -20.75
N VAL B 319 -33.93 -32.87 -19.73
CA VAL B 319 -33.44 -33.45 -18.50
C VAL B 319 -32.91 -34.86 -18.73
N ALA B 320 -33.71 -35.70 -19.36
CA ALA B 320 -33.31 -37.08 -19.61
C ALA B 320 -32.00 -37.15 -20.39
N LYS B 321 -31.87 -36.30 -21.40
CA LYS B 321 -30.69 -36.27 -22.26
C LYS B 321 -29.43 -36.01 -21.45
N GLY B 322 -29.54 -35.08 -20.50
CA GLY B 322 -28.44 -34.74 -19.62
C GLY B 322 -28.08 -35.85 -18.65
N VAL B 323 -29.08 -36.53 -18.13
CA VAL B 323 -28.86 -37.67 -17.24
C VAL B 323 -28.26 -38.85 -18.00
N ILE B 324 -28.74 -39.09 -19.21
CA ILE B 324 -28.21 -40.15 -20.08
C ILE B 324 -26.73 -39.94 -20.37
N ARG B 325 -26.39 -38.74 -20.85
CA ARG B 325 -25.00 -38.38 -21.08
C ARG B 325 -24.11 -38.74 -19.89
N ALA B 326 -24.57 -38.34 -18.70
CA ALA B 326 -23.85 -38.62 -17.47
C ALA B 326 -23.68 -40.12 -17.23
N LEU B 327 -24.72 -40.89 -17.50
CA LEU B 327 -24.70 -42.32 -17.24
C LEU B 327 -23.74 -42.99 -18.20
N GLU B 328 -23.77 -42.51 -19.45
CA GLU B 328 -23.03 -43.11 -20.57
C GLU B 328 -21.57 -42.68 -20.57
N GLU B 329 -21.19 -41.93 -19.54
CA GLU B 329 -19.80 -41.55 -19.33
C GLU B 329 -19.25 -42.21 -18.07
N GLY B 330 -20.05 -43.11 -17.49
CA GLY B 330 -19.67 -43.76 -16.25
C GLY B 330 -19.52 -42.80 -15.08
N LEU B 331 -20.27 -41.71 -15.09
CA LEU B 331 -20.32 -40.77 -13.96
C LEU B 331 -21.40 -41.18 -12.97
N LEU B 332 -22.54 -41.58 -13.51
CA LEU B 332 -23.72 -41.91 -12.73
C LEU B 332 -23.69 -43.35 -12.24
N THR B 333 -23.21 -43.55 -11.01
CA THR B 333 -23.12 -44.90 -10.45
C THR B 333 -24.19 -45.20 -9.40
N LYS B 334 -25.03 -44.20 -9.08
CA LYS B 334 -26.09 -44.35 -8.11
C LYS B 334 -27.45 -44.28 -8.81
N PRO B 335 -28.52 -44.71 -8.12
CA PRO B 335 -29.86 -44.64 -8.72
C PRO B 335 -30.37 -43.21 -8.76
N VAL B 336 -31.10 -42.85 -9.80
CA VAL B 336 -31.64 -41.50 -9.96
C VAL B 336 -33.16 -41.49 -10.13
N VAL B 337 -33.85 -40.85 -9.19
CA VAL B 337 -35.30 -40.73 -9.24
C VAL B 337 -35.70 -39.32 -9.69
N MET B 338 -36.57 -39.21 -10.69
CA MET B 338 -36.96 -37.91 -11.24
C MET B 338 -38.44 -37.60 -11.21
N ARG B 339 -38.76 -36.31 -11.04
CA ARG B 339 -40.08 -35.78 -11.37
C ARG B 339 -39.82 -34.62 -12.31
N VAL B 340 -40.12 -34.79 -13.59
CA VAL B 340 -39.86 -33.74 -14.58
C VAL B 340 -41.12 -33.30 -15.33
N ALA B 341 -41.73 -32.22 -14.86
CA ALA B 341 -42.93 -31.65 -15.51
C ALA B 341 -42.53 -30.73 -16.66
N GLY B 342 -43.31 -30.79 -17.74
CA GLY B 342 -43.08 -29.96 -18.91
C GLY B 342 -43.73 -30.50 -20.17
N THR B 343 -43.03 -30.39 -21.29
CA THR B 343 -43.52 -30.86 -22.57
C THR B 343 -42.93 -32.24 -22.90
N ALA B 344 -43.68 -33.02 -23.68
CA ALA B 344 -43.19 -34.31 -24.16
C ALA B 344 -42.58 -35.15 -23.05
N GLU B 345 -43.35 -35.42 -22.02
CA GLU B 345 -42.86 -36.24 -20.91
C GLU B 345 -42.82 -37.72 -21.30
N GLU B 346 -43.66 -38.10 -22.26
CA GLU B 346 -43.70 -39.48 -22.73
C GLU B 346 -42.45 -39.82 -23.54
N GLU B 347 -42.07 -38.89 -24.41
CA GLU B 347 -40.87 -39.03 -25.23
C GLU B 347 -39.66 -39.15 -24.34
N ALA B 348 -39.74 -38.50 -23.18
CA ALA B 348 -38.67 -38.54 -22.19
C ALA B 348 -38.63 -39.88 -21.47
N LYS B 349 -39.80 -40.43 -21.15
CA LYS B 349 -39.89 -41.76 -20.54
C LYS B 349 -39.21 -42.79 -21.44
N LYS B 350 -39.63 -42.82 -22.70
CA LYS B 350 -39.09 -43.75 -23.70
C LYS B 350 -37.57 -43.75 -23.71
N LEU B 351 -36.99 -42.59 -23.42
CA LEU B 351 -35.54 -42.40 -23.47
C LEU B 351 -34.85 -43.13 -22.31
N LEU B 352 -35.57 -43.30 -21.21
CA LEU B 352 -35.01 -43.84 -19.98
C LEU B 352 -35.39 -45.30 -19.78
N GLU B 353 -35.71 -45.98 -20.87
CA GLU B 353 -35.93 -47.41 -20.82
C GLU B 353 -34.59 -48.09 -20.67
N GLY B 354 -34.52 -49.07 -19.77
CA GLY B 354 -33.30 -49.84 -19.58
C GLY B 354 -32.19 -49.08 -18.89
N LYS B 355 -32.50 -47.85 -18.49
CA LYS B 355 -31.57 -47.05 -17.70
C LYS B 355 -32.07 -46.96 -16.26
N PRO B 356 -31.16 -47.12 -15.29
CA PRO B 356 -31.46 -47.03 -13.86
C PRO B 356 -31.87 -45.61 -13.48
N VAL B 357 -32.78 -45.05 -14.27
CA VAL B 357 -33.27 -43.69 -14.08
C VAL B 357 -34.78 -43.72 -14.24
N TYR B 358 -35.51 -43.54 -13.12
CA TYR B 358 -36.95 -43.74 -13.11
C TYR B 358 -37.73 -42.46 -12.87
N MET B 359 -38.72 -42.22 -13.73
CA MET B 359 -39.61 -41.06 -13.61
C MET B 359 -40.92 -41.38 -12.89
N TYR B 360 -41.53 -40.34 -12.35
CA TYR B 360 -42.85 -40.43 -11.75
C TYR B 360 -43.61 -39.17 -12.10
N PRO B 361 -44.94 -39.23 -12.05
CA PRO B 361 -45.72 -38.03 -12.40
C PRO B 361 -45.83 -37.03 -11.23
N THR B 362 -45.67 -37.54 -10.01
CA THR B 362 -45.86 -36.74 -8.80
C THR B 362 -44.56 -36.65 -7.98
N SER B 363 -44.36 -35.51 -7.32
CA SER B 363 -43.14 -35.27 -6.53
C SER B 363 -43.10 -36.09 -5.25
N ILE B 364 -44.23 -36.17 -4.55
CA ILE B 364 -44.30 -36.92 -3.30
C ILE B 364 -43.97 -38.39 -3.53
N GLU B 365 -44.42 -38.93 -4.67
CA GLU B 365 -44.14 -40.31 -5.02
C GLU B 365 -42.63 -40.51 -5.19
N ALA B 366 -42.02 -39.73 -6.07
CA ALA B 366 -40.59 -39.76 -6.26
C ALA B 366 -39.86 -39.62 -4.93
N ALA B 367 -40.34 -38.73 -4.08
CA ALA B 367 -39.72 -38.50 -2.77
C ALA B 367 -39.71 -39.78 -1.93
N LYS B 368 -40.85 -40.46 -1.87
CA LYS B 368 -40.95 -41.70 -1.11
C LYS B 368 -39.98 -42.75 -1.65
N VAL B 369 -39.98 -42.94 -2.97
CA VAL B 369 -39.08 -43.90 -3.62
C VAL B 369 -37.65 -43.78 -3.11
N THR B 370 -37.10 -42.56 -3.11
CA THR B 370 -35.70 -42.38 -2.75
C THR B 370 -35.40 -42.60 -1.29
N VAL B 371 -36.40 -42.38 -0.44
CA VAL B 371 -36.17 -42.48 1.00
C VAL B 371 -35.96 -43.95 1.39
N ALA B 372 -36.76 -44.82 0.79
CA ALA B 372 -36.78 -46.24 1.10
C ALA B 372 -35.60 -47.00 0.49
N MET B 373 -35.08 -46.53 -0.63
CA MET B 373 -34.00 -47.24 -1.33
C MET B 373 -32.68 -47.30 -0.57
N LYS B 374 -32.05 -48.45 -0.58
CA LYS B 374 -30.64 -48.54 -0.22
C LYS B 374 -29.90 -48.06 -1.44
N GLY B 375 -29.04 -47.06 -1.26
CA GLY B 375 -28.32 -46.50 -2.38
C GLY B 375 -27.09 -47.32 -2.69
N GLY B 376 -25.98 -46.62 -2.88
CA GLY B 376 -24.70 -47.24 -3.16
C GLY B 376 -24.51 -47.42 -4.66
N ALA B 377 -23.26 -47.60 -5.07
CA ALA B 377 -22.94 -47.84 -6.47
C ALA B 377 -23.68 -49.11 -6.93
N ALA B 378 -24.17 -49.11 -8.17
CA ALA B 378 -24.93 -50.23 -8.73
C ALA B 378 -24.03 -51.30 -9.34
N MET C 1 -35.43 43.96 18.97
CA MET C 1 -34.56 42.77 18.96
C MET C 1 -35.15 41.69 18.09
N ILE C 2 -34.31 40.75 17.64
CA ILE C 2 -34.76 39.55 16.96
C ILE C 2 -34.05 38.33 17.54
N LEU C 3 -34.71 37.18 17.41
CA LEU C 3 -34.12 35.87 17.73
C LEU C 3 -33.86 35.57 19.21
N VAL C 4 -33.20 36.49 19.91
CA VAL C 4 -32.83 36.24 21.30
C VAL C 4 -33.02 37.48 22.15
N ASN C 5 -33.31 37.27 23.43
CA ASN C 5 -33.46 38.37 24.38
C ASN C 5 -33.12 37.86 25.75
N LYS C 6 -33.40 38.61 26.81
CA LYS C 6 -32.94 38.23 28.14
C LYS C 6 -33.49 36.90 28.64
N GLU C 7 -34.59 36.45 28.04
CA GLU C 7 -35.25 35.21 28.47
C GLU C 7 -34.66 33.97 27.79
N THR C 8 -33.82 34.19 26.79
CA THR C 8 -33.23 33.10 26.02
C THR C 8 -32.34 32.25 26.91
N ARG C 9 -32.65 30.97 27.00
CA ARG C 9 -31.90 30.07 27.86
C ARG C 9 -30.85 29.32 27.07
N VAL C 10 -29.58 29.44 27.46
CA VAL C 10 -28.47 29.04 26.59
C VAL C 10 -27.70 27.80 27.02
N LEU C 11 -27.46 26.90 26.08
CA LEU C 11 -26.58 25.77 26.34
C LEU C 11 -25.22 26.06 25.68
N VAL C 12 -24.12 25.72 26.36
CA VAL C 12 -22.81 25.86 25.74
C VAL C 12 -22.17 24.52 25.43
N GLN C 13 -21.93 24.22 24.17
CA GLN C 13 -21.24 22.99 23.82
C GLN C 13 -19.76 23.31 23.71
N GLY C 14 -18.93 22.45 24.31
CA GLY C 14 -17.50 22.70 24.40
C GLY C 14 -17.16 23.61 25.58
N ILE C 15 -18.00 23.57 26.60
CA ILE C 15 -17.88 24.45 27.75
C ILE C 15 -16.57 24.27 28.55
N THR C 16 -16.00 23.07 28.51
CA THR C 16 -14.83 22.79 29.33
C THR C 16 -13.54 23.24 28.64
N GLY C 17 -13.62 23.48 27.34
CA GLY C 17 -12.46 23.91 26.59
C GLY C 17 -12.03 25.31 27.02
N ARG C 18 -10.81 25.69 26.69
CA ARG C 18 -10.30 26.98 27.11
C ARG C 18 -11.16 28.15 26.56
N GLU C 19 -11.52 28.12 25.26
CA GLU C 19 -12.42 29.12 24.64
C GLU C 19 -13.83 29.10 25.28
N GLY C 20 -14.42 27.92 25.34
CA GLY C 20 -15.73 27.79 25.88
C GLY C 20 -15.79 28.34 27.28
N GLN C 21 -14.78 28.04 28.09
CA GLN C 21 -14.82 28.42 29.49
C GLN C 21 -14.60 29.93 29.62
N PHE C 22 -13.71 30.47 28.79
CA PHE C 22 -13.45 31.90 28.80
C PHE C 22 -14.71 32.68 28.46
N HIS C 23 -15.35 32.33 27.35
CA HIS C 23 -16.54 33.07 26.92
C HIS C 23 -17.77 32.75 27.75
N THR C 24 -17.84 31.55 28.33
CA THR C 24 -18.94 31.28 29.25
C THR C 24 -18.89 32.28 30.40
N LYS C 25 -17.70 32.54 30.93
CA LYS C 25 -17.54 33.51 32.02
C LYS C 25 -18.01 34.90 31.56
N GLN C 26 -17.55 35.32 30.39
CA GLN C 26 -17.93 36.62 29.85
C GLN C 26 -19.43 36.73 29.69
N MET C 27 -20.04 35.73 29.07
CA MET C 27 -21.48 35.71 28.89
C MET C 27 -22.21 35.78 30.25
N LEU C 28 -21.73 35.02 31.23
CA LEU C 28 -22.35 35.06 32.57
C LEU C 28 -22.31 36.48 33.15
N SER C 29 -21.17 37.16 33.01
CA SER C 29 -21.05 38.54 33.51
C SER C 29 -22.02 39.47 32.80
N TYR C 30 -22.29 39.19 31.53
CA TYR C 30 -23.14 40.08 30.75
C TYR C 30 -24.62 39.93 31.15
N GLY C 31 -24.96 38.77 31.72
CA GLY C 31 -26.33 38.50 32.10
C GLY C 31 -26.97 37.38 31.28
N THR C 32 -26.23 36.83 30.33
CA THR C 32 -26.76 35.74 29.52
C THR C 32 -27.14 34.59 30.43
N LYS C 33 -28.24 33.94 30.12
CA LYS C 33 -28.69 32.81 30.93
C LYS C 33 -28.11 31.48 30.44
N ILE C 34 -26.89 31.20 30.85
CA ILE C 34 -26.29 29.91 30.58
C ILE C 34 -26.86 28.92 31.58
N VAL C 35 -27.59 27.92 31.12
CA VAL C 35 -28.21 26.99 32.04
C VAL C 35 -27.55 25.62 32.05
N ALA C 36 -26.75 25.33 31.04
CA ALA C 36 -26.15 24.00 30.95
C ALA C 36 -25.00 23.95 29.97
N GLY C 37 -24.14 22.93 30.11
CA GLY C 37 -22.99 22.74 29.23
C GLY C 37 -22.89 21.31 28.74
N VAL C 38 -22.23 21.10 27.60
CA VAL C 38 -22.05 19.76 27.06
C VAL C 38 -20.60 19.57 26.62
N THR C 39 -19.97 18.50 27.10
CA THR C 39 -18.69 18.06 26.58
C THR C 39 -18.61 16.54 26.73
N PRO C 40 -18.58 15.79 25.63
CA PRO C 40 -18.51 14.33 25.77
C PRO C 40 -17.26 13.95 26.57
N GLY C 41 -17.46 13.16 27.63
CA GLY C 41 -16.33 12.75 28.45
C GLY C 41 -16.25 13.51 29.76
N LYS C 42 -17.00 14.60 29.86
CA LYS C 42 -16.93 15.43 31.05
C LYS C 42 -18.29 15.60 31.72
N GLY C 43 -19.23 14.72 31.39
CA GLY C 43 -20.54 14.79 31.99
C GLY C 43 -20.42 14.56 33.48
N GLY C 44 -21.19 15.31 34.27
CA GLY C 44 -21.16 15.18 35.71
C GLY C 44 -20.25 16.22 36.34
N MET C 45 -19.55 16.96 35.51
CA MET C 45 -18.67 17.98 36.05
C MET C 45 -19.38 19.29 35.99
N GLU C 46 -18.66 20.34 36.39
CA GLU C 46 -19.26 21.65 36.54
C GLU C 46 -18.25 22.69 36.08
N VAL C 47 -18.72 23.73 35.43
CA VAL C 47 -17.85 24.80 34.96
C VAL C 47 -18.49 26.12 35.30
N LEU C 48 -17.83 26.92 36.12
CA LEU C 48 -18.38 28.23 36.51
C LEU C 48 -19.83 28.13 37.01
N GLY C 49 -20.12 27.06 37.76
CA GLY C 49 -21.44 26.86 38.32
C GLY C 49 -22.45 26.21 37.36
N VAL C 50 -22.01 25.95 36.13
CA VAL C 50 -22.90 25.40 35.11
C VAL C 50 -22.73 23.90 35.01
N PRO C 51 -23.83 23.12 35.15
CA PRO C 51 -23.68 21.66 35.07
C PRO C 51 -23.30 21.21 33.67
N VAL C 52 -22.45 20.20 33.58
CA VAL C 52 -21.98 19.70 32.29
C VAL C 52 -22.52 18.30 32.02
N TYR C 53 -22.95 18.05 30.79
CA TYR C 53 -23.50 16.75 30.39
C TYR C 53 -22.68 16.18 29.24
N ASP C 54 -22.76 14.86 29.03
CA ASP C 54 -22.05 14.20 27.92
C ASP C 54 -22.69 14.49 26.56
N THR C 55 -23.99 14.64 26.54
CA THR C 55 -24.71 14.83 25.30
C THR C 55 -25.76 15.94 25.42
N VAL C 56 -26.15 16.53 24.29
CA VAL C 56 -27.12 17.60 24.29
C VAL C 56 -28.47 17.09 24.79
N LYS C 57 -28.82 15.88 24.37
CA LYS C 57 -30.06 15.27 24.82
C LYS C 57 -30.16 15.15 26.34
N GLU C 58 -29.09 14.73 27.02
CA GLU C 58 -29.15 14.70 28.49
C GLU C 58 -29.36 16.13 28.99
N ALA C 59 -28.64 17.06 28.39
CA ALA C 59 -28.70 18.43 28.86
C ALA C 59 -30.14 18.90 28.79
N VAL C 60 -30.76 18.83 27.62
CA VAL C 60 -32.13 19.31 27.53
C VAL C 60 -33.15 18.47 28.31
N ALA C 61 -32.75 17.29 28.79
CA ALA C 61 -33.66 16.50 29.62
C ALA C 61 -33.74 17.05 31.05
N HIS C 62 -32.78 17.88 31.43
CA HIS C 62 -32.74 18.47 32.76
C HIS C 62 -32.91 19.99 32.70
N HIS C 63 -32.81 20.56 31.50
CA HIS C 63 -32.92 22.01 31.36
C HIS C 63 -33.62 22.43 30.09
N GLU C 64 -34.55 23.37 30.20
CA GLU C 64 -35.13 23.96 29.01
C GLU C 64 -34.07 24.85 28.36
N VAL C 65 -33.93 24.71 27.05
CA VAL C 65 -32.89 25.40 26.30
C VAL C 65 -33.46 25.96 24.98
N ASP C 66 -33.23 27.24 24.72
CA ASP C 66 -33.73 27.90 23.50
C ASP C 66 -32.63 28.13 22.48
N ALA C 67 -31.38 28.02 22.92
CA ALA C 67 -30.24 28.21 22.02
C ALA C 67 -29.00 27.53 22.53
N SER C 68 -28.15 27.13 21.59
CA SER C 68 -26.88 26.49 21.90
C SER C 68 -25.78 27.25 21.18
N ILE C 69 -24.66 27.46 21.87
CA ILE C 69 -23.51 28.09 21.27
C ILE C 69 -22.37 27.09 21.29
N ILE C 70 -21.71 26.89 20.15
CA ILE C 70 -20.76 25.78 20.01
C ILE C 70 -19.31 26.23 19.91
N PHE C 71 -18.49 25.75 20.84
CA PHE C 71 -17.05 26.06 20.89
C PHE C 71 -16.17 24.85 20.64
N VAL C 72 -16.77 23.77 20.14
CA VAL C 72 -16.07 22.53 19.86
C VAL C 72 -15.05 22.71 18.72
N PRO C 73 -13.89 22.05 18.83
CA PRO C 73 -12.83 22.17 17.81
C PRO C 73 -13.28 21.76 16.39
N ALA C 74 -12.66 22.39 15.40
CA ALA C 74 -13.07 22.26 14.02
C ALA C 74 -13.36 20.84 13.54
N PRO C 75 -12.51 19.87 13.92
CA PRO C 75 -12.81 18.53 13.37
C PRO C 75 -14.13 17.95 13.89
N ALA C 76 -14.65 18.48 14.99
CA ALA C 76 -15.83 17.89 15.58
C ALA C 76 -17.02 18.83 15.57
N ALA C 77 -16.80 20.04 15.09
CA ALA C 77 -17.80 21.08 15.26
C ALA C 77 -19.10 20.87 14.49
N ALA C 78 -18.99 20.39 13.24
CA ALA C 78 -20.19 20.13 12.41
C ALA C 78 -21.05 19.06 13.06
N ASP C 79 -20.39 18.01 13.51
CA ASP C 79 -21.04 16.95 14.28
C ASP C 79 -21.77 17.53 15.52
N ALA C 80 -21.17 18.52 16.17
CA ALA C 80 -21.81 19.07 17.35
C ALA C 80 -23.06 19.84 16.96
N ALA C 81 -23.00 20.56 15.83
CA ALA C 81 -24.16 21.28 15.36
C ALA C 81 -25.29 20.30 15.00
N LEU C 82 -24.94 19.21 14.33
CA LEU C 82 -25.95 18.19 14.03
C LEU C 82 -26.61 17.68 15.29
N GLU C 83 -25.82 17.44 16.32
CA GLU C 83 -26.31 16.87 17.56
C GLU C 83 -27.35 17.82 18.19
N ALA C 84 -27.06 19.12 18.16
CA ALA C 84 -27.97 20.11 18.71
C ALA C 84 -29.26 20.15 17.91
N ALA C 85 -29.17 20.16 16.59
CA ALA C 85 -30.38 20.20 15.77
C ALA C 85 -31.23 18.95 16.02
N HIS C 86 -30.59 17.79 16.08
CA HIS C 86 -31.31 16.55 16.38
C HIS C 86 -31.89 16.48 17.79
N ALA C 87 -31.44 17.33 18.69
CA ALA C 87 -32.00 17.38 20.04
C ALA C 87 -33.14 18.39 20.09
N GLY C 88 -33.42 19.03 18.96
CA GLY C 88 -34.56 19.93 18.87
C GLY C 88 -34.29 21.39 19.25
N ILE C 89 -33.01 21.73 19.39
CA ILE C 89 -32.66 23.11 19.72
C ILE C 89 -32.91 24.08 18.54
N PRO C 90 -33.75 25.11 18.73
CA PRO C 90 -34.20 25.95 17.61
C PRO C 90 -33.12 26.86 17.05
N LEU C 91 -32.22 27.33 17.90
CA LEU C 91 -31.19 28.28 17.45
C LEU C 91 -29.82 27.78 17.84
N ILE C 92 -28.96 27.63 16.85
CA ILE C 92 -27.63 27.06 17.05
C ILE C 92 -26.57 28.05 16.58
N VAL C 93 -25.67 28.46 17.46
CA VAL C 93 -24.65 29.43 17.10
C VAL C 93 -23.29 28.75 17.03
N LEU C 94 -22.73 28.64 15.83
CA LEU C 94 -21.50 27.89 15.62
C LEU C 94 -20.34 28.87 15.46
N ILE C 95 -19.52 28.95 16.51
CA ILE C 95 -18.43 29.92 16.57
C ILE C 95 -17.19 29.45 15.80
N THR C 96 -16.95 28.15 15.86
CA THR C 96 -15.66 27.57 15.50
C THR C 96 -15.19 27.86 14.10
N GLU C 97 -13.95 28.32 13.98
CA GLU C 97 -13.34 28.55 12.68
C GLU C 97 -12.59 27.32 12.20
N GLY C 98 -12.45 27.16 10.90
CA GLY C 98 -11.65 26.08 10.33
C GLY C 98 -12.38 24.77 10.05
N ILE C 99 -13.70 24.81 10.01
CA ILE C 99 -14.46 23.60 9.71
C ILE C 99 -14.41 23.31 8.21
N PRO C 100 -14.17 22.04 7.84
CA PRO C 100 -14.09 21.71 6.42
C PRO C 100 -15.36 22.11 5.66
N THR C 101 -15.20 22.77 4.53
CA THR C 101 -16.34 23.23 3.73
C THR C 101 -17.40 22.15 3.51
N LEU C 102 -16.96 20.95 3.15
CA LEU C 102 -17.88 19.87 2.82
C LEU C 102 -18.65 19.35 4.05
N ASP C 103 -18.03 19.42 5.23
CA ASP C 103 -18.72 19.16 6.48
C ASP C 103 -19.92 20.09 6.61
N MET C 104 -19.75 21.35 6.23
CA MET C 104 -20.84 22.33 6.33
C MET C 104 -21.87 22.20 5.20
N VAL C 105 -21.42 21.87 3.98
CA VAL C 105 -22.36 21.62 2.89
C VAL C 105 -23.37 20.54 3.32
N ARG C 106 -22.85 19.50 3.94
CA ARG C 106 -23.65 18.40 4.42
C ARG C 106 -24.52 18.84 5.60
N ALA C 107 -23.92 19.49 6.60
CA ALA C 107 -24.63 19.78 7.85
C ALA C 107 -25.68 20.86 7.70
N VAL C 108 -25.38 21.89 6.93
CA VAL C 108 -26.35 22.98 6.71
C VAL C 108 -27.63 22.41 6.13
N GLU C 109 -27.49 21.51 5.16
CA GLU C 109 -28.64 20.90 4.51
C GLU C 109 -29.49 20.15 5.52
N GLU C 110 -28.85 19.36 6.37
CA GLU C 110 -29.55 18.51 7.34
C GLU C 110 -30.22 19.32 8.47
N ILE C 111 -29.47 20.27 9.02
CA ILE C 111 -29.95 21.13 10.11
C ILE C 111 -31.18 21.95 9.68
N LYS C 112 -31.13 22.52 8.47
CA LYS C 112 -32.24 23.31 7.97
C LYS C 112 -33.49 22.45 7.79
N ALA C 113 -33.31 21.27 7.20
CA ALA C 113 -34.45 20.37 7.01
C ALA C 113 -35.10 19.96 8.32
N LEU C 114 -34.36 20.09 9.43
CA LEU C 114 -34.86 19.71 10.74
C LEU C 114 -35.60 20.85 11.42
N GLY C 115 -35.48 22.06 10.86
CA GLY C 115 -36.19 23.20 11.42
C GLY C 115 -35.41 24.10 12.38
N SER C 116 -34.14 23.77 12.62
CA SER C 116 -33.28 24.63 13.44
C SER C 116 -32.68 25.75 12.60
N ARG C 117 -32.48 26.92 13.19
CA ARG C 117 -31.73 27.96 12.51
C ARG C 117 -30.26 27.89 12.94
N LEU C 118 -29.34 27.77 11.98
CA LEU C 118 -27.90 27.74 12.26
C LEU C 118 -27.25 29.08 11.92
N ILE C 119 -26.55 29.67 12.88
CA ILE C 119 -25.73 30.85 12.59
C ILE C 119 -24.25 30.45 12.68
N GLY C 120 -23.47 30.68 11.62
CA GLY C 120 -22.07 30.28 11.57
C GLY C 120 -21.88 29.27 10.46
N GLY C 121 -20.72 28.60 10.38
CA GLY C 121 -19.64 28.74 11.35
C GLY C 121 -18.71 29.93 11.16
N ASN C 122 -17.58 29.89 11.85
CA ASN C 122 -16.59 30.97 11.77
C ASN C 122 -17.22 32.34 11.97
N CYS C 123 -17.92 32.49 13.11
CA CYS C 123 -18.67 33.72 13.38
C CYS C 123 -18.55 34.13 14.86
N PRO C 124 -18.77 35.42 15.16
CA PRO C 124 -18.70 35.93 16.54
C PRO C 124 -20.00 35.75 17.33
N GLY C 125 -21.08 35.34 16.66
CA GLY C 125 -22.32 35.06 17.38
C GLY C 125 -23.41 36.12 17.22
N ILE C 126 -24.27 36.21 18.23
CA ILE C 126 -25.38 37.11 18.18
C ILE C 126 -25.57 37.84 19.52
N ILE C 127 -25.80 39.14 19.46
CA ILE C 127 -26.06 39.89 20.66
C ILE C 127 -27.30 40.78 20.51
N SER C 128 -28.13 40.81 21.55
CA SER C 128 -29.24 41.76 21.62
C SER C 128 -28.90 42.73 22.71
N ALA C 129 -28.55 43.95 22.32
CA ALA C 129 -28.04 44.96 23.23
C ALA C 129 -28.80 45.05 24.54
N GLU C 130 -28.05 44.87 25.64
CA GLU C 130 -28.57 44.99 27.02
C GLU C 130 -29.63 43.96 27.36
N GLU C 131 -29.68 42.87 26.59
CA GLU C 131 -30.61 41.79 26.82
C GLU C 131 -29.87 40.47 27.01
N THR C 132 -29.07 40.09 26.01
CA THR C 132 -28.35 38.82 26.11
C THR C 132 -27.21 38.73 25.12
N LYS C 133 -26.12 38.12 25.53
CA LYS C 133 -24.95 37.96 24.68
C LYS C 133 -24.68 36.48 24.42
N ILE C 134 -24.75 36.07 23.16
CA ILE C 134 -24.54 34.67 22.82
C ILE C 134 -23.45 34.63 21.75
N GLY C 135 -22.20 34.73 22.21
CA GLY C 135 -21.07 34.87 21.33
C GLY C 135 -19.83 35.41 22.02
N ILE C 136 -18.89 35.89 21.21
CA ILE C 136 -17.57 36.25 21.71
C ILE C 136 -17.32 37.74 21.58
N MET C 137 -18.33 38.50 21.21
CA MET C 137 -18.16 39.94 21.02
C MET C 137 -18.09 40.67 22.37
N PRO C 138 -17.35 41.79 22.40
CA PRO C 138 -17.27 42.63 23.61
C PRO C 138 -18.59 43.40 23.82
N GLY C 139 -19.22 43.19 24.98
CA GLY C 139 -20.55 43.72 25.23
C GLY C 139 -20.61 45.22 25.27
N HIS C 140 -19.50 45.85 25.61
CA HIS C 140 -19.46 47.27 25.94
C HIS C 140 -19.66 48.17 24.72
N VAL C 141 -19.46 47.64 23.52
CA VAL C 141 -19.60 48.48 22.34
C VAL C 141 -21.02 48.46 21.80
N PHE C 142 -21.92 47.73 22.44
CA PHE C 142 -23.30 47.61 21.95
C PHE C 142 -24.31 48.31 22.87
N LYS C 143 -24.41 49.64 22.75
CA LYS C 143 -25.37 50.36 23.54
C LYS C 143 -26.73 50.06 22.92
N ARG C 144 -27.77 49.89 23.74
CA ARG C 144 -29.11 49.63 23.20
C ARG C 144 -29.70 50.86 22.49
N GLY C 145 -30.21 50.66 21.28
CA GLY C 145 -30.67 51.75 20.44
C GLY C 145 -31.55 51.30 19.29
N ARG C 146 -31.25 51.81 18.09
CA ARG C 146 -32.21 51.81 16.99
C ARG C 146 -31.76 51.03 15.74
N VAL C 147 -30.50 50.63 15.70
CA VAL C 147 -29.94 50.05 14.48
C VAL C 147 -29.61 48.54 14.56
N GLY C 148 -30.16 47.75 13.64
CA GLY C 148 -29.79 46.34 13.55
C GLY C 148 -28.58 46.11 12.66
N ILE C 149 -27.75 45.13 12.99
CA ILE C 149 -26.52 44.87 12.23
C ILE C 149 -26.38 43.41 11.78
N ILE C 150 -25.99 43.21 10.52
CA ILE C 150 -25.67 41.88 10.04
C ILE C 150 -24.28 41.92 9.39
N SER C 151 -23.36 41.08 9.84
CA SER C 151 -21.98 41.21 9.36
C SER C 151 -21.31 39.89 9.04
N ARG C 152 -20.48 39.89 8.02
CA ARG C 152 -19.64 38.72 7.72
C ARG C 152 -18.32 38.76 8.49
N SER C 153 -18.10 39.80 9.28
CA SER C 153 -16.87 39.87 10.06
C SER C 153 -17.12 40.20 11.53
N GLY C 154 -16.03 40.19 12.30
CA GLY C 154 -16.09 40.30 13.75
C GLY C 154 -15.66 41.67 14.22
N THR C 155 -14.36 41.86 14.39
CA THR C 155 -13.82 43.11 14.91
C THR C 155 -14.35 44.31 14.15
N LEU C 156 -14.41 44.22 12.82
CA LEU C 156 -14.95 45.33 12.04
C LEU C 156 -16.37 45.65 12.54
N THR C 157 -17.14 44.62 12.86
CA THR C 157 -18.50 44.82 13.34
C THR C 157 -18.52 45.59 14.64
N TYR C 158 -17.58 45.25 15.52
CA TYR C 158 -17.51 45.85 16.85
C TYR C 158 -17.21 47.34 16.73
N GLU C 159 -16.41 47.69 15.72
CA GLU C 159 -16.04 49.07 15.52
C GLU C 159 -17.23 49.87 15.05
N ALA C 160 -17.98 49.31 14.12
CA ALA C 160 -19.21 49.96 13.64
C ALA C 160 -20.19 50.18 14.80
N ALA C 161 -20.39 49.16 15.61
CA ALA C 161 -21.32 49.27 16.72
C ALA C 161 -20.84 50.28 17.76
N ALA C 162 -19.54 50.40 17.93
CA ALA C 162 -19.00 51.36 18.88
C ALA C 162 -19.26 52.76 18.38
N ALA C 163 -19.15 52.94 17.06
CA ALA C 163 -19.37 54.23 16.44
C ALA C 163 -20.85 54.59 16.49
N LEU C 164 -21.69 53.61 16.21
CA LEU C 164 -23.12 53.82 16.21
C LEU C 164 -23.57 54.17 17.61
N SER C 165 -22.88 53.60 18.59
CA SER C 165 -23.26 53.78 20.00
C SER C 165 -22.83 55.15 20.50
N GLN C 166 -21.62 55.56 20.11
CA GLN C 166 -21.08 56.87 20.46
C GLN C 166 -21.89 58.00 19.82
N ALA C 167 -22.49 57.73 18.66
CA ALA C 167 -23.31 58.72 17.96
C ALA C 167 -24.76 58.80 18.49
N GLY C 168 -25.03 58.09 19.57
CA GLY C 168 -26.36 58.06 20.14
C GLY C 168 -27.40 57.28 19.35
N LEU C 169 -26.99 56.61 18.27
CA LEU C 169 -27.94 55.79 17.47
C LEU C 169 -28.23 54.45 18.15
N GLY C 170 -27.18 53.76 18.60
CA GLY C 170 -27.33 52.52 19.33
C GLY C 170 -27.69 51.36 18.42
N THR C 171 -27.87 50.18 19.01
CA THR C 171 -28.07 48.99 18.21
C THR C 171 -29.18 48.15 18.82
N THR C 172 -29.78 47.30 18.00
CA THR C 172 -30.76 46.36 18.50
C THR C 172 -30.11 44.98 18.61
N THR C 173 -30.28 44.15 17.59
CA THR C 173 -29.59 42.88 17.56
C THR C 173 -28.50 42.95 16.52
N THR C 174 -27.32 42.46 16.89
CA THR C 174 -26.21 42.35 15.95
C THR C 174 -25.95 40.89 15.68
N VAL C 175 -25.90 40.48 14.41
CA VAL C 175 -25.62 39.10 14.13
C VAL C 175 -24.39 38.96 13.28
N GLY C 176 -23.37 38.28 13.80
CA GLY C 176 -22.21 37.94 12.99
C GLY C 176 -22.52 36.64 12.28
N ILE C 177 -22.74 36.65 10.96
CA ILE C 177 -23.16 35.43 10.27
C ILE C 177 -22.00 34.55 9.80
N GLY C 178 -20.77 35.03 9.94
CA GLY C 178 -19.60 34.19 9.72
C GLY C 178 -18.75 34.52 8.50
N GLY C 179 -17.50 34.05 8.52
CA GLY C 179 -16.59 34.29 7.41
C GLY C 179 -16.39 33.09 6.50
N ASP C 180 -17.26 32.10 6.60
CA ASP C 180 -17.15 30.90 5.78
C ASP C 180 -17.88 31.03 4.44
N PRO C 181 -17.56 30.14 3.50
CA PRO C 181 -18.23 30.15 2.19
C PRO C 181 -19.61 29.46 2.24
N VAL C 182 -19.79 28.54 3.17
CA VAL C 182 -21.08 27.90 3.34
C VAL C 182 -21.50 28.13 4.78
N ILE C 183 -22.55 28.91 4.95
CA ILE C 183 -23.02 29.28 6.27
C ILE C 183 -24.50 28.99 6.43
N GLY C 184 -24.96 28.99 7.68
CA GLY C 184 -26.32 28.59 8.00
C GLY C 184 -27.33 29.68 7.74
N THR C 185 -26.92 30.93 7.92
CA THR C 185 -27.82 32.08 7.86
C THR C 185 -27.19 33.22 7.09
N THR C 186 -27.89 33.68 6.07
CA THR C 186 -27.40 34.76 5.20
C THR C 186 -28.08 36.09 5.55
N PHE C 187 -27.64 37.17 4.90
CA PHE C 187 -28.31 38.48 5.04
C PHE C 187 -29.82 38.38 4.75
N LYS C 188 -30.15 37.80 3.62
CA LYS C 188 -31.52 37.70 3.18
C LYS C 188 -32.39 36.90 4.17
N ASP C 189 -31.81 35.98 4.93
CA ASP C 189 -32.57 35.20 5.92
C ASP C 189 -32.98 36.07 7.08
N LEU C 190 -32.11 37.00 7.47
CA LEU C 190 -32.34 37.81 8.66
C LEU C 190 -33.11 39.12 8.36
N LEU C 191 -32.99 39.61 7.14
CA LEU C 191 -33.64 40.86 6.77
C LEU C 191 -35.15 40.90 7.07
N PRO C 192 -35.91 39.83 6.71
CA PRO C 192 -37.35 39.87 7.03
C PRO C 192 -37.57 39.99 8.54
N LEU C 193 -36.67 39.42 9.34
CA LEU C 193 -36.85 39.46 10.79
C LEU C 193 -36.69 40.89 11.28
N PHE C 194 -35.62 41.55 10.84
CA PHE C 194 -35.41 42.96 11.19
C PHE C 194 -36.55 43.83 10.67
N ASN C 195 -37.03 43.54 9.46
CA ASN C 195 -38.07 44.33 8.82
C ASN C 195 -39.31 44.40 9.69
N GLU C 196 -39.60 43.30 10.38
CA GLU C 196 -40.80 43.22 11.21
C GLU C 196 -40.56 43.51 12.70
N ASP C 197 -39.36 43.96 13.04
CA ASP C 197 -39.09 44.36 14.42
C ASP C 197 -39.19 45.87 14.54
N PRO C 198 -40.24 46.36 15.23
CA PRO C 198 -40.44 47.81 15.32
C PRO C 198 -39.30 48.55 16.04
N GLU C 199 -38.56 47.86 16.90
CA GLU C 199 -37.46 48.51 17.61
C GLU C 199 -36.25 48.76 16.70
N THR C 200 -36.22 48.08 15.56
CA THR C 200 -35.17 48.30 14.56
C THR C 200 -35.63 49.30 13.48
N GLU C 201 -35.01 50.47 13.46
CA GLU C 201 -35.40 51.51 12.52
C GLU C 201 -34.52 51.57 11.28
N ALA C 202 -33.35 50.94 11.37
CA ALA C 202 -32.41 50.90 10.25
C ALA C 202 -31.58 49.63 10.36
N VAL C 203 -31.08 49.14 9.23
CA VAL C 203 -30.22 47.96 9.25
C VAL C 203 -28.94 48.23 8.48
N VAL C 204 -27.80 47.91 9.08
CA VAL C 204 -26.50 48.03 8.43
C VAL C 204 -26.02 46.66 7.98
N LEU C 205 -25.73 46.51 6.70
CA LEU C 205 -25.15 45.27 6.14
C LEU C 205 -23.64 45.41 5.92
N ILE C 206 -22.86 44.74 6.76
CA ILE C 206 -21.41 44.73 6.60
C ILE C 206 -20.99 43.47 5.85
N GLY C 207 -20.68 43.61 4.57
CA GLY C 207 -20.28 42.48 3.75
C GLY C 207 -18.85 42.58 3.28
N GLU C 208 -18.49 41.74 2.32
CA GLU C 208 -17.13 41.69 1.79
C GLU C 208 -17.12 40.87 0.51
N ILE C 209 -15.97 40.77 -0.12
CA ILE C 209 -15.85 39.99 -1.33
C ILE C 209 -16.28 38.52 -1.14
N GLY C 210 -16.63 37.86 -2.24
CA GLY C 210 -16.92 36.45 -2.23
C GLY C 210 -18.40 36.11 -2.27
N GLY C 211 -18.75 35.14 -3.12
CA GLY C 211 -20.14 34.71 -3.23
C GLY C 211 -21.08 35.84 -3.62
N SER C 212 -22.37 35.64 -3.42
CA SER C 212 -23.32 36.67 -3.83
C SER C 212 -24.47 36.89 -2.86
N ASP C 213 -24.20 36.71 -1.57
CA ASP C 213 -25.25 36.93 -0.60
C ASP C 213 -25.64 38.41 -0.57
N GLU C 214 -24.65 39.29 -0.71
CA GLU C 214 -24.92 40.73 -0.70
C GLU C 214 -25.86 41.12 -1.85
N GLU C 215 -25.59 40.64 -3.05
CA GLU C 215 -26.45 40.95 -4.19
C GLU C 215 -27.88 40.42 -3.99
N GLU C 216 -28.00 39.22 -3.44
CA GLU C 216 -29.32 38.63 -3.20
C GLU C 216 -30.04 39.39 -2.09
N ALA C 217 -29.28 39.91 -1.13
CA ALA C 217 -29.86 40.67 -0.04
C ALA C 217 -30.38 42.00 -0.58
N ALA C 218 -29.58 42.62 -1.45
CA ALA C 218 -29.95 43.89 -2.08
C ALA C 218 -31.24 43.76 -2.88
N ALA C 219 -31.33 42.73 -3.70
CA ALA C 219 -32.56 42.48 -4.46
C ALA C 219 -33.77 42.36 -3.54
N TRP C 220 -33.61 41.67 -2.42
CA TRP C 220 -34.72 41.50 -1.48
C TRP C 220 -35.12 42.82 -0.87
N VAL C 221 -34.11 43.60 -0.46
CA VAL C 221 -34.37 44.91 0.15
C VAL C 221 -35.15 45.81 -0.77
N LYS C 222 -34.71 45.90 -2.02
CA LYS C 222 -35.37 46.67 -3.06
C LYS C 222 -36.89 46.41 -3.10
N ASP C 223 -37.28 45.14 -3.02
CA ASP C 223 -38.68 44.75 -3.20
C ASP C 223 -39.50 44.70 -1.90
N HIS C 224 -38.84 44.52 -0.77
CA HIS C 224 -39.54 44.08 0.44
C HIS C 224 -39.36 44.96 1.67
N MET C 225 -38.29 45.76 1.73
CA MET C 225 -37.88 46.42 2.97
C MET C 225 -38.68 47.69 3.19
N LYS C 226 -39.18 47.87 4.41
CA LYS C 226 -39.96 49.07 4.73
C LYS C 226 -39.21 50.01 5.66
N LYS C 227 -37.88 49.93 5.63
CA LYS C 227 -37.02 50.78 6.47
C LYS C 227 -35.62 50.89 5.89
N PRO C 228 -34.88 51.93 6.26
CA PRO C 228 -33.59 52.20 5.61
C PRO C 228 -32.56 51.13 5.87
N VAL C 229 -31.75 50.87 4.85
CA VAL C 229 -30.66 49.90 4.94
C VAL C 229 -29.40 50.56 4.42
N VAL C 230 -28.29 50.38 5.13
CA VAL C 230 -27.01 50.94 4.72
C VAL C 230 -25.95 49.85 4.59
N GLY C 231 -25.18 49.88 3.51
CA GLY C 231 -24.23 48.82 3.23
C GLY C 231 -22.79 49.22 3.44
N PHE C 232 -21.92 48.22 3.43
CA PHE C 232 -20.49 48.42 3.55
C PHE C 232 -19.83 47.15 2.99
N ILE C 233 -18.79 47.32 2.19
CA ILE C 233 -18.11 46.17 1.60
C ILE C 233 -16.61 46.19 1.88
N GLY C 234 -16.14 45.20 2.64
CA GLY C 234 -14.71 45.03 2.86
C GLY C 234 -14.03 44.30 1.72
N GLY C 235 -12.79 44.68 1.42
CA GLY C 235 -12.04 44.05 0.36
C GLY C 235 -12.22 44.61 -1.04
N ARG C 236 -12.55 45.89 -1.13
CA ARG C 236 -12.81 46.51 -2.42
C ARG C 236 -11.55 46.57 -3.31
N SER C 237 -10.38 46.53 -2.69
CA SER C 237 -9.12 46.60 -3.42
C SER C 237 -8.42 45.23 -3.51
N ALA C 238 -9.11 44.19 -3.08
CA ALA C 238 -8.54 42.86 -2.98
C ALA C 238 -8.20 42.27 -4.33
N PRO C 239 -7.16 41.44 -4.40
CA PRO C 239 -6.82 40.72 -5.63
C PRO C 239 -7.78 39.56 -5.89
N LYS C 240 -7.75 38.98 -7.09
CA LYS C 240 -8.62 37.85 -7.41
C LYS C 240 -7.94 36.54 -7.05
N GLY C 241 -8.76 35.53 -6.73
CA GLY C 241 -8.28 34.18 -6.53
C GLY C 241 -7.47 33.94 -5.27
N LYS C 242 -7.57 34.86 -4.32
CA LYS C 242 -6.84 34.73 -3.06
C LYS C 242 -7.77 34.87 -1.86
N ARG C 243 -7.71 33.91 -0.94
CA ARG C 243 -8.45 33.99 0.31
C ARG C 243 -7.85 35.08 1.18
N MET C 244 -8.68 36.04 1.57
CA MET C 244 -8.27 37.13 2.44
C MET C 244 -8.64 36.83 3.89
N GLY C 245 -7.93 35.90 4.50
CA GLY C 245 -8.21 35.55 5.88
C GLY C 245 -9.42 34.62 5.98
N HIS C 246 -10.62 35.22 5.93
CA HIS C 246 -11.86 34.45 5.91
C HIS C 246 -11.86 33.46 4.77
N ALA C 247 -12.19 32.21 5.07
CA ALA C 247 -12.32 31.19 4.02
C ALA C 247 -13.24 31.62 2.88
N GLY C 248 -14.27 32.40 3.21
CA GLY C 248 -15.21 32.86 2.19
C GLY C 248 -14.87 34.15 1.47
N ALA C 249 -13.82 34.85 1.90
CA ALA C 249 -13.45 36.12 1.30
C ALA C 249 -12.49 35.89 0.14
N ILE C 250 -13.03 35.42 -0.98
CA ILE C 250 -12.21 35.17 -2.15
C ILE C 250 -13.02 35.43 -3.41
N ILE C 251 -12.42 36.12 -4.37
CA ILE C 251 -13.08 36.35 -5.65
C ILE C 251 -12.71 35.25 -6.63
N MET C 252 -13.70 34.47 -7.07
CA MET C 252 -13.47 33.39 -8.05
C MET C 252 -13.85 33.79 -9.48
N GLY C 253 -12.96 34.52 -10.13
CA GLY C 253 -13.17 34.98 -11.49
C GLY C 253 -14.26 36.03 -11.61
N ASN C 254 -15.47 35.56 -11.91
CA ASN C 254 -16.59 36.44 -12.18
C ASN C 254 -17.47 36.60 -10.94
N VAL C 255 -17.32 35.65 -10.02
CA VAL C 255 -18.14 35.58 -8.84
C VAL C 255 -17.51 36.28 -7.64
N GLY C 256 -18.32 37.02 -6.90
CA GLY C 256 -17.86 37.60 -5.64
C GLY C 256 -17.07 38.89 -5.74
N THR C 257 -17.13 39.57 -6.88
CA THR C 257 -16.38 40.81 -7.06
C THR C 257 -17.00 41.93 -6.24
N PRO C 258 -16.16 42.86 -5.76
CA PRO C 258 -16.65 44.03 -5.01
C PRO C 258 -17.52 44.92 -5.90
N GLU C 259 -17.15 45.03 -7.16
CA GLU C 259 -17.87 45.87 -8.12
C GLU C 259 -19.32 45.41 -8.26
N SER C 260 -19.50 44.11 -8.35
CA SER C 260 -20.84 43.54 -8.48
C SER C 260 -21.68 43.87 -7.26
N LYS C 261 -21.05 43.84 -6.10
CA LYS C 261 -21.75 44.14 -4.86
C LYS C 261 -22.14 45.63 -4.76
N LEU C 262 -21.22 46.52 -5.12
CA LEU C 262 -21.53 47.94 -5.13
C LEU C 262 -22.67 48.27 -6.11
N ARG C 263 -22.60 47.65 -7.29
CA ARG C 263 -23.58 47.89 -8.34
C ARG C 263 -24.97 47.44 -7.87
N ALA C 264 -25.04 46.27 -7.24
CA ALA C 264 -26.33 45.75 -6.78
C ALA C 264 -26.93 46.59 -5.64
N PHE C 265 -26.08 47.17 -4.80
CA PHE C 265 -26.56 48.03 -3.72
C PHE C 265 -27.20 49.28 -4.33
N ALA C 266 -26.50 49.89 -5.29
CA ALA C 266 -27.01 51.11 -5.95
C ALA C 266 -28.35 50.87 -6.62
N GLU C 267 -28.46 49.77 -7.33
CA GLU C 267 -29.68 49.47 -8.03
C GLU C 267 -30.83 49.25 -7.06
N ALA C 268 -30.50 48.96 -5.80
CA ALA C 268 -31.52 48.72 -4.80
C ALA C 268 -31.77 49.95 -3.95
N GLY C 269 -31.02 51.02 -4.22
CA GLY C 269 -31.18 52.25 -3.44
C GLY C 269 -30.63 52.09 -2.04
N ILE C 270 -29.64 51.22 -1.90
CA ILE C 270 -28.92 51.05 -0.65
C ILE C 270 -27.61 51.83 -0.74
N PRO C 271 -27.49 52.91 0.03
CA PRO C 271 -26.27 53.74 0.12
C PRO C 271 -25.10 52.95 0.69
N VAL C 272 -23.92 53.09 0.10
CA VAL C 272 -22.73 52.35 0.56
C VAL C 272 -21.74 53.27 1.28
N ALA C 273 -21.53 53.04 2.57
CA ALA C 273 -20.52 53.77 3.33
C ALA C 273 -19.11 53.34 2.89
N ASP C 274 -18.17 54.28 2.81
CA ASP C 274 -16.80 53.95 2.46
C ASP C 274 -15.94 53.78 3.72
N THR C 275 -16.42 54.32 4.83
CA THR C 275 -15.70 54.26 6.09
C THR C 275 -16.66 54.00 7.23
N ILE C 276 -16.12 53.65 8.40
CA ILE C 276 -16.96 53.43 9.59
C ILE C 276 -17.84 54.65 9.86
N ASP C 277 -17.23 55.84 9.88
CA ASP C 277 -17.98 57.07 10.15
C ASP C 277 -19.10 57.33 9.14
N GLU C 278 -18.87 57.03 7.87
CA GLU C 278 -19.91 57.18 6.86
C GLU C 278 -21.11 56.27 7.16
N ILE C 279 -20.86 55.10 7.77
CA ILE C 279 -21.98 54.26 8.22
C ILE C 279 -22.88 55.05 9.16
N VAL C 280 -22.29 55.68 10.17
CA VAL C 280 -23.05 56.48 11.12
C VAL C 280 -23.74 57.64 10.39
N GLU C 281 -23.03 58.28 9.48
CA GLU C 281 -23.57 59.42 8.75
C GLU C 281 -24.77 59.06 7.88
N LEU C 282 -24.65 57.96 7.13
CA LEU C 282 -25.75 57.54 6.24
C LEU C 282 -26.98 57.10 7.02
N VAL C 283 -26.78 56.51 8.19
CA VAL C 283 -27.91 56.06 9.01
C VAL C 283 -28.61 57.24 9.64
N LYS C 284 -27.83 58.22 10.09
CA LYS C 284 -28.40 59.46 10.64
C LYS C 284 -29.28 60.13 9.59
N LYS C 285 -28.72 60.29 8.39
CA LYS C 285 -29.45 60.90 7.30
C LYS C 285 -30.78 60.19 7.02
N ALA C 286 -30.74 58.87 6.92
CA ALA C 286 -31.95 58.12 6.53
C ALA C 286 -33.03 58.15 7.60
N LEU C 287 -32.65 58.49 8.84
CA LEU C 287 -33.56 58.46 9.98
C LEU C 287 -34.13 59.84 10.31
N GLY C 288 -33.78 60.84 9.50
CA GLY C 288 -34.17 62.21 9.77
C GLY C 288 -33.40 62.79 10.95
N MET D 1 -5.09 25.16 -0.78
CA MET D 1 -3.77 24.66 -1.17
C MET D 1 -3.76 24.14 -2.61
N ASN D 2 -2.88 24.69 -3.43
CA ASN D 2 -2.74 24.28 -4.83
C ASN D 2 -1.92 23.02 -4.99
N LEU D 3 -2.33 22.16 -5.91
CA LEU D 3 -1.56 20.97 -6.21
C LEU D 3 -1.07 21.11 -7.63
N HIS D 4 0.03 20.46 -7.93
CA HIS D 4 0.51 20.44 -9.31
C HIS D 4 -0.29 19.45 -10.14
N GLU D 5 -0.24 19.61 -11.46
CA GLU D 5 -0.92 18.68 -12.34
C GLU D 5 -0.59 17.24 -12.00
N TYR D 6 0.69 16.92 -11.80
CA TYR D 6 1.05 15.54 -11.54
C TYR D 6 0.49 15.01 -10.20
N GLN D 7 0.33 15.91 -9.22
CA GLN D 7 -0.30 15.51 -7.96
C GLN D 7 -1.81 15.29 -8.11
N ALA D 8 -2.45 16.16 -8.87
CA ALA D 8 -3.86 16.04 -9.17
C ALA D 8 -4.09 14.73 -9.91
N LYS D 9 -3.24 14.45 -10.90
CA LYS D 9 -3.36 13.20 -11.65
C LYS D 9 -3.20 11.97 -10.77
N GLU D 10 -2.23 11.96 -9.86
CA GLU D 10 -2.09 10.85 -8.92
C GLU D 10 -3.39 10.61 -8.15
N ILE D 11 -3.99 11.68 -7.64
CA ILE D 11 -5.28 11.56 -6.93
C ILE D 11 -6.38 11.02 -7.83
N LEU D 12 -6.52 11.59 -9.03
CA LEU D 12 -7.54 11.12 -9.95
C LEU D 12 -7.33 9.63 -10.33
N ALA D 13 -6.09 9.24 -10.58
CA ALA D 13 -5.81 7.87 -10.98
C ALA D 13 -6.21 6.92 -9.89
N ARG D 14 -5.97 7.32 -8.66
CA ARG D 14 -6.26 6.52 -7.49
C ARG D 14 -7.77 6.27 -7.37
N TYR D 15 -8.57 7.21 -7.86
CA TYR D 15 -10.03 7.04 -7.86
C TYR D 15 -10.58 6.48 -9.17
N GLY D 16 -9.69 6.05 -10.06
CA GLY D 16 -10.10 5.35 -11.25
C GLY D 16 -10.26 6.18 -12.50
N VAL D 17 -9.87 7.45 -12.45
CA VAL D 17 -9.83 8.28 -13.65
C VAL D 17 -8.66 7.86 -14.54
N PRO D 18 -8.92 7.60 -15.82
CA PRO D 18 -7.77 7.21 -16.66
C PRO D 18 -6.86 8.40 -16.87
N VAL D 19 -5.56 8.16 -16.78
CA VAL D 19 -4.53 9.20 -16.86
C VAL D 19 -3.32 8.72 -17.66
N PRO D 20 -2.77 9.59 -18.54
CA PRO D 20 -1.62 9.15 -19.33
C PRO D 20 -0.49 8.87 -18.37
N PRO D 21 0.28 7.80 -18.60
CA PRO D 21 1.44 7.56 -17.73
C PRO D 21 2.45 8.69 -17.85
N GLY D 22 3.04 9.07 -16.73
CA GLY D 22 3.89 10.26 -16.65
C GLY D 22 4.77 10.18 -15.42
N LYS D 23 5.84 10.99 -15.41
CA LYS D 23 6.78 11.01 -14.30
C LYS D 23 7.39 12.40 -14.25
N VAL D 24 7.66 12.90 -13.05
CA VAL D 24 8.20 14.23 -12.89
C VAL D 24 9.71 14.19 -13.12
N ALA D 25 10.23 15.29 -13.66
CA ALA D 25 11.65 15.43 -13.97
C ALA D 25 12.17 16.75 -13.44
N TYR D 26 13.32 16.69 -12.78
CA TYR D 26 13.96 17.92 -12.27
C TYR D 26 15.14 18.38 -13.14
N THR D 27 15.56 17.52 -14.07
CA THR D 27 16.65 17.84 -14.99
C THR D 27 16.38 17.31 -16.40
N PRO D 28 16.98 17.94 -17.42
CA PRO D 28 16.86 17.42 -18.78
C PRO D 28 17.27 15.95 -18.85
N GLU D 29 18.31 15.58 -18.11
CA GLU D 29 18.76 14.19 -18.10
C GLU D 29 17.67 13.23 -17.61
N GLU D 30 16.90 13.63 -16.60
CA GLU D 30 15.79 12.80 -16.09
C GLU D 30 14.65 12.73 -17.11
N ALA D 31 14.32 13.87 -17.71
CA ALA D 31 13.36 13.91 -18.80
C ALA D 31 13.76 12.92 -19.90
N LYS D 32 15.03 12.91 -20.30
CA LYS D 32 15.48 12.00 -21.37
C LYS D 32 15.32 10.54 -20.97
N ARG D 33 15.76 10.20 -19.77
CA ARG D 33 15.68 8.81 -19.33
C ARG D 33 14.21 8.39 -19.35
N ILE D 34 13.34 9.25 -18.84
CA ILE D 34 11.90 8.98 -18.87
C ILE D 34 11.37 8.77 -20.31
N ALA D 35 11.70 9.69 -21.21
CA ALA D 35 11.34 9.48 -22.61
C ALA D 35 11.81 8.10 -23.12
N GLU D 36 13.06 7.73 -22.84
CA GLU D 36 13.59 6.42 -23.21
C GLU D 36 12.77 5.25 -22.67
N GLU D 37 12.37 5.36 -21.41
CA GLU D 37 11.57 4.30 -20.78
C GLU D 37 10.23 4.16 -21.50
N PHE D 38 9.57 5.28 -21.78
CA PHE D 38 8.25 5.22 -22.40
C PHE D 38 8.38 4.71 -23.84
N GLY D 39 9.45 5.11 -24.50
CA GLY D 39 9.69 4.68 -25.87
C GLY D 39 8.62 5.12 -26.86
N LYS D 40 8.00 6.26 -26.61
CA LYS D 40 7.09 6.88 -27.58
C LYS D 40 7.06 8.38 -27.40
N ARG D 41 6.20 9.03 -28.17
CA ARG D 41 6.09 10.49 -28.12
C ARG D 41 5.65 10.92 -26.73
N VAL D 42 6.28 11.96 -26.20
CA VAL D 42 5.88 12.48 -24.89
C VAL D 42 5.59 13.97 -24.93
N VAL D 43 5.00 14.48 -23.85
CA VAL D 43 4.77 15.89 -23.70
C VAL D 43 5.59 16.32 -22.50
N ILE D 44 6.23 17.49 -22.56
CA ILE D 44 6.96 18.03 -21.43
C ILE D 44 6.13 19.18 -20.91
N LYS D 45 5.66 19.07 -19.66
CA LYS D 45 4.76 20.09 -19.11
C LYS D 45 5.29 20.78 -17.84
N ALA D 46 5.39 22.10 -17.90
CA ALA D 46 5.81 22.88 -16.74
C ALA D 46 4.87 22.63 -15.57
N GLN D 47 5.43 22.32 -14.41
CA GLN D 47 4.62 22.20 -13.21
C GLN D 47 4.70 23.49 -12.39
N VAL D 48 3.75 24.39 -12.61
CA VAL D 48 3.65 25.62 -11.84
C VAL D 48 2.19 25.84 -11.49
N HIS D 49 1.92 26.63 -10.46
CA HIS D 49 0.55 26.85 -10.01
C HIS D 49 -0.14 28.02 -10.70
N VAL D 50 -0.16 27.99 -12.03
CA VAL D 50 -1.05 28.86 -12.81
C VAL D 50 -1.57 28.08 -14.00
N GLY D 51 -2.52 28.67 -14.70
CA GLY D 51 -3.05 28.09 -15.91
C GLY D 51 -2.47 28.82 -17.10
N GLY D 52 -2.82 28.35 -18.30
CA GLY D 52 -2.32 28.96 -19.53
C GLY D 52 -0.87 28.60 -19.77
N ARG D 53 -0.44 27.49 -19.17
CA ARG D 53 0.93 27.02 -19.34
C ARG D 53 1.21 26.83 -20.82
N GLY D 54 0.21 26.37 -21.55
CA GLY D 54 0.33 26.12 -22.99
C GLY D 54 0.63 27.35 -23.82
N LYS D 55 -0.21 28.37 -23.69
CA LYS D 55 0.00 29.63 -24.39
C LYS D 55 1.32 30.29 -24.02
N ALA D 56 1.76 30.06 -22.78
CA ALA D 56 2.99 30.66 -22.27
C ALA D 56 4.23 29.89 -22.70
N GLY D 57 4.03 28.75 -23.37
CA GLY D 57 5.13 27.95 -23.88
C GLY D 57 5.72 26.93 -22.91
N GLY D 58 4.93 26.49 -21.93
CA GLY D 58 5.40 25.55 -20.93
C GLY D 58 4.94 24.13 -21.20
N VAL D 59 4.38 23.90 -22.38
CA VAL D 59 3.91 22.59 -22.78
C VAL D 59 4.38 22.29 -24.18
N LYS D 60 5.36 21.42 -24.31
CA LYS D 60 6.00 21.10 -25.60
C LYS D 60 5.96 19.60 -25.86
N LEU D 61 5.60 19.20 -27.08
CA LEU D 61 5.67 17.80 -27.50
C LEU D 61 7.08 17.42 -27.96
N ALA D 62 7.46 16.17 -27.74
CA ALA D 62 8.80 15.68 -28.02
C ALA D 62 8.71 14.25 -28.55
N ASP D 63 9.18 14.04 -29.78
CA ASP D 63 9.08 12.74 -30.43
C ASP D 63 10.19 11.77 -30.04
N THR D 64 11.34 12.31 -29.62
CA THR D 64 12.47 11.46 -29.28
C THR D 64 13.06 11.83 -27.92
N PRO D 65 13.81 10.90 -27.32
CA PRO D 65 14.50 11.18 -26.06
C PRO D 65 15.37 12.43 -26.13
N GLN D 66 16.10 12.64 -27.23
CA GLN D 66 16.93 13.83 -27.36
C GLN D 66 16.09 15.10 -27.43
N GLU D 67 14.91 15.00 -28.05
CA GLU D 67 13.96 16.12 -28.08
C GLU D 67 13.37 16.38 -26.70
N ALA D 68 13.16 15.31 -25.94
CA ALA D 68 12.66 15.45 -24.57
C ALA D 68 13.67 16.19 -23.71
N TYR D 69 14.95 15.83 -23.88
CA TYR D 69 16.04 16.51 -23.21
C TYR D 69 16.05 17.99 -23.55
N GLU D 70 15.94 18.31 -24.83
CA GLU D 70 15.95 19.70 -25.30
C GLU D 70 14.70 20.49 -24.91
N LYS D 71 13.56 19.84 -24.85
CA LYS D 71 12.35 20.56 -24.49
C LYS D 71 12.32 20.80 -22.97
N ALA D 72 12.77 19.83 -22.18
CA ALA D 72 12.93 20.03 -20.74
C ALA D 72 13.88 21.20 -20.46
N GLN D 73 15.01 21.22 -21.16
CA GLN D 73 16.02 22.26 -20.99
C GLN D 73 15.44 23.66 -21.23
N ALA D 74 14.58 23.77 -22.21
CA ALA D 74 13.98 25.06 -22.56
C ALA D 74 12.87 25.51 -21.62
N ILE D 75 12.33 24.56 -20.84
CA ILE D 75 11.20 24.83 -19.95
C ILE D 75 11.65 24.99 -18.51
N LEU D 76 12.49 24.06 -18.03
CA LEU D 76 13.03 24.15 -16.69
C LEU D 76 13.62 25.53 -16.51
N GLY D 77 13.21 26.23 -15.47
CA GLY D 77 13.74 27.55 -15.19
C GLY D 77 13.10 28.68 -15.98
N MET D 78 12.16 28.35 -16.86
CA MET D 78 11.48 29.41 -17.60
C MET D 78 10.50 30.11 -16.68
N ASN D 79 10.08 31.30 -17.09
CA ASN D 79 9.12 32.06 -16.32
C ASN D 79 7.76 31.98 -16.98
N ILE D 80 6.76 31.55 -16.22
CA ILE D 80 5.38 31.54 -16.69
C ILE D 80 4.55 32.48 -15.84
N LYS D 81 4.24 33.64 -16.39
CA LYS D 81 3.49 34.68 -15.67
C LYS D 81 3.82 34.76 -14.17
N GLY D 82 5.10 34.98 -13.88
CA GLY D 82 5.52 35.28 -12.52
C GLY D 82 6.22 34.13 -11.83
N LEU D 83 5.86 32.91 -12.22
CA LEU D 83 6.38 31.73 -11.55
C LEU D 83 7.57 31.12 -12.29
N THR D 84 8.50 30.55 -11.53
CA THR D 84 9.66 29.88 -12.11
C THR D 84 9.46 28.36 -12.12
N VAL D 85 9.66 27.74 -13.28
CA VAL D 85 9.44 26.31 -13.41
C VAL D 85 10.58 25.52 -12.80
N LYS D 86 10.29 24.71 -11.78
CA LYS D 86 11.33 23.99 -11.07
C LYS D 86 11.27 22.49 -11.35
N LYS D 87 10.26 22.09 -12.12
CA LYS D 87 10.05 20.67 -12.44
C LYS D 87 9.13 20.58 -13.64
N VAL D 88 9.19 19.47 -14.35
CA VAL D 88 8.28 19.24 -15.46
C VAL D 88 7.69 17.85 -15.37
N LEU D 89 6.50 17.67 -15.90
CA LEU D 89 5.93 16.35 -16.05
C LEU D 89 6.28 15.83 -17.46
N VAL D 90 6.79 14.61 -17.52
CA VAL D 90 7.06 13.97 -18.78
C VAL D 90 6.02 12.87 -18.97
N ALA D 91 5.05 13.11 -19.85
CA ALA D 91 3.93 12.19 -20.04
C ALA D 91 3.81 11.67 -21.47
N GLU D 92 3.33 10.44 -21.61
CA GLU D 92 3.00 9.92 -22.92
C GLU D 92 1.97 10.81 -23.57
N ALA D 93 2.23 11.21 -24.83
CA ALA D 93 1.32 12.08 -25.58
C ALA D 93 0.12 11.27 -25.99
N VAL D 94 -1.06 11.84 -25.82
CA VAL D 94 -2.25 11.17 -26.33
C VAL D 94 -2.64 11.76 -27.66
N ASP D 95 -3.23 10.90 -28.47
CA ASP D 95 -3.72 11.29 -29.76
C ASP D 95 -5.15 11.78 -29.58
N ILE D 96 -5.36 13.09 -29.72
CA ILE D 96 -6.65 13.72 -29.39
C ILE D 96 -7.66 13.81 -30.54
N ALA D 97 -8.85 13.27 -30.33
CA ALA D 97 -9.96 13.45 -31.26
C ALA D 97 -10.96 14.52 -30.75
N LYS D 98 -11.19 14.52 -29.44
CA LYS D 98 -12.15 15.45 -28.83
C LYS D 98 -11.63 16.02 -27.51
N GLU D 99 -11.93 17.30 -27.26
CA GLU D 99 -11.53 17.94 -26.02
C GLU D 99 -12.76 18.46 -25.31
N TYR D 100 -13.05 17.91 -24.12
CA TYR D 100 -14.22 18.32 -23.36
C TYR D 100 -13.83 18.91 -22.01
N TYR D 101 -14.76 19.61 -21.37
CA TYR D 101 -14.51 20.22 -20.08
C TYR D 101 -15.38 19.60 -19.01
N ALA D 102 -14.75 19.15 -17.91
CA ALA D 102 -15.48 18.67 -16.75
C ALA D 102 -14.92 19.26 -15.47
N GLY D 103 -15.78 19.93 -14.70
CA GLY D 103 -15.29 20.62 -13.51
C GLY D 103 -16.24 20.63 -12.33
N LEU D 104 -15.70 20.56 -11.12
CA LEU D 104 -16.50 20.62 -9.89
C LEU D 104 -16.05 21.79 -9.05
N ILE D 105 -17.01 22.61 -8.64
CA ILE D 105 -16.74 23.67 -7.70
C ILE D 105 -17.94 23.82 -6.79
N LEU D 106 -17.75 24.56 -5.68
CA LEU D 106 -18.84 24.86 -4.78
C LEU D 106 -19.65 25.98 -5.39
N ASP D 107 -20.96 25.77 -5.49
CA ASP D 107 -21.89 26.83 -5.85
C ASP D 107 -22.46 27.38 -4.54
N ARG D 108 -22.02 28.58 -4.16
CA ARG D 108 -22.34 29.12 -2.84
C ARG D 108 -23.78 29.62 -2.74
N ALA D 109 -24.42 29.86 -3.88
CA ALA D 109 -25.81 30.28 -3.87
C ALA D 109 -26.71 29.10 -3.58
N LYS D 110 -26.34 27.94 -4.11
CA LYS D 110 -27.11 26.71 -3.87
C LYS D 110 -26.61 25.89 -2.69
N LYS D 111 -25.50 26.33 -2.08
CA LYS D 111 -24.84 25.60 -0.99
C LYS D 111 -24.62 24.14 -1.38
N ARG D 112 -24.32 23.92 -2.65
CA ARG D 112 -24.07 22.56 -3.12
C ARG D 112 -22.90 22.52 -4.10
N VAL D 113 -22.31 21.34 -4.26
CA VAL D 113 -21.24 21.18 -5.24
C VAL D 113 -21.87 21.08 -6.62
N VAL D 114 -21.27 21.74 -7.60
CA VAL D 114 -21.87 21.73 -8.92
C VAL D 114 -20.91 21.17 -9.96
N LEU D 115 -21.40 20.25 -10.77
CA LEU D 115 -20.66 19.73 -11.91
C LEU D 115 -20.94 20.61 -13.12
N MET D 116 -19.88 21.02 -13.79
CA MET D 116 -19.98 21.86 -14.96
C MET D 116 -19.38 21.10 -16.08
N LEU D 117 -20.12 20.96 -17.17
CA LEU D 117 -19.73 20.08 -18.24
C LEU D 117 -19.97 20.79 -19.55
N SER D 118 -19.03 20.66 -20.48
CA SER D 118 -19.14 21.36 -21.74
C SER D 118 -18.36 20.68 -22.86
N LYS D 119 -18.88 20.81 -24.08
CA LYS D 119 -18.24 20.30 -25.30
C LYS D 119 -16.98 21.09 -25.60
N GLU D 120 -16.95 22.34 -25.16
CA GLU D 120 -15.88 23.24 -25.51
C GLU D 120 -14.72 23.12 -24.54
N GLY D 121 -13.96 22.03 -24.65
CA GLY D 121 -12.79 21.81 -23.82
C GLY D 121 -11.51 22.40 -24.40
N GLY D 122 -10.44 22.38 -23.61
CA GLY D 122 -9.13 22.87 -24.05
C GLY D 122 -9.03 24.38 -24.09
N VAL D 123 -10.12 25.05 -23.72
CA VAL D 123 -10.18 26.50 -23.75
C VAL D 123 -10.70 27.04 -22.43
N ASP D 124 -10.27 28.26 -22.12
CA ASP D 124 -10.76 28.99 -20.96
C ASP D 124 -12.26 28.75 -20.82
N ILE D 125 -12.66 28.12 -19.73
CA ILE D 125 -14.07 27.84 -19.49
C ILE D 125 -14.80 29.08 -19.01
N GLU D 126 -14.05 30.09 -18.59
CA GLU D 126 -14.63 31.39 -18.26
C GLU D 126 -14.94 32.17 -19.54
N GLU D 127 -14.11 31.96 -20.56
CA GLU D 127 -14.35 32.57 -21.88
C GLU D 127 -15.70 32.14 -22.43
N VAL D 128 -15.97 30.83 -22.36
CA VAL D 128 -17.24 30.29 -22.79
C VAL D 128 -18.37 30.79 -21.89
N ALA D 129 -18.05 31.06 -20.63
CA ALA D 129 -19.02 31.59 -19.69
C ALA D 129 -19.58 32.96 -20.12
N ALA D 130 -19.00 33.54 -21.18
CA ALA D 130 -19.54 34.77 -21.75
C ALA D 130 -19.97 34.56 -23.21
N GLU D 131 -19.01 34.32 -24.09
CA GLU D 131 -19.33 33.96 -25.47
C GLU D 131 -20.66 33.22 -25.53
N ARG D 132 -20.83 32.24 -24.64
CA ARG D 132 -22.01 31.37 -24.64
C ARG D 132 -22.24 30.62 -23.33
N PRO D 133 -22.84 31.28 -22.32
CA PRO D 133 -23.06 30.62 -21.02
C PRO D 133 -23.89 29.36 -21.21
N GLU D 134 -24.57 29.31 -22.34
CA GLU D 134 -25.42 28.18 -22.68
C GLU D 134 -24.62 26.93 -23.05
N ALA D 135 -23.33 27.07 -23.28
CA ALA D 135 -22.51 25.92 -23.67
C ALA D 135 -22.03 25.14 -22.46
N ILE D 136 -22.40 25.61 -21.28
CA ILE D 136 -22.02 24.98 -20.03
C ILE D 136 -23.23 24.40 -19.33
N HIS D 137 -23.22 23.08 -19.14
CA HIS D 137 -24.32 22.39 -18.50
C HIS D 137 -24.03 22.06 -17.02
N LYS D 138 -25.00 22.30 -16.14
CA LYS D 138 -24.76 22.14 -14.71
C LYS D 138 -25.63 21.10 -14.01
N PHE D 139 -25.03 20.41 -13.02
CA PHE D 139 -25.73 19.50 -12.13
C PHE D 139 -25.32 19.75 -10.67
N TRP D 140 -26.29 20.03 -9.81
CA TRP D 140 -26.00 20.27 -8.41
C TRP D 140 -26.14 18.97 -7.65
N ILE D 141 -25.05 18.57 -7.01
CA ILE D 141 -24.94 17.24 -6.43
C ILE D 141 -25.54 17.19 -5.02
N ASP D 142 -26.23 16.10 -4.73
CA ASP D 142 -26.80 15.86 -3.41
C ASP D 142 -25.69 15.55 -2.40
N PRO D 143 -25.58 16.36 -1.34
CA PRO D 143 -24.44 16.25 -0.42
C PRO D 143 -24.40 14.97 0.37
N HIS D 144 -25.49 14.20 0.40
CA HIS D 144 -25.47 12.93 1.10
C HIS D 144 -25.48 11.71 0.16
N LYS D 145 -26.24 11.80 -0.92
CA LYS D 145 -26.34 10.70 -1.88
C LYS D 145 -25.12 10.64 -2.81
N GLY D 146 -24.53 11.79 -3.10
CA GLY D 146 -23.43 11.84 -4.04
C GLY D 146 -23.91 11.88 -5.50
N PHE D 147 -22.99 11.57 -6.40
CA PHE D 147 -23.22 11.70 -7.83
C PHE D 147 -23.19 10.29 -8.43
N ARG D 148 -24.34 9.82 -8.91
CA ARG D 148 -24.49 8.44 -9.36
C ARG D 148 -24.34 8.28 -10.88
N PRO D 149 -23.94 7.08 -11.34
CA PRO D 149 -23.75 6.87 -12.78
C PRO D 149 -24.93 7.39 -13.63
N PHE D 150 -26.19 7.17 -13.21
CA PHE D 150 -27.33 7.56 -14.07
C PHE D 150 -27.40 9.08 -14.22
N GLU D 151 -27.07 9.79 -13.16
CA GLU D 151 -26.98 11.23 -13.23
C GLU D 151 -25.82 11.64 -14.15
N ALA D 152 -24.71 10.93 -14.09
CA ALA D 152 -23.56 11.21 -14.95
C ALA D 152 -23.89 10.99 -16.41
N ARG D 153 -24.49 9.85 -16.72
CA ARG D 153 -24.95 9.61 -18.10
C ARG D 153 -25.90 10.69 -18.61
N GLU D 154 -26.89 11.10 -17.81
CA GLU D 154 -27.80 12.17 -18.26
C GLU D 154 -27.00 13.43 -18.56
N MET D 155 -25.99 13.73 -17.75
CA MET D 155 -25.23 14.94 -18.00
C MET D 155 -24.44 14.85 -19.29
N VAL D 156 -23.86 13.69 -19.54
CA VAL D 156 -23.15 13.44 -20.79
C VAL D 156 -24.08 13.70 -22.00
N LYS D 157 -25.29 13.16 -21.98
CA LYS D 157 -26.22 13.37 -23.09
C LYS D 157 -26.65 14.82 -23.16
N ARG D 158 -26.87 15.43 -22.01
CA ARG D 158 -27.30 16.82 -21.99
C ARG D 158 -26.26 17.71 -22.67
N ALA D 159 -24.99 17.39 -22.50
CA ALA D 159 -23.94 18.26 -22.97
C ALA D 159 -23.54 17.91 -24.39
N GLY D 160 -24.12 16.82 -24.89
CA GLY D 160 -23.84 16.35 -26.23
C GLY D 160 -22.42 15.84 -26.46
N LEU D 161 -21.81 15.25 -25.43
CA LEU D 161 -20.47 14.67 -25.59
C LEU D 161 -20.54 13.44 -26.47
N GLU D 162 -19.66 13.35 -27.47
CA GLU D 162 -19.56 12.16 -28.28
C GLU D 162 -18.46 11.28 -27.71
N GLY D 163 -18.64 9.96 -27.82
CA GLY D 163 -17.69 9.02 -27.25
C GLY D 163 -18.43 7.97 -26.44
N ASN D 164 -17.71 7.00 -25.88
CA ASN D 164 -18.37 5.95 -25.11
C ASN D 164 -19.11 6.54 -23.90
N LEU D 165 -20.44 6.38 -23.87
CA LEU D 165 -21.28 7.02 -22.86
C LEU D 165 -20.97 6.50 -21.46
N ASN D 166 -20.85 5.20 -21.34
CA ASN D 166 -20.56 4.60 -20.05
C ASN D 166 -19.22 5.00 -19.47
N LYS D 167 -18.19 5.02 -20.31
CA LYS D 167 -16.85 5.40 -19.84
C LYS D 167 -16.80 6.88 -19.51
N LEU D 168 -17.43 7.73 -20.32
CA LEU D 168 -17.52 9.14 -19.98
C LEU D 168 -18.20 9.32 -18.63
N ALA D 169 -19.31 8.62 -18.39
CA ALA D 169 -20.03 8.81 -17.14
C ALA D 169 -19.21 8.33 -15.94
N GLN D 170 -18.50 7.22 -16.13
CA GLN D 170 -17.66 6.71 -15.05
C GLN D 170 -16.57 7.69 -14.63
N VAL D 171 -15.98 8.39 -15.58
CA VAL D 171 -14.96 9.36 -15.27
C VAL D 171 -15.60 10.43 -14.39
N LEU D 172 -16.80 10.87 -14.77
CA LEU D 172 -17.46 11.92 -14.05
C LEU D 172 -17.79 11.48 -12.61
N VAL D 173 -18.20 10.22 -12.45
CA VAL D 173 -18.46 9.68 -11.12
C VAL D 173 -17.21 9.64 -10.27
N ALA D 174 -16.12 9.14 -10.87
CA ALA D 174 -14.86 9.05 -10.15
C ALA D 174 -14.31 10.43 -9.80
N LEU D 175 -14.49 11.38 -10.71
CA LEU D 175 -14.05 12.73 -10.47
C LEU D 175 -14.66 13.24 -9.17
N TYR D 176 -15.96 12.99 -8.97
CA TYR D 176 -16.62 13.49 -7.76
C TYR D 176 -16.18 12.71 -6.53
N ARG D 177 -16.07 11.39 -6.64
CA ARG D 177 -15.55 10.62 -5.51
C ARG D 177 -14.17 11.15 -5.05
N ALA D 178 -13.31 11.49 -5.99
CA ALA D 178 -12.01 12.07 -5.68
C ALA D 178 -12.16 13.44 -4.99
N TYR D 179 -13.05 14.27 -5.52
CA TYR D 179 -13.34 15.58 -4.95
C TYR D 179 -13.66 15.45 -3.45
N GLU D 180 -14.59 14.58 -3.13
CA GLU D 180 -15.03 14.39 -1.75
C GLU D 180 -13.94 13.68 -0.97
N GLY D 181 -13.27 12.74 -1.65
CA GLY D 181 -12.24 11.94 -1.02
C GLY D 181 -11.05 12.71 -0.48
N VAL D 182 -10.68 13.81 -1.12
CA VAL D 182 -9.55 14.58 -0.64
C VAL D 182 -9.99 15.97 -0.22
N ASP D 183 -11.29 16.15 -0.01
CA ASP D 183 -11.81 17.45 0.39
C ASP D 183 -11.27 18.52 -0.52
N ALA D 184 -11.45 18.31 -1.83
CA ALA D 184 -11.11 19.33 -2.81
C ALA D 184 -12.12 20.47 -2.72
N SER D 185 -11.67 21.69 -3.01
CA SER D 185 -12.59 22.79 -3.21
C SER D 185 -12.81 22.93 -4.71
N ILE D 186 -11.82 22.51 -5.50
CA ILE D 186 -11.91 22.51 -6.94
C ILE D 186 -11.27 21.28 -7.58
N ALA D 187 -11.98 20.66 -8.51
CA ALA D 187 -11.40 19.58 -9.29
C ALA D 187 -11.91 19.70 -10.73
N GLU D 188 -10.98 19.89 -11.68
CA GLU D 188 -11.36 19.95 -13.09
C GLU D 188 -10.46 19.14 -14.00
N ILE D 189 -11.07 18.53 -15.01
CA ILE D 189 -10.32 17.84 -16.05
C ILE D 189 -10.46 18.65 -17.33
N ASN D 190 -9.41 19.33 -17.74
CA ASN D 190 -9.49 20.17 -18.92
C ASN D 190 -8.19 20.17 -19.69
N PRO D 191 -8.16 19.45 -20.83
CA PRO D 191 -9.31 18.78 -21.45
C PRO D 191 -9.52 17.33 -21.03
N LEU D 192 -10.79 16.97 -20.81
CA LEU D 192 -11.20 15.58 -20.78
C LEU D 192 -11.25 15.16 -22.23
N VAL D 193 -10.48 14.13 -22.57
CA VAL D 193 -10.16 13.84 -23.96
C VAL D 193 -10.68 12.48 -24.43
N VAL D 194 -11.24 12.46 -25.65
CA VAL D 194 -11.53 11.22 -26.35
C VAL D 194 -10.44 11.01 -27.39
N THR D 195 -9.64 9.96 -27.22
CA THR D 195 -8.52 9.69 -28.14
C THR D 195 -9.01 9.19 -29.50
N THR D 196 -8.13 9.19 -30.50
CA THR D 196 -8.50 8.77 -31.87
C THR D 196 -8.87 7.31 -31.87
N ASP D 197 -8.50 6.60 -30.81
CA ASP D 197 -8.83 5.19 -30.64
C ASP D 197 -10.13 5.03 -29.85
N GLY D 198 -10.75 6.15 -29.49
CA GLY D 198 -12.00 6.12 -28.75
C GLY D 198 -11.85 6.09 -27.25
N GLY D 199 -10.60 6.05 -26.79
CA GLY D 199 -10.33 6.00 -25.36
C GLY D 199 -10.67 7.28 -24.64
N ILE D 200 -11.01 7.17 -23.36
CA ILE D 200 -11.25 8.34 -22.54
C ILE D 200 -10.11 8.57 -21.56
N VAL D 201 -9.60 9.80 -21.51
CA VAL D 201 -8.41 10.11 -20.71
C VAL D 201 -8.42 11.52 -20.17
N ALA D 202 -7.90 11.70 -18.96
CA ALA D 202 -7.74 13.03 -18.40
C ALA D 202 -6.37 13.56 -18.82
N ALA D 203 -6.35 14.39 -19.85
CA ALA D 203 -5.08 14.82 -20.42
C ALA D 203 -4.45 15.88 -19.52
N ASP D 204 -5.29 16.64 -18.82
CA ASP D 204 -4.81 17.59 -17.82
C ASP D 204 -5.72 17.51 -16.61
N ALA D 205 -5.24 17.97 -15.47
CA ALA D 205 -6.08 17.97 -14.27
C ALA D 205 -5.65 19.05 -13.31
N LYS D 206 -6.64 19.66 -12.67
CA LYS D 206 -6.40 20.66 -11.65
C LYS D 206 -7.17 20.31 -10.37
N ILE D 207 -6.49 20.37 -9.23
CA ILE D 207 -7.15 20.18 -7.96
C ILE D 207 -6.68 21.24 -6.98
N VAL D 208 -7.61 21.86 -6.27
CA VAL D 208 -7.27 22.73 -5.16
C VAL D 208 -7.91 22.13 -3.93
N LEU D 209 -7.13 22.00 -2.86
CA LEU D 209 -7.61 21.37 -1.64
C LEU D 209 -8.17 22.39 -0.67
N ASP D 210 -9.16 21.96 0.11
CA ASP D 210 -9.69 22.75 1.22
C ASP D 210 -8.68 22.72 2.36
N ASP D 211 -8.10 23.88 2.68
CA ASP D 211 -7.12 23.99 3.77
C ASP D 211 -7.69 23.57 5.14
N ASN D 212 -8.98 23.83 5.36
CA ASN D 212 -9.62 23.47 6.62
C ASN D 212 -9.64 21.96 6.86
N ALA D 213 -9.44 21.19 5.80
CA ALA D 213 -9.57 19.74 5.94
C ALA D 213 -8.22 19.03 5.84
N LEU D 214 -7.15 19.80 5.72
CA LEU D 214 -5.82 19.18 5.69
C LEU D 214 -5.56 18.25 6.88
N PHE D 215 -6.03 18.62 8.07
CA PHE D 215 -5.89 17.78 9.26
C PHE D 215 -6.34 16.32 9.05
N ARG D 216 -7.21 16.06 8.09
CA ARG D 216 -7.63 14.67 7.88
C ARG D 216 -7.07 14.06 6.60
N HIS D 217 -6.09 14.74 6.01
CA HIS D 217 -5.34 14.19 4.88
C HIS D 217 -3.84 14.42 5.09
N PRO D 218 -3.24 13.63 6.00
CA PRO D 218 -1.82 13.80 6.37
C PRO D 218 -0.87 13.77 5.17
N ASP D 219 -1.03 12.80 4.29
CA ASP D 219 -0.14 12.71 3.13
C ASP D 219 -0.16 14.03 2.35
N LEU D 220 -1.30 14.72 2.32
CA LEU D 220 -1.39 16.00 1.60
C LEU D 220 -0.99 17.21 2.46
N ALA D 221 -1.28 17.15 3.75
CA ALA D 221 -0.83 18.21 4.68
C ALA D 221 0.68 18.43 4.58
N GLU D 222 1.44 17.35 4.40
CA GLU D 222 2.88 17.44 4.16
C GLU D 222 3.29 18.44 3.07
N LEU D 223 2.49 18.52 2.00
CA LEU D 223 2.85 19.33 0.84
C LEU D 223 2.61 20.83 1.05
N ARG D 224 2.01 21.16 2.18
CA ARG D 224 1.64 22.54 2.53
C ARG D 224 2.77 23.54 2.27
N GLU D 225 3.91 23.27 2.88
CA GLU D 225 5.08 24.15 2.77
C GLU D 225 5.55 24.39 1.34
N VAL D 226 5.69 23.30 0.57
CA VAL D 226 6.22 23.41 -0.78
C VAL D 226 5.22 24.01 -1.75
N GLU D 227 3.93 23.80 -1.49
CA GLU D 227 2.90 24.31 -2.40
C GLU D 227 2.49 25.76 -2.12
N ALA D 228 3.00 26.32 -1.03
CA ALA D 228 2.67 27.69 -0.65
C ALA D 228 3.09 28.72 -1.71
N GLU D 229 2.17 29.61 -2.04
CA GLU D 229 2.44 30.71 -2.96
C GLU D 229 3.55 31.63 -2.42
N HIS D 230 3.77 31.58 -1.11
CA HIS D 230 4.81 32.38 -0.47
C HIS D 230 5.27 31.75 0.84
N PRO D 231 6.58 31.77 1.12
CA PRO D 231 7.09 31.09 2.32
C PRO D 231 6.56 31.70 3.63
N LEU D 232 6.19 32.97 3.60
CA LEU D 232 5.64 33.58 4.80
C LEU D 232 4.24 33.06 5.17
N GLU D 233 3.53 32.45 4.22
CA GLU D 233 2.22 31.87 4.53
C GLU D 233 2.40 30.80 5.61
N VAL D 234 3.48 30.06 5.53
CA VAL D 234 3.70 28.95 6.45
C VAL D 234 4.03 29.45 7.86
N GLU D 235 5.01 30.35 7.96
CA GLU D 235 5.37 30.95 9.23
C GLU D 235 4.14 31.52 9.91
N ALA D 236 3.38 32.33 9.18
CA ALA D 236 2.20 32.98 9.73
C ALA D 236 1.22 31.95 10.29
N SER D 237 1.09 30.82 9.61
CA SER D 237 0.20 29.74 10.03
C SER D 237 0.59 29.18 11.40
N ASN D 238 1.89 29.21 11.68
CA ASN D 238 2.43 28.67 12.92
C ASN D 238 1.82 29.37 14.13
N TYR D 239 1.54 30.66 13.96
CA TYR D 239 1.01 31.48 15.04
C TYR D 239 -0.52 31.57 14.93
N GLY D 240 -1.07 30.96 13.88
CA GLY D 240 -2.50 31.02 13.63
C GLY D 240 -2.90 32.29 12.90
N PHE D 241 -1.94 32.90 12.20
CA PHE D 241 -2.18 34.08 11.38
C PHE D 241 -2.49 33.65 9.95
N ALA D 242 -3.24 34.49 9.23
CA ALA D 242 -3.42 34.28 7.81
C ALA D 242 -2.66 35.38 7.07
N TYR D 243 -1.71 34.95 6.22
CA TYR D 243 -0.88 35.89 5.47
C TYR D 243 -1.15 35.71 3.99
N VAL D 244 -1.14 36.84 3.27
CA VAL D 244 -1.25 36.82 1.80
C VAL D 244 -0.25 37.81 1.22
N LYS D 245 0.57 37.34 0.29
CA LYS D 245 1.54 38.20 -0.35
C LYS D 245 0.85 39.04 -1.42
N LEU D 246 1.00 40.35 -1.32
CA LEU D 246 0.53 41.27 -2.37
C LEU D 246 1.73 42.02 -2.94
N ASP D 247 1.58 42.62 -4.13
CA ASP D 247 2.68 43.45 -4.64
C ASP D 247 2.52 44.92 -4.22
N GLY D 248 3.46 45.36 -3.38
CA GLY D 248 3.42 46.69 -2.80
C GLY D 248 4.51 46.74 -1.73
N ASN D 249 4.59 47.86 -1.01
CA ASN D 249 5.68 48.06 -0.06
C ASN D 249 5.28 48.46 1.36
N ILE D 250 3.99 48.68 1.58
CA ILE D 250 3.50 48.94 2.93
C ILE D 250 3.06 47.63 3.60
N GLY D 251 3.70 47.29 4.71
CA GLY D 251 3.37 46.08 5.46
C GLY D 251 2.11 46.33 6.28
N ILE D 252 1.22 45.34 6.32
CA ILE D 252 -0.06 45.50 7.01
C ILE D 252 -0.27 44.43 8.08
N ILE D 253 -0.67 44.88 9.27
CA ILE D 253 -1.01 43.98 10.35
C ILE D 253 -2.31 44.40 11.02
N GLY D 254 -3.27 43.49 11.10
CA GLY D 254 -4.55 43.82 11.72
C GLY D 254 -5.16 42.64 12.45
N ASN D 255 -6.14 42.91 13.31
CA ASN D 255 -6.84 41.83 14.00
C ASN D 255 -8.28 41.61 13.51
N GLY D 256 -8.41 40.78 12.49
CA GLY D 256 -9.70 40.44 11.94
C GLY D 256 -9.68 40.60 10.45
N ALA D 257 -10.00 39.54 9.72
CA ALA D 257 -9.96 39.58 8.28
C ALA D 257 -10.72 40.76 7.67
N GLY D 258 -11.90 41.05 8.21
CA GLY D 258 -12.73 42.14 7.71
C GLY D 258 -12.02 43.46 7.92
N LEU D 259 -11.49 43.68 9.11
CA LEU D 259 -10.76 44.90 9.42
C LEU D 259 -9.50 45.04 8.54
N VAL D 260 -8.84 43.92 8.26
CA VAL D 260 -7.62 43.98 7.46
C VAL D 260 -7.94 44.36 6.02
N MET D 261 -9.00 43.78 5.46
CA MET D 261 -9.47 44.15 4.13
C MET D 261 -9.80 45.64 4.06
N TYR D 262 -10.50 46.13 5.08
CA TYR D 262 -10.82 47.56 5.19
C TYR D 262 -9.54 48.40 5.18
N THR D 263 -8.57 47.98 5.98
CA THR D 263 -7.26 48.62 5.99
C THR D 263 -6.59 48.64 4.62
N LEU D 264 -6.56 47.51 3.92
CA LEU D 264 -6.05 47.46 2.55
C LEU D 264 -6.80 48.44 1.65
N ASP D 265 -8.11 48.52 1.84
CA ASP D 265 -8.95 49.38 1.01
C ASP D 265 -8.62 50.85 1.27
N LEU D 266 -8.45 51.21 2.54
CA LEU D 266 -8.04 52.55 2.92
C LEU D 266 -6.71 52.93 2.29
N VAL D 267 -5.68 52.13 2.54
CA VAL D 267 -4.36 52.37 1.96
C VAL D 267 -4.44 52.58 0.45
N ASN D 268 -4.99 51.59 -0.27
CA ASN D 268 -5.12 51.71 -1.72
C ASN D 268 -5.81 52.99 -2.17
N ARG D 269 -6.88 53.36 -1.48
CA ARG D 269 -7.65 54.55 -1.86
C ARG D 269 -6.82 55.83 -1.82
N VAL D 270 -5.92 55.92 -0.84
CA VAL D 270 -5.13 57.14 -0.65
C VAL D 270 -3.75 57.08 -1.32
N GLY D 271 -3.62 56.23 -2.33
CA GLY D 271 -2.43 56.19 -3.14
C GLY D 271 -1.39 55.15 -2.76
N GLY D 272 -1.56 54.56 -1.57
CA GLY D 272 -0.66 53.54 -1.08
C GLY D 272 -0.75 52.24 -1.86
N LYS D 273 0.16 51.32 -1.54
CA LYS D 273 0.21 50.04 -2.23
C LYS D 273 0.70 48.97 -1.24
N PRO D 274 -0.24 48.21 -0.65
CA PRO D 274 0.04 47.25 0.43
C PRO D 274 0.90 46.07 -0.03
N ALA D 275 1.81 45.64 0.84
CA ALA D 275 2.73 44.54 0.55
C ALA D 275 2.13 43.20 0.93
N ASN D 276 1.15 43.24 1.83
CA ASN D 276 0.52 42.01 2.31
C ASN D 276 -0.80 42.20 3.06
N PHE D 277 -1.51 41.09 3.14
CA PHE D 277 -2.60 40.92 4.08
C PHE D 277 -2.05 40.10 5.25
N LEU D 278 -2.27 40.56 6.49
CA LEU D 278 -2.00 39.73 7.67
C LEU D 278 -3.05 39.88 8.78
N ASP D 279 -3.85 38.85 8.97
CA ASP D 279 -4.84 38.81 10.04
C ASP D 279 -4.27 38.02 11.23
N ILE D 280 -4.05 38.69 12.35
CA ILE D 280 -3.45 38.03 13.52
C ILE D 280 -4.49 37.33 14.39
N GLY D 281 -5.74 37.37 13.96
CA GLY D 281 -6.79 36.72 14.72
C GLY D 281 -7.55 37.69 15.61
N GLY D 282 -8.46 37.15 16.42
CA GLY D 282 -9.34 37.98 17.22
C GLY D 282 -8.61 38.86 18.21
N GLY D 283 -7.72 38.24 18.99
CA GLY D 283 -7.01 38.91 20.07
C GLY D 283 -5.71 39.54 19.63
N ALA D 284 -5.22 40.49 20.43
CA ALA D 284 -3.99 41.23 20.08
C ALA D 284 -3.13 41.57 21.30
N LYS D 285 -2.65 40.55 21.99
CA LYS D 285 -1.70 40.76 23.07
C LYS D 285 -0.27 40.97 22.57
N ALA D 286 0.66 41.25 23.48
CA ALA D 286 2.03 41.60 23.13
C ALA D 286 2.75 40.56 22.26
N ASP D 287 2.74 39.30 22.69
CA ASP D 287 3.38 38.22 21.93
C ASP D 287 2.88 38.16 20.48
N VAL D 288 1.56 38.19 20.32
CA VAL D 288 0.93 38.14 19.01
C VAL D 288 1.46 39.24 18.09
N VAL D 289 1.45 40.48 18.57
CA VAL D 289 1.92 41.60 17.74
C VAL D 289 3.40 41.46 17.42
N TYR D 290 4.17 40.97 18.38
CA TYR D 290 5.60 40.78 18.18
C TYR D 290 5.85 39.77 17.06
N ASN D 291 5.18 38.62 17.14
CA ASN D 291 5.30 37.60 16.12
C ASN D 291 4.87 38.12 14.76
N ALA D 292 3.75 38.84 14.73
CA ALA D 292 3.24 39.42 13.48
C ALA D 292 4.29 40.34 12.84
N LEU D 293 4.89 41.19 13.65
CA LEU D 293 5.98 42.03 13.17
C LEU D 293 7.10 41.17 12.60
N LYS D 294 7.46 40.12 13.34
CA LYS D 294 8.53 39.24 12.94
C LYS D 294 8.29 38.70 11.54
N VAL D 295 7.11 38.15 11.32
CA VAL D 295 6.72 37.60 10.02
C VAL D 295 6.73 38.63 8.88
N VAL D 296 6.11 39.79 9.13
CA VAL D 296 5.96 40.82 8.10
C VAL D 296 7.30 41.39 7.66
N LEU D 297 8.21 41.52 8.62
CA LEU D 297 9.51 42.14 8.35
C LEU D 297 10.49 41.23 7.61
N LYS D 298 10.21 39.93 7.57
CA LYS D 298 11.00 39.02 6.75
C LYS D 298 10.73 39.22 5.26
N ASP D 299 9.89 40.19 4.93
CA ASP D 299 9.58 40.48 3.54
C ASP D 299 10.39 41.70 3.05
N PRO D 300 11.42 41.45 2.21
CA PRO D 300 12.26 42.50 1.64
C PRO D 300 11.49 43.69 1.10
N ASP D 301 10.36 43.47 0.43
CA ASP D 301 9.59 44.55 -0.18
C ASP D 301 9.01 45.56 0.81
N VAL D 302 8.97 45.20 2.08
CA VAL D 302 8.34 46.05 3.10
C VAL D 302 9.15 47.29 3.44
N LYS D 303 8.62 48.47 3.09
CA LYS D 303 9.23 49.75 3.45
C LYS D 303 8.94 50.13 4.91
N GLY D 304 7.68 49.98 5.28
CA GLY D 304 7.23 50.32 6.63
C GLY D 304 6.01 49.50 6.98
N VAL D 305 5.52 49.66 8.20
CA VAL D 305 4.43 48.82 8.66
C VAL D 305 3.26 49.61 9.26
N PHE D 306 2.07 49.34 8.74
CA PHE D 306 0.84 49.95 9.25
C PHE D 306 0.13 48.90 10.10
N ILE D 307 0.08 49.11 11.40
CA ILE D 307 -0.64 48.23 12.31
C ILE D 307 -2.00 48.85 12.64
N ASN D 308 -3.10 48.15 12.31
CA ASN D 308 -4.44 48.69 12.56
C ASN D 308 -5.25 47.71 13.38
N ILE D 309 -5.46 48.03 14.65
CA ILE D 309 -6.04 47.10 15.60
C ILE D 309 -7.22 47.73 16.35
N PHE D 310 -8.30 46.98 16.54
CA PHE D 310 -9.39 47.43 17.37
C PHE D 310 -9.55 46.42 18.48
N GLY D 311 -9.03 46.77 19.65
CA GLY D 311 -8.97 45.84 20.76
C GLY D 311 -10.23 45.81 21.61
N GLY D 312 -10.85 46.97 21.77
CA GLY D 312 -12.00 47.10 22.64
C GLY D 312 -11.68 46.82 24.10
N ILE D 313 -11.77 45.54 24.48
CA ILE D 313 -11.41 45.10 25.83
C ILE D 313 -9.88 45.08 26.00
N THR D 314 -9.20 44.52 25.00
CA THR D 314 -7.74 44.42 25.01
C THR D 314 -7.11 45.82 25.15
N ARG D 315 -6.22 45.98 26.13
CA ARG D 315 -5.55 47.25 26.38
C ARG D 315 -4.60 47.60 25.23
N ALA D 316 -4.41 48.90 24.97
CA ALA D 316 -3.62 49.37 23.82
C ALA D 316 -2.12 49.24 24.02
N ASP D 317 -1.63 49.40 25.24
CA ASP D 317 -0.21 49.21 25.46
C ASP D 317 0.23 47.78 25.10
N GLU D 318 -0.70 46.81 25.15
CA GLU D 318 -0.38 45.44 24.78
C GLU D 318 0.28 45.46 23.40
N VAL D 319 -0.28 46.24 22.50
CA VAL D 319 0.29 46.41 21.17
C VAL D 319 1.65 47.08 21.26
N ALA D 320 1.71 48.21 21.96
CA ALA D 320 2.96 48.95 22.09
C ALA D 320 4.07 48.09 22.69
N LYS D 321 3.75 47.34 23.74
CA LYS D 321 4.71 46.48 24.40
C LYS D 321 5.34 45.50 23.42
N GLY D 322 4.51 44.92 22.55
CA GLY D 322 4.99 43.98 21.54
C GLY D 322 5.85 44.62 20.47
N VAL D 323 5.50 45.85 20.09
CA VAL D 323 6.28 46.58 19.09
C VAL D 323 7.61 47.01 19.69
N ILE D 324 7.57 47.44 20.95
CA ILE D 324 8.78 47.82 21.68
C ILE D 324 9.77 46.66 21.78
N ARG D 325 9.31 45.52 22.27
CA ARG D 325 10.11 44.30 22.32
C ARG D 325 10.83 44.08 20.98
N ALA D 326 10.08 44.16 19.90
CA ALA D 326 10.62 43.95 18.57
C ALA D 326 11.70 44.95 18.23
N LEU D 327 11.49 46.20 18.62
CA LEU D 327 12.42 47.27 18.29
C LEU D 327 13.74 47.11 19.04
N GLU D 328 13.66 46.82 20.34
CA GLU D 328 14.86 46.71 21.16
C GLU D 328 15.58 45.36 21.01
N GLU D 329 15.08 44.53 20.10
CA GLU D 329 15.80 43.32 19.71
C GLU D 329 16.47 43.53 18.35
N GLY D 330 16.42 44.76 17.86
CA GLY D 330 16.93 45.07 16.53
C GLY D 330 16.24 44.32 15.39
N LEU D 331 14.97 44.00 15.56
CA LEU D 331 14.18 43.39 14.50
C LEU D 331 13.53 44.47 13.64
N LEU D 332 13.01 45.49 14.32
CA LEU D 332 12.25 46.58 13.70
C LEU D 332 13.17 47.66 13.13
N THR D 333 13.47 47.57 11.85
CA THR D 333 14.38 48.53 11.21
C THR D 333 13.65 49.54 10.32
N LYS D 334 12.33 49.37 10.18
CA LYS D 334 11.52 50.26 9.36
C LYS D 334 10.59 51.08 10.25
N PRO D 335 9.99 52.17 9.71
CA PRO D 335 9.02 52.96 10.48
C PRO D 335 7.68 52.24 10.64
N VAL D 336 7.05 52.40 11.80
CA VAL D 336 5.80 51.72 12.10
C VAL D 336 4.69 52.72 12.49
N VAL D 337 3.63 52.75 11.70
CA VAL D 337 2.48 53.62 11.96
C VAL D 337 1.33 52.80 12.52
N MET D 338 0.77 53.23 13.64
CA MET D 338 -0.32 52.48 14.28
C MET D 338 -1.63 53.25 14.49
N ARG D 339 -2.74 52.51 14.43
CA ARG D 339 -4.02 52.97 14.95
C ARG D 339 -4.49 51.88 15.90
N VAL D 340 -4.41 52.13 17.20
CA VAL D 340 -4.77 51.12 18.19
C VAL D 340 -5.89 51.57 19.11
N ALA D 341 -7.12 51.20 18.78
CA ALA D 341 -8.28 51.53 19.61
C ALA D 341 -8.41 50.54 20.75
N GLY D 342 -8.69 51.08 21.92
CA GLY D 342 -8.87 50.26 23.09
C GLY D 342 -8.63 51.06 24.35
N THR D 343 -8.43 50.34 25.44
CA THR D 343 -8.29 50.94 26.75
C THR D 343 -6.90 51.54 26.92
N ALA D 344 -6.83 52.58 27.75
CA ALA D 344 -5.54 53.20 28.10
C ALA D 344 -4.70 53.50 26.88
N GLU D 345 -5.25 54.32 25.97
CA GLU D 345 -4.56 54.68 24.74
C GLU D 345 -3.48 55.71 25.01
N GLU D 346 -3.62 56.43 26.11
CA GLU D 346 -2.67 57.47 26.50
C GLU D 346 -1.39 56.87 27.11
N GLU D 347 -1.54 55.92 28.03
CA GLU D 347 -0.36 55.27 28.60
C GLU D 347 0.39 54.50 27.51
N ALA D 348 -0.32 54.09 26.47
CA ALA D 348 0.33 53.44 25.34
C ALA D 348 1.14 54.47 24.55
N LYS D 349 0.63 55.70 24.46
CA LYS D 349 1.33 56.78 23.78
C LYS D 349 2.60 57.20 24.52
N LYS D 350 2.53 57.19 25.85
CA LYS D 350 3.69 57.53 26.69
C LYS D 350 4.59 56.31 26.89
N LEU D 351 4.43 55.31 26.02
CA LEU D 351 5.35 54.19 25.96
C LEU D 351 6.18 54.33 24.67
N LEU D 352 5.62 55.01 23.68
CA LEU D 352 6.24 55.11 22.36
C LEU D 352 6.86 56.49 22.14
N GLU D 353 7.06 57.21 23.24
CA GLU D 353 7.64 58.55 23.14
C GLU D 353 9.12 58.49 22.75
N GLY D 354 9.45 59.10 21.63
CA GLY D 354 10.82 59.19 21.16
C GLY D 354 11.22 58.07 20.22
N LYS D 355 10.47 56.98 20.27
CA LYS D 355 10.76 55.81 19.44
C LYS D 355 10.07 55.96 18.08
N PRO D 356 10.64 55.31 17.04
CA PRO D 356 10.14 55.48 15.66
C PRO D 356 8.83 54.71 15.41
N VAL D 357 7.90 54.86 16.35
CA VAL D 357 6.61 54.18 16.30
C VAL D 357 5.54 55.20 16.67
N TYR D 358 4.75 55.61 15.68
CA TYR D 358 3.82 56.72 15.86
C TYR D 358 2.35 56.29 15.80
N MET D 359 1.58 56.72 16.79
CA MET D 359 0.16 56.45 16.85
C MET D 359 -0.70 57.59 16.30
N TYR D 360 -1.92 57.27 15.90
CA TYR D 360 -2.90 58.26 15.49
C TYR D 360 -4.25 57.79 16.03
N PRO D 361 -5.20 58.72 16.17
CA PRO D 361 -6.53 58.34 16.66
C PRO D 361 -7.43 57.74 15.55
N THR D 362 -7.15 58.09 14.29
CA THR D 362 -7.96 57.66 13.16
C THR D 362 -7.19 56.77 12.18
N SER D 363 -7.89 55.83 11.57
CA SER D 363 -7.27 54.91 10.62
C SER D 363 -6.88 55.57 9.30
N ILE D 364 -7.74 56.44 8.78
CA ILE D 364 -7.46 57.11 7.51
C ILE D 364 -6.20 57.95 7.61
N GLU D 365 -6.02 58.57 8.77
CA GLU D 365 -4.84 59.40 9.02
C GLU D 365 -3.58 58.55 8.94
N ALA D 366 -3.51 57.53 9.80
CA ALA D 366 -2.42 56.57 9.79
C ALA D 366 -2.15 56.05 8.37
N ALA D 367 -3.23 55.76 7.64
CA ALA D 367 -3.12 55.26 6.28
C ALA D 367 -2.36 56.25 5.41
N LYS D 368 -2.74 57.51 5.47
CA LYS D 368 -2.11 58.55 4.67
C LYS D 368 -0.61 58.67 5.00
N VAL D 369 -0.31 58.76 6.30
CA VAL D 369 1.06 58.81 6.75
C VAL D 369 1.98 57.80 6.06
N THR D 370 1.57 56.54 6.04
CA THR D 370 2.42 55.48 5.50
C THR D 370 2.61 55.63 3.99
N VAL D 371 1.78 56.46 3.36
CA VAL D 371 1.88 56.65 1.92
C VAL D 371 3.16 57.40 1.56
N ALA D 372 3.53 58.36 2.42
CA ALA D 372 4.78 59.11 2.27
C ALA D 372 5.93 58.41 2.99
N MET D 373 6.45 57.35 2.36
CA MET D 373 7.50 56.54 2.96
C MET D 373 8.36 55.88 1.88
N MET E 1 37.58 -44.70 12.09
CA MET E 1 36.68 -43.57 12.23
C MET E 1 37.14 -42.42 11.37
N ILE E 2 36.26 -41.46 11.13
CA ILE E 2 36.63 -40.21 10.46
C ILE E 2 36.00 -39.01 11.18
N LEU E 3 36.66 -37.86 11.08
CA LEU E 3 36.10 -36.58 11.53
C LEU E 3 36.02 -36.39 13.05
N VAL E 4 35.43 -37.34 13.75
CA VAL E 4 35.22 -37.19 15.19
C VAL E 4 35.52 -38.49 15.92
N ASN E 5 35.99 -38.38 17.16
CA ASN E 5 36.24 -39.52 18.04
C ASN E 5 36.04 -39.10 19.49
N LYS E 6 36.45 -39.92 20.43
CA LYS E 6 36.15 -39.64 21.84
C LYS E 6 36.80 -38.38 22.38
N GLU E 7 37.79 -37.85 21.64
CA GLU E 7 38.49 -36.65 22.07
C GLU E 7 37.83 -35.37 21.56
N THR E 8 36.86 -35.51 20.66
CA THR E 8 36.18 -34.38 20.07
C THR E 8 35.41 -33.61 21.14
N ARG E 9 35.71 -32.32 21.26
CA ARG E 9 35.06 -31.49 22.26
C ARG E 9 33.94 -30.68 21.60
N VAL E 10 32.73 -30.82 22.13
CA VAL E 10 31.54 -30.39 21.41
C VAL E 10 30.81 -29.18 22.02
N LEU E 11 30.46 -28.22 21.18
CA LEU E 11 29.64 -27.09 21.61
C LEU E 11 28.22 -27.33 21.08
N VAL E 12 27.21 -27.05 21.90
CA VAL E 12 25.82 -27.17 21.44
C VAL E 12 25.18 -25.79 21.29
N GLN E 13 24.87 -25.39 20.06
CA GLN E 13 24.09 -24.16 19.86
C GLN E 13 22.60 -24.47 19.90
N GLY E 14 21.84 -23.70 20.67
CA GLY E 14 20.43 -23.99 20.90
C GLY E 14 20.22 -24.94 22.06
N ILE E 15 21.16 -24.94 22.98
CA ILE E 15 21.17 -25.92 24.05
C ILE E 15 19.95 -25.79 24.96
N THR E 16 19.38 -24.58 25.07
CA THR E 16 18.31 -24.35 26.06
C THR E 16 16.96 -24.72 25.50
N GLY E 17 16.88 -24.87 24.18
CA GLY E 17 15.65 -25.29 23.53
C GLY E 17 15.26 -26.73 23.83
N ARG E 18 14.08 -27.09 23.36
CA ARG E 18 13.42 -28.34 23.72
C ARG E 18 14.30 -29.47 23.22
N GLU E 19 14.59 -29.41 21.94
CA GLU E 19 15.40 -30.39 21.25
C GLU E 19 16.86 -30.38 21.74
N GLY E 20 17.44 -29.19 21.86
CA GLY E 20 18.80 -29.10 22.32
C GLY E 20 18.96 -29.73 23.70
N GLN E 21 18.04 -29.43 24.61
CA GLN E 21 18.07 -30.01 25.95
C GLN E 21 18.00 -31.52 25.90
N PHE E 22 17.08 -32.01 25.10
CA PHE E 22 16.82 -33.43 25.08
C PHE E 22 18.03 -34.20 24.56
N HIS E 23 18.57 -33.73 23.45
CA HIS E 23 19.72 -34.43 22.84
C HIS E 23 21.06 -34.16 23.52
N THR E 24 21.19 -33.02 24.17
CA THR E 24 22.37 -32.80 25.01
C THR E 24 22.42 -33.89 26.10
N LYS E 25 21.29 -34.16 26.75
CA LYS E 25 21.24 -35.22 27.77
C LYS E 25 21.66 -36.57 27.16
N GLN E 26 21.07 -36.92 26.03
CA GLN E 26 21.40 -38.17 25.37
C GLN E 26 22.88 -38.26 25.02
N MET E 27 23.43 -37.20 24.46
CA MET E 27 24.82 -37.21 24.07
C MET E 27 25.68 -37.36 25.31
N LEU E 28 25.34 -36.67 26.40
CA LEU E 28 26.10 -36.80 27.64
C LEU E 28 26.12 -38.24 28.12
N SER E 29 24.97 -38.92 28.06
CA SER E 29 24.89 -40.32 28.47
C SER E 29 25.76 -41.20 27.62
N TYR E 30 25.92 -40.84 26.36
CA TYR E 30 26.66 -41.69 25.45
C TYR E 30 28.15 -41.55 25.73
N GLY E 31 28.54 -40.44 26.35
CA GLY E 31 29.96 -40.16 26.53
C GLY E 31 30.52 -39.00 25.73
N THR E 32 29.69 -38.39 24.88
CA THR E 32 30.12 -37.25 24.07
C THR E 32 30.63 -36.16 25.00
N LYS E 33 31.72 -35.50 24.61
CA LYS E 33 32.26 -34.43 25.44
C LYS E 33 31.63 -33.08 25.12
N ILE E 34 30.46 -32.82 25.72
CA ILE E 34 29.83 -31.52 25.58
C ILE E 34 30.45 -30.59 26.59
N VAL E 35 31.14 -29.55 26.13
CA VAL E 35 31.88 -28.69 27.02
C VAL E 35 31.22 -27.33 27.21
N ALA E 36 30.30 -26.97 26.32
CA ALA E 36 29.71 -25.64 26.39
C ALA E 36 28.48 -25.55 25.54
N GLY E 37 27.68 -24.52 25.80
CA GLY E 37 26.47 -24.28 25.05
C GLY E 37 26.29 -22.80 24.69
N VAL E 38 25.53 -22.55 23.61
CA VAL E 38 25.26 -21.18 23.18
C VAL E 38 23.77 -20.94 22.94
N THR E 39 23.22 -19.92 23.56
CA THR E 39 21.87 -19.44 23.21
C THR E 39 21.81 -17.94 23.49
N PRO E 40 21.66 -17.12 22.44
CA PRO E 40 21.61 -15.67 22.68
C PRO E 40 20.48 -15.34 23.60
N GLY E 41 20.74 -14.61 24.69
CA GLY E 41 19.69 -14.30 25.66
C GLY E 41 19.79 -15.14 26.92
N LYS E 42 20.56 -16.23 26.88
CA LYS E 42 20.64 -17.14 28.01
C LYS E 42 22.06 -17.36 28.48
N GLY E 43 22.97 -16.47 28.11
CA GLY E 43 24.34 -16.55 28.58
C GLY E 43 24.37 -16.44 30.09
N GLY E 44 25.17 -17.27 30.73
CA GLY E 44 25.28 -17.22 32.18
C GLY E 44 24.39 -18.25 32.86
N MET E 45 23.46 -18.81 32.09
CA MET E 45 22.66 -19.96 32.51
C MET E 45 23.48 -21.26 32.40
N GLU E 46 22.90 -22.36 32.84
CA GLU E 46 23.56 -23.65 32.81
C GLU E 46 22.52 -24.68 32.40
N VAL E 47 22.93 -25.67 31.61
CA VAL E 47 22.02 -26.74 31.20
C VAL E 47 22.69 -28.09 31.39
N LEU E 48 22.10 -28.94 32.24
CA LEU E 48 22.67 -30.25 32.48
C LEU E 48 24.17 -30.17 32.80
N GLY E 49 24.53 -29.17 33.60
CA GLY E 49 25.91 -28.98 34.01
C GLY E 49 26.80 -28.28 32.99
N VAL E 50 26.23 -27.93 31.83
CA VAL E 50 27.00 -27.32 30.75
C VAL E 50 26.81 -25.80 30.79
N PRO E 51 27.92 -25.04 30.84
CA PRO E 51 27.76 -23.58 30.89
C PRO E 51 27.21 -23.04 29.56
N VAL E 52 26.36 -22.04 29.63
CA VAL E 52 25.76 -21.44 28.43
C VAL E 52 26.26 -20.01 28.18
N TYR E 53 26.56 -19.69 26.92
CA TYR E 53 27.05 -18.36 26.55
C TYR E 53 26.12 -17.73 25.53
N ASP E 54 26.20 -16.40 25.39
CA ASP E 54 25.36 -15.69 24.43
C ASP E 54 25.83 -15.87 22.99
N THR E 55 27.13 -15.99 22.79
CA THR E 55 27.71 -16.12 21.46
C THR E 55 28.76 -17.23 21.41
N VAL E 56 28.99 -17.76 20.22
CA VAL E 56 29.98 -18.83 20.03
C VAL E 56 31.37 -18.33 20.44
N LYS E 57 31.71 -17.10 20.06
CA LYS E 57 33.00 -16.52 20.42
C LYS E 57 33.26 -16.48 21.93
N GLU E 58 32.25 -16.14 22.73
CA GLU E 58 32.48 -16.18 24.17
C GLU E 58 32.70 -17.63 24.57
N ALA E 59 31.87 -18.51 24.04
CA ALA E 59 32.03 -19.92 24.37
C ALA E 59 33.48 -20.40 24.10
N VAL E 60 33.98 -20.23 22.88
CA VAL E 60 35.33 -20.71 22.60
C VAL E 60 36.43 -19.91 23.32
N ALA E 61 36.09 -18.79 23.94
CA ALA E 61 37.09 -18.04 24.70
C ALA E 61 37.33 -18.70 26.05
N HIS E 62 36.40 -19.55 26.48
CA HIS E 62 36.54 -20.22 27.75
C HIS E 62 36.68 -21.74 27.58
N HIS E 63 36.41 -22.25 26.39
CA HIS E 63 36.52 -23.68 26.14
C HIS E 63 37.08 -23.99 24.77
N GLU E 64 37.98 -24.96 24.70
CA GLU E 64 38.44 -25.47 23.42
C GLU E 64 37.31 -26.32 22.85
N VAL E 65 37.02 -26.10 21.56
CA VAL E 65 35.90 -26.73 20.88
C VAL E 65 36.38 -27.21 19.51
N ASP E 66 36.09 -28.46 19.19
CA ASP E 66 36.42 -29.05 17.89
C ASP E 66 35.23 -29.19 16.96
N ALA E 67 34.02 -29.10 17.51
CA ALA E 67 32.80 -29.24 16.73
C ALA E 67 31.62 -28.58 17.41
N SER E 68 30.68 -28.13 16.60
CA SER E 68 29.44 -27.54 17.09
C SER E 68 28.25 -28.25 16.47
N ILE E 69 27.22 -28.49 17.27
CA ILE E 69 26.00 -29.08 16.77
C ILE E 69 24.87 -28.10 17.01
N ILE E 70 24.05 -27.87 15.98
CA ILE E 70 23.11 -26.75 15.98
C ILE E 70 21.66 -27.20 16.03
N PHE E 71 20.94 -26.78 17.08
CA PHE E 71 19.53 -27.10 17.28
C PHE E 71 18.65 -25.86 17.20
N VAL E 72 19.21 -24.77 16.72
CA VAL E 72 18.49 -23.50 16.57
C VAL E 72 17.33 -23.59 15.56
N PRO E 73 16.20 -22.94 15.85
CA PRO E 73 15.02 -23.00 14.97
C PRO E 73 15.30 -22.53 13.53
N ALA E 74 14.58 -23.08 12.56
CA ALA E 74 14.86 -22.85 11.15
C ALA E 74 15.09 -21.39 10.76
N PRO E 75 14.29 -20.47 11.29
CA PRO E 75 14.50 -19.10 10.80
C PRO E 75 15.88 -18.54 11.17
N ALA E 76 16.51 -19.10 12.18
CA ALA E 76 17.76 -18.54 12.68
C ALA E 76 18.93 -19.49 12.47
N ALA E 77 18.68 -20.67 11.93
CA ALA E 77 19.69 -21.72 11.95
C ALA E 77 20.90 -21.45 11.02
N ALA E 78 20.64 -20.93 9.82
CA ALA E 78 21.71 -20.60 8.88
C ALA E 78 22.66 -19.58 9.50
N ASP E 79 22.07 -18.55 10.10
CA ASP E 79 22.83 -17.53 10.81
C ASP E 79 23.67 -18.19 11.91
N ALA E 80 23.11 -19.19 12.57
CA ALA E 80 23.88 -19.83 13.63
C ALA E 80 25.09 -20.57 13.06
N ALA E 81 24.90 -21.24 11.92
CA ALA E 81 26.01 -21.94 11.27
C ALA E 81 27.10 -20.94 10.88
N LEU E 82 26.67 -19.79 10.34
CA LEU E 82 27.64 -18.76 9.96
C LEU E 82 28.46 -18.32 11.16
N GLU E 83 27.78 -18.09 12.28
CA GLU E 83 28.43 -17.66 13.51
C GLU E 83 29.50 -18.64 13.95
N ALA E 84 29.20 -19.94 13.82
CA ALA E 84 30.15 -20.96 14.22
C ALA E 84 31.36 -20.95 13.31
N ALA E 85 31.14 -20.90 12.00
CA ALA E 85 32.25 -20.89 11.07
C ALA E 85 33.11 -19.65 11.31
N HIS E 86 32.48 -18.51 11.59
CA HIS E 86 33.23 -17.27 11.77
C HIS E 86 33.99 -17.27 13.09
N ALA E 87 33.63 -18.19 13.99
CA ALA E 87 34.34 -18.31 15.25
C ALA E 87 35.48 -19.32 15.12
N GLY E 88 35.61 -19.92 13.95
CA GLY E 88 36.74 -20.79 13.67
C GLY E 88 36.52 -22.25 14.00
N ILE E 89 35.27 -22.62 14.23
CA ILE E 89 34.96 -24.00 14.53
C ILE E 89 35.03 -24.87 13.27
N PRO E 90 35.85 -25.93 13.27
CA PRO E 90 36.21 -26.68 12.06
C PRO E 90 35.09 -27.58 11.56
N LEU E 91 34.29 -28.11 12.49
CA LEU E 91 33.21 -29.01 12.11
C LEU E 91 31.88 -28.53 12.68
N ILE E 92 30.90 -28.34 11.80
CA ILE E 92 29.60 -27.81 12.18
C ILE E 92 28.49 -28.75 11.76
N VAL E 93 27.70 -29.21 12.71
CA VAL E 93 26.63 -30.16 12.42
C VAL E 93 25.28 -29.49 12.55
N LEU E 94 24.62 -29.29 11.40
CA LEU E 94 23.38 -28.55 11.39
C LEU E 94 22.21 -29.53 11.32
N ILE E 95 21.50 -29.68 12.44
CA ILE E 95 20.41 -30.65 12.56
C ILE E 95 19.12 -30.13 11.99
N THR E 96 18.88 -28.84 12.21
CA THR E 96 17.55 -28.26 12.02
C THR E 96 16.93 -28.47 10.66
N GLU E 97 15.68 -28.90 10.66
CA GLU E 97 14.89 -29.06 9.44
C GLU E 97 14.12 -27.78 9.12
N GLY E 98 13.84 -27.54 7.84
CA GLY E 98 12.97 -26.41 7.46
C GLY E 98 13.66 -25.09 7.17
N ILE E 99 14.98 -25.11 6.97
CA ILE E 99 15.70 -23.90 6.66
C ILE E 99 15.46 -23.53 5.20
N PRO E 100 15.17 -22.24 4.93
CA PRO E 100 14.95 -21.80 3.55
C PRO E 100 16.11 -22.13 2.63
N THR E 101 15.81 -22.75 1.49
CA THR E 101 16.84 -23.13 0.53
C THR E 101 17.86 -22.05 0.25
N LEU E 102 17.37 -20.83 0.10
CA LEU E 102 18.23 -19.72 -0.30
C LEU E 102 19.12 -19.27 0.82
N ASP E 103 18.69 -19.52 2.07
CA ASP E 103 19.55 -19.29 3.25
C ASP E 103 20.77 -20.20 3.17
N MET E 104 20.55 -21.45 2.76
CA MET E 104 21.63 -22.43 2.63
C MET E 104 22.51 -22.18 1.40
N VAL E 105 21.91 -21.80 0.27
CA VAL E 105 22.71 -21.44 -0.91
C VAL E 105 23.77 -20.41 -0.54
N ARG E 106 23.35 -19.41 0.23
CA ARG E 106 24.21 -18.35 0.70
C ARG E 106 25.23 -18.86 1.73
N ALA E 107 24.74 -19.52 2.78
CA ALA E 107 25.59 -19.92 3.90
C ALA E 107 26.60 -20.99 3.55
N VAL E 108 26.20 -21.98 2.76
CA VAL E 108 27.12 -23.04 2.36
C VAL E 108 28.35 -22.47 1.65
N GLU E 109 28.12 -21.52 0.76
CA GLU E 109 29.20 -20.85 0.03
C GLU E 109 30.15 -20.15 0.99
N GLU E 110 29.60 -19.40 1.94
CA GLU E 110 30.43 -18.63 2.88
C GLU E 110 31.21 -19.51 3.86
N ILE E 111 30.54 -20.51 4.42
CA ILE E 111 31.13 -21.40 5.40
C ILE E 111 32.29 -22.18 4.79
N LYS E 112 32.11 -22.66 3.56
CA LYS E 112 33.14 -23.44 2.88
C LYS E 112 34.37 -22.59 2.64
N ALA E 113 34.16 -21.39 2.12
CA ALA E 113 35.26 -20.47 1.85
C ALA E 113 36.04 -20.13 3.12
N LEU E 114 35.43 -20.35 4.29
CA LEU E 114 36.07 -20.04 5.58
C LEU E 114 36.90 -21.21 6.10
N GLY E 115 36.69 -22.39 5.54
CA GLY E 115 37.49 -23.54 5.92
C GLY E 115 36.80 -24.49 6.87
N SER E 116 35.55 -24.21 7.24
CA SER E 116 34.81 -25.13 8.09
C SER E 116 34.09 -26.17 7.26
N ARG E 117 33.96 -27.36 7.81
CA ARG E 117 33.14 -28.36 7.15
C ARG E 117 31.71 -28.31 7.75
N LEU E 118 30.71 -28.20 6.89
CA LEU E 118 29.33 -28.18 7.35
C LEU E 118 28.66 -29.48 7.01
N ILE E 119 28.05 -30.12 8.02
CA ILE E 119 27.19 -31.27 7.76
C ILE E 119 25.74 -30.87 8.02
N GLY E 120 24.86 -31.07 7.04
CA GLY E 120 23.45 -30.68 7.16
C GLY E 120 23.12 -29.61 6.15
N GLY E 121 21.96 -28.96 6.27
CA GLY E 121 21.04 -29.15 7.38
C GLY E 121 20.08 -30.31 7.20
N ASN E 122 19.04 -30.33 8.04
CA ASN E 122 18.02 -31.39 7.97
C ASN E 122 18.66 -32.76 8.02
N CYS E 123 19.48 -32.98 9.05
CA CYS E 123 20.25 -34.23 9.18
C CYS E 123 20.36 -34.72 10.62
N PRO E 124 20.56 -36.04 10.79
CA PRO E 124 20.64 -36.63 12.14
C PRO E 124 22.03 -36.48 12.78
N GLY E 125 23.02 -36.06 12.01
CA GLY E 125 24.34 -35.79 12.57
C GLY E 125 25.40 -36.86 12.26
N ILE E 126 26.39 -36.97 13.13
CA ILE E 126 27.49 -37.89 12.91
C ILE E 126 27.81 -38.69 14.16
N ILE E 127 28.03 -39.98 13.99
CA ILE E 127 28.42 -40.83 15.11
C ILE E 127 29.62 -41.73 14.74
N SER E 128 30.58 -41.80 15.65
CA SER E 128 31.70 -42.74 15.54
C SER E 128 31.54 -43.79 16.62
N ALA E 129 31.18 -45.01 16.20
CA ALA E 129 30.70 -46.05 17.09
C ALA E 129 31.58 -46.20 18.31
N GLU E 130 30.96 -46.09 19.49
CA GLU E 130 31.62 -46.30 20.78
C GLU E 130 32.74 -45.30 21.05
N GLU E 131 32.67 -44.15 20.38
CA GLU E 131 33.66 -43.10 20.59
C GLU E 131 32.96 -41.80 20.91
N THR E 132 32.03 -41.38 20.05
CA THR E 132 31.33 -40.13 20.30
C THR E 132 30.08 -39.97 19.45
N LYS E 133 29.04 -39.39 20.04
CA LYS E 133 27.80 -39.19 19.33
C LYS E 133 27.52 -37.69 19.19
N ILE E 134 27.51 -37.20 17.96
CA ILE E 134 27.21 -35.79 17.75
C ILE E 134 25.98 -35.66 16.84
N GLY E 135 24.79 -35.77 17.44
CA GLY E 135 23.57 -35.88 16.67
C GLY E 135 22.42 -36.47 17.46
N ILE E 136 21.38 -36.91 16.76
CA ILE E 136 20.12 -37.29 17.39
C ILE E 136 19.87 -38.78 17.18
N MET E 137 20.85 -39.51 16.68
CA MET E 137 20.63 -40.92 16.39
C MET E 137 20.71 -41.74 17.67
N PRO E 138 19.96 -42.86 17.71
CA PRO E 138 20.04 -43.80 18.85
C PRO E 138 21.38 -44.55 18.87
N GLY E 139 22.16 -44.36 19.93
CA GLY E 139 23.49 -44.94 20.01
C GLY E 139 23.54 -46.46 19.98
N HIS E 140 22.47 -47.10 20.43
CA HIS E 140 22.46 -48.54 20.66
C HIS E 140 22.52 -49.36 19.36
N VAL E 141 22.18 -48.75 18.23
CA VAL E 141 22.17 -49.52 16.99
C VAL E 141 23.51 -49.47 16.28
N PHE E 142 24.46 -48.77 16.88
CA PHE E 142 25.78 -48.64 16.23
C PHE E 142 26.89 -49.39 16.97
N LYS E 143 26.95 -50.71 16.83
CA LYS E 143 28.07 -51.48 17.37
C LYS E 143 29.34 -51.22 16.58
N ARG E 144 30.44 -50.97 17.29
CA ARG E 144 31.71 -50.70 16.61
C ARG E 144 32.20 -51.89 15.76
N GLY E 145 32.59 -51.59 14.53
CA GLY E 145 32.95 -52.62 13.58
C GLY E 145 33.70 -52.11 12.36
N ARG E 146 33.26 -52.55 11.18
CA ARG E 146 34.08 -52.47 9.98
C ARG E 146 33.49 -51.62 8.86
N VAL E 147 32.24 -51.19 9.01
CA VAL E 147 31.53 -50.53 7.92
C VAL E 147 31.20 -49.04 8.14
N GLY E 148 31.64 -48.20 7.22
CA GLY E 148 31.27 -46.80 7.22
C GLY E 148 29.98 -46.52 6.46
N ILE E 149 29.18 -45.57 6.95
CA ILE E 149 27.89 -45.28 6.33
C ILE E 149 27.74 -43.79 6.02
N ILE E 150 27.16 -43.49 4.87
CA ILE E 150 26.79 -42.12 4.50
C ILE E 150 25.35 -42.11 3.99
N SER E 151 24.48 -41.36 4.66
CA SER E 151 23.05 -41.43 4.32
C SER E 151 22.36 -40.09 4.15
N ARG E 152 21.40 -40.04 3.22
CA ARG E 152 20.54 -38.87 3.10
C ARG E 152 19.32 -38.97 4.00
N SER E 153 19.17 -40.08 4.70
CA SER E 153 18.08 -40.23 5.64
C SER E 153 18.48 -40.62 7.06
N GLY E 154 17.50 -40.64 7.96
CA GLY E 154 17.74 -40.85 9.37
C GLY E 154 17.35 -42.24 9.79
N THR E 155 16.08 -42.41 10.15
CA THR E 155 15.59 -43.71 10.63
C THR E 155 16.04 -44.86 9.72
N LEU E 156 15.97 -44.67 8.41
CA LEU E 156 16.38 -45.74 7.50
C LEU E 156 17.83 -46.10 7.79
N THR E 157 18.66 -45.10 8.08
CA THR E 157 20.06 -45.32 8.39
C THR E 157 20.20 -46.17 9.64
N TYR E 158 19.38 -45.87 10.65
CA TYR E 158 19.49 -46.56 11.93
C TYR E 158 19.15 -48.02 11.76
N GLU E 159 18.22 -48.31 10.85
CA GLU E 159 17.82 -49.69 10.59
C GLU E 159 18.95 -50.47 9.93
N ALA E 160 19.61 -49.84 8.95
CA ALA E 160 20.77 -50.45 8.29
C ALA E 160 21.88 -50.76 9.29
N ALA E 161 22.22 -49.77 10.12
CA ALA E 161 23.24 -49.96 11.15
C ALA E 161 22.88 -51.06 12.15
N ALA E 162 21.60 -51.14 12.51
CA ALA E 162 21.16 -52.18 13.44
C ALA E 162 21.38 -53.55 12.81
N ALA E 163 21.09 -53.65 11.50
CA ALA E 163 21.24 -54.89 10.76
C ALA E 163 22.70 -55.26 10.61
N LEU E 164 23.52 -54.27 10.27
CA LEU E 164 24.96 -54.48 10.14
C LEU E 164 25.56 -54.88 11.48
N SER E 165 24.97 -54.39 12.55
CA SER E 165 25.49 -54.69 13.88
C SER E 165 25.12 -56.10 14.34
N GLN E 166 23.87 -56.50 14.12
CA GLN E 166 23.42 -57.86 14.42
C GLN E 166 24.26 -58.89 13.67
N ALA E 167 24.60 -58.57 12.43
CA ALA E 167 25.32 -59.49 11.55
C ALA E 167 26.81 -59.57 11.88
N GLY E 168 27.20 -58.91 12.97
CA GLY E 168 28.59 -58.91 13.40
C GLY E 168 29.54 -58.09 12.54
N LEU E 169 29.02 -57.37 11.55
CA LEU E 169 29.85 -56.50 10.72
C LEU E 169 30.22 -55.20 11.44
N GLY E 170 29.23 -54.55 12.07
CA GLY E 170 29.50 -53.35 12.84
C GLY E 170 29.76 -52.13 11.98
N THR E 171 30.00 -50.99 12.63
CA THR E 171 30.12 -49.74 11.88
C THR E 171 31.29 -48.95 12.38
N THR E 172 31.77 -48.02 11.57
CA THR E 172 32.83 -47.12 11.99
C THR E 172 32.23 -45.76 12.29
N THR E 173 32.29 -44.86 11.31
CA THR E 173 31.61 -43.58 11.42
C THR E 173 30.40 -43.60 10.50
N THR E 174 29.25 -43.16 11.03
CA THR E 174 28.04 -42.98 10.23
C THR E 174 27.76 -41.50 10.13
N VAL E 175 27.56 -41.00 8.92
CA VAL E 175 27.25 -39.59 8.74
C VAL E 175 25.93 -39.42 8.03
N GLY E 176 24.94 -38.84 8.71
CA GLY E 176 23.71 -38.42 8.05
C GLY E 176 23.94 -37.05 7.42
N ILE E 177 24.01 -36.99 6.09
CA ILE E 177 24.35 -35.73 5.43
C ILE E 177 23.14 -34.84 5.15
N GLY E 178 21.94 -35.36 5.41
CA GLY E 178 20.74 -34.52 5.41
C GLY E 178 19.78 -34.70 4.26
N GLY E 179 18.55 -34.25 4.45
CA GLY E 179 17.51 -34.40 3.45
C GLY E 179 17.21 -33.15 2.64
N ASP E 180 18.07 -32.15 2.74
CA ASP E 180 17.89 -30.91 1.98
C ASP E 180 18.46 -30.97 0.57
N PRO E 181 18.02 -30.04 -0.30
CA PRO E 181 18.52 -29.95 -1.67
C PRO E 181 19.90 -29.27 -1.75
N VAL E 182 20.16 -28.37 -0.81
CA VAL E 182 21.48 -27.77 -0.70
C VAL E 182 22.09 -28.11 0.66
N ILE E 183 23.17 -28.88 0.64
CA ILE E 183 23.79 -29.32 1.87
C ILE E 183 25.28 -29.03 1.89
N GLY E 184 25.87 -29.13 3.08
CA GLY E 184 27.26 -28.73 3.29
C GLY E 184 28.26 -29.79 2.85
N THR E 185 27.85 -31.06 2.99
CA THR E 185 28.71 -32.19 2.73
C THR E 185 27.97 -33.26 1.93
N THR E 186 28.55 -33.67 0.80
CA THR E 186 27.97 -34.70 -0.06
C THR E 186 28.66 -36.03 0.13
N PHE E 187 28.16 -37.09 -0.51
CA PHE E 187 28.83 -38.38 -0.52
C PHE E 187 30.30 -38.26 -0.97
N LYS E 188 30.50 -37.58 -2.09
CA LYS E 188 31.82 -37.47 -2.71
C LYS E 188 32.81 -36.72 -1.80
N ASP E 189 32.31 -35.85 -0.93
CA ASP E 189 33.18 -35.16 0.04
C ASP E 189 33.71 -36.12 1.09
N LEU E 190 32.89 -37.08 1.51
CA LEU E 190 33.28 -37.95 2.61
C LEU E 190 34.00 -39.22 2.13
N LEU E 191 33.73 -39.62 0.88
CA LEU E 191 34.33 -40.85 0.35
C LEU E 191 35.87 -40.94 0.47
N PRO E 192 36.59 -39.88 0.07
CA PRO E 192 38.06 -39.90 0.27
C PRO E 192 38.46 -40.08 1.74
N LEU E 193 37.67 -39.55 2.67
CA LEU E 193 38.00 -39.72 4.09
C LEU E 193 37.88 -41.18 4.52
N PHE E 194 36.77 -41.83 4.13
CA PHE E 194 36.60 -43.25 4.42
C PHE E 194 37.63 -44.10 3.71
N ASN E 195 37.94 -43.74 2.48
CA ASN E 195 38.93 -44.46 1.68
C ASN E 195 40.26 -44.59 2.41
N GLU E 196 40.64 -43.54 3.12
CA GLU E 196 41.95 -43.50 3.79
C GLU E 196 41.90 -43.89 5.27
N ASP E 197 40.74 -44.37 5.73
CA ASP E 197 40.60 -44.84 7.11
C ASP E 197 40.71 -46.37 7.13
N PRO E 198 41.84 -46.89 7.63
CA PRO E 198 42.06 -48.33 7.60
C PRO E 198 41.03 -49.12 8.41
N GLU E 199 40.39 -48.49 9.41
CA GLU E 199 39.37 -49.18 10.20
C GLU E 199 38.07 -49.39 9.43
N THR E 200 37.91 -48.67 8.32
CA THR E 200 36.74 -48.81 7.47
C THR E 200 37.05 -49.70 6.26
N GLU E 201 36.44 -50.89 6.23
CA GLU E 201 36.72 -51.87 5.20
C GLU E 201 35.69 -51.83 4.08
N ALA E 202 34.53 -51.24 4.37
CA ALA E 202 33.48 -51.12 3.38
C ALA E 202 32.65 -49.87 3.65
N VAL E 203 32.04 -49.32 2.61
CA VAL E 203 31.19 -48.14 2.77
C VAL E 203 29.82 -48.36 2.13
N VAL E 204 28.77 -48.08 2.89
CA VAL E 204 27.40 -48.17 2.40
C VAL E 204 26.86 -46.77 2.11
N LEU E 205 26.43 -46.53 0.87
CA LEU E 205 25.82 -45.25 0.49
C LEU E 205 24.31 -45.40 0.43
N ILE E 206 23.61 -44.81 1.38
CA ILE E 206 22.15 -44.80 1.37
C ILE E 206 21.65 -43.50 0.77
N GLY E 207 21.15 -43.58 -0.46
CA GLY E 207 20.71 -42.40 -1.17
C GLY E 207 19.21 -42.44 -1.44
N GLU E 208 18.75 -41.52 -2.28
CA GLU E 208 17.34 -41.46 -2.65
C GLU E 208 17.20 -40.55 -3.88
N ILE E 209 15.96 -40.39 -4.34
CA ILE E 209 15.71 -39.54 -5.51
C ILE E 209 16.18 -38.10 -5.27
N GLY E 210 16.39 -37.37 -6.36
CA GLY E 210 16.71 -35.96 -6.27
C GLY E 210 18.17 -35.60 -6.52
N GLY E 211 18.41 -34.60 -7.33
CA GLY E 211 19.76 -34.13 -7.62
C GLY E 211 20.66 -35.22 -8.18
N SER E 212 21.98 -35.03 -8.10
CA SER E 212 22.84 -36.06 -8.65
C SER E 212 24.10 -36.33 -7.84
N ASP E 213 23.99 -36.23 -6.53
CA ASP E 213 25.13 -36.51 -5.68
C ASP E 213 25.51 -37.98 -5.76
N GLU E 214 24.51 -38.86 -5.84
CA GLU E 214 24.81 -40.28 -5.98
C GLU E 214 25.60 -40.61 -7.26
N GLU E 215 25.18 -40.05 -8.40
CA GLU E 215 25.89 -40.28 -9.65
C GLU E 215 27.34 -39.76 -9.59
N GLU E 216 27.54 -38.61 -8.95
CA GLU E 216 28.88 -38.02 -8.82
C GLU E 216 29.74 -38.85 -7.85
N ALA E 217 29.08 -39.42 -6.85
CA ALA E 217 29.78 -40.26 -5.90
C ALA E 217 30.22 -41.53 -6.60
N ALA E 218 29.32 -42.09 -7.41
CA ALA E 218 29.60 -43.31 -8.14
C ALA E 218 30.81 -43.12 -9.06
N ALA E 219 30.83 -42.03 -9.81
CA ALA E 219 31.95 -41.76 -10.71
C ALA E 219 33.27 -41.71 -9.93
N TRP E 220 33.26 -41.10 -8.75
CA TRP E 220 34.47 -40.98 -7.95
C TRP E 220 34.92 -42.35 -7.44
N VAL E 221 33.96 -43.14 -6.97
CA VAL E 221 34.30 -44.48 -6.48
C VAL E 221 34.97 -45.31 -7.57
N LYS E 222 34.38 -45.31 -8.77
CA LYS E 222 34.91 -46.01 -9.92
C LYS E 222 36.41 -45.73 -10.09
N ASP E 223 36.78 -44.46 -10.00
CA ASP E 223 38.15 -44.05 -10.28
C ASP E 223 39.12 -44.10 -9.11
N HIS E 224 38.63 -44.03 -7.88
CA HIS E 224 39.53 -43.79 -6.75
C HIS E 224 39.43 -44.74 -5.55
N MET E 225 38.31 -45.43 -5.44
CA MET E 225 38.06 -46.17 -4.21
C MET E 225 38.92 -47.43 -4.16
N LYS E 226 39.53 -47.70 -3.01
CA LYS E 226 40.35 -48.90 -2.88
C LYS E 226 39.71 -49.90 -1.93
N LYS E 227 38.39 -49.82 -1.81
CA LYS E 227 37.64 -50.73 -0.93
C LYS E 227 36.17 -50.82 -1.37
N PRO E 228 35.47 -51.87 -0.95
CA PRO E 228 34.12 -52.11 -1.47
C PRO E 228 33.13 -51.04 -1.03
N VAL E 229 32.17 -50.73 -1.90
CA VAL E 229 31.11 -49.78 -1.63
C VAL E 229 29.81 -50.42 -2.06
N VAL E 230 28.78 -50.29 -1.24
CA VAL E 230 27.47 -50.84 -1.53
C VAL E 230 26.40 -49.75 -1.45
N GLY E 231 25.50 -49.71 -2.42
CA GLY E 231 24.54 -48.63 -2.54
C GLY E 231 23.15 -49.05 -2.18
N PHE E 232 22.27 -48.07 -2.03
CA PHE E 232 20.86 -48.27 -1.74
C PHE E 232 20.15 -46.99 -2.14
N ILE E 233 19.03 -47.11 -2.84
CA ILE E 233 18.29 -45.93 -3.29
C ILE E 233 16.83 -45.96 -2.82
N GLY E 234 16.47 -45.03 -1.94
CA GLY E 234 15.08 -44.87 -1.55
C GLY E 234 14.28 -44.08 -2.58
N GLY E 235 13.01 -44.46 -2.76
CA GLY E 235 12.09 -43.74 -3.64
C GLY E 235 12.11 -44.22 -5.08
N ARG E 236 12.45 -45.49 -5.28
CA ARG E 236 12.55 -46.03 -6.64
C ARG E 236 11.22 -46.04 -7.40
N SER E 237 10.11 -46.02 -6.66
CA SER E 237 8.78 -46.04 -7.25
C SER E 237 8.09 -44.69 -7.16
N ALA E 238 8.83 -43.67 -6.74
CA ALA E 238 8.24 -42.35 -6.49
C ALA E 238 7.75 -41.67 -7.76
N PRO E 239 6.70 -40.85 -7.63
CA PRO E 239 6.21 -40.06 -8.77
C PRO E 239 7.15 -38.88 -9.07
N LYS E 240 7.00 -38.23 -10.22
CA LYS E 240 7.81 -37.07 -10.57
C LYS E 240 7.20 -35.76 -10.06
N GLY E 241 8.05 -34.78 -9.77
CA GLY E 241 7.59 -33.45 -9.43
C GLY E 241 6.94 -33.30 -8.07
N LYS E 242 7.15 -34.29 -7.19
CA LYS E 242 6.60 -34.23 -5.85
C LYS E 242 7.65 -34.44 -4.76
N ARG E 243 7.70 -33.54 -3.79
CA ARG E 243 8.60 -33.71 -2.66
C ARG E 243 8.09 -34.85 -1.79
N MET E 244 8.93 -35.85 -1.60
CA MET E 244 8.61 -36.97 -0.73
C MET E 244 9.17 -36.74 0.69
N GLY E 245 8.54 -35.86 1.46
CA GLY E 245 8.99 -35.59 2.82
C GLY E 245 10.19 -34.67 2.84
N HIS E 246 11.37 -35.25 2.66
CA HIS E 246 12.62 -34.49 2.51
C HIS E 246 12.50 -33.42 1.43
N ALA E 247 12.87 -32.19 1.75
CA ALA E 247 12.86 -31.12 0.75
C ALA E 247 13.65 -31.49 -0.51
N GLY E 248 14.68 -32.32 -0.37
CA GLY E 248 15.52 -32.68 -1.50
C GLY E 248 15.07 -33.92 -2.26
N ALA E 249 14.04 -34.59 -1.76
CA ALA E 249 13.60 -35.85 -2.34
C ALA E 249 12.54 -35.61 -3.39
N ILE E 250 12.96 -35.06 -4.52
CA ILE E 250 12.03 -34.72 -5.60
C ILE E 250 12.70 -34.89 -6.96
N ILE E 251 11.97 -35.50 -7.89
CA ILE E 251 12.48 -35.67 -9.25
C ILE E 251 12.02 -34.51 -10.10
N MET E 252 12.96 -33.73 -10.63
CA MET E 252 12.58 -32.59 -11.48
C MET E 252 12.76 -32.82 -12.98
N GLY E 253 11.85 -33.62 -13.55
CA GLY E 253 11.89 -33.93 -14.96
C GLY E 253 12.95 -34.96 -15.30
N ASN E 254 14.13 -34.46 -15.68
CA ASN E 254 15.21 -35.31 -16.13
C ASN E 254 16.20 -35.56 -14.99
N VAL E 255 16.18 -34.66 -14.02
CA VAL E 255 17.16 -34.66 -12.93
C VAL E 255 16.66 -35.44 -11.74
N GLY E 256 17.54 -36.23 -11.13
CA GLY E 256 17.23 -36.89 -9.87
C GLY E 256 16.41 -38.16 -9.95
N THR E 257 16.33 -38.75 -11.14
CA THR E 257 15.58 -40.00 -11.30
C THR E 257 16.30 -41.18 -10.64
N PRO E 258 15.52 -42.15 -10.10
CA PRO E 258 16.08 -43.36 -9.50
C PRO E 258 16.82 -44.21 -10.53
N GLU E 259 16.30 -44.23 -11.75
CA GLU E 259 16.92 -44.98 -12.84
C GLU E 259 18.34 -44.51 -13.11
N SER E 260 18.52 -43.19 -13.17
CA SER E 260 19.83 -42.60 -13.42
C SER E 260 20.81 -43.00 -12.33
N LYS E 261 20.31 -43.08 -11.10
CA LYS E 261 21.13 -43.45 -9.96
C LYS E 261 21.53 -44.92 -9.97
N LEU E 262 20.60 -45.81 -10.31
CA LEU E 262 20.91 -47.24 -10.44
C LEU E 262 21.90 -47.48 -11.58
N ARG E 263 21.70 -46.78 -12.69
CA ARG E 263 22.56 -46.93 -13.85
C ARG E 263 23.98 -46.52 -13.51
N ALA E 264 24.13 -45.38 -12.83
CA ALA E 264 25.46 -44.88 -12.49
C ALA E 264 26.20 -45.78 -11.47
N PHE E 265 25.45 -46.39 -10.56
CA PHE E 265 26.05 -47.34 -9.63
C PHE E 265 26.58 -48.55 -10.41
N ALA E 266 25.71 -49.12 -11.27
CA ALA E 266 26.09 -50.26 -12.10
C ALA E 266 27.42 -50.03 -12.84
N GLU E 267 27.48 -48.91 -13.58
CA GLU E 267 28.65 -48.58 -14.37
C GLU E 267 29.90 -48.40 -13.50
N ALA E 268 29.71 -48.16 -12.21
CA ALA E 268 30.84 -47.99 -11.30
C ALA E 268 31.20 -49.29 -10.58
N GLY E 269 30.45 -50.35 -10.87
CA GLY E 269 30.67 -51.60 -10.18
C GLY E 269 30.30 -51.52 -8.71
N ILE E 270 29.32 -50.67 -8.43
CA ILE E 270 28.74 -50.58 -7.10
C ILE E 270 27.43 -51.36 -7.08
N PRO E 271 27.40 -52.47 -6.34
CA PRO E 271 26.20 -53.30 -6.17
C PRO E 271 25.10 -52.55 -5.42
N VAL E 272 23.84 -52.68 -5.87
CA VAL E 272 22.74 -51.99 -5.23
C VAL E 272 21.80 -52.95 -4.47
N ALA E 273 21.77 -52.84 -3.16
CA ALA E 273 20.86 -53.62 -2.33
C ALA E 273 19.42 -53.14 -2.53
N ASP E 274 18.47 -54.08 -2.59
CA ASP E 274 17.06 -53.72 -2.76
C ASP E 274 16.34 -53.66 -1.41
N THR E 275 16.96 -54.25 -0.40
CA THR E 275 16.40 -54.29 0.94
C THR E 275 17.49 -54.09 1.98
N ILE E 276 17.11 -53.80 3.22
CA ILE E 276 18.07 -53.66 4.31
C ILE E 276 18.96 -54.90 4.42
N ASP E 277 18.36 -56.08 4.43
CA ASP E 277 19.12 -57.33 4.53
C ASP E 277 20.12 -57.51 3.39
N GLU E 278 19.73 -57.12 2.17
CA GLU E 278 20.64 -57.19 1.03
C GLU E 278 21.88 -56.31 1.25
N ILE E 279 21.71 -55.20 1.98
CA ILE E 279 22.86 -54.38 2.33
C ILE E 279 23.88 -55.22 3.09
N VAL E 280 23.41 -55.92 4.12
CA VAL E 280 24.28 -56.78 4.91
C VAL E 280 24.88 -57.88 4.04
N GLU E 281 24.04 -58.49 3.20
CA GLU E 281 24.50 -59.56 2.33
C GLU E 281 25.59 -59.13 1.35
N LEU E 282 25.38 -57.99 0.69
CA LEU E 282 26.36 -57.51 -0.28
C LEU E 282 27.68 -57.11 0.37
N VAL E 283 27.63 -56.60 1.60
CA VAL E 283 28.85 -56.20 2.31
C VAL E 283 29.63 -57.42 2.77
N LYS E 284 28.91 -58.44 3.26
CA LYS E 284 29.53 -59.71 3.64
C LYS E 284 30.28 -60.30 2.45
N LYS E 285 29.59 -60.39 1.32
CA LYS E 285 30.19 -60.93 0.12
C LYS E 285 31.47 -60.19 -0.27
N ALA E 286 31.44 -58.87 -0.25
CA ALA E 286 32.57 -58.10 -0.75
C ALA E 286 33.78 -58.17 0.17
N LEU E 287 33.54 -58.58 1.42
CA LEU E 287 34.60 -58.63 2.43
C LEU E 287 35.17 -60.04 2.62
N GLY E 288 34.77 -60.97 1.78
CA GLY E 288 35.24 -62.34 1.90
C GLY E 288 34.78 -63.03 3.18
N MET F 1 4.92 -25.02 -2.61
CA MET F 1 3.57 -24.48 -2.77
C MET F 1 3.39 -23.89 -4.17
N ASN F 2 2.41 -24.41 -4.91
CA ASN F 2 2.08 -23.91 -6.23
C ASN F 2 1.24 -22.64 -6.19
N LEU F 3 1.52 -21.74 -7.12
CA LEU F 3 0.71 -20.55 -7.29
C LEU F 3 0.04 -20.62 -8.64
N HIS F 4 -1.10 -19.97 -8.76
CA HIS F 4 -1.75 -19.89 -10.06
C HIS F 4 -1.03 -18.87 -10.93
N GLU F 5 -1.25 -18.95 -12.24
CA GLU F 5 -0.72 -17.95 -13.16
C GLU F 5 -1.02 -16.52 -12.70
N TYR F 6 -2.27 -16.25 -12.28
CA TYR F 6 -2.60 -14.87 -11.90
C TYR F 6 -1.84 -14.41 -10.68
N GLN F 7 -1.52 -15.34 -9.77
CA GLN F 7 -0.77 -14.99 -8.55
C GLN F 7 0.69 -14.76 -8.89
N ALA F 8 1.23 -15.62 -9.75
CA ALA F 8 2.60 -15.46 -10.23
C ALA F 8 2.71 -14.10 -10.90
N LYS F 9 1.76 -13.79 -11.78
CA LYS F 9 1.74 -12.49 -12.47
C LYS F 9 1.71 -11.30 -11.53
N GLU F 10 0.91 -11.37 -10.45
CA GLU F 10 0.88 -10.28 -9.46
C GLU F 10 2.26 -10.06 -8.87
N ILE F 11 2.94 -11.14 -8.48
CA ILE F 11 4.30 -11.05 -7.97
C ILE F 11 5.27 -10.46 -9.00
N LEU F 12 5.25 -11.00 -10.23
CA LEU F 12 6.15 -10.48 -11.25
C LEU F 12 5.91 -8.99 -11.53
N ALA F 13 4.64 -8.60 -11.58
CA ALA F 13 4.28 -7.22 -11.87
C ALA F 13 4.84 -6.30 -10.81
N ARG F 14 4.80 -6.78 -9.57
CA ARG F 14 5.21 -6.01 -8.41
C ARG F 14 6.72 -5.75 -8.48
N TYR F 15 7.45 -6.65 -9.15
CA TYR F 15 8.89 -6.47 -9.28
C TYR F 15 9.28 -5.84 -10.61
N GLY F 16 8.29 -5.36 -11.36
CA GLY F 16 8.55 -4.60 -12.57
C GLY F 16 8.51 -5.37 -13.89
N VAL F 17 8.14 -6.64 -13.84
CA VAL F 17 7.94 -7.42 -15.06
C VAL F 17 6.64 -6.95 -15.77
N PRO F 18 6.73 -6.62 -17.06
CA PRO F 18 5.49 -6.22 -17.74
C PRO F 18 4.53 -7.39 -17.89
N VAL F 19 3.27 -7.15 -17.57
CA VAL F 19 2.25 -8.19 -17.59
C VAL F 19 0.94 -7.67 -18.21
N PRO F 20 0.27 -8.50 -19.04
CA PRO F 20 -1.00 -8.05 -19.63
C PRO F 20 -2.01 -7.84 -18.53
N PRO F 21 -2.79 -6.76 -18.62
CA PRO F 21 -3.81 -6.56 -17.59
C PRO F 21 -4.83 -7.71 -17.62
N GLY F 22 -5.20 -8.17 -16.43
CA GLY F 22 -6.06 -9.32 -16.29
C GLY F 22 -6.77 -9.30 -14.95
N LYS F 23 -7.84 -10.09 -14.84
CA LYS F 23 -8.62 -10.20 -13.61
C LYS F 23 -9.19 -11.60 -13.58
N VAL F 24 -9.34 -12.16 -12.39
CA VAL F 24 -9.87 -13.49 -12.21
C VAL F 24 -11.38 -13.46 -12.27
N ALA F 25 -11.96 -14.53 -12.80
CA ALA F 25 -13.40 -14.66 -12.90
C ALA F 25 -13.84 -16.00 -12.35
N TYR F 26 -14.91 -16.01 -11.55
CA TYR F 26 -15.47 -17.25 -11.02
C TYR F 26 -16.75 -17.67 -11.74
N THR F 27 -17.29 -16.77 -12.55
CA THR F 27 -18.51 -17.03 -13.34
C THR F 27 -18.45 -16.42 -14.73
N PRO F 28 -19.21 -16.99 -15.68
CA PRO F 28 -19.30 -16.38 -17.00
C PRO F 28 -19.69 -14.90 -16.93
N GLU F 29 -20.62 -14.54 -16.04
CA GLU F 29 -21.01 -13.13 -15.90
C GLU F 29 -19.82 -12.23 -15.54
N GLU F 30 -18.95 -12.73 -14.67
CA GLU F 30 -17.78 -11.94 -14.26
C GLU F 30 -16.79 -11.82 -15.42
N ALA F 31 -16.58 -12.93 -16.12
CA ALA F 31 -15.79 -12.92 -17.36
C ALA F 31 -16.31 -11.87 -18.35
N LYS F 32 -17.62 -11.84 -18.58
CA LYS F 32 -18.21 -10.86 -19.50
C LYS F 32 -17.99 -9.42 -19.01
N ARG F 33 -18.28 -9.15 -17.74
CA ARG F 33 -18.12 -7.81 -17.19
C ARG F 33 -16.68 -7.35 -17.32
N ILE F 34 -15.75 -8.30 -17.18
CA ILE F 34 -14.33 -7.99 -17.35
C ILE F 34 -13.96 -7.70 -18.80
N ALA F 35 -14.40 -8.54 -19.73
CA ALA F 35 -14.28 -8.25 -21.16
C ALA F 35 -14.81 -6.84 -21.53
N GLU F 36 -15.98 -6.49 -21.03
CA GLU F 36 -16.58 -5.17 -21.27
C GLU F 36 -15.69 -4.04 -20.78
N GLU F 37 -15.14 -4.21 -19.58
CA GLU F 37 -14.26 -3.24 -18.95
C GLU F 37 -12.98 -3.02 -19.76
N PHE F 38 -12.41 -4.10 -20.30
CA PHE F 38 -11.19 -3.99 -21.10
C PHE F 38 -11.49 -3.41 -22.47
N GLY F 39 -12.65 -3.79 -23.02
CA GLY F 39 -13.06 -3.30 -24.32
C GLY F 39 -12.14 -3.68 -25.47
N LYS F 40 -11.51 -4.84 -25.37
CA LYS F 40 -10.74 -5.40 -26.49
C LYS F 40 -10.70 -6.91 -26.42
N ARG F 41 -10.04 -7.55 -27.40
CA ARG F 41 -9.79 -9.00 -27.39
C ARG F 41 -9.19 -9.46 -26.07
N VAL F 42 -9.76 -10.52 -25.50
CA VAL F 42 -9.20 -11.11 -24.30
C VAL F 42 -8.91 -12.61 -24.48
N VAL F 43 -8.23 -13.18 -23.49
CA VAL F 43 -7.95 -14.60 -23.44
C VAL F 43 -8.62 -15.08 -22.16
N ILE F 44 -9.21 -16.26 -22.20
CA ILE F 44 -9.80 -16.87 -21.03
C ILE F 44 -8.91 -18.06 -20.69
N LYS F 45 -8.29 -18.00 -19.52
CA LYS F 45 -7.31 -19.03 -19.14
C LYS F 45 -7.68 -19.77 -17.86
N ALA F 46 -7.85 -21.07 -17.97
CA ALA F 46 -8.06 -21.92 -16.80
C ALA F 46 -6.96 -21.69 -15.77
N GLN F 47 -7.35 -21.45 -14.53
CA GLN F 47 -6.37 -21.43 -13.45
C GLN F 47 -6.35 -22.76 -12.70
N VAL F 48 -5.44 -23.64 -13.10
CA VAL F 48 -5.20 -24.91 -12.41
C VAL F 48 -3.70 -25.15 -12.25
N HIS F 49 -3.31 -25.98 -11.29
CA HIS F 49 -1.90 -26.22 -11.05
C HIS F 49 -1.32 -27.35 -11.88
N VAL F 50 -1.47 -27.26 -13.20
CA VAL F 50 -0.68 -28.07 -14.14
C VAL F 50 -0.32 -27.22 -15.35
N GLY F 51 0.52 -27.79 -16.20
CA GLY F 51 0.87 -27.14 -17.45
C GLY F 51 0.13 -27.81 -18.58
N GLY F 52 0.32 -27.29 -19.80
CA GLY F 52 -0.36 -27.84 -20.96
C GLY F 52 -1.83 -27.46 -20.98
N ARG F 53 -2.19 -26.39 -20.27
CA ARG F 53 -3.57 -25.93 -20.24
C ARG F 53 -4.05 -25.65 -21.65
N GLY F 54 -3.13 -25.14 -22.50
CA GLY F 54 -3.43 -24.81 -23.88
C GLY F 54 -3.85 -26.00 -24.73
N LYS F 55 -2.98 -27.01 -24.82
CA LYS F 55 -3.29 -28.24 -25.54
C LYS F 55 -4.58 -28.90 -25.03
N ALA F 56 -4.83 -28.76 -23.73
CA ALA F 56 -6.00 -29.38 -23.08
C ALA F 56 -7.29 -28.59 -23.28
N GLY F 57 -7.17 -27.42 -23.92
CA GLY F 57 -8.32 -26.59 -24.24
C GLY F 57 -8.79 -25.64 -23.15
N GLY F 58 -7.89 -25.25 -22.26
CA GLY F 58 -8.25 -24.33 -21.18
C GLY F 58 -7.79 -22.90 -21.42
N VAL F 59 -7.36 -22.63 -22.64
CA VAL F 59 -6.93 -21.30 -23.01
C VAL F 59 -7.58 -20.93 -24.34
N LYS F 60 -8.57 -20.04 -24.28
CA LYS F 60 -9.35 -19.68 -25.46
C LYS F 60 -9.37 -18.15 -25.64
N LEU F 61 -9.16 -17.70 -26.88
CA LEU F 61 -9.35 -16.28 -27.21
C LEU F 61 -10.83 -15.93 -27.19
N ALA F 62 -11.13 -14.64 -27.02
CA ALA F 62 -12.50 -14.15 -27.11
C ALA F 62 -12.50 -12.69 -27.58
N ASP F 63 -13.13 -12.42 -28.72
CA ASP F 63 -13.07 -11.09 -29.32
C ASP F 63 -14.12 -10.15 -28.70
N THR F 64 -15.19 -10.71 -28.15
CA THR F 64 -16.28 -9.88 -27.67
C THR F 64 -16.71 -10.32 -26.29
N PRO F 65 -17.38 -9.43 -25.55
CA PRO F 65 -17.91 -9.80 -24.24
C PRO F 65 -18.79 -11.04 -24.26
N GLN F 66 -19.65 -11.22 -25.26
CA GLN F 66 -20.44 -12.44 -25.21
C GLN F 66 -19.60 -13.68 -25.54
N GLU F 67 -18.52 -13.50 -26.29
CA GLU F 67 -17.58 -14.61 -26.51
C GLU F 67 -16.86 -14.98 -25.23
N ALA F 68 -16.46 -13.95 -24.47
CA ALA F 68 -15.83 -14.15 -23.19
C ALA F 68 -16.74 -14.94 -22.24
N TYR F 69 -18.02 -14.54 -22.18
CA TYR F 69 -19.03 -15.28 -21.44
C TYR F 69 -19.09 -16.73 -21.86
N GLU F 70 -19.13 -16.96 -23.17
CA GLU F 70 -19.22 -18.30 -23.71
C GLU F 70 -17.94 -19.11 -23.42
N LYS F 71 -16.78 -18.49 -23.61
CA LYS F 71 -15.52 -19.18 -23.39
C LYS F 71 -15.31 -19.52 -21.90
N ALA F 72 -15.70 -18.61 -21.03
CA ALA F 72 -15.64 -18.90 -19.61
C ALA F 72 -16.55 -20.09 -19.27
N GLN F 73 -17.76 -20.06 -19.80
CA GLN F 73 -18.72 -21.14 -19.57
C GLN F 73 -18.19 -22.52 -19.98
N ALA F 74 -17.46 -22.57 -21.09
CA ALA F 74 -16.90 -23.83 -21.58
C ALA F 74 -15.66 -24.34 -20.80
N ILE F 75 -15.03 -23.44 -20.05
CA ILE F 75 -13.78 -23.74 -19.35
C ILE F 75 -14.00 -23.95 -17.85
N LEU F 76 -14.74 -23.04 -17.22
CA LEU F 76 -15.14 -23.23 -15.83
C LEU F 76 -15.73 -24.63 -15.67
N GLY F 77 -15.16 -25.39 -14.75
CA GLY F 77 -15.68 -26.71 -14.46
C GLY F 77 -15.12 -27.79 -15.36
N MET F 78 -14.31 -27.41 -16.34
CA MET F 78 -13.73 -28.42 -17.22
C MET F 78 -12.64 -29.18 -16.50
N ASN F 79 -12.30 -30.35 -17.01
CA ASN F 79 -11.25 -31.13 -16.43
C ASN F 79 -9.99 -31.00 -17.26
N ILE F 80 -8.88 -30.61 -16.62
CA ILE F 80 -7.58 -30.58 -17.29
C ILE F 80 -6.65 -31.55 -16.60
N LYS F 81 -6.43 -32.70 -17.25
CA LYS F 81 -5.59 -33.76 -16.69
C LYS F 81 -5.72 -33.94 -15.17
N GLY F 82 -6.94 -34.15 -14.72
CA GLY F 82 -7.18 -34.52 -13.33
C GLY F 82 -7.78 -33.41 -12.48
N LEU F 83 -7.48 -32.17 -12.85
CA LEU F 83 -7.90 -31.04 -12.03
C LEU F 83 -9.15 -30.40 -12.58
N THR F 84 -9.98 -29.89 -11.68
CA THR F 84 -11.20 -29.18 -12.05
C THR F 84 -10.98 -27.67 -12.02
N VAL F 85 -11.31 -26.99 -13.11
CA VAL F 85 -11.12 -25.54 -13.18
C VAL F 85 -12.18 -24.79 -12.38
N LYS F 86 -11.76 -24.06 -11.36
CA LYS F 86 -12.69 -23.36 -10.48
C LYS F 86 -12.64 -21.84 -10.67
N LYS F 87 -11.73 -21.39 -11.54
CA LYS F 87 -11.62 -19.97 -11.84
C LYS F 87 -10.87 -19.81 -13.15
N VAL F 88 -11.06 -18.67 -13.81
CA VAL F 88 -10.29 -18.36 -15.00
C VAL F 88 -9.70 -16.96 -14.92
N LEU F 89 -8.58 -16.76 -15.58
CA LEU F 89 -8.04 -15.43 -15.73
C LEU F 89 -8.58 -14.86 -17.04
N VAL F 90 -9.07 -13.63 -16.98
CA VAL F 90 -9.51 -12.92 -18.17
C VAL F 90 -8.48 -11.83 -18.43
N ALA F 91 -7.67 -12.02 -19.47
CA ALA F 91 -6.58 -11.09 -19.75
C ALA F 91 -6.66 -10.49 -21.17
N GLU F 92 -6.24 -9.23 -21.30
CA GLU F 92 -6.06 -8.66 -22.63
C GLU F 92 -5.14 -9.54 -23.45
N ALA F 93 -5.57 -9.84 -24.68
CA ALA F 93 -4.77 -10.63 -25.59
C ALA F 93 -3.62 -9.79 -26.11
N VAL F 94 -2.43 -10.37 -26.18
CA VAL F 94 -1.31 -9.65 -26.79
C VAL F 94 -1.12 -10.19 -28.21
N ASP F 95 -0.75 -9.32 -29.15
CA ASP F 95 -0.40 -9.77 -30.50
C ASP F 95 1.08 -10.17 -30.52
N ILE F 96 1.31 -11.46 -30.71
CA ILE F 96 2.62 -12.06 -30.53
C ILE F 96 3.47 -12.09 -31.80
N ALA F 97 4.70 -11.56 -31.71
CA ALA F 97 5.68 -11.67 -32.80
C ALA F 97 6.69 -12.77 -32.48
N LYS F 98 7.11 -12.84 -31.23
CA LYS F 98 8.14 -13.78 -30.79
C LYS F 98 7.81 -14.43 -29.45
N GLU F 99 8.12 -15.72 -29.31
CA GLU F 99 7.92 -16.45 -28.06
C GLU F 99 9.23 -17.00 -27.54
N TYR F 100 9.68 -16.51 -26.39
CA TYR F 100 10.95 -16.93 -25.81
C TYR F 100 10.73 -17.60 -24.46
N TYR F 101 11.75 -18.32 -23.99
CA TYR F 101 11.69 -19.00 -22.70
C TYR F 101 12.70 -18.42 -21.71
N ALA F 102 12.23 -18.05 -20.51
CA ALA F 102 13.13 -17.62 -19.44
C ALA F 102 12.71 -18.30 -18.14
N GLY F 103 13.63 -19.03 -17.52
CA GLY F 103 13.32 -19.77 -16.31
C GLY F 103 14.44 -19.82 -15.28
N LEU F 104 14.07 -19.78 -14.00
CA LEU F 104 15.03 -19.91 -12.90
C LEU F 104 14.69 -21.13 -12.06
N ILE F 105 15.69 -21.97 -11.84
CA ILE F 105 15.53 -23.07 -10.90
C ILE F 105 16.85 -23.25 -10.17
N LEU F 106 16.81 -24.05 -9.11
CA LEU F 106 18.01 -24.40 -8.37
C LEU F 106 18.73 -25.46 -9.16
N ASP F 107 20.02 -25.25 -9.37
CA ASP F 107 20.90 -26.28 -9.92
C ASP F 107 21.62 -26.91 -8.76
N ARG F 108 21.25 -28.13 -8.39
CA ARG F 108 21.75 -28.73 -7.16
C ARG F 108 23.20 -29.19 -7.25
N ALA F 109 23.69 -29.38 -8.46
CA ALA F 109 25.07 -29.79 -8.67
C ALA F 109 26.03 -28.61 -8.44
N LYS F 110 25.61 -27.40 -8.75
CA LYS F 110 26.45 -26.23 -8.53
C LYS F 110 26.06 -25.50 -7.25
N LYS F 111 24.98 -25.94 -6.63
CA LYS F 111 24.45 -25.28 -5.45
C LYS F 111 24.19 -23.80 -5.73
N ARG F 112 23.73 -23.50 -6.94
CA ARG F 112 23.39 -22.13 -7.27
C ARG F 112 22.12 -22.08 -8.09
N VAL F 113 21.46 -20.92 -8.07
CA VAL F 113 20.31 -20.67 -8.94
C VAL F 113 20.74 -20.49 -10.41
N VAL F 114 20.03 -21.11 -11.33
CA VAL F 114 20.47 -21.03 -12.72
C VAL F 114 19.37 -20.43 -13.57
N LEU F 115 19.74 -19.43 -14.37
CA LEU F 115 18.84 -18.88 -15.36
C LEU F 115 18.97 -19.73 -16.64
N MET F 116 17.82 -20.13 -17.16
CA MET F 116 17.76 -20.88 -18.40
C MET F 116 17.00 -20.04 -19.41
N LEU F 117 17.59 -19.84 -20.58
CA LEU F 117 17.07 -18.89 -21.54
C LEU F 117 17.13 -19.55 -22.91
N SER F 118 16.09 -19.38 -23.70
CA SER F 118 16.02 -20.03 -24.99
C SER F 118 15.10 -19.31 -25.95
N LYS F 119 15.45 -19.35 -27.24
CA LYS F 119 14.67 -18.79 -28.36
C LYS F 119 13.38 -19.56 -28.52
N GLU F 120 13.41 -20.82 -28.12
CA GLU F 120 12.31 -21.72 -28.36
C GLU F 120 11.29 -21.64 -27.24
N GLY F 121 10.50 -20.57 -27.24
CA GLY F 121 9.46 -20.39 -26.24
C GLY F 121 8.11 -20.95 -26.66
N GLY F 122 7.18 -21.03 -25.71
CA GLY F 122 5.83 -21.48 -25.99
C GLY F 122 5.70 -22.99 -26.07
N VAL F 123 6.79 -23.67 -25.76
CA VAL F 123 6.88 -25.12 -25.86
C VAL F 123 7.39 -25.68 -24.56
N ASP F 124 7.04 -26.92 -24.24
CA ASP F 124 7.53 -27.56 -23.03
C ASP F 124 9.07 -27.62 -23.03
N ILE F 125 9.69 -26.78 -22.21
CA ILE F 125 11.16 -26.68 -22.18
C ILE F 125 11.80 -28.04 -21.97
N GLU F 126 11.11 -28.91 -21.26
CA GLU F 126 11.62 -30.23 -20.90
C GLU F 126 11.85 -31.15 -22.10
N GLU F 127 11.14 -30.88 -23.20
CA GLU F 127 11.32 -31.62 -24.46
C GLU F 127 12.52 -31.09 -25.21
N VAL F 128 12.53 -29.77 -25.40
CA VAL F 128 13.65 -29.08 -26.02
C VAL F 128 14.95 -29.60 -25.42
N ALA F 129 15.00 -29.61 -24.08
CA ALA F 129 16.21 -29.96 -23.35
C ALA F 129 16.60 -31.42 -23.55
N ALA F 130 15.61 -32.27 -23.78
CA ALA F 130 15.86 -33.70 -23.95
C ALA F 130 16.33 -34.04 -25.37
N GLU F 131 16.21 -33.09 -26.29
CA GLU F 131 16.49 -33.37 -27.69
C GLU F 131 17.45 -32.38 -28.37
N ARG F 132 17.29 -31.09 -28.10
CA ARG F 132 18.21 -30.07 -28.62
C ARG F 132 18.75 -29.21 -27.48
N PRO F 133 19.43 -29.82 -26.50
CA PRO F 133 19.84 -29.14 -25.26
C PRO F 133 20.79 -27.97 -25.52
N GLU F 134 21.35 -27.89 -26.71
CA GLU F 134 22.15 -26.74 -27.13
C GLU F 134 21.30 -25.47 -27.31
N ALA F 135 19.97 -25.61 -27.41
CA ALA F 135 19.11 -24.44 -27.62
C ALA F 135 18.77 -23.75 -26.30
N ILE F 136 19.34 -24.26 -25.21
CA ILE F 136 19.13 -23.70 -23.89
C ILE F 136 20.41 -23.13 -23.32
N HIS F 137 20.38 -21.84 -23.00
CA HIS F 137 21.56 -21.20 -22.44
C HIS F 137 21.44 -20.97 -20.95
N LYS F 138 22.58 -21.13 -20.25
CA LYS F 138 22.55 -21.10 -18.81
C LYS F 138 23.53 -20.10 -18.20
N PHE F 139 23.08 -19.45 -17.12
CA PHE F 139 23.90 -18.59 -16.30
C PHE F 139 23.68 -18.93 -14.81
N TRP F 140 24.75 -19.26 -14.10
CA TRP F 140 24.65 -19.58 -12.69
C TRP F 140 24.88 -18.32 -11.83
N ILE F 141 23.87 -17.98 -11.03
CA ILE F 141 23.84 -16.69 -10.37
C ILE F 141 24.61 -16.67 -9.05
N ASP F 142 25.32 -15.56 -8.81
CA ASP F 142 26.08 -15.40 -7.58
C ASP F 142 25.13 -15.15 -6.42
N PRO F 143 25.19 -16.03 -5.41
CA PRO F 143 24.19 -15.96 -4.34
C PRO F 143 24.23 -14.72 -3.49
N HIS F 144 25.32 -13.97 -3.53
CA HIS F 144 25.41 -12.73 -2.78
C HIS F 144 25.30 -11.48 -3.64
N LYS F 145 25.92 -11.51 -4.83
CA LYS F 145 25.86 -10.37 -5.75
C LYS F 145 24.54 -10.25 -6.48
N GLY F 146 23.89 -11.38 -6.75
CA GLY F 146 22.68 -11.37 -7.55
C GLY F 146 22.92 -11.37 -9.06
N PHE F 147 21.89 -11.04 -9.82
CA PHE F 147 21.92 -11.08 -11.26
C PHE F 147 21.84 -9.65 -11.76
N ARG F 148 22.92 -9.16 -12.38
CA ARG F 148 23.01 -7.75 -12.76
C ARG F 148 22.67 -7.50 -14.24
N PRO F 149 22.21 -6.28 -14.57
CA PRO F 149 21.84 -6.00 -15.96
C PRO F 149 22.88 -6.47 -16.98
N PHE F 150 24.18 -6.31 -16.73
CA PHE F 150 25.19 -6.61 -17.75
C PHE F 150 25.26 -8.11 -17.98
N GLU F 151 25.00 -8.87 -16.92
CA GLU F 151 24.91 -10.32 -17.05
C GLU F 151 23.65 -10.72 -17.84
N ALA F 152 22.54 -10.03 -17.57
CA ALA F 152 21.31 -10.25 -18.30
C ALA F 152 21.49 -9.94 -19.78
N ARG F 153 22.07 -8.78 -20.12
CA ARG F 153 22.31 -8.44 -21.53
C ARG F 153 23.14 -9.51 -22.21
N GLU F 154 24.25 -9.92 -21.59
CA GLU F 154 25.09 -10.98 -22.18
C GLU F 154 24.28 -12.24 -22.48
N MET F 155 23.41 -12.61 -21.56
CA MET F 155 22.57 -13.78 -21.77
C MET F 155 21.59 -13.60 -22.94
N VAL F 156 20.97 -12.42 -23.03
CA VAL F 156 20.13 -12.13 -24.17
C VAL F 156 20.88 -12.32 -25.50
N LYS F 157 22.07 -11.73 -25.63
CA LYS F 157 22.87 -11.91 -26.86
C LYS F 157 23.27 -13.36 -27.04
N ARG F 158 23.62 -14.02 -25.96
CA ARG F 158 24.08 -15.39 -26.08
C ARG F 158 22.99 -16.28 -26.66
N ALA F 159 21.76 -16.01 -26.28
CA ALA F 159 20.64 -16.85 -26.69
C ALA F 159 20.03 -16.39 -28.01
N GLY F 160 20.49 -15.25 -28.52
CA GLY F 160 20.04 -14.76 -29.81
C GLY F 160 18.61 -14.23 -29.83
N LEU F 161 18.14 -13.73 -28.70
CA LEU F 161 16.82 -13.13 -28.65
C LEU F 161 16.76 -11.82 -29.46
N GLU F 162 15.77 -11.70 -30.32
CA GLU F 162 15.58 -10.45 -31.06
C GLU F 162 14.57 -9.61 -30.28
N GLY F 163 14.68 -8.29 -30.40
CA GLY F 163 13.85 -7.39 -29.62
C GLY F 163 14.71 -6.40 -28.87
N ASN F 164 14.09 -5.44 -28.19
CA ASN F 164 14.83 -4.45 -27.43
C ASN F 164 15.74 -5.11 -26.38
N LEU F 165 17.05 -4.98 -26.54
CA LEU F 165 18.02 -5.65 -25.68
C LEU F 165 17.89 -5.22 -24.21
N ASN F 166 17.80 -3.90 -23.99
CA ASN F 166 17.69 -3.38 -22.64
C ASN F 166 16.43 -3.79 -21.91
N LYS F 167 15.30 -3.80 -22.61
CA LYS F 167 14.03 -4.18 -21.98
C LYS F 167 13.99 -5.69 -21.72
N LEU F 168 14.55 -6.48 -22.63
CA LEU F 168 14.65 -7.91 -22.37
C LEU F 168 15.50 -8.15 -21.12
N ALA F 169 16.65 -7.48 -21.01
CA ALA F 169 17.54 -7.72 -19.89
C ALA F 169 16.86 -7.31 -18.60
N GLN F 170 16.15 -6.19 -18.63
CA GLN F 170 15.47 -5.72 -17.42
C GLN F 170 14.44 -6.72 -16.89
N VAL F 171 13.72 -7.37 -17.79
CA VAL F 171 12.77 -8.40 -17.37
C VAL F 171 13.52 -9.51 -16.66
N LEU F 172 14.62 -9.96 -17.24
CA LEU F 172 15.38 -11.02 -16.64
C LEU F 172 15.88 -10.64 -15.25
N VAL F 173 16.29 -9.39 -15.10
CA VAL F 173 16.79 -8.93 -13.82
C VAL F 173 15.67 -8.91 -12.80
N ALA F 174 14.51 -8.42 -13.22
CA ALA F 174 13.36 -8.34 -12.33
C ALA F 174 12.87 -9.74 -11.95
N LEU F 175 12.94 -10.65 -12.92
CA LEU F 175 12.52 -12.03 -12.70
C LEU F 175 13.28 -12.61 -11.54
N TYR F 176 14.61 -12.39 -11.51
CA TYR F 176 15.43 -12.91 -10.41
C TYR F 176 15.19 -12.22 -9.06
N ARG F 177 15.10 -10.89 -9.05
CA ARG F 177 14.72 -10.18 -7.84
C ARG F 177 13.40 -10.73 -7.27
N ALA F 178 12.42 -11.01 -8.14
CA ALA F 178 11.15 -11.62 -7.71
C ALA F 178 11.36 -13.00 -7.08
N TYR F 179 12.19 -13.81 -7.74
CA TYR F 179 12.54 -15.14 -7.27
C TYR F 179 13.09 -15.10 -5.83
N GLU F 180 14.05 -14.22 -5.61
CA GLU F 180 14.66 -14.11 -4.30
C GLU F 180 13.65 -13.45 -3.35
N GLY F 181 12.90 -12.50 -3.89
CA GLY F 181 12.00 -11.71 -3.08
C GLY F 181 10.88 -12.48 -2.43
N VAL F 182 10.44 -13.57 -3.05
CA VAL F 182 9.39 -14.40 -2.46
C VAL F 182 9.89 -15.81 -2.12
N ASP F 183 11.21 -16.01 -2.14
CA ASP F 183 11.79 -17.33 -1.92
C ASP F 183 11.13 -18.37 -2.80
N ALA F 184 11.11 -18.08 -4.10
CA ALA F 184 10.65 -19.04 -5.07
C ALA F 184 11.63 -20.19 -5.15
N SER F 185 11.15 -21.38 -5.45
CA SER F 185 12.04 -22.45 -5.84
C SER F 185 12.06 -22.52 -7.38
N ILE F 186 10.96 -22.07 -8.00
CA ILE F 186 10.86 -21.96 -9.46
C ILE F 186 10.14 -20.71 -9.93
N ALA F 187 10.69 -20.02 -10.92
CA ALA F 187 10.02 -18.92 -11.58
C ALA F 187 10.33 -18.97 -13.07
N GLU F 188 9.31 -19.16 -13.89
CA GLU F 188 9.52 -19.12 -15.33
C GLU F 188 8.50 -18.25 -16.07
N ILE F 189 8.95 -17.63 -17.15
CA ILE F 189 8.06 -16.86 -18.02
C ILE F 189 8.04 -17.58 -19.35
N ASN F 190 6.94 -18.28 -19.62
CA ASN F 190 6.86 -19.04 -20.85
C ASN F 190 5.46 -18.98 -21.45
N PRO F 191 5.28 -18.20 -22.53
CA PRO F 191 6.34 -17.51 -23.27
C PRO F 191 6.64 -16.09 -22.81
N LEU F 192 7.92 -15.75 -22.76
CA LEU F 192 8.32 -14.36 -22.71
C LEU F 192 8.15 -13.86 -24.13
N VAL F 193 7.36 -12.80 -24.30
CA VAL F 193 6.85 -12.41 -25.62
C VAL F 193 7.31 -11.04 -26.09
N VAL F 194 7.68 -10.95 -27.36
CA VAL F 194 7.89 -9.66 -28.02
C VAL F 194 6.64 -9.43 -28.87
N THR F 195 5.88 -8.37 -28.57
CA THR F 195 4.64 -8.06 -29.32
C THR F 195 4.95 -7.50 -30.70
N THR F 196 3.94 -7.47 -31.56
CA THR F 196 4.12 -6.97 -32.92
C THR F 196 4.49 -5.49 -32.92
N ASP F 197 4.28 -4.85 -31.78
CA ASP F 197 4.65 -3.44 -31.60
C ASP F 197 6.06 -3.32 -31.01
N GLY F 198 6.72 -4.46 -30.80
CA GLY F 198 8.05 -4.49 -30.21
C GLY F 198 8.09 -4.51 -28.68
N GLY F 199 6.92 -4.51 -28.05
CA GLY F 199 6.83 -4.54 -26.61
C GLY F 199 7.28 -5.86 -26.00
N ILE F 200 7.76 -5.80 -24.77
CA ILE F 200 8.12 -7.02 -24.06
C ILE F 200 7.11 -7.29 -22.96
N VAL F 201 6.61 -8.52 -22.92
CA VAL F 201 5.56 -8.89 -21.98
C VAL F 201 5.67 -10.35 -21.50
N ALA F 202 5.32 -10.58 -20.25
CA ALA F 202 5.22 -11.95 -19.75
C ALA F 202 3.80 -12.44 -20.00
N ALA F 203 3.61 -13.21 -21.05
CA ALA F 203 2.28 -13.64 -21.46
C ALA F 203 1.77 -14.75 -20.56
N ASP F 204 2.69 -15.55 -20.03
CA ASP F 204 2.37 -16.54 -19.00
C ASP F 204 3.44 -16.51 -17.94
N ALA F 205 3.13 -17.02 -16.75
CA ALA F 205 4.11 -17.06 -15.69
C ALA F 205 3.81 -18.21 -14.73
N LYS F 206 4.87 -18.84 -14.23
CA LYS F 206 4.75 -19.92 -13.27
C LYS F 206 5.68 -19.61 -12.10
N ILE F 207 5.16 -19.75 -10.89
CA ILE F 207 6.00 -19.63 -9.70
C ILE F 207 5.65 -20.75 -8.73
N VAL F 208 6.68 -21.38 -8.18
CA VAL F 208 6.52 -22.34 -7.08
C VAL F 208 7.33 -21.82 -5.92
N LEU F 209 6.69 -21.71 -4.76
CA LEU F 209 7.32 -21.12 -3.59
C LEU F 209 8.01 -22.20 -2.75
N ASP F 210 9.09 -21.79 -2.08
CA ASP F 210 9.77 -22.64 -1.11
C ASP F 210 8.94 -22.70 0.17
N ASP F 211 8.41 -23.88 0.49
CA ASP F 211 7.60 -24.07 1.69
C ASP F 211 8.33 -23.72 2.98
N ASN F 212 9.64 -23.97 3.00
CA ASN F 212 10.45 -23.67 4.18
C ASN F 212 10.54 -22.18 4.48
N ALA F 213 10.13 -21.34 3.53
CA ALA F 213 10.27 -19.91 3.75
C ALA F 213 8.92 -19.21 3.85
N LEU F 214 7.84 -19.97 3.86
CA LEU F 214 6.54 -19.36 4.03
C LEU F 214 6.45 -18.48 5.29
N PHE F 215 7.10 -18.91 6.37
CA PHE F 215 7.08 -18.13 7.62
C PHE F 215 7.49 -16.68 7.46
N ARG F 216 8.23 -16.34 6.39
CA ARG F 216 8.63 -14.95 6.19
C ARG F 216 7.91 -14.28 5.02
N HIS F 217 6.87 -14.94 4.53
CA HIS F 217 5.95 -14.36 3.55
C HIS F 217 4.47 -14.58 3.96
N PRO F 218 4.00 -13.83 4.96
CA PRO F 218 2.65 -14.03 5.50
C PRO F 218 1.56 -13.95 4.43
N ASP F 219 1.59 -12.93 3.56
CA ASP F 219 0.58 -12.85 2.48
C ASP F 219 0.50 -14.10 1.61
N LEU F 220 1.60 -14.82 1.50
CA LEU F 220 1.58 -16.03 0.70
C LEU F 220 1.31 -17.28 1.55
N ALA F 221 1.79 -17.30 2.79
CA ALA F 221 1.45 -18.39 3.70
C ALA F 221 -0.07 -18.56 3.71
N GLU F 222 -0.78 -17.44 3.60
CA GLU F 222 -2.26 -17.39 3.59
C GLU F 222 -2.88 -18.40 2.62
N LEU F 223 -2.26 -18.51 1.45
CA LEU F 223 -2.76 -19.31 0.33
C LEU F 223 -2.48 -20.81 0.45
N ARG F 224 -1.72 -21.19 1.48
CA ARG F 224 -1.28 -22.57 1.68
C ARG F 224 -2.42 -23.57 1.47
N GLU F 225 -3.53 -23.40 2.19
CA GLU F 225 -4.55 -24.45 2.18
C GLU F 225 -5.49 -24.43 0.98
N VAL F 226 -5.54 -23.30 0.27
CA VAL F 226 -6.27 -23.30 -0.99
C VAL F 226 -5.40 -23.85 -2.13
N GLU F 227 -4.09 -23.66 -2.02
CA GLU F 227 -3.19 -24.11 -3.10
C GLU F 227 -2.76 -25.55 -2.94
N ALA F 228 -3.15 -26.18 -1.84
CA ALA F 228 -2.76 -27.56 -1.57
C ALA F 228 -3.32 -28.55 -2.59
N GLU F 229 -2.44 -29.39 -3.12
CA GLU F 229 -2.83 -30.45 -4.04
C GLU F 229 -3.85 -31.40 -3.42
N HIS F 230 -3.91 -31.42 -2.08
CA HIS F 230 -4.86 -32.26 -1.37
C HIS F 230 -5.12 -31.70 0.02
N PRO F 231 -6.39 -31.72 0.47
CA PRO F 231 -6.73 -31.12 1.77
C PRO F 231 -6.04 -31.79 2.96
N LEU F 232 -5.65 -33.06 2.80
CA LEU F 232 -4.94 -33.76 3.87
C LEU F 232 -3.51 -33.24 4.11
N GLU F 233 -2.93 -32.58 3.11
CA GLU F 233 -1.60 -32.00 3.27
C GLU F 233 -1.61 -30.99 4.40
N VAL F 234 -2.70 -30.24 4.50
CA VAL F 234 -2.81 -29.20 5.53
C VAL F 234 -2.96 -29.79 6.93
N GLU F 235 -3.89 -30.73 7.09
CA GLU F 235 -4.09 -31.37 8.38
C GLU F 235 -2.78 -31.96 8.87
N ALA F 236 -2.12 -32.70 7.99
CA ALA F 236 -0.89 -33.38 8.35
C ALA F 236 0.19 -32.38 8.81
N SER F 237 0.20 -31.20 8.18
CA SER F 237 1.14 -30.14 8.55
C SER F 237 0.92 -29.64 9.97
N ASN F 238 -0.34 -29.67 10.41
CA ASN F 238 -0.69 -29.25 11.77
C ASN F 238 0.08 -30.02 12.83
N TYR F 239 0.32 -31.29 12.55
CA TYR F 239 1.00 -32.17 13.48
C TYR F 239 2.50 -32.23 13.18
N GLY F 240 2.90 -31.55 12.12
CA GLY F 240 4.28 -31.56 11.67
C GLY F 240 4.58 -32.76 10.79
N PHE F 241 3.53 -33.37 10.23
CA PHE F 241 3.65 -34.52 9.33
C PHE F 241 3.75 -34.04 7.89
N ALA F 242 4.43 -34.80 7.05
CA ALA F 242 4.41 -34.52 5.61
C ALA F 242 3.57 -35.58 4.91
N TYR F 243 2.53 -35.14 4.23
CA TYR F 243 1.61 -36.01 3.54
C TYR F 243 1.66 -35.78 2.05
N VAL F 244 1.57 -36.86 1.27
CA VAL F 244 1.47 -36.75 -0.18
C VAL F 244 0.42 -37.73 -0.66
N LYS F 245 -0.53 -37.23 -1.46
CA LYS F 245 -1.59 -38.07 -2.00
C LYS F 245 -1.06 -38.84 -3.19
N LEU F 246 -1.19 -40.16 -3.15
CA LEU F 246 -0.87 -41.02 -4.29
C LEU F 246 -2.14 -41.74 -4.72
N ASP F 247 -2.16 -42.29 -5.94
CA ASP F 247 -3.31 -43.09 -6.35
C ASP F 247 -3.11 -44.58 -6.03
N GLY F 248 -3.96 -45.08 -5.13
CA GLY F 248 -3.84 -46.43 -4.62
C GLY F 248 -4.75 -46.54 -3.40
N ASN F 249 -4.73 -47.70 -2.75
CA ASN F 249 -5.69 -47.94 -1.66
C ASN F 249 -5.09 -48.41 -0.31
N ILE F 250 -3.78 -48.66 -0.30
CA ILE F 250 -3.07 -48.97 0.94
C ILE F 250 -2.56 -47.69 1.62
N GLY F 251 -3.05 -47.41 2.82
CA GLY F 251 -2.61 -46.24 3.58
C GLY F 251 -1.26 -46.52 4.19
N ILE F 252 -0.37 -45.53 4.16
CA ILE F 252 0.99 -45.72 4.68
C ILE F 252 1.33 -44.72 5.77
N ILE F 253 1.90 -45.21 6.87
CA ILE F 253 2.38 -44.36 7.95
C ILE F 253 3.75 -44.81 8.39
N GLY F 254 4.72 -43.90 8.37
CA GLY F 254 6.07 -44.23 8.80
C GLY F 254 6.76 -43.09 9.54
N ASN F 255 7.85 -43.42 10.23
CA ASN F 255 8.64 -42.38 10.90
C ASN F 255 9.99 -42.15 10.22
N GLY F 256 10.00 -41.23 9.26
CA GLY F 256 11.21 -40.89 8.55
C GLY F 256 10.99 -40.97 7.05
N ALA F 257 11.25 -39.88 6.35
CA ALA F 257 10.99 -39.82 4.91
C ALA F 257 11.67 -40.97 4.16
N GLY F 258 12.90 -41.29 4.56
CA GLY F 258 13.64 -42.35 3.90
C GLY F 258 12.97 -43.70 4.11
N LEU F 259 12.62 -43.98 5.35
CA LEU F 259 11.91 -45.21 5.68
C LEU F 259 10.56 -45.30 4.95
N VAL F 260 9.86 -44.18 4.82
CA VAL F 260 8.54 -44.19 4.19
C VAL F 260 8.66 -44.48 2.68
N MET F 261 9.63 -43.83 2.03
CA MET F 261 9.96 -44.17 0.64
C MET F 261 10.27 -45.66 0.44
N TYR F 262 11.10 -46.21 1.33
CA TYR F 262 11.42 -47.64 1.32
C TYR F 262 10.13 -48.44 1.44
N THR F 263 9.26 -48.06 2.37
CA THR F 263 7.97 -48.74 2.54
C THR F 263 7.13 -48.72 1.26
N LEU F 264 7.02 -47.54 0.64
CA LEU F 264 6.32 -47.42 -0.64
C LEU F 264 6.95 -48.32 -1.70
N ASP F 265 8.28 -48.40 -1.68
CA ASP F 265 8.98 -49.24 -2.65
C ASP F 265 8.67 -50.72 -2.41
N LEU F 266 8.70 -51.15 -1.15
CA LEU F 266 8.33 -52.52 -0.78
C LEU F 266 6.93 -52.86 -1.26
N VAL F 267 5.95 -52.08 -0.82
CA VAL F 267 4.55 -52.30 -1.23
C VAL F 267 4.44 -52.44 -2.75
N ASN F 268 4.92 -51.43 -3.48
CA ASN F 268 4.83 -51.44 -4.94
C ASN F 268 5.45 -52.69 -5.55
N ARG F 269 6.60 -53.10 -5.04
CA ARG F 269 7.30 -54.26 -5.58
C ARG F 269 6.48 -55.55 -5.50
N VAL F 270 5.72 -55.70 -4.42
CA VAL F 270 4.97 -56.93 -4.19
C VAL F 270 3.51 -56.85 -4.66
N GLY F 271 3.25 -55.95 -5.62
CA GLY F 271 1.95 -55.87 -6.25
C GLY F 271 1.00 -54.83 -5.69
N GLY F 272 1.34 -54.31 -4.50
CA GLY F 272 0.49 -53.33 -3.84
C GLY F 272 0.46 -51.99 -4.55
N LYS F 273 -0.40 -51.10 -4.06
CA LYS F 273 -0.53 -49.78 -4.65
C LYS F 273 -0.90 -48.76 -3.56
N PRO F 274 0.11 -48.03 -3.05
CA PRO F 274 -0.02 -47.12 -1.90
C PRO F 274 -0.93 -45.92 -2.18
N ALA F 275 -1.72 -45.54 -1.18
CA ALA F 275 -2.67 -44.44 -1.29
C ALA F 275 -2.00 -43.12 -0.93
N ASN F 276 -0.91 -43.19 -0.17
CA ASN F 276 -0.25 -41.97 0.27
C ASN F 276 1.15 -42.20 0.82
N PHE F 277 1.88 -41.09 0.87
CA PHE F 277 3.10 -40.96 1.67
C PHE F 277 2.72 -40.21 2.96
N LEU F 278 3.11 -40.74 4.12
CA LEU F 278 2.99 -39.99 5.37
C LEU F 278 4.18 -40.21 6.31
N ASP F 279 5.02 -39.17 6.44
CA ASP F 279 6.12 -39.16 7.39
C ASP F 279 5.71 -38.45 8.70
N ILE F 280 5.64 -39.18 9.81
CA ILE F 280 5.20 -38.60 11.07
C ILE F 280 6.34 -37.93 11.84
N GLY F 281 7.53 -37.90 11.25
CA GLY F 281 8.69 -37.32 11.92
C GLY F 281 9.56 -38.33 12.63
N GLY F 282 10.58 -37.83 13.32
CA GLY F 282 11.55 -38.71 13.96
C GLY F 282 10.97 -39.63 15.01
N GLY F 283 10.17 -39.05 15.92
CA GLY F 283 9.62 -39.79 17.05
C GLY F 283 8.27 -40.41 16.75
N ALA F 284 7.89 -41.40 17.54
CA ALA F 284 6.63 -42.12 17.33
C ALA F 284 5.94 -42.53 18.63
N LYS F 285 5.54 -41.55 19.43
CA LYS F 285 4.76 -41.80 20.63
C LYS F 285 3.26 -41.98 20.34
N ALA F 286 2.48 -42.35 21.36
CA ALA F 286 1.07 -42.69 21.16
C ALA F 286 0.26 -41.62 20.44
N ASP F 287 0.35 -40.37 20.90
CA ASP F 287 -0.40 -39.27 20.30
C ASP F 287 -0.11 -39.10 18.82
N VAL F 288 1.17 -39.13 18.47
CA VAL F 288 1.60 -38.99 17.09
C VAL F 288 0.96 -40.05 16.19
N VAL F 289 1.06 -41.31 16.58
CA VAL F 289 0.48 -42.39 15.78
C VAL F 289 -1.03 -42.23 15.64
N TYR F 290 -1.68 -41.81 16.73
CA TYR F 290 -3.14 -41.62 16.73
C TYR F 290 -3.53 -40.54 15.72
N ASN F 291 -2.84 -39.42 15.78
CA ASN F 291 -3.11 -38.34 14.84
C ASN F 291 -2.85 -38.77 13.40
N ALA F 292 -1.73 -39.47 13.18
CA ALA F 292 -1.40 -39.98 11.86
C ALA F 292 -2.51 -40.88 11.32
N LEU F 293 -3.02 -41.77 12.16
CA LEU F 293 -4.15 -42.62 11.79
C LEU F 293 -5.34 -41.75 11.42
N LYS F 294 -5.61 -40.76 12.27
CA LYS F 294 -6.73 -39.85 12.06
C LYS F 294 -6.68 -39.25 10.66
N VAL F 295 -5.52 -38.69 10.31
CA VAL F 295 -5.32 -38.05 9.01
C VAL F 295 -5.48 -39.01 7.83
N VAL F 296 -4.83 -40.17 7.91
CA VAL F 296 -4.84 -41.15 6.83
C VAL F 296 -6.22 -41.71 6.56
N LEU F 297 -7.00 -41.89 7.62
CA LEU F 297 -8.32 -42.50 7.49
C LEU F 297 -9.39 -41.56 6.92
N LYS F 298 -9.11 -40.25 6.92
CA LYS F 298 -10.01 -39.29 6.26
C LYS F 298 -9.94 -39.41 4.74
N ASP F 299 -9.15 -40.37 4.27
CA ASP F 299 -9.05 -40.59 2.83
C ASP F 299 -9.89 -41.79 2.38
N PRO F 300 -11.01 -41.50 1.69
CA PRO F 300 -11.95 -42.52 1.20
C PRO F 300 -11.27 -43.68 0.47
N ASP F 301 -10.22 -43.42 -0.30
CA ASP F 301 -9.56 -44.47 -1.07
C ASP F 301 -8.85 -45.53 -0.23
N VAL F 302 -8.61 -45.23 1.04
CA VAL F 302 -7.86 -46.13 1.91
C VAL F 302 -8.62 -47.40 2.29
N LYS F 303 -8.13 -48.54 1.81
CA LYS F 303 -8.71 -49.84 2.13
C LYS F 303 -8.23 -50.36 3.48
N GLY F 304 -6.95 -50.12 3.78
CA GLY F 304 -6.31 -50.55 5.01
C GLY F 304 -5.04 -49.74 5.25
N VAL F 305 -4.39 -49.96 6.37
CA VAL F 305 -3.24 -49.13 6.73
C VAL F 305 -2.02 -49.96 7.12
N PHE F 306 -0.90 -49.66 6.48
CA PHE F 306 0.39 -50.29 6.79
C PHE F 306 1.23 -49.30 7.57
N ILE F 307 1.43 -49.57 8.85
CA ILE F 307 2.28 -48.73 9.72
C ILE F 307 3.66 -49.36 9.81
N ASN F 308 4.69 -48.65 9.37
CA ASN F 308 6.05 -49.18 9.42
C ASN F 308 6.96 -48.23 10.17
N ILE F 309 7.33 -48.61 11.39
CA ILE F 309 8.05 -47.72 12.30
C ILE F 309 9.34 -48.36 12.81
N PHE F 310 10.41 -47.58 12.87
CA PHE F 310 11.65 -48.03 13.50
C PHE F 310 11.97 -47.13 14.67
N GLY F 311 11.60 -47.58 15.88
CA GLY F 311 11.67 -46.73 17.07
C GLY F 311 13.02 -46.75 17.74
N GLY F 312 13.66 -47.92 17.77
CA GLY F 312 14.92 -48.08 18.46
C GLY F 312 14.78 -47.88 19.97
N ILE F 313 14.94 -46.63 20.41
CA ILE F 313 14.75 -46.26 21.81
C ILE F 313 13.26 -46.24 22.19
N THR F 314 12.45 -45.64 21.33
CA THR F 314 11.01 -45.54 21.55
C THR F 314 10.37 -46.93 21.67
N ARG F 315 9.57 -47.10 22.73
CA ARG F 315 8.89 -48.38 22.97
C ARG F 315 7.97 -48.72 21.81
N ALA F 316 7.67 -50.01 21.65
CA ALA F 316 6.76 -50.44 20.60
C ALA F 316 5.32 -50.30 21.09
N ASP F 317 5.14 -50.42 22.41
CA ASP F 317 3.82 -50.29 23.02
C ASP F 317 3.24 -48.90 22.82
N GLU F 318 4.11 -47.95 22.52
CA GLU F 318 3.69 -46.58 22.23
C GLU F 318 2.85 -46.52 20.96
N VAL F 319 3.29 -47.24 19.94
CA VAL F 319 2.54 -47.35 18.70
C VAL F 319 1.20 -48.05 18.95
N ALA F 320 1.24 -49.22 19.59
CA ALA F 320 0.04 -50.00 19.85
C ALA F 320 -0.99 -49.17 20.63
N LYS F 321 -0.51 -48.44 21.63
CA LYS F 321 -1.38 -47.62 22.48
C LYS F 321 -2.14 -46.59 21.66
N GLY F 322 -1.44 -45.98 20.71
CA GLY F 322 -2.04 -44.99 19.82
C GLY F 322 -3.05 -45.59 18.84
N VAL F 323 -2.75 -46.78 18.34
CA VAL F 323 -3.67 -47.48 17.45
C VAL F 323 -4.92 -47.95 18.20
N ILE F 324 -4.72 -48.44 19.43
CA ILE F 324 -5.82 -48.88 20.29
C ILE F 324 -6.79 -47.73 20.57
N ARG F 325 -6.24 -46.60 21.04
CA ARG F 325 -7.03 -45.40 21.27
C ARG F 325 -7.93 -45.09 20.07
N ALA F 326 -7.32 -45.09 18.89
CA ALA F 326 -8.04 -44.84 17.66
C ALA F 326 -9.18 -45.84 17.42
N LEU F 327 -8.91 -47.11 17.70
CA LEU F 327 -9.88 -48.17 17.44
C LEU F 327 -11.06 -48.04 18.39
N GLU F 328 -10.74 -47.79 19.66
CA GLU F 328 -11.73 -47.69 20.73
C GLU F 328 -12.66 -46.50 20.53
N GLU F 329 -12.22 -45.52 19.76
CA GLU F 329 -13.02 -44.32 19.50
C GLU F 329 -13.86 -44.46 18.23
N GLY F 330 -13.86 -45.67 17.66
CA GLY F 330 -14.58 -45.91 16.43
C GLY F 330 -14.06 -45.09 15.25
N LEU F 331 -12.77 -44.78 15.27
CA LEU F 331 -12.11 -44.11 14.14
C LEU F 331 -11.59 -45.14 13.16
N LEU F 332 -10.99 -46.19 13.70
CA LEU F 332 -10.33 -47.23 12.93
C LEU F 332 -11.32 -48.30 12.43
N THR F 333 -11.79 -48.14 11.20
CA THR F 333 -12.77 -49.07 10.64
C THR F 333 -12.16 -50.03 9.60
N LYS F 334 -10.88 -49.83 9.29
CA LYS F 334 -10.18 -50.67 8.32
C LYS F 334 -9.12 -51.52 9.03
N PRO F 335 -8.61 -52.55 8.35
CA PRO F 335 -7.58 -53.40 8.96
C PRO F 335 -6.24 -52.68 8.99
N VAL F 336 -5.46 -52.90 10.04
CA VAL F 336 -4.16 -52.24 10.20
C VAL F 336 -3.02 -53.24 10.38
N VAL F 337 -2.08 -53.24 9.44
CA VAL F 337 -0.90 -54.10 9.51
C VAL F 337 0.32 -53.32 9.96
N MET F 338 1.05 -53.82 10.96
CA MET F 338 2.20 -53.08 11.49
C MET F 338 3.53 -53.85 11.49
N ARG F 339 4.61 -53.10 11.34
CA ARG F 339 5.95 -53.58 11.64
C ARG F 339 6.57 -52.54 12.57
N VAL F 340 6.65 -52.85 13.86
CA VAL F 340 7.14 -51.89 14.84
C VAL F 340 8.37 -52.40 15.58
N ALA F 341 9.56 -52.01 15.12
CA ALA F 341 10.82 -52.36 15.77
C ALA F 341 11.15 -51.39 16.92
N GLY F 342 11.74 -51.90 18.00
CA GLY F 342 12.12 -51.07 19.14
C GLY F 342 12.40 -51.82 20.44
N THR F 343 11.69 -51.47 21.50
CA THR F 343 11.78 -52.15 22.79
C THR F 343 10.43 -52.78 23.13
N ALA F 344 10.46 -53.85 23.93
CA ALA F 344 9.24 -54.48 24.42
C ALA F 344 8.24 -54.73 23.31
N GLU F 345 8.68 -55.47 22.29
CA GLU F 345 7.84 -55.82 21.15
C GLU F 345 6.75 -56.79 21.56
N GLU F 346 7.08 -57.65 22.52
CA GLU F 346 6.17 -58.70 22.99
C GLU F 346 5.01 -58.10 23.79
N GLU F 347 5.35 -57.14 24.66
CA GLU F 347 4.39 -56.45 25.51
C GLU F 347 3.50 -55.52 24.69
N ALA F 348 3.88 -55.35 23.43
CA ALA F 348 3.06 -54.63 22.46
C ALA F 348 2.13 -55.62 21.74
N LYS F 349 2.62 -56.84 21.53
CA LYS F 349 1.81 -57.92 20.97
C LYS F 349 0.68 -58.30 21.93
N LYS F 350 1.03 -58.41 23.21
CA LYS F 350 0.05 -58.68 24.26
C LYS F 350 -0.69 -57.40 24.63
N LEU F 351 -0.94 -56.57 23.61
CA LEU F 351 -1.85 -55.45 23.71
C LEU F 351 -2.85 -55.51 22.55
N LEU F 352 -2.43 -56.14 21.45
CA LEU F 352 -3.21 -56.18 20.23
C LEU F 352 -3.88 -57.54 20.03
N LYS F 355 -7.40 -57.18 18.92
CA LYS F 355 -7.86 -56.17 17.98
C LYS F 355 -7.46 -56.51 16.53
N PRO F 356 -8.26 -56.06 15.56
CA PRO F 356 -7.98 -56.21 14.12
C PRO F 356 -6.72 -55.43 13.73
N VAL F 357 -5.67 -55.61 14.53
CA VAL F 357 -4.39 -54.93 14.33
C VAL F 357 -3.28 -55.95 14.50
N TYR F 358 -2.63 -56.30 13.40
CA TYR F 358 -1.69 -57.41 13.38
C TYR F 358 -0.26 -56.97 13.15
N MET F 359 0.65 -57.46 14.01
CA MET F 359 2.08 -57.18 13.87
C MET F 359 2.85 -58.30 13.17
N TYR F 360 4.00 -57.93 12.64
CA TYR F 360 4.91 -58.89 12.03
C TYR F 360 6.32 -58.45 12.39
N PRO F 361 7.28 -59.38 12.35
CA PRO F 361 8.66 -59.01 12.69
C PRO F 361 9.40 -58.34 11.52
N THR F 362 8.95 -58.64 10.29
CA THR F 362 9.62 -58.16 9.08
C THR F 362 8.72 -57.22 8.26
N SER F 363 9.33 -56.25 7.60
CA SER F 363 8.59 -55.27 6.81
C SER F 363 8.01 -55.87 5.52
N ILE F 364 8.81 -56.68 4.83
CA ILE F 364 8.36 -57.29 3.57
C ILE F 364 7.13 -58.17 3.81
N GLU F 365 7.11 -58.86 4.94
CA GLU F 365 5.96 -59.69 5.31
C GLU F 365 4.71 -58.83 5.46
N ALA F 366 4.77 -57.86 6.35
CA ALA F 366 3.67 -56.93 6.54
C ALA F 366 3.23 -56.34 5.20
N ALA F 367 4.19 -56.00 4.35
CA ALA F 367 3.90 -55.43 3.04
C ALA F 367 3.03 -56.36 2.22
N LYS F 368 3.42 -57.64 2.18
CA LYS F 368 2.67 -58.63 1.42
C LYS F 368 1.24 -58.78 1.94
N VAL F 369 1.11 -58.92 3.26
CA VAL F 369 -0.20 -59.02 3.89
C VAL F 369 -1.19 -57.97 3.38
N THR F 370 -0.79 -56.71 3.38
CA THR F 370 -1.70 -55.63 3.01
C THR F 370 -2.12 -55.71 1.54
N VAL F 371 -1.46 -56.60 0.79
CA VAL F 371 -1.88 -56.92 -0.57
C VAL F 371 -2.96 -57.99 -0.58
N MET G 1 55.67 8.58 -18.99
CA MET G 1 54.25 8.29 -18.96
C MET G 1 53.98 7.09 -18.09
N ILE G 2 52.74 6.97 -17.61
CA ILE G 2 52.25 5.77 -16.94
C ILE G 2 50.90 5.33 -17.53
N LEU G 3 50.60 4.04 -17.40
CA LEU G 3 49.29 3.45 -17.71
C LEU G 3 48.92 3.40 -19.18
N VAL G 4 49.05 4.52 -19.89
CA VAL G 4 48.59 4.58 -21.26
C VAL G 4 49.56 5.38 -22.14
N ASN G 5 49.62 5.02 -23.42
CA ASN G 5 50.48 5.72 -24.37
C ASN G 5 49.86 5.56 -25.77
N LYS G 6 50.60 5.91 -26.82
CA LYS G 6 50.02 5.95 -28.16
C LYS G 6 49.54 4.58 -28.63
N GLU G 7 50.05 3.52 -28.02
CA GLU G 7 49.70 2.15 -28.43
C GLU G 7 48.43 1.64 -27.73
N THR G 8 47.95 2.38 -26.74
CA THR G 8 46.77 1.97 -25.99
C THR G 8 45.52 1.93 -26.89
N ARG G 9 44.88 0.78 -26.97
CA ARG G 9 43.75 0.62 -27.86
C ARG G 9 42.48 0.76 -27.03
N VAL G 10 41.61 1.68 -27.43
CA VAL G 10 40.53 2.11 -26.54
C VAL G 10 39.13 1.72 -27.02
N LEU G 11 38.32 1.23 -26.10
CA LEU G 11 36.90 0.97 -26.34
C LEU G 11 36.08 2.08 -25.66
N VAL G 12 35.02 2.54 -26.31
CA VAL G 12 34.19 3.58 -25.72
C VAL G 12 32.80 3.05 -25.40
N GLN G 13 32.45 2.98 -24.13
CA GLN G 13 31.12 2.52 -23.77
C GLN G 13 30.20 3.74 -23.68
N GLY G 14 29.01 3.64 -24.28
CA GLY G 14 28.12 4.79 -24.39
C GLY G 14 28.48 5.67 -25.59
N ILE G 15 29.08 5.07 -26.60
CA ILE G 15 29.60 5.81 -27.74
C ILE G 15 28.51 6.55 -28.55
N THR G 16 27.28 6.04 -28.51
CA THR G 16 26.21 6.63 -29.33
C THR G 16 25.57 7.82 -28.64
N GLY G 17 25.82 7.97 -27.34
CA GLY G 17 25.22 9.06 -26.61
C GLY G 17 25.82 10.38 -27.05
N ARG G 18 25.18 11.47 -26.69
CA ARG G 18 25.68 12.78 -27.09
C ARG G 18 27.10 13.03 -26.57
N GLU G 19 27.34 12.82 -25.27
CA GLU G 19 28.68 12.97 -24.65
C GLU G 19 29.70 12.02 -25.28
N GLY G 20 29.34 10.73 -25.34
CA GLY G 20 30.25 9.76 -25.89
C GLY G 20 30.64 10.14 -27.30
N GLN G 21 29.66 10.58 -28.07
CA GLN G 21 29.90 10.87 -29.47
C GLN G 21 30.80 12.10 -29.60
N PHE G 22 30.52 13.11 -28.78
CA PHE G 22 31.30 14.34 -28.83
C PHE G 22 32.76 14.06 -28.48
N HIS G 23 32.99 13.35 -27.39
CA HIS G 23 34.36 13.10 -26.94
C HIS G 23 35.08 12.01 -27.75
N THR G 24 34.33 11.10 -28.36
CA THR G 24 34.94 10.16 -29.29
C THR G 24 35.57 10.94 -30.45
N LYS G 25 34.85 11.93 -30.96
CA LYS G 25 35.39 12.74 -32.05
C LYS G 25 36.67 13.45 -31.59
N GLN G 26 36.61 14.09 -30.44
CA GLN G 26 37.76 14.79 -29.89
C GLN G 26 38.97 13.88 -29.72
N MET G 27 38.73 12.72 -29.13
CA MET G 27 39.81 11.76 -28.94
C MET G 27 40.39 11.32 -30.28
N LEU G 28 39.53 11.01 -31.25
CA LEU G 28 40.02 10.66 -32.59
C LEU G 28 40.94 11.75 -33.16
N SER G 29 40.55 13.02 -33.05
CA SER G 29 41.38 14.12 -33.55
C SER G 29 42.73 14.16 -32.83
N TYR G 30 42.73 13.79 -31.55
CA TYR G 30 43.97 13.88 -30.78
C TYR G 30 44.95 12.77 -31.18
N GLY G 31 44.43 11.68 -31.74
CA GLY G 31 45.27 10.56 -32.09
C GLY G 31 45.02 9.30 -31.27
N THR G 32 44.15 9.40 -30.28
CA THR G 32 43.77 8.22 -29.50
C THR G 32 43.25 7.12 -30.40
N LYS G 33 43.65 5.88 -30.10
CA LYS G 33 43.23 4.75 -30.92
C LYS G 33 41.91 4.17 -30.44
N ILE G 34 40.80 4.77 -30.85
CA ILE G 34 39.49 4.21 -30.54
C ILE G 34 39.23 3.10 -31.56
N VAL G 35 39.11 1.86 -31.10
CA VAL G 35 38.94 0.75 -32.04
C VAL G 35 37.52 0.19 -32.05
N ALA G 36 36.73 0.54 -31.05
CA ALA G 36 35.39 -0.06 -30.94
C ALA G 36 34.51 0.71 -29.96
N GLY G 37 33.20 0.50 -30.08
CA GLY G 37 32.22 1.14 -29.21
C GLY G 37 31.19 0.14 -28.70
N VAL G 38 30.61 0.42 -27.54
CA VAL G 38 29.56 -0.43 -26.99
C VAL G 38 28.36 0.39 -26.58
N THR G 39 27.18 0.04 -27.08
CA THR G 39 25.92 0.54 -26.55
C THR G 39 24.83 -0.53 -26.69
N PRO G 40 24.32 -1.06 -25.58
CA PRO G 40 23.29 -2.10 -25.72
C PRO G 40 22.11 -1.54 -26.52
N GLY G 41 21.68 -2.27 -27.54
CA GLY G 41 20.59 -1.81 -28.37
C GLY G 41 21.04 -1.21 -29.69
N LYS G 42 22.34 -0.94 -29.81
CA LYS G 42 22.83 -0.27 -31.00
C LYS G 42 23.97 -1.06 -31.65
N GLY G 43 24.08 -2.32 -31.31
CA GLY G 43 25.08 -3.17 -31.91
C GLY G 43 24.85 -3.25 -33.42
N GLY G 44 25.93 -3.20 -34.19
CA GLY G 44 25.81 -3.29 -35.64
C GLY G 44 25.81 -1.92 -36.30
N MET G 45 25.75 -0.88 -35.49
CA MET G 45 25.83 0.45 -36.05
C MET G 45 27.26 0.96 -36.00
N GLU G 46 27.42 2.22 -36.36
CA GLU G 46 28.75 2.77 -36.51
C GLU G 46 28.68 4.22 -36.08
N VAL G 47 29.74 4.70 -35.43
CA VAL G 47 29.79 6.07 -34.97
C VAL G 47 31.17 6.61 -35.28
N LEU G 48 31.22 7.63 -36.13
CA LEU G 48 32.50 8.24 -36.51
C LEU G 48 33.50 7.20 -37.02
N GLY G 49 32.99 6.23 -37.77
CA GLY G 49 33.81 5.15 -38.32
C GLY G 49 34.14 4.02 -37.34
N VAL G 50 33.63 4.13 -36.11
CA VAL G 50 33.94 3.13 -35.08
C VAL G 50 32.81 2.12 -34.97
N PRO G 51 33.11 0.82 -35.10
CA PRO G 51 32.01 -0.16 -35.06
C PRO G 51 31.45 -0.26 -33.66
N VAL G 52 30.12 -0.41 -33.54
CA VAL G 52 29.43 -0.48 -32.25
C VAL G 52 28.89 -1.89 -31.98
N TYR G 53 29.07 -2.37 -30.75
CA TYR G 53 28.60 -3.71 -30.34
C TYR G 53 27.61 -3.54 -29.20
N ASP G 54 26.79 -4.56 -28.96
CA ASP G 54 25.82 -4.55 -27.86
C ASP G 54 26.49 -4.77 -26.51
N THR G 55 27.55 -5.57 -26.49
CA THR G 55 28.23 -5.88 -25.25
C THR G 55 29.75 -5.77 -25.36
N VAL G 56 30.42 -5.57 -24.22
CA VAL G 56 31.89 -5.45 -24.19
C VAL G 56 32.53 -6.73 -24.71
N LYS G 57 32.00 -7.86 -24.25
CA LYS G 57 32.50 -9.15 -24.74
C LYS G 57 32.46 -9.31 -26.27
N GLU G 58 31.39 -8.89 -26.94
CA GLU G 58 31.41 -8.96 -28.40
C GLU G 58 32.51 -8.06 -28.93
N ALA G 59 32.58 -6.85 -28.36
CA ALA G 59 33.58 -5.91 -28.82
C ALA G 59 34.97 -6.54 -28.73
N VAL G 60 35.37 -7.01 -27.55
CA VAL G 60 36.72 -7.56 -27.46
C VAL G 60 36.90 -8.87 -28.23
N ALA G 61 35.82 -9.48 -28.69
CA ALA G 61 35.97 -10.68 -29.51
C ALA G 61 36.41 -10.34 -30.95
N HIS G 62 36.25 -9.07 -31.34
CA HIS G 62 36.63 -8.62 -32.68
C HIS G 62 37.76 -7.62 -32.64
N HIS G 63 38.06 -7.09 -31.45
CA HIS G 63 39.12 -6.10 -31.32
C HIS G 63 39.92 -6.26 -30.03
N GLU G 64 41.23 -6.17 -30.13
CA GLU G 64 42.07 -6.10 -28.94
C GLU G 64 41.87 -4.75 -28.28
N VAL G 65 41.71 -4.75 -26.96
CA VAL G 65 41.39 -3.55 -26.22
C VAL G 65 42.19 -3.52 -24.92
N ASP G 66 42.87 -2.41 -24.67
CA ASP G 66 43.69 -2.24 -23.45
C ASP G 66 43.01 -1.33 -22.43
N ALA G 67 41.99 -0.58 -22.87
CA ALA G 67 41.28 0.34 -21.99
C ALA G 67 39.91 0.66 -22.50
N SER G 68 39.01 0.96 -21.57
CA SER G 68 37.65 1.32 -21.87
C SER G 68 37.31 2.62 -21.15
N ILE G 69 36.65 3.52 -21.87
CA ILE G 69 36.21 4.77 -21.27
C ILE G 69 34.69 4.81 -21.29
N ILE G 70 34.08 5.12 -20.14
CA ILE G 70 32.63 4.93 -20.00
C ILE G 70 31.84 6.23 -19.90
N PHE G 71 30.91 6.42 -20.83
CA PHE G 71 30.05 7.62 -20.89
C PHE G 71 28.58 7.31 -20.61
N VAL G 72 28.31 6.10 -20.13
CA VAL G 72 26.97 5.66 -19.84
C VAL G 72 26.33 6.48 -18.71
N PRO G 73 25.02 6.78 -18.83
CA PRO G 73 24.30 7.57 -17.81
C PRO G 73 24.37 6.98 -16.39
N ALA G 74 24.34 7.86 -15.41
CA ALA G 74 24.57 7.51 -14.03
C ALA G 74 23.82 6.26 -13.54
N PRO G 75 22.54 6.09 -13.90
CA PRO G 75 21.87 4.90 -13.34
C PRO G 75 22.46 3.59 -13.85
N ALA G 76 23.23 3.63 -14.94
CA ALA G 76 23.67 2.39 -15.54
C ALA G 76 25.18 2.31 -15.57
N ALA G 77 25.84 3.35 -15.10
CA ALA G 77 27.30 3.44 -15.25
C ALA G 77 28.11 2.40 -14.45
N ALA G 78 27.70 2.15 -13.20
CA ALA G 78 28.40 1.16 -12.36
C ALA G 78 28.34 -0.22 -13.01
N ASP G 79 27.15 -0.57 -13.48
CA ASP G 79 26.94 -1.80 -14.22
C ASP G 79 27.85 -1.87 -15.45
N ALA G 80 28.07 -0.73 -16.10
CA ALA G 80 28.91 -0.75 -17.30
C ALA G 80 30.36 -1.01 -16.90
N ALA G 81 30.79 -0.43 -15.77
CA ALA G 81 32.15 -0.67 -15.31
C ALA G 81 32.33 -2.14 -14.96
N LEU G 82 31.34 -2.72 -14.29
CA LEU G 82 31.41 -4.14 -13.96
C LEU G 82 31.55 -4.99 -15.20
N GLU G 83 30.81 -4.62 -16.25
CA GLU G 83 30.78 -5.39 -17.50
C GLU G 83 32.17 -5.39 -18.16
N ALA G 84 32.82 -4.24 -18.13
CA ALA G 84 34.16 -4.11 -18.67
C ALA G 84 35.16 -4.95 -17.85
N ALA G 85 35.09 -4.87 -16.52
CA ALA G 85 36.03 -5.63 -15.71
C ALA G 85 35.81 -7.13 -15.95
N HIS G 86 34.55 -7.54 -16.04
CA HIS G 86 34.27 -8.96 -16.27
C HIS G 86 34.67 -9.43 -17.67
N ALA G 87 34.93 -8.50 -18.57
CA ALA G 87 35.35 -8.84 -19.94
C ALA G 87 36.86 -8.88 -20.02
N GLY G 88 37.52 -8.57 -18.90
CA GLY G 88 38.97 -8.67 -18.81
C GLY G 88 39.74 -7.42 -19.20
N ILE G 89 39.03 -6.30 -19.34
CA ILE G 89 39.68 -5.06 -19.67
C ILE G 89 40.49 -4.50 -18.48
N PRO G 90 41.80 -4.28 -18.66
CA PRO G 90 42.70 -3.95 -17.55
C PRO G 90 42.54 -2.54 -17.00
N LEU G 91 42.19 -1.60 -17.86
CA LEU G 91 42.05 -0.21 -17.42
C LEU G 91 40.66 0.32 -17.80
N ILE G 92 39.94 0.82 -16.81
CA ILE G 92 38.57 1.29 -17.01
C ILE G 92 38.45 2.73 -16.54
N VAL G 93 38.08 3.64 -17.44
CA VAL G 93 37.97 5.06 -17.09
C VAL G 93 36.48 5.46 -17.04
N LEU G 94 35.98 5.75 -15.84
CA LEU G 94 34.55 6.02 -15.63
C LEU G 94 34.36 7.52 -15.47
N ILE G 95 33.80 8.13 -16.51
CA ILE G 95 33.67 9.58 -16.58
C ILE G 95 32.44 10.06 -15.83
N THR G 96 31.38 9.27 -15.91
CA THR G 96 30.03 9.70 -15.53
C THR G 96 29.90 10.24 -14.12
N GLU G 97 29.24 11.39 -14.00
CA GLU G 97 28.98 12.00 -12.71
C GLU G 97 27.61 11.56 -12.22
N GLY G 98 27.42 11.53 -10.89
CA GLY G 98 26.11 11.30 -10.32
C GLY G 98 25.75 9.84 -10.05
N ILE G 99 26.75 8.98 -10.01
CA ILE G 99 26.52 7.57 -9.70
C ILE G 99 26.27 7.40 -8.20
N PRO G 100 25.23 6.64 -7.82
CA PRO G 100 24.95 6.45 -6.40
C PRO G 100 26.16 5.90 -5.64
N THR G 101 26.48 6.52 -4.51
CA THR G 101 27.63 6.10 -3.71
C THR G 101 27.70 4.60 -3.49
N LEU G 102 26.57 3.98 -3.16
CA LEU G 102 26.54 2.57 -2.80
C LEU G 102 26.77 1.67 -4.01
N ASP G 103 26.39 2.14 -5.19
CA ASP G 103 26.70 1.46 -6.44
C ASP G 103 28.22 1.35 -6.58
N MET G 104 28.93 2.41 -6.25
CA MET G 104 30.39 2.41 -6.30
C MET G 104 31.06 1.62 -5.15
N VAL G 105 30.49 1.66 -3.95
CA VAL G 105 31.03 0.85 -2.84
C VAL G 105 31.06 -0.62 -3.26
N ARG G 106 29.96 -1.06 -3.85
CA ARG G 106 29.84 -2.41 -4.35
C ARG G 106 30.78 -2.68 -5.54
N ALA G 107 30.77 -1.80 -6.54
CA ALA G 107 31.48 -2.05 -7.80
C ALA G 107 32.99 -1.95 -7.67
N VAL G 108 33.45 -0.97 -6.88
CA VAL G 108 34.88 -0.82 -6.67
C VAL G 108 35.47 -2.10 -6.08
N GLU G 109 34.76 -2.68 -5.12
CA GLU G 109 35.23 -3.89 -4.45
C GLU G 109 35.37 -5.03 -5.45
N GLU G 110 34.35 -5.20 -6.30
CA GLU G 110 34.30 -6.30 -7.27
C GLU G 110 35.34 -6.15 -8.40
N ILE G 111 35.44 -4.94 -8.93
CA ILE G 111 36.34 -4.64 -10.02
C ILE G 111 37.80 -4.85 -9.60
N LYS G 112 38.13 -4.40 -8.39
CA LYS G 112 39.48 -4.54 -7.89
C LYS G 112 39.84 -6.02 -7.69
N ALA G 113 38.92 -6.78 -7.11
CA ALA G 113 39.18 -8.20 -6.91
C ALA G 113 39.38 -8.95 -8.23
N LEU G 114 38.91 -8.37 -9.33
CA LEU G 114 39.04 -9.01 -10.64
C LEU G 114 40.36 -8.67 -11.33
N GLY G 115 41.08 -7.68 -10.81
CA GLY G 115 42.38 -7.31 -11.36
C GLY G 115 42.37 -6.11 -12.30
N SER G 116 41.22 -5.49 -12.54
CA SER G 116 41.16 -4.29 -13.37
C SER G 116 41.45 -3.05 -12.53
N ARG G 117 42.09 -2.06 -13.14
CA ARG G 117 42.21 -0.77 -12.48
C ARG G 117 41.07 0.14 -12.91
N LEU G 118 40.33 0.69 -11.94
CA LEU G 118 39.25 1.64 -12.22
C LEU G 118 39.67 3.07 -11.89
N ILE G 119 39.55 3.97 -12.85
CA ILE G 119 39.71 5.40 -12.58
C ILE G 119 38.36 6.12 -12.67
N GLY G 120 37.96 6.82 -11.60
CA GLY G 120 36.66 7.46 -11.53
C GLY G 120 35.81 6.84 -10.44
N GLY G 121 34.51 7.12 -10.39
CA GLY G 121 33.78 7.92 -11.38
C GLY G 121 33.86 9.42 -11.17
N ASN G 122 33.01 10.15 -11.87
CA ASN G 122 33.00 11.62 -11.80
C ASN G 122 34.39 12.20 -11.99
N CYS G 123 35.02 11.85 -13.12
CA CYS G 123 36.39 12.25 -13.40
C CYS G 123 36.60 12.60 -14.87
N PRO G 124 37.62 13.43 -15.17
CA PRO G 124 37.89 13.84 -16.55
C PRO G 124 38.74 12.83 -17.34
N GLY G 125 39.24 11.79 -16.68
CA GLY G 125 39.97 10.74 -17.37
C GLY G 125 41.50 10.81 -17.23
N ILE G 126 42.20 10.28 -18.23
CA ILE G 126 43.64 10.24 -18.19
C ILE G 126 44.27 10.65 -19.52
N ILE G 127 45.33 11.46 -19.46
CA ILE G 127 46.01 11.83 -20.67
C ILE G 127 47.52 11.67 -20.50
N SER G 128 48.16 11.13 -21.54
CA SER G 128 49.62 11.09 -21.62
C SER G 128 50.00 12.03 -22.73
N ALA G 129 50.60 13.15 -22.35
CA ALA G 129 50.87 14.25 -23.27
C ALA G 129 51.48 13.79 -24.59
N GLU G 130 50.80 14.15 -25.68
CA GLU G 130 51.26 13.90 -27.05
C GLU G 130 51.38 12.43 -27.38
N GLU G 131 50.67 11.60 -26.61
CA GLU G 131 50.66 10.16 -26.86
C GLU G 131 49.22 9.68 -27.03
N THR G 132 48.37 9.96 -26.05
CA THR G 132 46.99 9.48 -26.13
C THR G 132 46.07 10.17 -25.13
N LYS G 133 44.83 10.38 -25.53
CA LYS G 133 43.89 11.10 -24.67
C LYS G 133 42.72 10.19 -24.40
N ILE G 134 42.51 9.83 -23.15
CA ILE G 134 41.40 8.95 -22.82
C ILE G 134 40.53 9.65 -21.76
N GLY G 135 39.68 10.58 -22.24
CA GLY G 135 38.94 11.43 -21.36
C GLY G 135 38.36 12.65 -22.06
N ILE G 136 37.99 13.66 -21.26
CA ILE G 136 37.27 14.81 -21.75
C ILE G 136 38.08 16.09 -21.62
N MET G 137 39.35 15.97 -21.24
CA MET G 137 40.18 17.16 -21.06
C MET G 137 40.61 17.75 -22.41
N PRO G 138 40.82 19.07 -22.46
CA PRO G 138 41.33 19.75 -23.67
C PRO G 138 42.81 19.42 -23.90
N GLY G 139 43.13 18.80 -25.03
CA GLY G 139 44.47 18.33 -25.30
C GLY G 139 45.53 19.40 -25.37
N HIS G 140 45.10 20.62 -25.70
CA HIS G 140 46.03 21.70 -26.03
C HIS G 140 46.78 22.25 -24.82
N VAL G 141 46.28 21.99 -23.62
CA VAL G 141 46.95 22.51 -22.43
C VAL G 141 48.01 21.56 -21.88
N PHE G 142 48.19 20.40 -22.51
CA PHE G 142 49.14 19.41 -22.01
C PHE G 142 50.36 19.26 -22.94
N LYS G 143 51.30 20.19 -22.84
CA LYS G 143 52.56 20.06 -23.55
C LYS G 143 53.31 18.85 -22.97
N ARG G 144 54.04 18.11 -23.79
CA ARG G 144 54.80 17.00 -23.24
C ARG G 144 56.07 17.52 -22.53
N GLY G 145 56.31 17.00 -21.33
CA GLY G 145 57.35 17.53 -20.49
C GLY G 145 57.72 16.63 -19.33
N ARG G 146 57.85 17.22 -18.14
CA ARG G 146 58.56 16.57 -17.04
C ARG G 146 57.71 16.32 -15.80
N VAL G 147 56.50 16.85 -15.77
CA VAL G 147 55.68 16.81 -14.55
C VAL G 147 54.43 15.92 -14.63
N GLY G 148 54.31 14.99 -13.68
CA GLY G 148 53.10 14.18 -13.60
C GLY G 148 52.06 14.82 -12.70
N ILE G 149 50.78 14.65 -13.05
CA ILE G 149 49.71 15.27 -12.26
C ILE G 149 48.63 14.28 -11.82
N ILE G 150 48.19 14.43 -10.57
CA ILE G 150 47.07 13.65 -10.08
C ILE G 150 46.07 14.61 -9.44
N SER G 151 44.82 14.60 -9.90
CA SER G 151 43.87 15.62 -9.44
C SER G 151 42.46 15.11 -9.13
N ARG G 152 41.85 15.67 -8.09
CA ARG G 152 40.47 15.36 -7.77
C ARG G 152 39.51 16.27 -8.54
N SER G 153 40.06 17.19 -9.34
CA SER G 153 39.19 18.06 -10.12
C SER G 153 39.57 18.12 -11.60
N GLY G 154 38.76 18.83 -12.37
CA GLY G 154 38.88 18.87 -13.82
C GLY G 154 39.48 20.18 -14.30
N THR G 155 38.64 21.18 -14.48
CA THR G 155 39.08 22.47 -15.00
C THR G 155 40.29 23.01 -14.22
N LEU G 156 40.26 22.89 -12.90
CA LEU G 156 41.42 23.35 -12.13
C LEU G 156 42.70 22.66 -12.63
N THR G 157 42.59 21.37 -12.94
CA THR G 157 43.73 20.60 -13.42
C THR G 157 44.24 21.17 -14.72
N TYR G 158 43.31 21.54 -15.59
CA TYR G 158 43.65 22.02 -16.93
C TYR G 158 44.42 23.32 -16.82
N GLU G 159 44.07 24.11 -15.81
CA GLU G 159 44.72 25.40 -15.62
C GLU G 159 46.15 25.19 -15.15
N ALA G 160 46.33 24.27 -14.20
CA ALA G 160 47.66 23.96 -13.72
C ALA G 160 48.55 23.45 -14.87
N ALA G 161 48.01 22.55 -15.69
CA ALA G 161 48.79 22.01 -16.79
C ALA G 161 49.11 23.08 -17.83
N ALA G 162 48.22 24.02 -18.03
CA ALA G 162 48.47 25.08 -19.00
C ALA G 162 49.62 25.94 -18.49
N ALA G 163 49.63 26.15 -17.17
CA ALA G 163 50.66 26.97 -16.55
C ALA G 163 52.00 26.25 -16.58
N LEU G 164 51.99 24.97 -16.25
CA LEU G 164 53.19 24.16 -16.30
C LEU G 164 53.74 24.10 -17.72
N SER G 165 52.84 24.12 -18.71
CA SER G 165 53.25 24.03 -20.10
C SER G 165 53.84 25.34 -20.59
N GLN G 166 53.23 26.44 -20.17
CA GLN G 166 53.71 27.78 -20.54
C GLN G 166 55.09 28.04 -19.91
N ALA G 167 55.33 27.46 -18.76
CA ALA G 167 56.60 27.66 -18.06
C ALA G 167 57.72 26.74 -18.59
N GLY G 168 57.43 26.02 -19.65
CA GLY G 168 58.40 25.10 -20.24
C GLY G 168 58.64 23.83 -19.45
N LEU G 169 57.91 23.64 -18.35
CA LEU G 169 58.05 22.39 -17.57
C LEU G 169 57.36 21.20 -18.24
N GLY G 170 56.11 21.39 -18.67
CA GLY G 170 55.39 20.37 -19.42
C GLY G 170 54.89 19.27 -18.51
N THR G 171 54.24 18.27 -19.07
CA THR G 171 53.59 17.25 -18.26
C THR G 171 53.83 15.89 -18.85
N THR G 172 53.71 14.85 -18.03
CA THR G 172 53.82 13.49 -18.52
C THR G 172 52.42 12.90 -18.63
N THR G 173 52.02 12.16 -17.61
CA THR G 173 50.65 11.68 -17.54
C THR G 173 49.86 12.45 -16.51
N THR G 174 48.67 12.89 -16.90
CA THR G 174 47.78 13.58 -15.97
C THR G 174 46.58 12.68 -15.72
N VAL G 175 46.28 12.42 -14.45
CA VAL G 175 45.15 11.56 -14.16
C VAL G 175 44.16 12.28 -13.29
N GLY G 176 42.95 12.50 -13.81
CA GLY G 176 41.87 13.02 -13.00
C GLY G 176 41.19 11.85 -12.30
N ILE G 177 41.38 11.72 -11.00
CA ILE G 177 40.88 10.53 -10.30
C ILE G 177 39.44 10.66 -9.81
N GLY G 178 38.85 11.84 -9.97
CA GLY G 178 37.42 12.00 -9.75
C GLY G 178 36.99 12.79 -8.52
N GLY G 179 35.76 13.28 -8.55
CA GLY G 179 35.22 14.09 -7.47
C GLY G 179 34.27 13.36 -6.54
N ASP G 180 34.26 12.03 -6.63
CA ASP G 180 33.38 11.22 -5.81
C ASP G 180 34.01 10.83 -4.48
N PRO G 181 33.19 10.39 -3.52
CA PRO G 181 33.68 9.95 -2.22
C PRO G 181 34.26 8.53 -2.27
N VAL G 182 33.73 7.72 -3.17
CA VAL G 182 34.28 6.38 -3.36
C VAL G 182 34.76 6.24 -4.79
N ILE G 183 36.07 6.12 -4.95
CA ILE G 183 36.67 6.08 -6.27
C ILE G 183 37.56 4.86 -6.42
N GLY G 184 37.88 4.53 -7.67
CA GLY G 184 38.63 3.34 -7.99
C GLY G 184 40.11 3.47 -7.75
N THR G 185 40.64 4.69 -7.91
CA THR G 185 42.09 4.91 -7.85
C THR G 185 42.37 6.17 -7.08
N THR G 186 43.25 6.06 -6.07
CA THR G 186 43.61 7.18 -5.20
C THR G 186 45.00 7.72 -5.53
N PHE G 187 45.38 8.85 -4.91
CA PHE G 187 46.74 9.37 -5.07
C PHE G 187 47.80 8.31 -4.77
N LYS G 188 47.67 7.66 -3.62
CA LYS G 188 48.61 6.64 -3.18
C LYS G 188 48.72 5.45 -4.17
N ASP G 189 47.65 5.17 -4.92
CA ASP G 189 47.71 4.08 -5.90
C ASP G 189 48.62 4.44 -7.07
N LEU G 190 48.58 5.72 -7.46
CA LEU G 190 49.30 6.16 -8.65
C LEU G 190 50.74 6.62 -8.36
N LEU G 191 50.99 7.06 -7.13
CA LEU G 191 52.32 7.55 -6.75
C LEU G 191 53.46 6.57 -7.04
N PRO G 192 53.31 5.28 -6.68
CA PRO G 192 54.40 4.34 -7.01
C PRO G 192 54.64 4.26 -8.53
N LEU G 193 53.59 4.43 -9.33
CA LEU G 193 53.74 4.35 -10.78
C LEU G 193 54.56 5.51 -11.28
N PHE G 194 54.23 6.71 -10.83
CA PHE G 194 55.02 7.89 -11.20
C PHE G 194 56.46 7.80 -10.67
N ASN G 195 56.60 7.25 -9.47
CA ASN G 195 57.90 7.15 -8.83
C ASN G 195 58.87 6.37 -9.72
N GLU G 196 58.34 5.38 -10.42
CA GLU G 196 59.18 4.48 -11.20
C GLU G 196 59.22 4.84 -12.68
N ASP G 197 58.64 5.98 -13.04
CA ASP G 197 58.68 6.45 -14.42
C ASP G 197 59.76 7.51 -14.55
N PRO G 198 60.87 7.17 -15.24
CA PRO G 198 62.00 8.10 -15.33
C PRO G 198 61.67 9.41 -16.05
N GLU G 199 60.65 9.41 -16.90
CA GLU G 199 60.27 10.62 -17.63
C GLU G 199 59.55 11.63 -16.74
N THR G 200 59.07 11.15 -15.59
CA THR G 200 58.42 12.01 -14.61
C THR G 200 59.42 12.43 -13.53
N GLU G 201 59.76 13.72 -13.50
CA GLU G 201 60.76 14.23 -12.56
C GLU G 201 60.12 14.86 -11.33
N ALA G 202 58.85 15.23 -11.44
CA ALA G 202 58.11 15.82 -10.33
C ALA G 202 56.64 15.43 -10.43
N VAL G 203 55.96 15.38 -9.30
CA VAL G 203 54.51 15.10 -9.30
C VAL G 203 53.76 16.17 -8.53
N VAL G 204 52.69 16.68 -9.14
CA VAL G 204 51.80 17.65 -8.49
C VAL G 204 50.51 16.96 -8.04
N LEU G 205 50.19 17.09 -6.76
CA LEU G 205 48.96 16.53 -6.21
C LEU G 205 47.94 17.65 -6.00
N ILE G 206 46.91 17.67 -6.82
CA ILE G 206 45.82 18.63 -6.66
C ILE G 206 44.69 17.97 -5.90
N GLY G 207 44.56 18.30 -4.61
CA GLY G 207 43.50 17.76 -3.78
C GLY G 207 42.47 18.78 -3.36
N GLU G 208 41.63 18.41 -2.40
CA GLU G 208 40.59 19.29 -1.88
C GLU G 208 40.05 18.70 -0.59
N ILE G 209 39.11 19.38 0.03
CA ILE G 209 38.49 18.89 1.26
C ILE G 209 37.85 17.52 1.07
N GLY G 210 37.72 16.79 2.18
CA GLY G 210 36.97 15.54 2.19
C GLY G 210 37.82 14.28 2.25
N GLY G 211 37.43 13.35 3.09
CA GLY G 211 38.17 12.11 3.25
C GLY G 211 39.62 12.31 3.63
N SER G 212 40.46 11.30 3.42
CA SER G 212 41.85 11.44 3.82
C SER G 212 42.84 10.81 2.84
N ASP G 213 42.53 10.84 1.56
CA ASP G 213 43.44 10.30 0.57
C ASP G 213 44.72 11.15 0.51
N GLU G 214 44.58 12.46 0.68
CA GLU G 214 45.74 13.33 0.64
C GLU G 214 46.71 13.01 1.78
N GLU G 215 46.18 12.82 3.00
CA GLU G 215 47.03 12.50 4.15
C GLU G 215 47.74 11.16 3.95
N GLU G 216 47.03 10.20 3.38
CA GLU G 216 47.59 8.86 3.15
C GLU G 216 48.64 8.92 2.04
N ALA G 217 48.43 9.82 1.08
CA ALA G 217 49.39 9.99 0.01
C ALA G 217 50.64 10.63 0.56
N ALA G 218 50.46 11.63 1.42
CA ALA G 218 51.57 12.33 2.04
C ALA G 218 52.44 11.38 2.86
N ALA G 219 51.82 10.53 3.68
CA ALA G 219 52.59 9.55 4.46
C ALA G 219 53.42 8.62 3.55
N TRP G 220 52.84 8.19 2.43
CA TRP G 220 53.55 7.34 1.48
C TRP G 220 54.73 8.07 0.82
N VAL G 221 54.51 9.32 0.42
CA VAL G 221 55.56 10.11 -0.20
C VAL G 221 56.74 10.27 0.74
N LYS G 222 56.45 10.62 1.99
CA LYS G 222 57.48 10.76 3.03
C LYS G 222 58.43 9.55 3.07
N ASP G 223 57.86 8.34 3.01
CA ASP G 223 58.64 7.12 3.18
C ASP G 223 59.20 6.53 1.89
N HIS G 224 58.59 6.83 0.75
CA HIS G 224 58.85 6.03 -0.46
C HIS G 224 59.31 6.80 -1.69
N MET G 225 59.03 8.10 -1.74
CA MET G 225 59.18 8.84 -2.98
C MET G 225 60.62 9.25 -3.21
N LYS G 226 61.12 9.02 -4.42
CA LYS G 226 62.49 9.40 -4.74
C LYS G 226 62.55 10.61 -5.69
N LYS G 227 61.52 11.45 -5.66
CA LYS G 227 61.45 12.64 -6.51
C LYS G 227 60.49 13.68 -5.91
N PRO G 228 60.64 14.95 -6.33
CA PRO G 228 59.86 16.01 -5.66
C PRO G 228 58.36 15.89 -5.93
N VAL G 229 57.59 16.24 -4.90
CA VAL G 229 56.14 16.27 -5.00
C VAL G 229 55.64 17.62 -4.48
N VAL G 230 54.71 18.22 -5.20
CA VAL G 230 54.14 19.50 -4.80
C VAL G 230 52.62 19.40 -4.67
N GLY G 231 52.07 19.93 -3.58
CA GLY G 231 50.65 19.79 -3.30
C GLY G 231 49.85 21.05 -3.51
N PHE G 232 48.53 20.90 -3.52
CA PHE G 232 47.60 22.02 -3.64
C PHE G 232 46.26 21.52 -3.10
N ILE G 233 45.59 22.34 -2.30
CA ILE G 233 44.33 21.95 -1.67
C ILE G 233 43.23 22.94 -1.97
N GLY G 234 42.24 22.54 -2.75
CA GLY G 234 41.06 23.36 -2.96
C GLY G 234 40.07 23.27 -1.82
N GLY G 235 39.39 24.38 -1.53
CA GLY G 235 38.40 24.44 -0.46
C GLY G 235 38.92 24.76 0.93
N ARG G 236 40.03 25.47 1.01
CA ARG G 236 40.64 25.78 2.31
C ARG G 236 39.75 26.66 3.19
N SER G 237 38.85 27.41 2.57
CA SER G 237 37.95 28.31 3.31
C SER G 237 36.53 27.75 3.41
N ALA G 238 36.35 26.50 3.02
CA ALA G 238 35.02 25.91 2.89
C ALA G 238 34.37 25.70 4.25
N PRO G 239 33.03 25.80 4.31
CA PRO G 239 32.30 25.51 5.54
C PRO G 239 32.25 24.00 5.81
N LYS G 240 31.83 23.60 7.01
CA LYS G 240 31.72 22.18 7.34
C LYS G 240 30.35 21.64 6.98
N GLY G 241 30.28 20.34 6.70
CA GLY G 241 29.01 19.67 6.48
C GLY G 241 28.24 20.05 5.23
N LYS G 242 28.94 20.66 4.27
CA LYS G 242 28.33 21.03 3.00
C LYS G 242 29.12 20.51 1.80
N ARG G 243 28.42 19.82 0.90
CA ARG G 243 29.01 19.38 -0.37
C ARG G 243 29.29 20.59 -1.25
N MET G 244 30.55 20.76 -1.61
CA MET G 244 30.97 21.84 -2.50
C MET G 244 31.04 21.35 -3.95
N GLY G 245 29.88 21.13 -4.57
CA GLY G 245 29.84 20.64 -5.94
C GLY G 245 30.14 19.16 -6.01
N HIS G 246 31.41 18.80 -5.98
CA HIS G 246 31.82 17.41 -5.99
C HIS G 246 31.16 16.67 -4.83
N ALA G 247 30.57 15.52 -5.12
CA ALA G 247 29.99 14.68 -4.06
C ALA G 247 30.97 14.40 -2.92
N GLY G 248 32.26 14.32 -3.23
CA GLY G 248 33.24 14.02 -2.20
C GLY G 248 33.88 15.21 -1.49
N ALA G 249 33.53 16.42 -1.91
CA ALA G 249 34.11 17.63 -1.34
C ALA G 249 33.27 18.11 -0.17
N ILE G 250 33.34 17.37 0.93
CA ILE G 250 32.57 17.74 2.10
C ILE G 250 33.36 17.40 3.37
N ILE G 251 33.39 18.34 4.30
CA ILE G 251 34.04 18.09 5.59
C ILE G 251 33.03 17.51 6.56
N MET G 252 33.27 16.28 7.02
CA MET G 252 32.38 15.67 7.99
C MET G 252 32.94 15.70 9.40
N GLY G 253 32.73 16.84 10.07
CA GLY G 253 33.18 17.03 11.44
C GLY G 253 34.69 17.07 11.56
N ASN G 254 35.27 15.92 11.88
CA ASN G 254 36.69 15.81 12.13
C ASN G 254 37.44 15.34 10.90
N VAL G 255 36.70 14.72 10.00
CA VAL G 255 37.28 14.10 8.81
C VAL G 255 37.27 15.04 7.61
N GLY G 256 38.35 15.05 6.85
CA GLY G 256 38.40 15.78 5.61
C GLY G 256 38.66 17.27 5.70
N THR G 257 39.16 17.73 6.84
CA THR G 257 39.46 19.16 6.99
C THR G 257 40.67 19.58 6.17
N PRO G 258 40.69 20.84 5.69
CA PRO G 258 41.83 21.37 4.94
C PRO G 258 43.06 21.47 5.81
N GLU G 259 42.85 21.79 7.08
CA GLU G 259 43.94 21.93 8.04
C GLU G 259 44.72 20.63 8.17
N SER G 260 43.99 19.53 8.28
CA SER G 260 44.60 18.22 8.43
C SER G 260 45.44 17.91 7.20
N LYS G 261 44.96 18.32 6.03
CA LYS G 261 45.67 18.04 4.80
C LYS G 261 46.95 18.87 4.67
N LEU G 262 46.88 20.15 5.02
CA LEU G 262 48.08 21.00 5.04
C LEU G 262 49.12 20.48 6.05
N ARG G 263 48.65 20.08 7.22
CA ARG G 263 49.54 19.59 8.27
C ARG G 263 50.27 18.32 7.80
N ALA G 264 49.54 17.41 7.17
CA ALA G 264 50.14 16.16 6.72
C ALA G 264 51.15 16.38 5.59
N PHE G 265 50.90 17.34 4.71
CA PHE G 265 51.85 17.68 3.66
C PHE G 265 53.15 18.19 4.29
N ALA G 266 53.04 19.10 5.25
CA ALA G 266 54.21 19.70 5.90
C ALA G 266 55.07 18.64 6.58
N GLU G 267 54.43 17.72 7.28
CA GLU G 267 55.15 16.68 7.97
C GLU G 267 55.84 15.76 6.99
N ALA G 268 55.41 15.76 5.75
CA ALA G 268 56.00 14.89 4.74
C ALA G 268 57.02 15.63 3.90
N GLY G 269 57.17 16.93 4.16
CA GLY G 269 58.10 17.73 3.39
C GLY G 269 57.60 17.95 1.97
N ILE G 270 56.28 17.96 1.84
CA ILE G 270 55.63 18.31 0.60
C ILE G 270 55.17 19.76 0.67
N PRO G 271 55.79 20.65 -0.13
CA PRO G 271 55.44 22.08 -0.22
C PRO G 271 54.04 22.29 -0.80
N VAL G 272 53.26 23.19 -0.21
CA VAL G 272 51.90 23.44 -0.69
C VAL G 272 51.79 24.78 -1.38
N ALA G 273 51.48 24.74 -2.67
CA ALA G 273 51.21 25.97 -3.43
C ALA G 273 49.87 26.59 -3.00
N ASP G 274 49.81 27.92 -2.91
CA ASP G 274 48.56 28.60 -2.57
C ASP G 274 47.83 29.03 -3.83
N THR G 275 48.56 29.09 -4.95
CA THR G 275 47.98 29.53 -6.22
C THR G 275 48.52 28.69 -7.37
N ILE G 276 47.87 28.78 -8.53
CA ILE G 276 48.34 28.06 -9.71
C ILE G 276 49.80 28.36 -10.01
N ASP G 277 50.15 29.65 -10.02
CA ASP G 277 51.53 30.06 -10.29
C ASP G 277 52.54 29.51 -9.28
N GLU G 278 52.16 29.47 -8.01
CA GLU G 278 53.02 28.87 -7.00
C GLU G 278 53.30 27.39 -7.29
N ILE G 279 52.35 26.68 -7.88
CA ILE G 279 52.61 25.31 -8.32
C ILE G 279 53.83 25.28 -9.25
N VAL G 280 53.82 26.14 -10.26
CA VAL G 280 54.91 26.22 -11.20
C VAL G 280 56.20 26.62 -10.49
N GLU G 281 56.08 27.59 -9.60
CA GLU G 281 57.26 28.08 -8.88
C GLU G 281 57.91 27.02 -7.99
N LEU G 282 57.09 26.28 -7.24
CA LEU G 282 57.61 25.24 -6.35
C LEU G 282 58.23 24.06 -7.12
N VAL G 283 57.67 23.73 -8.29
CA VAL G 283 58.20 22.66 -9.12
C VAL G 283 59.54 23.06 -9.74
N LYS G 284 59.62 24.30 -10.21
CA LYS G 284 60.88 24.84 -10.75
C LYS G 284 61.98 24.75 -9.69
N LYS G 285 61.67 25.24 -8.49
CA LYS G 285 62.63 25.24 -7.41
C LYS G 285 63.13 23.82 -7.14
N ALA G 286 62.22 22.85 -7.03
CA ALA G 286 62.61 21.50 -6.63
C ALA G 286 63.44 20.79 -7.70
N LEU G 287 63.35 21.29 -8.93
CA LEU G 287 64.03 20.66 -10.06
C LEU G 287 65.38 21.30 -10.41
N GLY G 288 65.83 22.23 -9.57
CA GLY G 288 67.12 22.86 -9.74
C GLY G 288 67.21 23.67 -11.03
N MET H 1 20.66 15.21 0.75
CA MET H 1 19.34 15.72 1.15
C MET H 1 19.01 15.37 2.60
N ASN H 2 18.73 16.37 3.42
CA ASN H 2 18.34 16.15 4.82
C ASN H 2 16.87 15.78 4.99
N LEU H 3 16.60 14.85 5.90
CA LEU H 3 15.24 14.49 6.22
C LEU H 3 14.99 14.92 7.65
N HIS H 4 13.73 15.21 7.97
CA HIS H 4 13.38 15.52 9.35
C HIS H 4 13.32 14.26 10.18
N GLU H 5 13.40 14.42 11.49
CA GLU H 5 13.26 13.27 12.37
C GLU H 5 12.04 12.41 12.03
N TYR H 6 10.90 13.05 11.78
CA TYR H 6 9.70 12.26 11.57
C TYR H 6 9.76 11.48 10.26
N GLN H 7 10.46 12.03 9.28
CA GLN H 7 10.65 11.33 8.01
C GLN H 7 11.62 10.16 8.16
N ALA H 8 12.69 10.39 8.89
CA ALA H 8 13.64 9.34 9.17
C ALA H 8 12.92 8.22 9.94
N LYS H 9 12.13 8.59 10.94
CA LYS H 9 11.38 7.58 11.71
C LYS H 9 10.44 6.76 10.83
N GLU H 10 9.74 7.41 9.90
CA GLU H 10 8.87 6.69 8.98
C GLU H 10 9.66 5.62 8.21
N ILE H 11 10.81 6.00 7.69
CA ILE H 11 11.67 5.04 6.99
C ILE H 11 12.12 3.89 7.90
N LEU H 12 12.64 4.23 9.09
CA LEU H 12 13.09 3.19 10.02
C LEU H 12 11.94 2.24 10.43
N ALA H 13 10.77 2.80 10.72
CA ALA H 13 9.63 1.98 11.09
C ALA H 13 9.29 0.99 9.97
N ARG H 14 9.34 1.47 8.74
CA ARG H 14 9.02 0.66 7.58
C ARG H 14 9.98 -0.52 7.46
N TYR H 15 11.20 -0.37 7.95
CA TYR H 15 12.15 -1.49 7.94
C TYR H 15 12.20 -2.28 9.25
N GLY H 16 11.26 -2.00 10.15
CA GLY H 16 11.11 -2.80 11.35
C GLY H 16 11.78 -2.28 12.60
N VAL H 17 12.37 -1.09 12.54
CA VAL H 17 12.88 -0.43 13.74
C VAL H 17 11.73 0.07 14.61
N PRO H 18 11.73 -0.31 15.89
CA PRO H 18 10.64 0.18 16.74
C PRO H 18 10.77 1.69 16.93
N VAL H 19 9.64 2.38 16.87
CA VAL H 19 9.60 3.83 16.95
C VAL H 19 8.38 4.30 17.75
N PRO H 20 8.56 5.33 18.62
CA PRO H 20 7.42 5.79 19.40
C PRO H 20 6.38 6.34 18.44
N PRO H 21 5.10 6.05 18.70
CA PRO H 21 4.07 6.64 17.83
C PRO H 21 4.10 8.16 17.94
N GLY H 22 3.91 8.84 16.82
CA GLY H 22 4.06 10.28 16.75
C GLY H 22 3.37 10.81 15.50
N LYS H 23 3.19 12.12 15.45
CA LYS H 23 2.48 12.78 14.36
C LYS H 23 2.96 14.21 14.31
N VAL H 24 3.02 14.76 13.10
CA VAL H 24 3.51 16.12 12.94
C VAL H 24 2.39 17.11 13.20
N ALA H 25 2.74 18.26 13.77
CA ALA H 25 1.79 19.33 14.05
C ALA H 25 2.30 20.67 13.52
N TYR H 26 1.43 21.39 12.83
CA TYR H 26 1.76 22.72 12.31
C TYR H 26 1.18 23.86 13.18
N THR H 27 0.30 23.49 14.10
CA THR H 27 -0.29 24.47 15.05
C THR H 27 -0.42 23.89 16.47
N PRO H 28 -0.45 24.78 17.47
CA PRO H 28 -0.73 24.32 18.85
C PRO H 28 -2.02 23.51 18.91
N GLU H 29 -3.04 23.93 18.19
CA GLU H 29 -4.30 23.20 18.17
C GLU H 29 -4.13 21.75 17.68
N GLU H 30 -3.29 21.53 16.66
CA GLU H 30 -3.02 20.17 16.17
C GLU H 30 -2.21 19.37 17.18
N ALA H 31 -1.22 20.01 17.78
CA ALA H 31 -0.49 19.41 18.88
C ALA H 31 -1.45 18.92 19.99
N LYS H 32 -2.38 19.78 20.41
CA LYS H 32 -3.33 19.40 21.47
C LYS H 32 -4.19 18.21 21.07
N ARG H 33 -4.78 18.32 19.87
CA ARG H 33 -5.58 17.24 19.30
C ARG H 33 -4.82 15.91 19.33
N ILE H 34 -3.54 15.94 18.96
CA ILE H 34 -2.69 14.76 18.99
C ILE H 34 -2.42 14.24 20.41
N ALA H 35 -2.03 15.14 21.32
CA ALA H 35 -1.94 14.74 22.74
C ALA H 35 -3.21 14.03 23.25
N GLU H 36 -4.38 14.61 22.95
CA GLU H 36 -5.67 14.01 23.33
C GLU H 36 -5.84 12.59 22.79
N GLU H 37 -5.45 12.39 21.53
CA GLU H 37 -5.59 11.11 20.86
C GLU H 37 -4.68 10.05 21.49
N PHE H 38 -3.48 10.47 21.91
CA PHE H 38 -2.54 9.53 22.51
C PHE H 38 -2.95 9.24 23.95
N GLY H 39 -3.47 10.26 24.63
CA GLY H 39 -3.93 10.11 25.99
C GLY H 39 -2.84 9.72 26.98
N LYS H 40 -1.60 10.15 26.73
CA LYS H 40 -0.51 9.99 27.68
C LYS H 40 0.52 11.09 27.52
N ARG H 41 1.60 11.00 28.31
CA ARG H 41 2.68 11.99 28.23
C ARG H 41 3.25 11.99 26.81
N VAL H 42 3.48 13.18 26.27
CA VAL H 42 4.12 13.29 24.97
C VAL H 42 5.33 14.21 25.00
N VAL H 43 6.09 14.21 23.90
CA VAL H 43 7.23 15.09 23.73
C VAL H 43 6.91 15.95 22.53
N ILE H 44 7.24 17.25 22.60
CA ILE H 44 7.04 18.15 21.47
C ILE H 44 8.43 18.44 20.94
N LYS H 45 8.71 18.06 19.71
CA LYS H 45 10.06 18.18 19.15
C LYS H 45 10.11 19.03 17.88
N ALA H 46 10.88 20.11 17.91
CA ALA H 46 11.10 20.94 16.74
C ALA H 46 11.63 20.11 15.58
N GLN H 47 11.01 20.24 14.43
CA GLN H 47 11.54 19.61 13.23
C GLN H 47 12.34 20.62 12.41
N VAL H 48 13.64 20.63 12.61
CA VAL H 48 14.56 21.47 11.86
C VAL H 48 15.80 20.67 11.48
N HIS H 49 16.50 21.09 10.44
CA HIS H 49 17.66 20.34 9.98
C HIS H 49 18.96 20.75 10.67
N VAL H 50 18.97 20.70 12.00
CA VAL H 50 20.21 20.72 12.76
C VAL H 50 20.07 19.79 13.95
N GLY H 51 21.19 19.59 14.65
CA GLY H 51 21.19 18.82 15.88
C GLY H 51 21.25 19.76 17.06
N GLY H 52 21.22 19.20 18.26
CA GLY H 52 21.27 20.00 19.48
C GLY H 52 19.95 20.67 19.74
N ARG H 53 18.88 20.14 19.15
CA ARG H 53 17.56 20.72 19.32
C ARG H 53 17.21 20.76 20.80
N GLY H 54 17.66 19.75 21.54
CA GLY H 54 17.40 19.64 22.96
C GLY H 54 18.00 20.76 23.78
N LYS H 55 19.31 20.98 23.64
CA LYS H 55 20.01 22.04 24.35
C LYS H 55 19.47 23.42 23.97
N ALA H 56 19.01 23.53 22.73
CA ALA H 56 18.49 24.81 22.23
C ALA H 56 17.05 25.09 22.65
N GLY H 57 16.41 24.11 23.31
CA GLY H 57 15.06 24.26 23.82
C GLY H 57 13.93 23.90 22.88
N GLY H 58 14.22 23.04 21.91
CA GLY H 58 13.22 22.65 20.93
C GLY H 58 12.63 21.28 21.20
N VAL H 59 12.88 20.76 22.39
CA VAL H 59 12.37 19.46 22.78
C VAL H 59 11.84 19.56 24.20
N LYS H 60 10.52 19.57 24.34
CA LYS H 60 9.84 19.78 25.62
C LYS H 60 8.84 18.67 25.90
N LEU H 61 8.82 18.17 27.13
CA LEU H 61 7.84 17.17 27.56
C LEU H 61 6.53 17.81 28.04
N ALA H 62 5.44 17.12 27.79
CA ALA H 62 4.12 17.66 28.08
C ALA H 62 3.24 16.55 28.62
N ASP H 63 2.73 16.72 29.83
CA ASP H 63 1.96 15.67 30.49
C ASP H 63 0.48 15.70 30.10
N THR H 64 0.00 16.87 29.70
CA THR H 64 -1.40 17.01 29.35
C THR H 64 -1.61 17.67 27.99
N PRO H 65 -2.81 17.49 27.41
CA PRO H 65 -3.13 18.16 26.15
C PRO H 65 -2.95 19.67 26.23
N GLN H 66 -3.37 20.30 27.33
CA GLN H 66 -3.24 21.75 27.41
C GLN H 66 -1.77 22.13 27.46
N GLU H 67 -0.96 21.26 28.05
CA GLU H 67 0.49 21.50 28.14
C GLU H 67 1.15 21.30 26.78
N ALA H 68 0.67 20.31 26.03
CA ALA H 68 1.12 20.08 24.65
C ALA H 68 0.85 21.31 23.78
N TYR H 69 -0.33 21.89 23.96
CA TYR H 69 -0.70 23.12 23.27
C TYR H 69 0.29 24.23 23.59
N GLU H 70 0.64 24.35 24.88
CA GLU H 70 1.47 25.49 25.32
C GLU H 70 2.93 25.31 24.91
N LYS H 71 3.39 24.08 24.85
CA LYS H 71 4.78 23.82 24.49
C LYS H 71 4.94 23.89 22.97
N ALA H 72 3.95 23.41 22.21
CA ALA H 72 3.96 23.64 20.76
C ALA H 72 4.03 25.14 20.47
N GLN H 73 3.22 25.91 21.17
CA GLN H 73 3.18 27.35 21.00
C GLN H 73 4.54 28.00 21.25
N ALA H 74 5.28 27.47 22.20
CA ALA H 74 6.59 28.05 22.55
C ALA H 74 7.70 27.64 21.58
N ILE H 75 7.46 26.58 20.83
CA ILE H 75 8.49 26.00 19.96
C ILE H 75 8.24 26.40 18.49
N LEU H 76 7.00 26.27 18.04
CA LEU H 76 6.65 26.72 16.69
C LEU H 76 7.13 28.15 16.53
N GLY H 77 7.91 28.39 15.49
CA GLY H 77 8.39 29.73 15.20
C GLY H 77 9.63 30.13 15.97
N MET H 78 10.11 29.26 16.85
CA MET H 78 11.33 29.59 17.57
C MET H 78 12.52 29.43 16.64
N ASN H 79 13.64 30.03 17.04
CA ASN H 79 14.86 29.93 16.27
C ASN H 79 15.82 28.97 16.93
N ILE H 80 16.27 27.97 16.18
CA ILE H 80 17.28 27.05 16.67
C ILE H 80 18.53 27.17 15.79
N LYS H 81 19.55 27.82 16.34
CA LYS H 81 20.78 28.08 15.60
C LYS H 81 20.59 28.37 14.11
N GLY H 82 19.78 29.39 13.82
CA GLY H 82 19.64 29.91 12.47
C GLY H 82 18.35 29.51 11.77
N LEU H 83 17.80 28.38 12.16
CA LEU H 83 16.62 27.85 11.49
C LEU H 83 15.34 28.20 12.24
N THR H 84 14.26 28.40 11.49
CA THR H 84 12.96 28.68 12.08
C THR H 84 12.09 27.42 12.10
N VAL H 85 11.55 27.10 13.27
CA VAL H 85 10.73 25.89 13.40
C VAL H 85 9.34 26.09 12.80
N LYS H 86 9.00 25.29 11.79
CA LYS H 86 7.74 25.45 11.08
C LYS H 86 6.79 24.28 11.37
N LYS H 87 7.29 23.30 12.12
CA LYS H 87 6.51 22.13 12.46
C LYS H 87 7.14 21.44 13.66
N VAL H 88 6.33 20.67 14.38
CA VAL H 88 6.84 19.89 15.50
C VAL H 88 6.34 18.46 15.41
N LEU H 89 7.11 17.53 15.96
CA LEU H 89 6.63 16.17 16.09
C LEU H 89 6.02 16.04 17.49
N VAL H 90 4.83 15.47 17.58
CA VAL H 90 4.24 15.19 18.86
C VAL H 90 4.25 13.68 19.03
N ALA H 91 5.13 13.20 19.92
CA ALA H 91 5.32 11.75 20.09
C ALA H 91 5.08 11.31 21.52
N GLU H 92 4.60 10.08 21.68
CA GLU H 92 4.51 9.48 23.01
C GLU H 92 5.89 9.47 23.65
N ALA H 93 5.97 9.91 24.91
CA ALA H 93 7.24 9.96 25.62
C ALA H 93 7.59 8.56 26.06
N VAL H 94 8.85 8.18 25.92
CA VAL H 94 9.26 6.88 26.40
C VAL H 94 9.94 7.08 27.75
N ASP H 95 9.74 6.11 28.62
CA ASP H 95 10.44 6.13 29.88
C ASP H 95 11.79 5.45 29.66
N ILE H 96 12.87 6.21 29.83
CA ILE H 96 14.24 5.82 29.47
C ILE H 96 15.08 5.22 30.59
N ALA H 97 15.60 4.00 30.38
CA ALA H 97 16.54 3.40 31.31
C ALA H 97 17.97 3.53 30.81
N LYS H 98 18.15 3.38 29.49
CA LYS H 98 19.48 3.40 28.86
C LYS H 98 19.49 4.16 27.52
N GLU H 99 20.55 4.92 27.29
CA GLU H 99 20.69 5.65 26.05
C GLU H 99 21.95 5.21 25.33
N TYR H 100 21.79 4.61 24.15
CA TYR H 100 22.90 4.10 23.38
C TYR H 100 23.02 4.82 22.04
N TYR H 101 24.18 4.70 21.40
CA TYR H 101 24.40 5.29 20.09
C TYR H 101 24.61 4.23 19.02
N ALA H 102 23.86 4.33 17.92
CA ALA H 102 24.07 3.47 16.77
C ALA H 102 24.04 4.30 15.49
N GLY H 103 25.11 4.24 14.70
CA GLY H 103 25.23 5.08 13.52
C GLY H 103 25.93 4.43 12.34
N LEU H 104 25.46 4.72 11.12
CA LEU H 104 26.08 4.21 9.89
C LEU H 104 26.54 5.38 9.04
N ILE H 105 27.80 5.34 8.64
CA ILE H 105 28.32 6.30 7.68
C ILE H 105 29.30 5.58 6.76
N LEU H 106 29.65 6.25 5.66
CA LEU H 106 30.63 5.74 4.74
C LEU H 106 31.99 6.01 5.36
N ASP H 107 32.83 4.99 5.42
CA ASP H 107 34.23 5.16 5.79
C ASP H 107 35.03 5.18 4.50
N ARG H 108 35.45 6.36 4.07
CA ARG H 108 36.08 6.54 2.77
C ARG H 108 37.47 5.93 2.68
N ALA H 109 38.12 5.70 3.81
CA ALA H 109 39.44 5.08 3.81
C ALA H 109 39.31 3.60 3.56
N LYS H 110 38.26 3.02 4.14
CA LYS H 110 37.97 1.60 3.94
C LYS H 110 37.04 1.31 2.75
N LYS H 111 36.58 2.36 2.06
CA LYS H 111 35.58 2.24 0.97
C LYS H 111 34.42 1.34 1.35
N ARG H 112 34.02 1.38 2.61
CA ARG H 112 32.93 0.55 3.10
C ARG H 112 32.06 1.30 4.09
N VAL H 113 30.86 0.80 4.29
CA VAL H 113 29.96 1.41 5.25
C VAL H 113 30.33 0.94 6.63
N VAL H 114 30.31 1.83 7.62
CA VAL H 114 30.78 1.43 8.92
C VAL H 114 29.70 1.65 9.95
N LEU H 115 29.50 0.64 10.79
CA LEU H 115 28.59 0.76 11.92
C LEU H 115 29.39 1.23 13.12
N MET H 116 28.88 2.26 13.79
CA MET H 116 29.54 2.81 14.95
C MET H 116 28.57 2.68 16.09
N LEU H 117 29.04 2.07 17.17
CA LEU H 117 28.16 1.68 18.25
C LEU H 117 28.80 2.06 19.55
N SER H 118 28.01 2.59 20.47
CA SER H 118 28.58 3.05 21.73
C SER H 118 27.56 3.07 22.87
N LYS H 119 28.04 2.81 24.08
CA LYS H 119 27.25 2.88 25.32
C LYS H 119 26.83 4.31 25.60
N GLU H 120 27.65 5.24 25.14
CA GLU H 120 27.46 6.65 25.49
C GLU H 120 26.52 7.33 24.54
N GLY H 121 25.23 7.04 24.67
CA GLY H 121 24.20 7.66 23.83
C GLY H 121 23.64 8.96 24.41
N GLY H 122 22.86 9.68 23.60
CA GLY H 122 22.23 10.91 24.03
C GLY H 122 23.15 12.11 24.05
N VAL H 123 24.41 11.90 23.64
CA VAL H 123 25.42 12.95 23.69
C VAL H 123 26.19 12.99 22.39
N ASP H 124 26.60 14.18 21.99
CA ASP H 124 27.41 14.38 20.80
C ASP H 124 28.40 13.22 20.67
N ILE H 125 28.29 12.47 19.60
CA ILE H 125 29.17 11.32 19.41
C ILE H 125 30.54 11.78 18.93
N GLU H 126 30.66 13.05 18.59
CA GLU H 126 31.96 13.63 18.26
C GLU H 126 32.70 14.01 19.55
N GLU H 127 31.97 14.49 20.55
CA GLU H 127 32.56 14.73 21.86
C GLU H 127 33.23 13.45 22.30
N VAL H 128 32.41 12.45 22.58
CA VAL H 128 32.88 11.11 22.96
C VAL H 128 34.01 10.64 22.04
N ALA H 129 33.88 10.89 20.75
CA ALA H 129 34.88 10.46 19.79
C ALA H 129 36.21 11.12 20.08
N ALA H 130 36.18 12.43 20.33
CA ALA H 130 37.40 13.17 20.64
C ALA H 130 37.98 12.83 22.01
N GLU H 131 37.11 12.75 23.03
CA GLU H 131 37.55 12.56 24.41
C GLU H 131 37.83 11.10 24.77
N ARG H 132 37.23 10.17 24.02
CA ARG H 132 37.36 8.76 24.34
C ARG H 132 37.11 7.87 23.11
N PRO H 133 37.99 7.93 22.10
CA PRO H 133 37.73 7.22 20.84
C PRO H 133 37.50 5.74 21.11
N GLU H 134 37.95 5.27 22.27
CA GLU H 134 37.83 3.86 22.61
C GLU H 134 36.41 3.47 22.99
N ALA H 135 35.54 4.46 23.25
CA ALA H 135 34.16 4.16 23.63
C ALA H 135 33.28 3.90 22.42
N ILE H 136 33.87 4.01 21.23
CA ILE H 136 33.15 3.77 20.00
C ILE H 136 33.66 2.50 19.31
N HIS H 137 32.77 1.52 19.16
CA HIS H 137 33.13 0.27 18.51
C HIS H 137 32.66 0.23 17.03
N LYS H 138 33.50 -0.27 16.13
CA LYS H 138 33.23 -0.20 14.69
C LYS H 138 33.17 -1.57 13.98
N PHE H 139 32.27 -1.68 13.01
CA PHE H 139 32.18 -2.84 12.13
C PHE H 139 32.02 -2.37 10.67
N TRP H 140 32.93 -2.81 9.82
CA TRP H 140 32.87 -2.43 8.42
C TRP H 140 32.09 -3.50 7.66
N ILE H 141 31.03 -3.06 7.00
CA ILE H 141 30.04 -3.97 6.44
C ILE H 141 30.44 -4.44 5.04
N ASP H 142 30.23 -5.72 4.76
CA ASP H 142 30.48 -6.27 3.44
C ASP H 142 29.45 -5.74 2.45
N PRO H 143 29.92 -5.10 1.36
CA PRO H 143 28.99 -4.41 0.45
C PRO H 143 28.07 -5.34 -0.31
N HIS H 144 28.37 -6.63 -0.35
CA HIS H 144 27.51 -7.56 -1.06
C HIS H 144 26.70 -8.46 -0.12
N LYS H 145 27.33 -8.90 0.97
CA LYS H 145 26.66 -9.79 1.94
C LYS H 145 25.73 -9.03 2.87
N GLY H 146 26.07 -7.78 3.18
CA GLY H 146 25.29 -6.99 4.10
C GLY H 146 25.67 -7.26 5.55
N PHE H 147 24.80 -6.84 6.45
CA PHE H 147 25.04 -6.91 7.89
C PHE H 147 24.09 -7.95 8.49
N ARG H 148 24.63 -9.06 8.95
CA ARG H 148 23.82 -10.18 9.42
C ARG H 148 23.61 -10.21 10.94
N PRO H 149 22.50 -10.82 11.40
CA PRO H 149 22.22 -10.85 12.84
C PRO H 149 23.42 -11.25 13.69
N PHE H 150 24.22 -12.24 13.28
CA PHE H 150 25.34 -12.72 14.12
C PHE H 150 26.40 -11.65 14.27
N GLU H 151 26.63 -10.90 13.20
CA GLU H 151 27.53 -9.77 13.26
C GLU H 151 26.96 -8.67 14.17
N ALA H 152 25.67 -8.41 14.08
CA ALA H 152 25.01 -7.45 14.98
C ALA H 152 25.11 -7.87 16.46
N ARG H 153 24.85 -9.12 16.77
CA ARG H 153 25.00 -9.59 18.16
C ARG H 153 26.42 -9.44 18.67
N GLU H 154 27.41 -9.81 17.87
CA GLU H 154 28.80 -9.60 18.27
C GLU H 154 29.07 -8.15 18.58
N MET H 155 28.51 -7.24 17.79
CA MET H 155 28.77 -5.83 18.03
C MET H 155 28.13 -5.37 19.34
N VAL H 156 26.90 -5.82 19.58
CA VAL H 156 26.23 -5.52 20.84
C VAL H 156 27.08 -5.95 22.04
N LYS H 157 27.60 -7.18 22.02
CA LYS H 157 28.45 -7.64 23.12
C LYS H 157 29.76 -6.86 23.20
N ARG H 158 30.34 -6.57 22.05
CA ARG H 158 31.58 -5.84 22.02
C ARG H 158 31.44 -4.47 22.69
N ALA H 159 30.27 -3.85 22.52
CA ALA H 159 30.07 -2.49 22.98
C ALA H 159 29.54 -2.48 24.39
N GLY H 160 29.22 -3.67 24.89
CA GLY H 160 28.72 -3.82 26.26
C GLY H 160 27.31 -3.25 26.48
N LEU H 161 26.47 -3.29 25.45
CA LEU H 161 25.10 -2.81 25.63
C LEU H 161 24.30 -3.77 26.52
N GLU H 162 23.63 -3.22 27.52
CA GLU H 162 22.74 -4.03 28.33
C GLU H 162 21.34 -3.95 27.76
N GLY H 163 20.60 -5.04 27.87
CA GLY H 163 19.27 -5.09 27.29
C GLY H 163 19.10 -6.39 26.54
N ASN H 164 17.91 -6.64 25.99
CA ASN H 164 17.68 -7.85 25.23
C ASN H 164 18.62 -7.91 24.02
N LEU H 165 19.49 -8.91 23.96
CA LEU H 165 20.54 -9.02 22.94
C LEU H 165 19.97 -9.20 21.54
N ASN H 166 19.00 -10.09 21.41
CA ASN H 166 18.37 -10.34 20.13
C ASN H 166 17.64 -9.14 19.56
N LYS H 167 16.90 -8.41 20.39
CA LYS H 167 16.18 -7.25 19.93
C LYS H 167 17.13 -6.10 19.58
N LEU H 168 18.16 -5.91 20.39
CA LEU H 168 19.18 -4.94 20.04
C LEU H 168 19.78 -5.27 18.68
N ALA H 169 20.12 -6.53 18.45
CA ALA H 169 20.80 -6.86 17.20
C ALA H 169 19.86 -6.65 16.03
N GLN H 170 18.60 -7.01 16.20
CA GLN H 170 17.62 -6.85 15.13
C GLN H 170 17.46 -5.39 14.71
N VAL H 171 17.49 -4.47 15.68
CA VAL H 171 17.39 -3.07 15.35
C VAL H 171 18.57 -2.71 14.44
N LEU H 172 19.76 -3.17 14.82
CA LEU H 172 20.98 -2.84 14.07
C LEU H 172 20.92 -3.41 12.64
N VAL H 173 20.38 -4.60 12.50
CA VAL H 173 20.21 -5.19 11.18
C VAL H 173 19.23 -4.39 10.34
N ALA H 174 18.10 -4.02 10.94
CA ALA H 174 17.09 -3.26 10.23
C ALA H 174 17.63 -1.87 9.86
N LEU H 175 18.38 -1.26 10.77
CA LEU H 175 18.97 0.04 10.51
C LEU H 175 19.77 -0.02 9.20
N TYR H 176 20.58 -1.07 9.02
CA TYR H 176 21.38 -1.17 7.81
C TYR H 176 20.54 -1.46 6.56
N ARG H 177 19.59 -2.37 6.66
CA ARG H 177 18.66 -2.58 5.55
C ARG H 177 17.99 -1.25 5.11
N ALA H 178 17.57 -0.43 6.07
CA ALA H 178 17.02 0.89 5.77
C ALA H 178 18.04 1.76 5.04
N TYR H 179 19.27 1.78 5.55
CA TYR H 179 20.33 2.57 4.97
C TYR H 179 20.49 2.26 3.47
N GLU H 180 20.61 0.99 3.16
CA GLU H 180 20.77 0.55 1.78
C GLU H 180 19.48 0.76 1.01
N GLY H 181 18.35 0.50 1.68
CA GLY H 181 17.04 0.59 1.06
C GLY H 181 16.68 1.96 0.53
N VAL H 182 17.14 3.02 1.19
CA VAL H 182 16.85 4.38 0.69
C VAL H 182 18.10 5.11 0.24
N ASP H 183 19.19 4.36 0.04
CA ASP H 183 20.45 4.97 -0.35
C ASP H 183 20.78 6.13 0.55
N ALA H 184 20.74 5.88 1.86
CA ALA H 184 21.20 6.87 2.83
C ALA H 184 22.71 7.03 2.74
N SER H 185 23.21 8.22 3.03
CA SER H 185 24.64 8.40 3.23
C SER H 185 24.89 8.36 4.72
N ILE H 186 23.86 8.71 5.50
CA ILE H 186 23.95 8.67 6.95
C ILE H 186 22.64 8.22 7.60
N ALA H 187 22.76 7.30 8.56
CA ALA H 187 21.61 6.86 9.31
C ALA H 187 22.05 6.61 10.74
N GLU H 188 21.53 7.39 11.69
CA GLU H 188 21.87 7.17 13.09
C GLU H 188 20.66 7.18 14.01
N ILE H 189 20.71 6.34 15.02
CA ILE H 189 19.70 6.33 16.07
C ILE H 189 20.35 6.84 17.35
N ASN H 190 20.03 8.07 17.75
CA ASN H 190 20.66 8.63 18.93
C ASN H 190 19.68 9.51 19.72
N PRO H 191 19.17 9.01 20.84
CA PRO H 191 19.56 7.75 21.48
C PRO H 191 18.76 6.53 21.07
N LEU H 192 19.44 5.42 20.80
CA LEU H 192 18.81 4.09 20.78
C LEU H 192 18.57 3.77 22.26
N VAL H 193 17.33 3.51 22.61
CA VAL H 193 16.90 3.53 24.00
C VAL H 193 16.38 2.17 24.49
N VAL H 194 16.79 1.77 25.70
CA VAL H 194 16.17 0.65 26.40
C VAL H 194 15.22 1.25 27.44
N THR H 195 13.92 1.00 27.30
CA THR H 195 12.93 1.56 28.22
C THR H 195 12.95 0.86 29.59
N THR H 196 12.31 1.47 30.58
CA THR H 196 12.30 0.92 31.94
C THR H 196 11.57 -0.41 31.97
N ASP H 197 10.83 -0.69 30.91
CA ASP H 197 10.14 -1.96 30.75
C ASP H 197 10.99 -2.95 29.98
N GLY H 198 12.20 -2.54 29.61
CA GLY H 198 13.11 -3.41 28.86
C GLY H 198 12.94 -3.34 27.35
N GLY H 199 12.01 -2.52 26.90
CA GLY H 199 11.76 -2.39 25.47
C GLY H 199 12.86 -1.65 24.74
N ILE H 200 13.04 -1.98 23.47
CA ILE H 200 14.01 -1.28 22.63
C ILE H 200 13.32 -0.36 21.64
N VAL H 201 13.78 0.89 21.58
CA VAL H 201 13.09 1.91 20.79
C VAL H 201 14.05 2.94 20.24
N ALA H 202 13.75 3.46 19.04
CA ALA H 202 14.54 4.54 18.49
C ALA H 202 13.87 5.84 18.89
N ALA H 203 14.42 6.49 19.90
CA ALA H 203 13.78 7.67 20.47
C ALA H 203 14.03 8.87 19.57
N ASP H 204 15.14 8.86 18.85
CA ASP H 204 15.44 9.88 17.85
C ASP H 204 16.05 9.20 16.65
N ALA H 205 15.99 9.85 15.49
CA ALA H 205 16.60 9.28 14.28
C ALA H 205 17.03 10.35 13.32
N LYS H 206 18.17 10.11 12.68
CA LYS H 206 18.66 11.02 11.67
C LYS H 206 18.96 10.24 10.38
N ILE H 207 18.50 10.76 9.25
CA ILE H 207 18.86 10.16 7.97
C ILE H 207 19.23 11.25 6.99
N VAL H 208 20.33 11.07 6.28
CA VAL H 208 20.68 11.94 5.16
C VAL H 208 20.74 11.07 3.92
N LEU H 209 20.06 11.49 2.86
CA LEU H 209 19.99 10.69 1.65
C LEU H 209 21.09 11.06 0.68
N ASP H 210 21.51 10.07 -0.10
CA ASP H 210 22.42 10.31 -1.21
C ASP H 210 21.66 10.97 -2.35
N ASP H 211 22.00 12.22 -2.66
CA ASP H 211 21.35 12.95 -3.76
C ASP H 211 21.48 12.24 -5.13
N ASN H 212 22.61 11.58 -5.35
CA ASN H 212 22.84 10.88 -6.61
C ASN H 212 21.87 9.73 -6.84
N ALA H 213 21.17 9.31 -5.79
CA ALA H 213 20.28 8.16 -5.92
C ALA H 213 18.82 8.53 -5.82
N LEU H 214 18.54 9.83 -5.73
CA LEU H 214 17.15 10.27 -5.67
C LEU H 214 16.31 9.74 -6.85
N PHE H 215 16.90 9.69 -8.04
CA PHE H 215 16.22 9.16 -9.22
C PHE H 215 15.57 7.78 -9.01
N ARG H 216 16.05 7.01 -8.05
CA ARG H 216 15.44 5.69 -7.85
C ARG H 216 14.64 5.61 -6.56
N HIS H 217 14.40 6.78 -5.95
CA HIS H 217 13.45 6.90 -4.84
C HIS H 217 12.48 8.07 -5.04
N PRO H 218 11.47 7.88 -5.93
CA PRO H 218 10.55 8.97 -6.31
C PRO H 218 9.83 9.59 -5.12
N ASP H 219 9.32 8.77 -4.20
CA ASP H 219 8.62 9.31 -3.03
C ASP H 219 9.51 10.26 -2.24
N LEU H 220 10.83 10.05 -2.28
CA LEU H 220 11.76 10.92 -1.57
C LEU H 220 12.26 12.07 -2.42
N ALA H 221 12.45 11.82 -3.71
CA ALA H 221 12.80 12.90 -4.63
C ALA H 221 11.85 14.10 -4.50
N GLU H 222 10.56 13.83 -4.28
CA GLU H 222 9.56 14.89 -4.11
C GLU H 222 9.86 15.85 -2.98
N LEU H 223 10.56 15.39 -1.95
CA LEU H 223 10.85 16.24 -0.79
C LEU H 223 12.02 17.19 -1.03
N ARG H 224 12.68 17.03 -2.17
CA ARG H 224 13.88 17.79 -2.52
C ARG H 224 13.73 19.30 -2.24
N GLU H 225 12.70 19.92 -2.84
CA GLU H 225 12.49 21.36 -2.74
C GLU H 225 12.28 21.86 -1.32
N VAL H 226 11.44 21.13 -0.57
CA VAL H 226 11.11 21.53 0.79
C VAL H 226 12.26 21.31 1.76
N GLU H 227 13.07 20.29 1.50
CA GLU H 227 14.18 19.96 2.40
C GLU H 227 15.45 20.77 2.11
N ALA H 228 15.45 21.51 1.01
CA ALA H 228 16.61 22.30 0.63
C ALA H 228 17.00 23.36 1.67
N GLU H 229 18.28 23.40 2.01
CA GLU H 229 18.81 24.39 2.92
C GLU H 229 18.60 25.82 2.38
N HIS H 230 18.39 25.93 1.07
CA HIS H 230 18.16 27.23 0.43
C HIS H 230 17.40 27.04 -0.86
N PRO H 231 16.46 27.95 -1.17
CA PRO H 231 15.62 27.79 -2.37
C PRO H 231 16.39 27.88 -3.69
N LEU H 232 17.52 28.57 -3.67
CA LEU H 232 18.36 28.64 -4.86
C LEU H 232 19.04 27.32 -5.21
N GLU H 233 19.15 26.40 -4.26
CA GLU H 233 19.72 25.08 -4.57
C GLU H 233 18.89 24.39 -5.64
N VAL H 234 17.57 24.57 -5.58
CA VAL H 234 16.66 23.89 -6.49
C VAL H 234 16.75 24.48 -7.91
N GLU H 235 16.63 25.81 -8.00
CA GLU H 235 16.76 26.49 -9.27
C GLU H 235 18.04 26.07 -9.95
N ALA H 236 19.16 26.17 -9.24
CA ALA H 236 20.46 25.85 -9.80
C ALA H 236 20.48 24.43 -10.35
N SER H 237 19.79 23.52 -9.66
CA SER H 237 19.75 22.12 -10.08
C SER H 237 19.07 21.96 -11.43
N ASN H 238 18.12 22.85 -11.71
CA ASN H 238 17.37 22.81 -12.95
C ASN H 238 18.30 22.91 -14.16
N TYR H 239 19.35 23.69 -14.00
CA TYR H 239 20.31 23.92 -15.07
C TYR H 239 21.50 22.96 -14.98
N GLY H 240 21.49 22.13 -13.93
CA GLY H 240 22.61 21.22 -13.69
C GLY H 240 23.75 21.88 -12.94
N PHE H 241 23.45 22.99 -12.26
CA PHE H 241 24.42 23.72 -11.44
C PHE H 241 24.36 23.21 -10.02
N ALA H 242 25.49 23.29 -9.31
CA ALA H 242 25.49 23.04 -7.88
C ALA H 242 25.67 24.36 -7.16
N TYR H 243 24.71 24.69 -6.30
CA TYR H 243 24.72 25.93 -5.54
C TYR H 243 24.82 25.63 -4.04
N VAL H 244 25.55 26.47 -3.33
CA VAL H 244 25.63 26.40 -1.88
C VAL H 244 25.57 27.80 -1.33
N LYS H 245 24.63 28.04 -0.42
CA LYS H 245 24.50 29.34 0.23
C LYS H 245 25.58 29.49 1.30
N LEU H 246 26.35 30.57 1.20
CA LEU H 246 27.32 30.92 2.24
C LEU H 246 26.95 32.29 2.80
N ASP H 247 27.46 32.64 4.00
CA ASP H 247 27.22 33.99 4.50
C ASP H 247 28.31 34.97 4.07
N GLY H 248 27.91 35.93 3.24
CA GLY H 248 28.83 36.88 2.65
C GLY H 248 28.06 37.65 1.59
N ASN H 249 28.75 38.52 0.85
CA ASN H 249 28.06 39.40 -0.10
C ASN H 249 28.63 39.42 -1.51
N ILE H 250 29.72 38.69 -1.74
CA ILE H 250 30.26 38.55 -3.09
C ILE H 250 29.70 37.28 -3.74
N GLY H 251 28.99 37.46 -4.85
CA GLY H 251 28.45 36.33 -5.59
C GLY H 251 29.54 35.67 -6.41
N ILE H 252 29.53 34.33 -6.45
CA ILE H 252 30.57 33.58 -7.14
C ILE H 252 30.01 32.66 -8.21
N ILE H 253 30.57 32.71 -9.40
CA ILE H 253 30.21 31.80 -10.48
C ILE H 253 31.44 31.25 -11.16
N GLY H 254 31.55 29.93 -11.23
CA GLY H 254 32.70 29.31 -11.85
C GLY H 254 32.35 28.02 -12.58
N ASN H 255 33.27 27.57 -13.44
CA ASN H 255 33.08 26.29 -14.12
C ASN H 255 34.02 25.19 -13.61
N GLY H 256 33.55 24.47 -12.59
CA GLY H 256 34.28 23.35 -12.05
C GLY H 256 34.36 23.51 -10.55
N ALA H 257 33.91 22.51 -9.82
CA ALA H 257 33.90 22.57 -8.37
C ALA H 257 35.27 22.91 -7.77
N GLY H 258 36.33 22.34 -8.32
CA GLY H 258 37.67 22.60 -7.83
C GLY H 258 38.03 24.05 -8.06
N LEU H 259 37.78 24.56 -9.26
CA LEU H 259 38.06 25.96 -9.56
C LEU H 259 37.24 26.91 -8.70
N VAL H 260 36.00 26.53 -8.39
CA VAL H 260 35.14 27.39 -7.59
C VAL H 260 35.62 27.47 -6.15
N MET H 261 36.02 26.32 -5.58
CA MET H 261 36.64 26.29 -4.27
C MET H 261 37.89 27.16 -4.22
N TYR H 262 38.73 27.05 -5.23
CA TYR H 262 39.94 27.89 -5.35
C TYR H 262 39.55 29.37 -5.34
N THR H 263 38.53 29.71 -6.12
CA THR H 263 38.01 31.08 -6.15
C THR H 263 37.52 31.55 -4.77
N LEU H 264 36.76 30.72 -4.06
CA LEU H 264 36.35 31.06 -2.70
C LEU H 264 37.57 31.26 -1.80
N ASP H 265 38.59 30.44 -2.00
CA ASP H 265 39.79 30.54 -1.18
C ASP H 265 40.52 31.85 -1.45
N LEU H 266 40.63 32.21 -2.72
CA LEU H 266 41.23 33.49 -3.12
C LEU H 266 40.50 34.66 -2.48
N VAL H 267 39.20 34.75 -2.73
CA VAL H 267 38.38 35.82 -2.16
C VAL H 267 38.61 35.93 -0.65
N ASN H 268 38.37 34.84 0.07
CA ASN H 268 38.52 34.84 1.52
C ASN H 268 39.90 35.33 1.97
N ARG H 269 40.95 34.90 1.27
CA ARG H 269 42.31 35.25 1.65
C ARG H 269 42.58 36.75 1.60
N VAL H 270 41.97 37.42 0.62
CA VAL H 270 42.20 38.86 0.43
C VAL H 270 41.13 39.73 1.10
N GLY H 271 40.49 39.20 2.14
CA GLY H 271 39.57 40.00 2.94
C GLY H 271 38.11 39.87 2.55
N GLY H 272 37.84 39.34 1.37
CA GLY H 272 36.48 39.19 0.89
C GLY H 272 35.67 38.17 1.68
N LYS H 273 34.37 38.12 1.37
CA LYS H 273 33.47 37.20 2.07
C LYS H 273 32.38 36.73 1.08
N PRO H 274 32.56 35.53 0.50
CA PRO H 274 31.71 35.01 -0.57
C PRO H 274 30.28 34.72 -0.11
N ALA H 275 29.30 35.02 -0.98
CA ALA H 275 27.88 34.81 -0.69
C ALA H 275 27.44 33.40 -1.07
N ASN H 276 28.17 32.79 -1.99
CA ASN H 276 27.81 31.46 -2.44
C ASN H 276 28.92 30.70 -3.17
N PHE H 277 28.69 29.39 -3.27
CA PHE H 277 29.39 28.51 -4.19
C PHE H 277 28.43 28.27 -5.36
N LEU H 278 28.89 28.44 -6.59
CA LEU H 278 28.12 28.01 -7.76
C LEU H 278 28.99 27.42 -8.88
N ASP H 279 28.90 26.11 -9.08
CA ASP H 279 29.60 25.42 -10.14
C ASP H 279 28.64 25.23 -11.32
N ILE H 280 28.91 25.87 -12.45
CA ILE H 280 28.02 25.77 -13.61
C ILE H 280 28.30 24.55 -14.47
N GLY H 281 29.25 23.73 -14.05
CA GLY H 281 29.60 22.55 -14.82
C GLY H 281 30.81 22.75 -15.72
N GLY H 282 31.12 21.74 -16.52
CA GLY H 282 32.31 21.75 -17.33
C GLY H 282 32.36 22.89 -18.32
N GLY H 283 31.28 23.02 -19.10
CA GLY H 283 31.21 23.99 -20.18
C GLY H 283 30.67 25.35 -19.75
N ALA H 284 30.95 26.38 -20.55
CA ALA H 284 30.54 27.74 -20.20
C ALA H 284 30.13 28.58 -21.41
N LYS H 285 29.08 28.15 -22.10
CA LYS H 285 28.52 28.94 -23.18
C LYS H 285 27.59 30.06 -22.67
N ALA H 286 27.11 30.88 -23.60
CA ALA H 286 26.33 32.08 -23.26
C ALA H 286 25.10 31.78 -22.38
N ASP H 287 24.27 30.83 -22.80
CA ASP H 287 23.07 30.46 -22.03
C ASP H 287 23.39 30.08 -20.58
N VAL H 288 24.39 29.23 -20.41
CA VAL H 288 24.82 28.78 -19.10
C VAL H 288 25.18 29.96 -18.20
N VAL H 289 26.04 30.85 -18.67
CA VAL H 289 26.43 32.00 -17.86
C VAL H 289 25.24 32.89 -17.53
N TYR H 290 24.35 33.07 -18.50
CA TYR H 290 23.14 33.88 -18.29
C TYR H 290 22.27 33.31 -17.17
N ASN H 291 22.00 32.01 -17.24
CA ASN H 291 21.22 31.33 -16.20
C ASN H 291 21.92 31.41 -14.84
N ALA H 292 23.23 31.19 -14.82
CA ALA H 292 24.01 31.29 -13.58
C ALA H 292 23.85 32.66 -12.94
N LEU H 293 23.97 33.71 -13.75
CA LEU H 293 23.75 35.07 -13.27
C LEU H 293 22.35 35.20 -12.70
N LYS H 294 21.38 34.65 -13.43
CA LYS H 294 19.98 34.72 -13.03
C LYS H 294 19.80 34.19 -11.61
N VAL H 295 20.33 32.98 -11.39
CA VAL H 295 20.24 32.31 -10.11
C VAL H 295 20.92 33.08 -8.98
N VAL H 296 22.16 33.51 -9.22
CA VAL H 296 22.96 34.19 -8.20
C VAL H 296 22.35 35.52 -7.78
N LEU H 297 21.76 36.22 -8.74
CA LEU H 297 21.21 37.55 -8.48
C LEU H 297 19.88 37.54 -7.73
N LYS H 298 19.20 36.40 -7.68
CA LYS H 298 18.00 36.27 -6.84
C LYS H 298 18.34 36.25 -5.35
N ASP H 299 19.62 36.39 -5.02
CA ASP H 299 20.06 36.41 -3.63
C ASP H 299 20.30 37.84 -3.15
N PRO H 300 19.39 38.34 -2.30
CA PRO H 300 19.46 39.69 -1.74
C PRO H 300 20.84 40.07 -1.21
N ASP H 301 21.53 39.14 -0.55
CA ASP H 301 22.83 39.45 0.06
C ASP H 301 23.93 39.82 -0.93
N VAL H 302 23.71 39.51 -2.21
CA VAL H 302 24.73 39.70 -3.23
C VAL H 302 24.95 41.17 -3.59
N LYS H 303 26.12 41.71 -3.25
CA LYS H 303 26.48 43.08 -3.65
C LYS H 303 27.03 43.15 -5.08
N GLY H 304 27.83 42.15 -5.45
CA GLY H 304 28.44 42.08 -6.76
C GLY H 304 28.77 40.65 -7.12
N VAL H 305 29.23 40.44 -8.35
CA VAL H 305 29.48 39.07 -8.82
C VAL H 305 30.86 38.88 -9.42
N PHE H 306 31.58 37.88 -8.91
CA PHE H 306 32.89 37.50 -9.42
C PHE H 306 32.70 36.24 -10.26
N ILE H 307 32.87 36.35 -11.57
CA ILE H 307 32.82 35.20 -12.46
C ILE H 307 34.24 34.75 -12.79
N ASN H 308 34.57 33.51 -12.45
CA ASN H 308 35.91 33.00 -12.71
C ASN H 308 35.85 31.72 -13.53
N ILE H 309 36.17 31.84 -14.82
CA ILE H 309 35.99 30.74 -15.76
C ILE H 309 37.27 30.41 -16.51
N PHE H 310 37.53 29.13 -16.71
CA PHE H 310 38.65 28.70 -17.53
C PHE H 310 38.10 27.86 -18.63
N GLY H 311 37.97 28.45 -19.80
CA GLY H 311 37.31 27.81 -20.92
C GLY H 311 38.23 26.94 -21.77
N GLY H 312 39.47 27.38 -21.93
CA GLY H 312 40.41 26.69 -22.80
C GLY H 312 39.97 26.70 -24.25
N ILE H 313 39.17 25.69 -24.64
CA ILE H 313 38.60 25.60 -25.98
C ILE H 313 37.46 26.60 -26.16
N THR H 314 36.57 26.65 -25.17
CA THR H 314 35.42 27.56 -25.18
C THR H 314 35.89 29.03 -25.32
N ARG H 315 35.36 29.74 -26.31
CA ARG H 315 35.73 31.14 -26.50
C ARG H 315 35.26 32.03 -25.34
N ALA H 316 35.98 33.13 -25.11
CA ALA H 316 35.71 34.00 -23.98
C ALA H 316 34.52 34.91 -24.20
N ASP H 317 34.28 35.31 -25.44
CA ASP H 317 33.10 36.13 -25.73
C ASP H 317 31.79 35.39 -25.43
N GLU H 318 31.85 34.06 -25.31
CA GLU H 318 30.67 33.28 -24.92
C GLU H 318 30.21 33.73 -23.54
N VAL H 319 31.15 33.93 -22.63
CA VAL H 319 30.85 34.45 -21.31
C VAL H 319 30.30 35.87 -21.41
N ALA H 320 31.01 36.74 -22.13
CA ALA H 320 30.59 38.13 -22.25
C ALA H 320 29.19 38.24 -22.84
N LYS H 321 28.92 37.45 -23.88
CA LYS H 321 27.62 37.46 -24.53
C LYS H 321 26.49 37.16 -23.55
N GLY H 322 26.71 36.18 -22.68
CA GLY H 322 25.73 35.82 -21.68
C GLY H 322 25.53 36.88 -20.62
N VAL H 323 26.62 37.55 -20.24
CA VAL H 323 26.55 38.62 -19.24
C VAL H 323 25.86 39.84 -19.84
N ILE H 324 26.17 40.12 -21.10
CA ILE H 324 25.52 41.22 -21.83
C ILE H 324 23.99 41.02 -21.92
N ARG H 325 23.58 39.86 -22.41
CA ARG H 325 22.17 39.50 -22.45
C ARG H 325 21.48 39.82 -21.12
N ALA H 326 22.10 39.38 -20.03
CA ALA H 326 21.55 39.59 -18.70
C ALA H 326 21.42 41.08 -18.37
N LEU H 327 22.42 41.86 -18.78
CA LEU H 327 22.46 43.27 -18.44
C LEU H 327 21.38 44.07 -19.16
N GLU H 328 21.24 43.89 -20.47
CA GLU H 328 20.23 44.67 -21.18
C GLU H 328 18.79 44.24 -20.84
N GLU H 329 18.63 43.05 -20.27
CA GLU H 329 17.29 42.62 -19.83
C GLU H 329 16.96 43.23 -18.48
N GLY H 330 17.84 44.09 -17.97
CA GLY H 330 17.67 44.68 -16.66
C GLY H 330 17.66 43.68 -15.50
N LEU H 331 18.40 42.57 -15.68
CA LEU H 331 18.58 41.59 -14.61
C LEU H 331 19.80 41.96 -13.77
N LEU H 332 20.86 42.37 -14.45
CA LEU H 332 22.15 42.66 -13.84
C LEU H 332 22.20 44.08 -13.28
N THR H 333 21.92 44.23 -12.00
CA THR H 333 21.91 45.55 -11.37
C THR H 333 23.13 45.80 -10.47
N LYS H 334 23.99 44.80 -10.34
CA LYS H 334 25.20 44.91 -9.52
C LYS H 334 26.45 44.88 -10.43
N PRO H 335 27.60 45.28 -9.89
CA PRO H 335 28.85 45.22 -10.67
C PRO H 335 29.37 43.78 -10.82
N VAL H 336 29.93 43.47 -11.98
CA VAL H 336 30.39 42.13 -12.27
C VAL H 336 31.87 42.11 -12.67
N VAL H 337 32.69 41.44 -11.88
CA VAL H 337 34.13 41.31 -12.14
C VAL H 337 34.43 39.93 -12.70
N MET H 338 35.13 39.85 -13.83
CA MET H 338 35.42 38.56 -14.46
C MET H 338 36.89 38.24 -14.68
N ARG H 339 37.20 36.95 -14.64
CA ARG H 339 38.48 36.44 -15.15
C ARG H 339 38.09 35.31 -16.09
N VAL H 340 38.20 35.53 -17.39
CA VAL H 340 37.77 34.53 -18.36
C VAL H 340 38.89 34.11 -19.31
N ALA H 341 39.55 33.00 -18.97
CA ALA H 341 40.63 32.47 -19.80
C ALA H 341 40.04 31.65 -20.92
N GLY H 342 40.58 31.84 -22.11
CA GLY H 342 40.08 31.14 -23.27
C GLY H 342 40.49 31.88 -24.52
N THR H 343 39.90 31.46 -25.63
CA THR H 343 40.23 32.01 -26.93
C THR H 343 39.61 33.39 -27.10
N ALA H 344 40.23 34.21 -27.94
CA ALA H 344 39.70 35.53 -28.29
C ALA H 344 39.27 36.32 -27.06
N GLU H 345 40.21 36.55 -26.15
CA GLU H 345 39.93 37.31 -24.94
C GLU H 345 39.81 38.80 -25.24
N GLU H 346 40.47 39.23 -26.32
CA GLU H 346 40.45 40.62 -26.73
C GLU H 346 39.11 41.01 -27.34
N GLU H 347 38.61 40.15 -28.23
CA GLU H 347 37.29 40.35 -28.84
C GLU H 347 36.20 40.39 -27.76
N ALA H 348 36.46 39.70 -26.66
CA ALA H 348 35.55 39.67 -25.52
C ALA H 348 35.64 40.96 -24.69
N LYS H 349 36.87 41.43 -24.45
CA LYS H 349 37.07 42.58 -23.58
C LYS H 349 36.58 43.86 -24.25
N LYS H 350 36.51 43.80 -25.58
CA LYS H 350 35.94 44.87 -26.38
C LYS H 350 34.42 44.92 -26.16
N LEU H 351 33.77 43.76 -26.32
CA LEU H 351 32.33 43.61 -26.14
C LEU H 351 31.81 44.27 -24.86
N LEU H 352 32.69 44.40 -23.87
CA LEU H 352 32.31 44.90 -22.56
C LEU H 352 32.78 46.33 -22.35
N GLU H 353 33.13 47.00 -23.43
CA GLU H 353 33.63 48.38 -23.35
C GLU H 353 32.49 49.35 -23.03
N GLY H 354 32.61 50.03 -21.90
CA GLY H 354 31.61 50.99 -21.47
C GLY H 354 30.51 50.39 -20.62
N LYS H 355 30.52 49.08 -20.47
CA LYS H 355 29.51 48.38 -19.67
C LYS H 355 30.08 48.04 -18.29
N PRO H 356 29.23 48.01 -17.24
CA PRO H 356 29.71 47.81 -15.87
C PRO H 356 30.15 46.37 -15.61
N VAL H 357 30.93 45.84 -16.55
CA VAL H 357 31.42 44.47 -16.50
C VAL H 357 32.90 44.50 -16.87
N TYR H 358 33.77 44.28 -15.89
CA TYR H 358 35.20 44.47 -16.07
C TYR H 358 35.99 43.17 -16.00
N MET H 359 36.84 42.96 -17.01
CA MET H 359 37.72 41.80 -17.06
C MET H 359 39.13 42.08 -16.52
N TYR H 360 39.81 41.01 -16.13
CA TYR H 360 41.20 41.08 -15.72
C TYR H 360 41.89 39.84 -16.24
N PRO H 361 43.23 39.88 -16.39
CA PRO H 361 43.94 38.70 -16.88
C PRO H 361 44.21 37.67 -15.78
N THR H 362 44.23 38.11 -14.53
CA THR H 362 44.57 37.25 -13.39
C THR H 362 43.41 37.13 -12.40
N SER H 363 43.28 35.96 -11.78
CA SER H 363 42.21 35.70 -10.83
C SER H 363 42.36 36.46 -9.52
N ILE H 364 43.58 36.52 -9.00
CA ILE H 364 43.83 37.21 -7.73
C ILE H 364 43.48 38.69 -7.84
N GLU H 365 43.75 39.27 -9.00
CA GLU H 365 43.43 40.66 -9.26
C GLU H 365 41.93 40.89 -9.18
N ALA H 366 41.20 40.15 -10.01
CA ALA H 366 39.75 40.19 -10.00
C ALA H 366 39.22 40.00 -8.59
N ALA H 367 39.80 39.05 -7.86
CA ALA H 367 39.41 38.78 -6.48
C ALA H 367 39.51 40.02 -5.61
N LYS H 368 40.65 40.71 -5.70
CA LYS H 368 40.87 41.91 -4.90
C LYS H 368 39.84 43.00 -5.23
N VAL H 369 39.67 43.27 -6.52
CA VAL H 369 38.69 44.23 -6.99
C VAL H 369 37.34 44.10 -6.29
N THR H 370 36.80 42.88 -6.25
CA THR H 370 35.46 42.67 -5.69
C THR H 370 35.44 42.93 -4.18
N VAL H 371 36.62 43.05 -3.59
CA VAL H 371 36.72 43.44 -2.18
C VAL H 371 36.38 44.92 -2.03
#